data_7RVB
#
_entry.id   7RVB
#
_cell.length_a   1.00
_cell.length_b   1.00
_cell.length_c   1.00
_cell.angle_alpha   90.00
_cell.angle_beta   90.00
_cell.angle_gamma   90.00
#
_symmetry.space_group_name_H-M   'P 1'
#
_entity_poly.entity_id   1
_entity_poly.type   'polypeptide(L)'
_entity_poly.pdbx_seq_one_letter_code
;MATEGARNIGQSAPEGKVQMDCPSRHNFDPECEKAFVEHIHLELASSYHAWSMWAFYARDCKAAVGMTRLCEWASHVSAQ
RARRMAAYVLTRGGHVDYKEIPAPKKQGWDNFEDAFSHCVANKKRILTSLQSLYQCCQSKDAHCSNFIQTDMMDEVIAWN
KFLSDCLSNLHCIGSQGMGPWVFDRWLARIVMSKFKHPKIPSLSTSDLESNIPNELFDAEGDMVRAIKKL
;
_entity_poly.pdbx_strand_id   A,B,C,D,E,F,G,H,I,J,K,L,M,N,O,P,Q,R,S,T,V,W,X,Y
#
# COMPACT_ATOMS: atom_id res chain seq x y z
N CYS A 22 -14.24 13.37 58.46
CA CYS A 22 -13.55 14.42 57.71
C CYS A 22 -13.42 15.69 58.55
N PRO A 23 -12.19 16.10 58.82
CA PRO A 23 -11.99 17.32 59.62
C PRO A 23 -12.01 18.59 58.78
N SER A 24 -12.52 18.50 57.55
CA SER A 24 -12.53 19.63 56.63
C SER A 24 -13.87 19.67 55.89
N ARG A 25 -14.68 20.68 56.19
CA ARG A 25 -15.91 20.94 55.44
C ARG A 25 -16.12 22.44 55.24
N HIS A 26 -15.07 23.24 55.30
CA HIS A 26 -15.16 24.69 55.34
C HIS A 26 -15.28 25.26 53.93
N ASN A 27 -15.06 26.57 53.81
CA ASN A 27 -15.12 27.34 52.56
C ASN A 27 -16.54 27.43 52.00
N PHE A 28 -17.11 26.29 51.61
CA PHE A 28 -18.42 26.29 50.99
C PHE A 28 -19.49 26.72 51.99
N ASP A 29 -20.39 27.58 51.54
CA ASP A 29 -21.45 28.10 52.40
C ASP A 29 -22.42 26.97 52.77
N PRO A 30 -22.71 26.77 54.06
CA PRO A 30 -23.56 25.63 54.45
C PRO A 30 -24.96 25.64 53.86
N GLU A 31 -25.58 26.81 53.72
CA GLU A 31 -26.92 26.87 53.14
C GLU A 31 -26.91 26.43 51.69
N CYS A 32 -25.91 26.87 50.93
CA CYS A 32 -25.77 26.41 49.55
C CYS A 32 -25.56 24.91 49.49
N GLU A 33 -24.77 24.37 50.42
CA GLU A 33 -24.55 22.93 50.46
C GLU A 33 -25.86 22.18 50.70
N LYS A 34 -26.67 22.66 51.64
CA LYS A 34 -27.94 22.01 51.93
C LYS A 34 -28.86 22.05 50.70
N ALA A 35 -28.95 23.19 50.05
CA ALA A 35 -29.81 23.29 48.86
C ALA A 35 -29.30 22.39 47.74
N PHE A 36 -27.99 22.30 47.57
CA PHE A 36 -27.43 21.43 46.55
C PHE A 36 -27.78 19.97 46.82
N VAL A 37 -27.69 19.54 48.08
CA VAL A 37 -28.03 18.16 48.42
C VAL A 37 -29.51 17.89 48.14
N GLU A 38 -30.38 18.86 48.47
CA GLU A 38 -31.79 18.71 48.15
C GLU A 38 -32.02 18.52 46.65
N HIS A 39 -31.35 19.33 45.83
CA HIS A 39 -31.54 19.17 44.39
C HIS A 39 -30.97 17.85 43.89
N ILE A 40 -29.90 17.35 44.50
CA ILE A 40 -29.38 16.04 44.14
C ILE A 40 -30.44 14.97 44.35
N HIS A 41 -31.13 15.04 45.49
CA HIS A 41 -32.18 14.06 45.75
C HIS A 41 -33.33 14.20 44.76
N LEU A 42 -33.64 15.43 44.36
CA LEU A 42 -34.68 15.61 43.34
C LEU A 42 -34.29 14.93 42.03
N GLU A 43 -33.04 15.09 41.60
CA GLU A 43 -32.59 14.45 40.36
C GLU A 43 -32.63 12.93 40.48
N LEU A 44 -32.24 12.40 41.63
CA LEU A 44 -32.29 10.95 41.83
C LEU A 44 -33.72 10.44 41.74
N ALA A 45 -34.68 11.18 42.32
CA ALA A 45 -36.08 10.77 42.24
C ALA A 45 -36.57 10.76 40.79
N SER A 46 -36.18 11.77 40.01
CA SER A 46 -36.58 11.79 38.60
C SER A 46 -36.01 10.58 37.85
N SER A 47 -34.74 10.26 38.10
CA SER A 47 -34.14 9.09 37.48
C SER A 47 -34.88 7.81 37.84
N TYR A 48 -35.26 7.68 39.11
CA TYR A 48 -36.02 6.50 39.53
C TYR A 48 -37.37 6.43 38.84
N HIS A 49 -38.05 7.57 38.70
CA HIS A 49 -39.38 7.56 38.10
C HIS A 49 -39.35 7.20 36.63
N ALA A 50 -38.25 7.52 35.92
CA ALA A 50 -38.16 7.10 34.53
C ALA A 50 -38.17 5.58 34.38
N TRP A 51 -37.65 4.86 35.39
CA TRP A 51 -37.60 3.40 35.34
C TRP A 51 -39.00 2.79 35.27
N SER A 52 -39.94 3.36 36.02
CA SER A 52 -41.30 2.82 36.02
C SER A 52 -41.95 2.94 34.65
N MET A 53 -41.77 4.08 33.98
CA MET A 53 -42.30 4.23 32.63
C MET A 53 -41.65 3.23 31.67
N TRP A 54 -40.33 3.06 31.79
CA TRP A 54 -39.64 2.09 30.95
C TRP A 54 -40.22 0.70 31.14
N ALA A 55 -40.46 0.31 32.39
CA ALA A 55 -41.01 -1.02 32.66
C ALA A 55 -42.45 -1.14 32.17
N PHE A 56 -43.23 -0.06 32.27
CA PHE A 56 -44.61 -0.11 31.84
C PHE A 56 -44.72 -0.30 30.33
N TYR A 57 -43.90 0.39 29.56
CA TYR A 57 -44.07 0.32 28.12
C TYR A 57 -43.40 -0.91 27.48
N ALA A 58 -42.71 -1.73 28.27
CA ALA A 58 -42.08 -2.94 27.76
C ALA A 58 -42.91 -4.19 27.99
N ARG A 59 -44.12 -4.06 28.53
CA ARG A 59 -44.97 -5.22 28.75
C ARG A 59 -45.36 -5.85 27.41
N ASP A 60 -45.63 -7.16 27.43
CA ASP A 60 -45.96 -7.85 26.21
C ASP A 60 -47.30 -7.42 25.62
N CYS A 61 -48.14 -6.75 26.41
CA CYS A 61 -49.40 -6.22 25.93
C CYS A 61 -49.31 -4.76 25.51
N LYS A 62 -48.13 -4.14 25.64
CA LYS A 62 -47.92 -2.76 25.19
C LYS A 62 -46.94 -2.71 24.03
N ALA A 63 -45.70 -3.18 24.23
CA ALA A 63 -44.70 -3.35 23.19
C ALA A 63 -44.52 -2.09 22.35
N ALA A 64 -44.11 -1.01 23.01
CA ALA A 64 -43.82 0.26 22.35
C ALA A 64 -42.33 0.51 22.44
N VAL A 65 -41.62 0.27 21.34
CA VAL A 65 -40.16 0.29 21.36
C VAL A 65 -39.64 1.72 21.54
N GLY A 66 -40.26 2.70 20.86
CA GLY A 66 -39.77 4.06 20.93
C GLY A 66 -39.84 4.64 22.33
N MET A 67 -40.98 4.46 23.01
CA MET A 67 -41.11 4.95 24.36
C MET A 67 -40.12 4.28 25.30
N THR A 68 -39.88 2.98 25.10
CA THR A 68 -38.91 2.26 25.90
C THR A 68 -37.52 2.88 25.76
N ARG A 69 -37.08 3.12 24.52
CA ARG A 69 -35.78 3.71 24.30
C ARG A 69 -35.69 5.11 24.93
N LEU A 70 -36.74 5.91 24.74
CA LEU A 70 -36.72 7.27 25.27
C LEU A 70 -36.62 7.28 26.79
N CYS A 71 -37.40 6.41 27.46
CA CYS A 71 -37.39 6.38 28.91
C CYS A 71 -36.05 5.90 29.46
N GLU A 72 -35.45 4.89 28.81
CA GLU A 72 -34.13 4.44 29.22
C GLU A 72 -33.10 5.56 29.12
N TRP A 73 -33.11 6.27 28.00
CA TRP A 73 -32.19 7.38 27.81
C TRP A 73 -32.40 8.45 28.88
N ALA A 74 -33.65 8.78 29.19
CA ALA A 74 -33.93 9.80 30.18
C ALA A 74 -33.42 9.41 31.56
N SER A 75 -33.61 8.15 31.94
CA SER A 75 -33.14 7.71 33.25
C SER A 75 -31.62 7.82 33.36
N HIS A 76 -30.91 7.40 32.31
CA HIS A 76 -29.45 7.51 32.35
C HIS A 76 -29.01 8.98 32.43
N VAL A 77 -29.67 9.86 31.69
CA VAL A 77 -29.32 11.28 31.72
C VAL A 77 -29.50 11.86 33.11
N SER A 78 -30.62 11.54 33.76
CA SER A 78 -30.86 12.05 35.11
C SER A 78 -29.83 11.55 36.10
N ALA A 79 -29.46 10.26 36.01
CA ALA A 79 -28.44 9.74 36.91
C ALA A 79 -27.12 10.46 36.72
N GLN A 80 -26.74 10.72 35.46
CA GLN A 80 -25.50 11.45 35.21
C GLN A 80 -25.55 12.86 35.80
N ARG A 81 -26.70 13.53 35.69
CA ARG A 81 -26.82 14.87 36.25
C ARG A 81 -26.64 14.87 37.77
N ALA A 82 -27.25 13.89 38.44
CA ALA A 82 -27.08 13.80 39.89
C ALA A 82 -25.62 13.57 40.26
N ARG A 83 -24.94 12.69 39.51
CA ARG A 83 -23.52 12.45 39.77
C ARG A 83 -22.70 13.72 39.58
N ARG A 84 -23.01 14.50 38.55
CA ARG A 84 -22.27 15.73 38.29
C ARG A 84 -22.44 16.74 39.43
N MET A 85 -23.67 16.91 39.92
CA MET A 85 -23.87 17.85 41.02
C MET A 85 -23.15 17.39 42.29
N ALA A 86 -23.19 16.09 42.58
CA ALA A 86 -22.46 15.59 43.75
C ALA A 86 -20.96 15.83 43.60
N ALA A 87 -20.42 15.62 42.40
CA ALA A 87 -19.01 15.86 42.16
C ALA A 87 -18.66 17.32 42.36
N TYR A 88 -19.52 18.23 41.92
CA TYR A 88 -19.25 19.65 42.14
C TYR A 88 -19.23 19.98 43.62
N VAL A 89 -20.16 19.43 44.39
CA VAL A 89 -20.17 19.69 45.82
C VAL A 89 -18.87 19.18 46.45
N LEU A 90 -18.43 17.99 46.06
CA LEU A 90 -17.20 17.44 46.63
C LEU A 90 -15.97 18.26 46.23
N THR A 91 -15.96 18.82 45.03
CA THR A 91 -14.80 19.60 44.58
C THR A 91 -14.60 20.85 45.44
N ARG A 92 -15.69 21.48 45.86
CA ARG A 92 -15.59 22.69 46.67
C ARG A 92 -15.27 22.42 48.13
N GLY A 93 -15.22 21.16 48.53
CA GLY A 93 -14.83 20.80 49.89
C GLY A 93 -15.96 20.44 50.83
N GLY A 94 -17.17 20.20 50.32
CA GLY A 94 -18.29 19.86 51.16
C GLY A 94 -18.49 18.36 51.31
N HIS A 95 -19.58 18.01 51.99
CA HIS A 95 -19.98 16.62 52.20
C HIS A 95 -21.36 16.40 51.59
N VAL A 96 -21.63 15.16 51.19
CA VAL A 96 -22.92 14.77 50.63
C VAL A 96 -23.52 13.71 51.53
N ASP A 97 -24.74 13.95 52.01
CA ASP A 97 -25.47 13.00 52.84
C ASP A 97 -26.70 12.53 52.08
N TYR A 98 -26.87 11.22 51.99
CA TYR A 98 -27.93 10.62 51.21
C TYR A 98 -29.08 10.16 52.12
N LYS A 99 -30.30 10.26 51.59
CA LYS A 99 -31.47 9.88 52.34
C LYS A 99 -32.41 9.08 51.43
N GLU A 100 -33.63 8.90 51.89
CA GLU A 100 -34.59 8.00 51.30
C GLU A 100 -35.12 8.52 49.97
N ILE A 101 -35.37 7.60 49.05
CA ILE A 101 -35.88 7.91 47.71
C ILE A 101 -37.33 7.42 47.63
N PRO A 102 -38.30 8.30 47.45
CA PRO A 102 -39.70 7.86 47.44
C PRO A 102 -40.09 7.14 46.16
N ALA A 103 -41.15 6.35 46.26
CA ALA A 103 -41.68 5.61 45.14
C ALA A 103 -42.53 6.51 44.25
N PRO A 104 -42.58 6.24 42.94
CA PRO A 104 -43.47 7.01 42.06
C PRO A 104 -44.93 6.74 42.38
N LYS A 105 -45.76 7.76 42.16
CA LYS A 105 -47.17 7.68 42.55
C LYS A 105 -47.99 6.89 41.54
N LYS A 106 -48.05 7.38 40.30
CA LYS A 106 -48.81 6.72 39.25
C LYS A 106 -47.87 5.88 38.39
N GLN A 107 -48.31 4.67 38.05
CA GLN A 107 -47.51 3.74 37.26
C GLN A 107 -48.27 3.25 36.04
N GLY A 108 -49.19 4.07 35.53
CA GLY A 108 -49.92 3.73 34.31
C GLY A 108 -50.34 4.98 33.59
N TRP A 109 -50.43 4.89 32.27
CA TRP A 109 -50.79 6.03 31.44
C TRP A 109 -51.74 5.58 30.34
N ASP A 110 -52.77 6.39 30.08
CA ASP A 110 -53.78 6.02 29.10
C ASP A 110 -53.24 6.08 27.68
N ASN A 111 -52.46 7.11 27.36
CA ASN A 111 -51.88 7.25 26.03
C ASN A 111 -50.56 8.02 26.16
N PHE A 112 -49.91 8.23 25.02
CA PHE A 112 -48.60 8.87 25.02
C PHE A 112 -48.67 10.32 25.49
N GLU A 113 -49.80 10.99 25.24
CA GLU A 113 -49.91 12.40 25.59
C GLU A 113 -49.78 12.61 27.09
N ASP A 114 -50.38 11.73 27.89
CA ASP A 114 -50.27 11.86 29.34
C ASP A 114 -48.82 11.74 29.80
N ALA A 115 -48.09 10.76 29.26
CA ALA A 115 -46.69 10.59 29.64
C ALA A 115 -45.86 11.81 29.27
N PHE A 116 -46.06 12.35 28.06
CA PHE A 116 -45.30 13.52 27.65
C PHE A 116 -45.64 14.73 28.52
N SER A 117 -46.92 14.89 28.89
CA SER A 117 -47.29 15.98 29.77
C SER A 117 -46.63 15.84 31.15
N HIS A 118 -46.60 14.61 31.67
CA HIS A 118 -45.93 14.36 32.94
C HIS A 118 -44.46 14.77 32.88
N CYS A 119 -43.78 14.38 31.81
CA CYS A 119 -42.37 14.72 31.66
C CYS A 119 -42.17 16.24 31.58
N VAL A 120 -43.05 16.93 30.84
CA VAL A 120 -42.92 18.38 30.71
C VAL A 120 -43.09 19.06 32.07
N ALA A 121 -44.06 18.62 32.86
CA ALA A 121 -44.27 19.19 34.18
C ALA A 121 -43.05 18.96 35.07
N ASN A 122 -42.47 17.77 35.00
CA ASN A 122 -41.27 17.50 35.79
C ASN A 122 -40.13 18.43 35.40
N LYS A 123 -39.95 18.66 34.10
CA LYS A 123 -38.91 19.57 33.64
C LYS A 123 -39.13 20.98 34.19
N LYS A 124 -40.38 21.44 34.18
CA LYS A 124 -40.66 22.78 34.73
C LYS A 124 -40.29 22.86 36.21
N ARG A 125 -40.63 21.81 36.98
CA ARG A 125 -40.28 21.80 38.40
C ARG A 125 -38.77 21.86 38.60
N ILE A 126 -38.02 21.09 37.80
CA ILE A 126 -36.56 21.10 37.92
C ILE A 126 -36.01 22.49 37.63
N LEU A 127 -36.54 23.15 36.59
CA LEU A 127 -36.06 24.49 36.25
C LEU A 127 -36.33 25.49 37.36
N THR A 128 -37.50 25.40 38.00
CA THR A 128 -37.80 26.30 39.11
C THR A 128 -36.81 26.10 40.25
N SER A 129 -36.52 24.84 40.59
CA SER A 129 -35.56 24.58 41.66
C SER A 129 -34.18 25.14 41.32
N LEU A 130 -33.74 24.96 40.08
CA LEU A 130 -32.42 25.47 39.69
C LEU A 130 -32.37 26.99 39.76
N GLN A 131 -33.45 27.65 39.36
CA GLN A 131 -33.49 29.12 39.45
C GLN A 131 -33.39 29.58 40.89
N SER A 132 -34.08 28.89 41.81
CA SER A 132 -33.97 29.23 43.22
C SER A 132 -32.52 29.06 43.71
N LEU A 133 -31.86 27.98 43.30
CA LEU A 133 -30.47 27.78 43.68
C LEU A 133 -29.58 28.94 43.18
N TYR A 134 -29.77 29.32 41.92
CA TYR A 134 -28.97 30.41 41.36
C TYR A 134 -29.20 31.70 42.14
N GLN A 135 -30.45 31.99 42.48
CA GLN A 135 -30.74 33.18 43.27
C GLN A 135 -30.05 33.13 44.62
N CYS A 136 -30.04 31.95 45.25
CA CYS A 136 -29.41 31.83 46.56
C CYS A 136 -27.91 32.10 46.50
N CYS A 137 -27.23 31.56 45.49
CA CYS A 137 -25.76 31.61 45.47
C CYS A 137 -25.20 32.78 44.66
N GLN A 138 -26.05 33.66 44.15
CA GLN A 138 -25.58 34.67 43.20
C GLN A 138 -24.75 35.76 43.86
N SER A 139 -25.10 36.15 45.08
CA SER A 139 -24.50 37.33 45.69
C SER A 139 -23.01 37.12 46.00
N LYS A 140 -22.65 35.96 46.54
CA LYS A 140 -21.29 35.74 47.02
C LYS A 140 -20.43 34.96 46.02
N ASP A 141 -20.85 33.77 45.62
CA ASP A 141 -20.01 32.87 44.84
C ASP A 141 -20.33 33.01 43.36
N ALA A 142 -19.38 33.57 42.60
CA ALA A 142 -19.57 33.72 41.16
C ALA A 142 -19.41 32.41 40.41
N HIS A 143 -18.43 31.60 40.82
CA HIS A 143 -18.19 30.32 40.14
C HIS A 143 -19.38 29.38 40.31
N CYS A 144 -19.98 29.36 41.49
CA CYS A 144 -21.14 28.50 41.72
C CYS A 144 -22.32 28.90 40.84
N SER A 145 -22.58 30.21 40.73
CA SER A 145 -23.68 30.66 39.90
C SER A 145 -23.42 30.36 38.43
N ASN A 146 -22.17 30.54 37.98
CA ASN A 146 -21.84 30.19 36.61
C ASN A 146 -22.04 28.69 36.35
N PHE A 147 -21.64 27.85 37.30
CA PHE A 147 -21.85 26.41 37.16
C PHE A 147 -23.33 26.10 37.05
N ILE A 148 -24.16 26.75 37.88
CA ILE A 148 -25.60 26.49 37.84
C ILE A 148 -26.17 26.89 36.49
N GLN A 149 -25.80 28.07 35.99
CA GLN A 149 -26.44 28.55 34.77
C GLN A 149 -25.87 27.93 33.50
N THR A 150 -24.70 27.30 33.56
CA THR A 150 -24.16 26.66 32.36
C THR A 150 -24.33 25.14 32.36
N ASP A 151 -23.90 24.46 33.42
CA ASP A 151 -23.82 23.00 33.40
C ASP A 151 -25.11 22.31 33.81
N MET A 152 -26.14 23.04 34.23
CA MET A 152 -27.37 22.40 34.68
C MET A 152 -28.63 22.84 33.94
N MET A 153 -28.70 24.08 33.45
CA MET A 153 -29.92 24.60 32.86
C MET A 153 -30.06 24.28 31.38
N ASP A 154 -28.94 24.23 30.65
CA ASP A 154 -29.00 24.06 29.20
C ASP A 154 -29.68 22.77 28.79
N GLU A 155 -29.32 21.67 29.46
CA GLU A 155 -29.93 20.37 29.18
C GLU A 155 -31.44 20.44 29.37
N VAL A 156 -31.88 21.06 30.47
CA VAL A 156 -33.30 21.13 30.76
C VAL A 156 -34.04 21.92 29.69
N ILE A 157 -33.47 23.04 29.26
CA ILE A 157 -34.13 23.86 28.23
C ILE A 157 -34.27 23.06 26.94
N ALA A 158 -33.19 22.40 26.51
CA ALA A 158 -33.23 21.65 25.26
C ALA A 158 -34.23 20.50 25.34
N TRP A 159 -34.23 19.76 26.45
CA TRP A 159 -35.15 18.64 26.59
C TRP A 159 -36.60 19.12 26.62
N ASN A 160 -36.86 20.26 27.26
CA ASN A 160 -38.21 20.80 27.30
C ASN A 160 -38.69 21.14 25.88
N LYS A 161 -37.84 21.76 25.08
CA LYS A 161 -38.23 22.07 23.71
C LYS A 161 -38.54 20.79 22.92
N PHE A 162 -37.68 19.78 23.05
CA PHE A 162 -37.90 18.53 22.31
C PHE A 162 -39.22 17.87 22.72
N LEU A 163 -39.49 17.80 24.02
CA LEU A 163 -40.71 17.16 24.50
C LEU A 163 -41.95 17.94 24.07
N SER A 164 -41.88 19.27 24.08
CA SER A 164 -43.02 20.06 23.63
C SER A 164 -43.31 19.83 22.16
N ASP A 165 -42.26 19.74 21.33
CA ASP A 165 -42.47 19.46 19.91
C ASP A 165 -43.13 18.09 19.72
N CYS A 166 -42.65 17.08 20.45
CA CYS A 166 -43.25 15.75 20.34
C CYS A 166 -44.73 15.78 20.76
N LEU A 167 -45.04 16.51 21.84
CA LEU A 167 -46.42 16.59 22.31
C LEU A 167 -47.32 17.26 21.28
N SER A 168 -46.85 18.34 20.66
CA SER A 168 -47.65 18.99 19.63
C SER A 168 -47.90 18.06 18.45
N ASN A 169 -46.88 17.34 18.01
CA ASN A 169 -47.06 16.39 16.92
C ASN A 169 -48.08 15.32 17.28
N LEU A 170 -47.98 14.79 18.50
CA LEU A 170 -48.93 13.74 18.92
C LEU A 170 -50.35 14.27 18.97
N HIS A 171 -50.54 15.49 19.49
CA HIS A 171 -51.88 16.06 19.54
C HIS A 171 -52.45 16.25 18.14
N CYS A 172 -51.61 16.69 17.20
CA CYS A 172 -52.09 16.84 15.82
C CYS A 172 -52.45 15.49 15.20
N ILE A 173 -51.64 14.46 15.45
CA ILE A 173 -51.84 13.18 14.77
C ILE A 173 -53.16 12.53 15.19
N GLY A 174 -53.44 12.49 16.48
CA GLY A 174 -54.62 11.85 17.00
C GLY A 174 -54.26 10.76 18.00
N SER A 175 -55.27 9.96 18.35
CA SER A 175 -55.07 8.90 19.34
C SER A 175 -55.76 7.59 18.96
N GLN A 176 -56.24 7.45 17.74
CA GLN A 176 -56.93 6.23 17.30
C GLN A 176 -56.37 5.78 15.97
N GLY A 177 -56.48 4.48 15.72
CA GLY A 177 -55.97 3.90 14.49
C GLY A 177 -54.51 3.53 14.59
N MET A 178 -53.78 3.64 13.48
CA MET A 178 -52.37 3.27 13.45
C MET A 178 -51.43 4.47 13.48
N GLY A 179 -51.93 5.66 13.74
CA GLY A 179 -51.09 6.83 13.87
C GLY A 179 -50.06 6.73 14.98
N PRO A 180 -50.50 6.35 16.19
CA PRO A 180 -49.52 6.16 17.28
C PRO A 180 -48.46 5.12 16.97
N TRP A 181 -48.81 4.06 16.24
CA TRP A 181 -47.82 3.03 15.90
C TRP A 181 -46.73 3.61 15.00
N VAL A 182 -47.12 4.36 13.98
CA VAL A 182 -46.16 5.00 13.08
C VAL A 182 -45.30 5.99 13.84
N PHE A 183 -45.92 6.78 14.72
CA PHE A 183 -45.16 7.72 15.53
C PHE A 183 -44.14 7.01 16.41
N ASP A 184 -44.53 5.89 17.01
CA ASP A 184 -43.61 5.14 17.87
C ASP A 184 -42.43 4.61 17.07
N ARG A 185 -42.68 4.08 15.87
CA ARG A 185 -41.58 3.59 15.04
C ARG A 185 -40.62 4.72 14.69
N TRP A 186 -41.15 5.87 14.30
CA TRP A 186 -40.31 7.02 13.98
C TRP A 186 -39.50 7.47 15.20
N LEU A 187 -40.13 7.49 16.37
CA LEU A 187 -39.44 7.91 17.58
C LEU A 187 -38.29 6.98 17.92
N ALA A 188 -38.51 5.66 17.78
CA ALA A 188 -37.43 4.72 18.00
C ALA A 188 -36.28 4.97 17.03
N ARG A 189 -36.60 5.22 15.76
CA ARG A 189 -35.55 5.47 14.77
C ARG A 189 -34.72 6.69 15.14
N ILE A 190 -35.38 7.78 15.56
CA ILE A 190 -34.61 9.00 15.82
C ILE A 190 -33.86 8.92 17.13
N VAL A 191 -34.40 8.21 18.13
CA VAL A 191 -33.71 8.10 19.41
C VAL A 191 -32.46 7.21 19.27
N MET A 192 -32.59 6.09 18.55
CA MET A 192 -31.46 5.17 18.46
C MET A 192 -30.28 5.75 17.71
N SER A 193 -30.47 6.82 16.94
CA SER A 193 -29.37 7.43 16.21
C SER A 193 -28.44 8.22 17.11
N LYS A 194 -28.79 8.43 18.37
CA LYS A 194 -28.01 9.24 19.27
C LYS A 194 -27.52 8.49 20.50
N PHE A 195 -28.31 7.57 21.04
CA PHE A 195 -27.97 6.92 22.30
C PHE A 195 -27.97 5.40 22.14
N LYS A 196 -27.00 4.76 22.77
CA LYS A 196 -26.87 3.31 22.77
C LYS A 196 -26.10 2.93 24.02
N HIS A 197 -26.76 2.31 25.00
CA HIS A 197 -26.09 2.03 26.26
C HIS A 197 -25.18 0.83 26.15
N PRO A 198 -23.88 0.98 26.40
CA PRO A 198 -22.98 -0.18 26.35
C PRO A 198 -23.13 -1.05 27.59
N LYS A 199 -22.68 -2.29 27.45
CA LYS A 199 -22.70 -3.23 28.54
C LYS A 199 -21.64 -2.90 29.58
N ILE A 200 -21.94 -3.22 30.84
CA ILE A 200 -21.00 -3.03 31.93
C ILE A 200 -20.24 -4.35 32.12
N PRO A 201 -18.91 -4.35 32.01
CA PRO A 201 -18.15 -5.58 32.25
C PRO A 201 -18.18 -5.98 33.72
N SER A 202 -17.99 -7.28 33.96
CA SER A 202 -18.07 -7.83 35.30
C SER A 202 -17.11 -9.01 35.41
N LEU A 203 -17.26 -9.78 36.48
CA LEU A 203 -16.44 -10.96 36.72
C LEU A 203 -17.30 -12.22 36.62
N SER A 204 -16.65 -13.34 36.30
CA SER A 204 -17.36 -14.61 36.14
C SER A 204 -16.39 -15.75 36.47
N THR A 205 -16.91 -16.97 36.43
CA THR A 205 -16.12 -18.17 36.70
C THR A 205 -15.73 -18.91 35.42
N SER A 206 -15.93 -18.31 34.25
CA SER A 206 -15.47 -18.91 33.02
C SER A 206 -13.95 -18.98 32.98
N ASP A 207 -13.42 -20.07 32.44
CA ASP A 207 -11.98 -20.33 32.40
C ASP A 207 -11.38 -20.27 33.79
N LEU A 208 -11.90 -21.13 34.67
CA LEU A 208 -11.47 -21.13 36.06
C LEU A 208 -10.00 -21.48 36.20
N GLU A 209 -9.52 -22.43 35.39
CA GLU A 209 -8.13 -22.88 35.49
C GLU A 209 -7.13 -21.82 35.06
N SER A 210 -7.56 -20.75 34.41
CA SER A 210 -6.65 -19.72 33.94
C SER A 210 -6.45 -18.59 34.93
N ASN A 211 -7.47 -18.25 35.72
CA ASN A 211 -7.41 -17.18 36.70
C ASN A 211 -7.59 -17.80 38.08
N ILE A 212 -6.49 -18.30 38.66
CA ILE A 212 -6.60 -19.15 39.83
C ILE A 212 -6.93 -18.33 41.08
N PRO A 213 -6.12 -17.33 41.50
CA PRO A 213 -6.55 -16.52 42.64
C PRO A 213 -7.80 -15.74 42.29
N ASN A 214 -7.71 -14.94 41.23
CA ASN A 214 -8.84 -14.25 40.61
C ASN A 214 -8.31 -13.60 39.33
N GLU A 215 -9.22 -13.02 38.57
CA GLU A 215 -8.86 -12.50 37.25
C GLU A 215 -8.06 -11.21 37.33
N LEU A 216 -8.38 -10.33 38.28
CA LEU A 216 -7.79 -9.00 38.29
C LEU A 216 -6.35 -8.99 38.79
N PHE A 217 -5.99 -9.91 39.70
CA PHE A 217 -4.74 -9.80 40.43
C PHE A 217 -3.51 -9.85 39.54
N ASP A 218 -3.62 -10.38 38.33
CA ASP A 218 -2.48 -10.49 37.44
C ASP A 218 -2.46 -9.41 36.35
N ALA A 219 -3.31 -8.39 36.46
CA ALA A 219 -3.43 -7.38 35.42
C ALA A 219 -2.08 -6.79 35.06
N GLU A 220 -1.31 -6.37 36.07
CA GLU A 220 0.00 -5.77 35.81
C GLU A 220 0.87 -6.71 34.98
N GLY A 221 0.90 -7.99 35.33
CA GLY A 221 1.69 -8.93 34.56
C GLY A 221 1.29 -8.94 33.10
N ASP A 222 -0.01 -8.94 32.84
CA ASP A 222 -0.49 -8.91 31.46
C ASP A 222 0.13 -7.75 30.69
N MET A 223 0.17 -6.57 31.32
CA MET A 223 0.73 -5.41 30.65
C MET A 223 2.14 -5.69 30.17
N VAL A 224 2.97 -6.27 31.05
CA VAL A 224 4.35 -6.58 30.68
C VAL A 224 4.36 -7.47 29.44
N ARG A 225 3.54 -8.52 29.47
CA ARG A 225 3.47 -9.42 28.32
C ARG A 225 3.17 -8.66 27.05
N ALA A 226 2.19 -7.75 27.10
CA ALA A 226 1.82 -7.03 25.89
C ALA A 226 3.00 -6.24 25.35
N ILE A 227 3.78 -5.61 26.24
CA ILE A 227 4.91 -4.82 25.79
C ILE A 227 5.92 -5.71 25.07
N LYS A 228 6.08 -6.95 25.53
CA LYS A 228 7.02 -7.84 24.87
C LYS A 228 6.53 -8.29 23.50
N LYS A 229 5.22 -8.24 23.25
CA LYS A 229 4.72 -8.65 21.94
C LYS A 229 4.97 -7.58 20.87
N LEU A 230 4.82 -6.31 21.23
CA LEU A 230 4.99 -5.23 20.27
C LEU A 230 6.46 -5.02 19.93
N CYS B 22 -57.37 15.99 -15.88
CA CYS B 22 -56.53 17.06 -15.35
C CYS B 22 -57.26 18.40 -15.39
N PRO B 23 -57.48 19.00 -14.23
CA PRO B 23 -58.18 20.29 -14.19
C PRO B 23 -57.24 21.47 -14.39
N SER B 24 -56.03 21.22 -14.89
CA SER B 24 -55.03 22.26 -15.05
C SER B 24 -54.30 22.05 -16.38
N ARG B 25 -54.53 22.97 -17.33
CA ARG B 25 -53.77 23.00 -18.58
C ARG B 25 -53.46 24.43 -18.99
N HIS B 26 -53.44 25.37 -18.06
CA HIS B 26 -53.36 26.80 -18.35
C HIS B 26 -51.91 27.23 -18.54
N ASN B 27 -51.68 28.54 -18.51
CA ASN B 27 -50.37 29.19 -18.67
C ASN B 27 -49.83 29.04 -20.08
N PHE B 28 -49.54 27.81 -20.49
CA PHE B 28 -48.93 27.57 -21.80
C PHE B 28 -49.92 27.94 -22.92
N ASP B 29 -49.40 28.63 -23.93
CA ASP B 29 -50.23 29.06 -25.05
C ASP B 29 -50.71 27.85 -25.85
N PRO B 30 -52.01 27.72 -26.11
CA PRO B 30 -52.50 26.50 -26.79
C PRO B 30 -51.93 26.28 -28.18
N GLU B 31 -51.70 27.34 -28.96
CA GLU B 31 -51.14 27.17 -30.30
C GLU B 31 -49.73 26.62 -30.22
N CYS B 32 -48.92 27.13 -29.29
CA CYS B 32 -47.58 26.59 -29.09
C CYS B 32 -47.64 25.12 -28.68
N GLU B 33 -48.60 24.77 -27.82
CA GLU B 33 -48.74 23.38 -27.41
C GLU B 33 -49.06 22.48 -28.61
N LYS B 34 -49.97 22.92 -29.47
CA LYS B 34 -50.33 22.13 -30.64
C LYS B 34 -49.12 21.94 -31.56
N ALA B 35 -48.37 23.01 -31.80
CA ALA B 35 -47.19 22.90 -32.67
C ALA B 35 -46.14 21.99 -32.05
N PHE B 36 -45.96 22.06 -30.73
CA PHE B 36 -45.00 21.19 -30.06
C PHE B 36 -45.39 19.72 -30.21
N VAL B 37 -46.69 19.42 -30.06
CA VAL B 37 -47.14 18.03 -30.21
C VAL B 37 -46.90 17.54 -31.64
N GLU B 38 -47.16 18.41 -32.63
CA GLU B 38 -46.87 18.05 -34.01
C GLU B 38 -45.41 17.71 -34.21
N HIS B 39 -44.50 18.53 -33.66
CA HIS B 39 -43.09 18.23 -33.82
C HIS B 39 -42.68 16.96 -33.09
N ILE B 40 -43.32 16.67 -31.95
CA ILE B 40 -43.05 15.41 -31.26
C ILE B 40 -43.37 14.23 -32.17
N HIS B 41 -44.50 14.30 -32.85
CA HIS B 41 -44.86 13.20 -33.76
C HIS B 41 -43.87 13.10 -34.92
N LEU B 42 -43.38 14.24 -35.40
CA LEU B 42 -42.36 14.20 -36.45
C LEU B 42 -41.10 13.48 -35.98
N GLU B 43 -40.65 13.77 -34.76
CA GLU B 43 -39.46 13.10 -34.23
C GLU B 43 -39.70 11.60 -34.06
N LEU B 44 -40.88 11.22 -33.60
CA LEU B 44 -41.20 9.80 -33.45
C LEU B 44 -41.16 9.10 -34.80
N ALA B 45 -41.69 9.75 -35.85
CA ALA B 45 -41.66 9.15 -37.18
C ALA B 45 -40.23 8.96 -37.66
N SER B 46 -39.36 9.93 -37.41
CA SER B 46 -37.96 9.79 -37.81
C SER B 46 -37.30 8.61 -37.08
N SER B 47 -37.57 8.49 -35.78
CA SER B 47 -37.03 7.36 -35.03
C SER B 47 -37.50 6.03 -35.59
N TYR B 48 -38.78 5.95 -35.95
CA TYR B 48 -39.30 4.72 -36.54
C TYR B 48 -38.64 4.41 -37.87
N HIS B 49 -38.42 5.43 -38.69
CA HIS B 49 -37.84 5.19 -40.02
C HIS B 49 -36.40 4.72 -39.93
N ALA B 50 -35.66 5.13 -38.89
CA ALA B 50 -34.30 4.61 -38.75
C ALA B 50 -34.27 3.10 -38.55
N TRP B 51 -35.33 2.54 -37.94
CA TRP B 51 -35.39 1.10 -37.69
C TRP B 51 -35.39 0.31 -38.99
N SER B 52 -36.10 0.80 -40.00
CA SER B 52 -36.17 0.08 -41.27
C SER B 52 -34.80 0.00 -41.93
N MET B 53 -34.04 1.09 -41.91
CA MET B 53 -32.69 1.06 -42.46
C MET B 53 -31.80 0.09 -41.67
N TRP B 54 -31.92 0.11 -40.34
CA TRP B 54 -31.15 -0.83 -39.53
C TRP B 54 -31.46 -2.26 -39.92
N ALA B 55 -32.74 -2.58 -40.10
CA ALA B 55 -33.12 -3.95 -40.47
C ALA B 55 -32.65 -4.30 -41.87
N PHE B 56 -32.68 -3.33 -42.79
CA PHE B 56 -32.27 -3.60 -44.16
C PHE B 56 -30.78 -3.93 -44.23
N TYR B 57 -29.95 -3.19 -43.51
CA TYR B 57 -28.52 -3.40 -43.68
C TYR B 57 -27.98 -4.58 -42.85
N ALA B 58 -28.82 -5.23 -42.05
CA ALA B 58 -28.40 -6.38 -41.26
C ALA B 58 -28.74 -7.71 -41.91
N ARG B 59 -29.28 -7.70 -43.13
CA ARG B 59 -29.60 -8.95 -43.81
C ARG B 59 -28.32 -9.73 -44.12
N ASP B 60 -28.46 -11.05 -44.20
CA ASP B 60 -27.29 -11.88 -44.44
C ASP B 60 -26.69 -11.69 -45.82
N CYS B 61 -27.44 -11.08 -46.74
CA CYS B 61 -26.93 -10.77 -48.06
C CYS B 61 -26.39 -9.34 -48.18
N LYS B 62 -26.46 -8.56 -47.10
CA LYS B 62 -25.89 -7.21 -47.07
C LYS B 62 -24.72 -7.13 -46.11
N ALA B 63 -24.95 -7.40 -44.82
CA ALA B 63 -23.91 -7.51 -43.81
C ALA B 63 -22.97 -6.31 -43.81
N ALA B 64 -23.53 -5.13 -43.54
CA ALA B 64 -22.78 -3.89 -43.43
C ALA B 64 -22.83 -3.44 -41.98
N VAL B 65 -21.74 -3.66 -41.25
CA VAL B 65 -21.76 -3.44 -39.80
C VAL B 65 -21.79 -1.95 -39.48
N GLY B 66 -21.06 -1.12 -40.23
CA GLY B 66 -21.00 0.30 -39.94
C GLY B 66 -22.35 0.97 -40.09
N MET B 67 -23.06 0.69 -41.18
CA MET B 67 -24.37 1.27 -41.39
C MET B 67 -25.35 0.81 -40.31
N THR B 68 -25.25 -0.45 -39.90
CA THR B 68 -26.10 -0.97 -38.83
C THR B 68 -25.89 -0.18 -37.54
N ARG B 69 -24.63 0.02 -37.14
CA ARG B 69 -24.35 0.78 -35.93
C ARG B 69 -24.86 2.21 -36.04
N LEU B 70 -24.62 2.84 -37.18
CA LEU B 70 -25.04 4.23 -37.35
C LEU B 70 -26.56 4.37 -37.25
N CYS B 71 -27.30 3.47 -37.90
CA CYS B 71 -28.75 3.56 -37.89
C CYS B 71 -29.31 3.31 -36.49
N GLU B 72 -28.74 2.34 -35.77
CA GLU B 72 -29.17 2.10 -34.40
C GLU B 72 -28.97 3.34 -33.52
N TRP B 73 -27.80 3.96 -33.64
CA TRP B 73 -27.51 5.16 -32.87
C TRP B 73 -28.49 6.28 -33.22
N ALA B 74 -28.79 6.45 -34.51
CA ALA B 74 -29.70 7.51 -34.92
C ALA B 74 -31.10 7.29 -34.37
N SER B 75 -31.58 6.06 -34.39
CA SER B 75 -32.92 5.80 -33.86
C SER B 75 -32.99 6.12 -32.37
N HIS B 76 -31.98 5.72 -31.61
CA HIS B 76 -31.99 6.03 -30.17
C HIS B 76 -31.95 7.54 -29.94
N VAL B 77 -31.14 8.27 -30.72
CA VAL B 77 -31.06 9.71 -30.56
C VAL B 77 -32.40 10.38 -30.82
N SER B 78 -33.09 9.96 -31.88
CA SER B 78 -34.40 10.54 -32.19
C SER B 78 -35.41 10.26 -31.10
N ALA B 79 -35.42 9.03 -30.56
CA ALA B 79 -36.34 8.73 -29.47
C ALA B 79 -36.08 9.61 -28.26
N GLN B 80 -34.80 9.81 -27.92
CA GLN B 80 -34.48 10.69 -26.80
C GLN B 80 -34.95 12.12 -27.04
N ARG B 81 -34.81 12.61 -28.27
CA ARG B 81 -35.26 13.97 -28.57
C ARG B 81 -36.77 14.11 -28.39
N ALA B 82 -37.53 13.11 -28.87
CA ALA B 82 -38.98 13.17 -28.68
C ALA B 82 -39.34 13.17 -27.20
N ARG B 83 -38.66 12.33 -26.41
CA ARG B 83 -38.92 12.31 -24.97
C ARG B 83 -38.62 13.66 -24.33
N ARG B 84 -37.53 14.31 -24.75
CA ARG B 84 -37.17 15.60 -24.18
C ARG B 84 -38.22 16.66 -24.49
N MET B 85 -38.72 16.70 -25.73
CA MET B 85 -39.74 17.69 -26.05
C MET B 85 -41.03 17.44 -25.28
N ALA B 86 -41.43 16.18 -25.13
CA ALA B 86 -42.62 15.88 -24.34
C ALA B 86 -42.44 16.31 -22.89
N ALA B 87 -41.25 16.07 -22.33
CA ALA B 87 -40.98 16.48 -20.96
C ALA B 87 -41.06 17.99 -20.81
N TYR B 88 -40.56 18.74 -21.80
CA TYR B 88 -40.65 20.19 -21.72
C TYR B 88 -42.11 20.64 -21.74
N VAL B 89 -42.93 20.03 -22.59
CA VAL B 89 -44.34 20.40 -22.63
C VAL B 89 -44.99 20.13 -21.28
N LEU B 90 -44.69 18.98 -20.67
CA LEU B 90 -45.28 18.66 -19.38
C LEU B 90 -44.81 19.59 -18.28
N THR B 91 -43.57 20.06 -18.34
CA THR B 91 -43.04 20.95 -17.30
C THR B 91 -43.79 22.28 -17.28
N ARG B 92 -44.17 22.79 -18.44
CA ARG B 92 -44.88 24.06 -18.51
C ARG B 92 -46.36 23.95 -18.15
N GLY B 93 -46.86 22.75 -17.92
CA GLY B 93 -48.23 22.56 -17.49
C GLY B 93 -49.22 22.12 -18.56
N GLY B 94 -48.74 21.68 -19.73
CA GLY B 94 -49.62 21.26 -20.79
C GLY B 94 -49.89 19.77 -20.79
N HIS B 95 -50.61 19.32 -21.81
CA HIS B 95 -50.94 17.91 -22.02
C HIS B 95 -50.36 17.46 -23.36
N VAL B 96 -50.07 16.17 -23.45
CA VAL B 96 -49.56 15.56 -24.68
C VAL B 96 -50.54 14.50 -25.13
N ASP B 97 -51.02 14.62 -26.37
CA ASP B 97 -51.93 13.65 -26.97
C ASP B 97 -51.22 12.95 -28.12
N TYR B 98 -51.24 11.63 -28.11
CA TYR B 98 -50.52 10.83 -29.08
C TYR B 98 -51.48 10.30 -30.15
N LYS B 99 -50.96 10.19 -31.37
CA LYS B 99 -51.75 9.71 -32.49
C LYS B 99 -50.92 8.72 -33.30
N GLU B 100 -51.41 8.42 -34.49
CA GLU B 100 -50.90 7.34 -35.32
C GLU B 100 -49.54 7.68 -35.92
N ILE B 101 -48.70 6.66 -36.04
CA ILE B 101 -47.35 6.79 -36.59
C ILE B 101 -47.32 6.10 -37.95
N PRO B 102 -47.08 6.83 -39.04
CA PRO B 102 -47.13 6.20 -40.37
C PRO B 102 -45.91 5.34 -40.65
N ALA B 103 -46.09 4.41 -41.60
CA ALA B 103 -45.03 3.52 -42.02
C ALA B 103 -44.08 4.22 -42.99
N PRO B 104 -42.81 3.84 -43.00
CA PRO B 104 -41.88 4.41 -43.99
C PRO B 104 -42.24 3.98 -45.39
N LYS B 105 -41.94 4.85 -46.36
CA LYS B 105 -42.35 4.61 -47.74
C LYS B 105 -41.41 3.64 -48.45
N LYS B 106 -40.14 4.01 -48.57
CA LYS B 106 -39.16 3.17 -49.24
C LYS B 106 -38.36 2.41 -48.19
N GLN B 107 -38.13 1.11 -48.46
CA GLN B 107 -37.40 0.25 -47.54
C GLN B 107 -36.23 -0.45 -48.24
N GLY B 108 -35.67 0.20 -49.25
CA GLY B 108 -34.49 -0.33 -49.93
C GLY B 108 -33.68 0.79 -50.53
N TRP B 109 -32.37 0.58 -50.60
CA TRP B 109 -31.46 1.59 -51.12
C TRP B 109 -30.41 0.93 -52.00
N ASP B 110 -30.10 1.56 -53.12
CA ASP B 110 -29.16 0.98 -54.07
C ASP B 110 -27.73 1.00 -53.55
N ASN B 111 -27.32 2.10 -52.92
CA ASN B 111 -25.98 2.21 -52.36
C ASN B 111 -26.03 3.16 -51.16
N PHE B 112 -24.87 3.36 -50.54
CA PHE B 112 -24.80 4.17 -49.33
C PHE B 112 -25.15 5.63 -49.60
N GLU B 113 -24.86 6.12 -50.81
CA GLU B 113 -25.10 7.53 -51.12
C GLU B 113 -26.58 7.87 -51.01
N ASP B 114 -27.46 6.99 -51.48
CA ASP B 114 -28.89 7.25 -51.39
C ASP B 114 -29.34 7.36 -49.95
N ALA B 115 -28.87 6.45 -49.08
CA ALA B 115 -29.24 6.51 -47.68
C ALA B 115 -28.77 7.79 -47.02
N PHE B 116 -27.52 8.20 -47.30
CA PHE B 116 -27.01 9.43 -46.70
C PHE B 116 -27.79 10.65 -47.20
N SER B 117 -28.15 10.66 -48.49
CA SER B 117 -28.96 11.76 -49.01
C SER B 117 -30.33 11.82 -48.34
N HIS B 118 -30.94 10.65 -48.13
CA HIS B 118 -32.23 10.60 -47.43
C HIS B 118 -32.12 11.19 -46.03
N CYS B 119 -31.07 10.82 -45.31
CA CYS B 119 -30.88 11.34 -43.96
C CYS B 119 -30.67 12.85 -43.97
N VAL B 120 -29.90 13.36 -44.93
CA VAL B 120 -29.64 14.80 -45.01
C VAL B 120 -30.95 15.56 -45.26
N ALA B 121 -31.78 15.05 -46.17
CA ALA B 121 -33.06 15.69 -46.45
C ALA B 121 -33.95 15.70 -45.21
N ASN B 122 -33.97 14.60 -44.47
CA ASN B 122 -34.76 14.56 -43.24
C ASN B 122 -34.28 15.60 -42.24
N LYS B 123 -32.96 15.75 -42.10
CA LYS B 123 -32.43 16.76 -41.19
C LYS B 123 -32.86 18.16 -41.60
N LYS B 124 -32.84 18.45 -42.90
CA LYS B 124 -33.28 19.77 -43.36
C LYS B 124 -34.74 20.02 -43.01
N ARG B 125 -35.60 19.00 -43.20
CA ARG B 125 -37.00 19.15 -42.85
C ARG B 125 -37.19 19.44 -41.36
N ILE B 126 -36.44 18.71 -40.52
CA ILE B 126 -36.54 18.93 -39.07
C ILE B 126 -36.13 20.35 -38.71
N LEU B 127 -35.05 20.85 -39.33
CA LEU B 127 -34.59 22.21 -39.04
C LEU B 127 -35.64 23.25 -39.44
N THR B 128 -36.28 23.05 -40.58
CA THR B 128 -37.32 23.99 -41.00
C THR B 128 -38.47 24.02 -40.00
N SER B 129 -38.90 22.85 -39.54
CA SER B 129 -39.98 22.80 -38.55
C SER B 129 -39.58 23.52 -37.26
N LEU B 130 -38.35 23.30 -36.80
CA LEU B 130 -37.91 23.95 -35.56
C LEU B 130 -37.85 25.47 -35.72
N GLN B 131 -37.41 25.94 -36.88
CA GLN B 131 -37.38 27.39 -37.12
C GLN B 131 -38.79 27.97 -37.09
N SER B 132 -39.76 27.27 -37.67
CA SER B 132 -41.14 27.73 -37.60
C SER B 132 -41.63 27.81 -36.15
N LEU B 133 -41.30 26.80 -35.35
CA LEU B 133 -41.67 26.82 -33.94
C LEU B 133 -41.08 28.04 -33.22
N TYR B 134 -39.79 28.30 -33.46
CA TYR B 134 -39.13 29.43 -32.82
C TYR B 134 -39.81 30.74 -33.23
N GLN B 135 -40.14 30.88 -34.50
CA GLN B 135 -40.83 32.08 -34.94
C GLN B 135 -42.18 32.24 -34.26
N CYS B 136 -42.89 31.12 -34.08
CA CYS B 136 -44.21 31.20 -33.44
C CYS B 136 -44.11 31.66 -32.00
N CYS B 137 -43.14 31.14 -31.24
CA CYS B 137 -43.10 31.39 -29.80
C CYS B 137 -42.19 32.55 -29.40
N GLN B 138 -41.61 33.26 -30.36
CA GLN B 138 -40.58 34.25 -30.04
C GLN B 138 -41.15 35.50 -29.37
N SER B 139 -42.34 35.93 -29.77
CA SER B 139 -42.84 37.22 -29.33
C SER B 139 -43.15 37.25 -27.83
N LYS B 140 -43.79 36.19 -27.31
CA LYS B 140 -44.25 36.19 -25.93
C LYS B 140 -43.32 35.46 -24.97
N ASP B 141 -43.02 34.20 -25.23
CA ASP B 141 -42.30 33.36 -24.28
C ASP B 141 -40.81 33.34 -24.61
N ALA B 142 -40.00 33.96 -23.75
CA ALA B 142 -38.56 33.96 -23.96
C ALA B 142 -37.92 32.63 -23.62
N HIS B 143 -38.37 31.99 -22.54
CA HIS B 143 -37.80 30.71 -22.13
C HIS B 143 -38.05 29.63 -23.18
N CYS B 144 -39.24 29.63 -23.77
CA CYS B 144 -39.55 28.64 -24.80
C CYS B 144 -38.66 28.81 -26.02
N SER B 145 -38.45 30.05 -26.46
CA SER B 145 -37.59 30.28 -27.62
C SER B 145 -36.15 29.90 -27.31
N ASN B 146 -35.68 30.21 -26.10
CA ASN B 146 -34.33 29.80 -25.72
C ASN B 146 -34.20 28.28 -25.72
N PHE B 147 -35.21 27.58 -25.21
CA PHE B 147 -35.18 26.11 -25.22
C PHE B 147 -35.12 25.59 -26.65
N ILE B 148 -35.90 26.19 -27.55
CA ILE B 148 -35.91 25.74 -28.94
C ILE B 148 -34.53 25.94 -29.57
N GLN B 149 -33.93 27.12 -29.36
CA GLN B 149 -32.68 27.40 -30.06
C GLN B 149 -31.47 26.77 -29.42
N THR B 150 -31.55 26.31 -28.17
CA THR B 150 -30.40 25.66 -27.55
C THR B 150 -30.53 24.13 -27.51
N ASP B 151 -31.63 23.60 -26.99
CA ASP B 151 -31.73 22.17 -26.71
C ASP B 151 -32.21 21.35 -27.89
N MET B 152 -32.58 21.96 -29.02
CA MET B 152 -33.09 21.20 -30.15
C MET B 152 -32.34 21.40 -31.45
N MET B 153 -31.75 22.58 -31.69
CA MET B 153 -31.14 22.88 -32.97
C MET B 153 -29.69 22.42 -33.07
N ASP B 154 -28.95 22.46 -31.96
CA ASP B 154 -27.52 22.18 -31.99
C ASP B 154 -27.22 20.77 -32.49
N GLU B 155 -27.98 19.79 -31.98
CA GLU B 155 -27.81 18.40 -32.41
C GLU B 155 -28.01 18.28 -33.92
N VAL B 156 -29.06 18.92 -34.43
CA VAL B 156 -29.36 18.83 -35.85
C VAL B 156 -28.25 19.42 -36.69
N ILE B 157 -27.71 20.57 -36.28
CA ILE B 157 -26.64 21.20 -37.04
C ILE B 157 -25.41 20.29 -37.07
N ALA B 158 -25.03 19.75 -35.91
CA ALA B 158 -23.84 18.90 -35.86
C ALA B 158 -24.02 17.64 -36.69
N TRP B 159 -25.18 16.99 -36.59
CA TRP B 159 -25.43 15.78 -37.35
C TRP B 159 -25.44 16.06 -38.84
N ASN B 160 -25.99 17.20 -39.25
CA ASN B 160 -25.99 17.55 -40.67
C ASN B 160 -24.57 17.71 -41.19
N LYS B 161 -23.70 18.37 -40.42
CA LYS B 161 -22.31 18.51 -40.87
C LYS B 161 -21.64 17.14 -41.00
N PHE B 162 -21.84 16.27 -40.01
CA PHE B 162 -21.20 14.95 -40.06
C PHE B 162 -21.68 14.15 -41.28
N LEU B 163 -22.99 14.15 -41.53
CA LEU B 163 -23.52 13.39 -42.65
C LEU B 163 -23.05 13.95 -43.99
N SER B 164 -22.95 15.28 -44.10
CA SER B 164 -22.46 15.87 -45.34
C SER B 164 -21.01 15.49 -45.59
N ASP B 165 -20.18 15.48 -44.54
CA ASP B 165 -18.80 15.05 -44.71
C ASP B 165 -18.71 13.60 -45.18
N CYS B 166 -19.52 12.72 -44.57
CA CYS B 166 -19.53 11.32 -44.99
C CYS B 166 -19.96 11.19 -46.45
N LEU B 167 -20.98 11.95 -46.86
CA LEU B 167 -21.46 11.89 -48.23
C LEU B 167 -20.40 12.34 -49.23
N SER B 168 -19.68 13.41 -48.91
CA SER B 168 -18.61 13.87 -49.79
C SER B 168 -17.51 12.82 -49.92
N ASN B 169 -17.13 12.20 -48.79
CA ASN B 169 -16.10 11.16 -48.84
C ASN B 169 -16.56 9.98 -49.70
N LEU B 170 -17.83 9.57 -49.55
CA LEU B 170 -18.34 8.46 -50.33
C LEU B 170 -18.36 8.79 -51.82
N HIS B 171 -18.78 10.00 -52.17
CA HIS B 171 -18.81 10.38 -53.57
C HIS B 171 -17.41 10.38 -54.16
N CYS B 172 -16.42 10.85 -53.40
CA CYS B 172 -15.05 10.82 -53.90
C CYS B 172 -14.55 9.38 -54.07
N ILE B 173 -14.88 8.49 -53.13
CA ILE B 173 -14.31 7.14 -53.14
C ILE B 173 -14.79 6.38 -54.37
N GLY B 174 -16.08 6.40 -54.64
CA GLY B 174 -16.67 5.65 -55.74
C GLY B 174 -17.75 4.71 -55.25
N SER B 175 -18.15 3.81 -56.14
CA SER B 175 -19.22 2.87 -55.79
C SER B 175 -18.95 1.44 -56.29
N GLN B 176 -17.74 1.13 -56.73
CA GLN B 176 -17.42 -0.19 -57.24
C GLN B 176 -16.12 -0.69 -56.62
N GLY B 177 -15.98 -2.00 -56.56
CA GLY B 177 -14.81 -2.60 -55.97
C GLY B 177 -14.93 -2.77 -54.46
N MET B 178 -13.81 -2.65 -53.76
CA MET B 178 -13.80 -2.80 -52.31
C MET B 178 -13.73 -1.48 -51.56
N GLY B 179 -13.91 -0.35 -52.24
CA GLY B 179 -13.91 0.93 -51.58
C GLY B 179 -15.01 1.07 -50.53
N PRO B 180 -16.26 0.80 -50.92
CA PRO B 180 -17.35 0.88 -49.92
C PRO B 180 -17.15 -0.02 -48.73
N TRP B 181 -16.57 -1.21 -48.93
CA TRP B 181 -16.36 -2.13 -47.82
C TRP B 181 -15.36 -1.59 -46.81
N VAL B 182 -14.25 -1.03 -47.30
CA VAL B 182 -13.26 -0.42 -46.43
C VAL B 182 -13.87 0.77 -45.70
N PHE B 183 -14.64 1.58 -46.42
CA PHE B 183 -15.35 2.69 -45.79
C PHE B 183 -16.27 2.19 -44.68
N ASP B 184 -16.95 1.08 -44.91
CA ASP B 184 -17.86 0.54 -43.89
C ASP B 184 -17.10 0.11 -42.65
N ARG B 185 -15.94 -0.54 -42.81
CA ARG B 185 -15.17 -0.86 -41.60
C ARG B 185 -14.80 0.40 -40.84
N TRP B 186 -14.31 1.41 -41.55
CA TRP B 186 -13.88 2.63 -40.88
C TRP B 186 -15.05 3.29 -40.15
N LEU B 187 -16.23 3.31 -40.78
CA LEU B 187 -17.41 3.90 -40.15
C LEU B 187 -17.78 3.15 -38.89
N ALA B 188 -17.73 1.82 -38.93
CA ALA B 188 -18.03 1.04 -37.72
C ALA B 188 -17.05 1.38 -36.62
N ARG B 189 -15.76 1.48 -36.95
CA ARG B 189 -14.75 1.78 -35.94
C ARG B 189 -15.02 3.13 -35.29
N ILE B 190 -15.33 4.15 -36.09
CA ILE B 190 -15.48 5.48 -35.50
C ILE B 190 -16.80 5.60 -34.75
N VAL B 191 -17.85 4.90 -35.18
CA VAL B 191 -19.12 4.99 -34.47
C VAL B 191 -19.02 4.28 -33.13
N MET B 192 -18.40 3.09 -33.09
CA MET B 192 -18.36 2.33 -31.85
C MET B 192 -17.55 3.01 -30.76
N SER B 193 -16.70 3.97 -31.10
CA SER B 193 -15.91 4.67 -30.09
C SER B 193 -16.72 5.64 -29.27
N LYS B 194 -17.97 5.90 -29.65
CA LYS B 194 -18.80 6.89 -29.00
C LYS B 194 -20.07 6.31 -28.40
N PHE B 195 -20.70 5.34 -29.05
CA PHE B 195 -22.00 4.84 -28.64
C PHE B 195 -21.96 3.33 -28.42
N LYS B 196 -22.63 2.87 -27.37
CA LYS B 196 -22.75 1.45 -27.05
C LYS B 196 -24.01 1.28 -26.22
N HIS B 197 -25.04 0.67 -26.81
CA HIS B 197 -26.32 0.59 -26.11
C HIS B 197 -26.29 -0.49 -25.04
N PRO B 198 -26.52 -0.14 -23.77
CA PRO B 198 -26.55 -1.17 -22.72
C PRO B 198 -27.85 -1.95 -22.75
N LYS B 199 -27.81 -3.13 -22.13
CA LYS B 199 -28.97 -3.97 -22.02
C LYS B 199 -29.97 -3.41 -21.02
N ILE B 200 -31.25 -3.67 -21.27
CA ILE B 200 -32.32 -3.27 -20.36
C ILE B 200 -32.60 -4.45 -19.43
N PRO B 201 -32.48 -4.27 -18.11
CA PRO B 201 -32.81 -5.37 -17.20
C PRO B 201 -34.30 -5.65 -17.17
N SER B 202 -34.64 -6.89 -16.80
CA SER B 202 -36.03 -7.33 -16.80
C SER B 202 -36.22 -8.36 -15.69
N LEU B 203 -37.34 -9.06 -15.73
CA LEU B 203 -37.68 -10.09 -14.76
C LEU B 203 -37.68 -11.46 -15.44
N SER B 204 -37.44 -12.50 -14.65
CA SER B 204 -37.40 -13.87 -15.17
C SER B 204 -37.81 -14.83 -14.06
N THR B 205 -37.87 -16.11 -14.41
CA THR B 205 -38.22 -17.16 -13.46
C THR B 205 -37.00 -17.94 -12.97
N SER B 206 -35.79 -17.47 -13.25
CA SER B 206 -34.61 -18.11 -12.72
C SER B 206 -34.56 -17.97 -11.20
N ASP B 207 -34.09 -19.02 -10.53
CA ASP B 207 -34.06 -19.08 -9.07
C ASP B 207 -35.44 -18.82 -8.48
N LEU B 208 -36.39 -19.68 -8.88
CA LEU B 208 -37.77 -19.50 -8.45
C LEU B 208 -37.92 -19.64 -6.94
N GLU B 209 -37.18 -20.58 -6.34
CA GLU B 209 -37.30 -20.82 -4.90
C GLU B 209 -36.78 -19.68 -4.05
N SER B 210 -36.04 -18.73 -4.63
CA SER B 210 -35.49 -17.63 -3.87
C SER B 210 -36.38 -16.41 -3.83
N ASN B 211 -37.15 -16.15 -4.88
CA ASN B 211 -38.05 -15.00 -4.97
C ASN B 211 -39.47 -15.53 -5.05
N ILE B 212 -40.07 -15.82 -3.90
CA ILE B 212 -41.31 -16.58 -3.89
C ILE B 212 -42.50 -15.72 -4.33
N PRO B 213 -42.83 -14.59 -3.67
CA PRO B 213 -43.90 -13.75 -4.20
C PRO B 213 -43.50 -13.18 -5.55
N ASN B 214 -42.39 -12.47 -5.56
CA ASN B 214 -41.72 -11.99 -6.78
C ASN B 214 -40.39 -11.38 -6.35
N GLU B 215 -39.59 -10.99 -7.34
CA GLU B 215 -38.23 -10.54 -7.04
C GLU B 215 -38.20 -9.15 -6.43
N LEU B 216 -39.08 -8.25 -6.86
CA LEU B 216 -38.98 -6.85 -6.46
C LEU B 216 -39.47 -6.60 -5.03
N PHE B 217 -40.44 -7.38 -4.56
CA PHE B 217 -41.15 -7.03 -3.32
C PHE B 217 -40.24 -7.01 -2.10
N ASP B 218 -39.08 -7.64 -2.15
CA ASP B 218 -38.19 -7.67 -0.99
C ASP B 218 -37.03 -6.69 -1.12
N ALA B 219 -37.05 -5.79 -2.11
CA ALA B 219 -35.93 -4.89 -2.36
C ALA B 219 -35.52 -4.15 -1.10
N GLU B 220 -36.48 -3.55 -0.40
CA GLU B 220 -36.17 -2.80 0.82
C GLU B 220 -35.39 -3.68 1.80
N GLY B 221 -35.84 -4.91 2.01
CA GLY B 221 -35.14 -5.79 2.92
C GLY B 221 -33.70 -5.97 2.53
N ASP B 222 -33.44 -6.17 1.23
CA ASP B 222 -32.07 -6.32 0.75
C ASP B 222 -31.21 -5.16 1.21
N MET B 223 -31.74 -3.93 1.09
CA MET B 223 -30.97 -2.76 1.48
C MET B 223 -30.51 -2.89 2.92
N VAL B 224 -31.42 -3.28 3.82
CA VAL B 224 -31.05 -3.42 5.23
C VAL B 224 -29.89 -4.40 5.36
N ARG B 225 -30.02 -5.55 4.69
CA ARG B 225 -28.94 -6.54 4.74
C ARG B 225 -27.62 -5.93 4.35
N ALA B 226 -27.61 -5.16 3.25
CA ALA B 226 -26.35 -4.60 2.78
C ALA B 226 -25.73 -3.70 3.85
N ILE B 227 -26.56 -2.90 4.53
CA ILE B 227 -26.02 -2.01 5.54
C ILE B 227 -25.37 -2.80 6.66
N LYS B 228 -25.93 -3.97 6.99
CA LYS B 228 -25.33 -4.77 8.04
C LYS B 228 -24.01 -5.40 7.62
N LYS B 229 -23.77 -5.54 6.32
CA LYS B 229 -22.51 -6.13 5.87
C LYS B 229 -21.35 -5.12 5.98
N LEU B 230 -21.61 -3.86 5.65
CA LEU B 230 -20.57 -2.84 5.67
C LEU B 230 -20.19 -2.46 7.10
N CYS C 22 16.43 6.70 -59.03
CA CYS C 22 16.00 7.92 -58.34
C CYS C 22 16.14 9.14 -59.25
N PRO C 23 15.03 9.79 -59.55
CA PRO C 23 15.08 10.98 -60.41
C PRO C 23 15.39 12.26 -59.64
N SER C 24 15.87 12.13 -58.41
CA SER C 24 16.13 13.28 -57.56
C SER C 24 17.45 13.07 -56.82
N ARG C 25 18.46 13.86 -57.16
CA ARG C 25 19.72 13.90 -56.42
C ARG C 25 20.25 15.32 -56.31
N HIS C 26 19.40 16.33 -56.42
CA HIS C 26 19.80 17.72 -56.53
C HIS C 26 20.05 18.32 -55.15
N ASN C 27 20.12 19.65 -55.11
CA ASN C 27 20.34 20.46 -53.90
C ASN C 27 21.75 20.27 -53.34
N PHE C 28 22.07 19.06 -52.88
CA PHE C 28 23.36 18.81 -52.26
C PHE C 28 24.49 18.95 -53.28
N ASP C 29 25.56 19.62 -52.87
CA ASP C 29 26.70 19.84 -53.75
C ASP C 29 27.40 18.52 -54.05
N PRO C 30 27.63 18.18 -55.33
CA PRO C 30 28.21 16.86 -55.64
C PRO C 30 29.58 16.61 -55.05
N GLU C 31 30.44 17.62 -54.97
CA GLU C 31 31.77 17.42 -54.39
C GLU C 31 31.66 17.07 -52.92
N CYS C 32 30.79 17.76 -52.19
CA CYS C 32 30.56 17.43 -50.79
C CYS C 32 30.04 16.01 -50.64
N GLU C 33 29.14 15.60 -51.55
CA GLU C 33 28.62 14.24 -51.50
C GLU C 33 29.73 13.21 -51.69
N LYS C 34 30.62 13.45 -52.65
CA LYS C 34 31.72 12.53 -52.90
C LYS C 34 32.64 12.43 -51.68
N ALA C 35 32.97 13.57 -51.08
CA ALA C 35 33.84 13.55 -49.90
C ALA C 35 33.16 12.84 -48.73
N PHE C 36 31.85 13.05 -48.56
CA PHE C 36 31.13 12.38 -47.50
C PHE C 36 31.15 10.86 -47.69
N VAL C 37 30.96 10.39 -48.93
CA VAL C 37 31.00 8.95 -49.19
C VAL C 37 32.39 8.38 -48.88
N GLU C 38 33.44 9.12 -49.25
CA GLU C 38 34.79 8.69 -48.93
C GLU C 38 34.98 8.54 -47.43
N HIS C 39 34.51 9.52 -46.64
CA HIS C 39 34.66 9.41 -45.20
C HIS C 39 33.83 8.27 -44.62
N ILE C 40 32.67 7.98 -45.22
CA ILE C 40 31.88 6.83 -44.78
C ILE C 40 32.69 5.55 -44.93
N HIS C 41 33.36 5.41 -46.06
CA HIS C 41 34.18 4.21 -46.27
C HIS C 41 35.33 4.15 -45.28
N LEU C 42 35.91 5.30 -44.94
CA LEU C 42 36.97 5.32 -43.93
C LEU C 42 36.45 4.81 -42.58
N GLU C 43 35.27 5.26 -42.17
CA GLU C 43 34.70 4.80 -40.90
C GLU C 43 34.41 3.30 -40.93
N LEU C 44 33.90 2.81 -42.06
CA LEU C 44 33.64 1.37 -42.17
C LEU C 44 34.93 0.57 -42.05
N ALA C 45 36.02 1.06 -42.66
CA ALA C 45 37.29 0.36 -42.55
C ALA C 45 37.78 0.33 -41.11
N SER C 46 37.62 1.43 -40.38
CA SER C 46 38.01 1.45 -38.97
C SER C 46 37.21 0.43 -38.16
N SER C 47 35.90 0.38 -38.40
CA SER C 47 35.06 -0.60 -37.72
C SER C 47 35.51 -2.03 -38.00
N TYR C 48 35.85 -2.31 -39.26
CA TYR C 48 36.33 -3.64 -39.61
C TYR C 48 37.64 -3.97 -38.91
N HIS C 49 38.55 -3.00 -38.83
CA HIS C 49 39.85 -3.26 -38.23
C HIS C 49 39.75 -3.52 -36.73
N ALA C 50 38.75 -2.93 -36.05
CA ALA C 50 38.58 -3.24 -34.64
C ALA C 50 38.27 -4.72 -34.40
N TRP C 51 37.60 -5.36 -35.37
CA TRP C 51 37.23 -6.78 -35.24
C TRP C 51 38.47 -7.66 -35.13
N SER C 52 39.50 -7.36 -35.90
CA SER C 52 40.72 -8.18 -35.87
C SER C 52 41.38 -8.13 -34.50
N MET C 53 41.46 -6.94 -33.90
CA MET C 53 42.02 -6.83 -32.56
C MET C 53 41.17 -7.61 -31.55
N TRP C 54 39.84 -7.49 -31.67
CA TRP C 54 38.97 -8.25 -30.77
C TRP C 54 39.23 -9.74 -30.88
N ALA C 55 39.38 -10.24 -32.11
CA ALA C 55 39.63 -11.68 -32.30
C ALA C 55 41.00 -12.07 -31.79
N PHE C 56 42.00 -11.19 -31.96
CA PHE C 56 43.34 -11.52 -31.51
C PHE C 56 43.41 -11.64 -29.99
N TYR C 57 42.76 -10.75 -29.26
CA TYR C 57 42.92 -10.77 -27.82
C TYR C 57 42.01 -11.79 -27.12
N ALA C 58 41.16 -12.48 -27.87
CA ALA C 58 40.28 -13.50 -27.30
C ALA C 58 40.82 -14.91 -27.45
N ARG C 59 42.02 -15.08 -27.99
CA ARG C 59 42.61 -16.40 -28.14
C ARG C 59 42.86 -17.03 -26.76
N ASP C 60 42.84 -18.36 -26.71
CA ASP C 60 43.02 -19.04 -25.45
C ASP C 60 44.42 -18.87 -24.88
N CYS C 61 45.38 -18.45 -25.71
CA CYS C 61 46.73 -18.18 -25.24
C CYS C 61 46.96 -16.71 -24.91
N LYS C 62 45.95 -15.86 -25.08
CA LYS C 62 46.04 -14.45 -24.71
C LYS C 62 45.10 -14.12 -23.55
N ALA C 63 43.79 -14.32 -23.74
CA ALA C 63 42.78 -14.22 -22.70
C ALA C 63 42.89 -12.90 -21.93
N ALA C 64 42.71 -11.79 -22.65
CA ALA C 64 42.71 -10.46 -22.07
C ALA C 64 41.30 -9.89 -22.18
N VAL C 65 40.56 -9.91 -21.07
CA VAL C 65 39.14 -9.58 -21.11
C VAL C 65 38.94 -8.08 -21.36
N GLY C 66 39.76 -7.23 -20.74
CA GLY C 66 39.58 -5.79 -20.88
C GLY C 66 39.77 -5.32 -22.31
N MET C 67 40.83 -5.79 -22.97
CA MET C 67 41.06 -5.41 -24.35
C MET C 67 39.95 -5.91 -25.25
N THR C 68 39.43 -7.11 -24.98
CA THR C 68 38.32 -7.64 -25.75
C THR C 68 37.10 -6.73 -25.66
N ARG C 69 36.73 -6.34 -24.43
CA ARG C 69 35.58 -5.46 -24.25
C ARG C 69 35.80 -4.12 -24.96
N LEU C 70 36.99 -3.55 -24.81
CA LEU C 70 37.27 -2.25 -25.41
C LEU C 70 37.17 -2.31 -26.93
N CYS C 71 37.74 -3.35 -27.55
CA CYS C 71 37.71 -3.46 -29.00
C CYS C 71 36.29 -3.67 -29.52
N GLU C 72 35.50 -4.49 -28.82
CA GLU C 72 34.11 -4.67 -29.21
C GLU C 72 33.34 -3.35 -29.18
N TRP C 73 33.51 -2.60 -28.10
CA TRP C 73 32.85 -1.30 -27.99
C TRP C 73 33.28 -0.36 -29.11
N ALA C 74 34.57 -0.33 -29.43
CA ALA C 74 35.06 0.55 -30.48
C ALA C 74 34.47 0.19 -31.83
N SER C 75 34.38 -1.09 -32.14
CA SER C 75 33.82 -1.49 -33.43
C SER C 75 32.36 -1.06 -33.55
N HIS C 76 31.58 -1.26 -32.48
CA HIS C 76 30.18 -0.84 -32.54
C HIS C 76 30.06 0.68 -32.70
N VAL C 77 30.91 1.44 -32.01
CA VAL C 77 30.87 2.89 -32.12
C VAL C 77 31.16 3.35 -33.54
N SER C 78 32.19 2.75 -34.16
CA SER C 78 32.52 3.13 -35.54
C SER C 78 31.40 2.80 -36.51
N ALA C 79 30.76 1.63 -36.34
CA ALA C 79 29.65 1.29 -37.22
C ALA C 79 28.51 2.30 -37.08
N GLN C 80 28.20 2.70 -35.84
CA GLN C 80 27.16 3.69 -35.64
C GLN C 80 27.51 5.03 -36.30
N ARG C 81 28.77 5.43 -36.23
CA ARG C 81 29.18 6.69 -36.86
C ARG C 81 28.99 6.64 -38.37
N ALA C 82 29.38 5.51 -38.99
CA ALA C 82 29.18 5.38 -40.44
C ALA C 82 27.70 5.45 -40.79
N ARG C 83 26.85 4.78 -40.00
CA ARG C 83 25.41 4.84 -40.25
C ARG C 83 24.89 6.27 -40.15
N ARG C 84 25.37 7.02 -39.15
CA ARG C 84 24.91 8.39 -38.97
C ARG C 84 25.29 9.28 -40.16
N MET C 85 26.52 9.15 -40.66
CA MET C 85 26.91 9.96 -41.81
C MET C 85 26.11 9.60 -43.05
N ALA C 86 25.86 8.31 -43.27
CA ALA C 86 25.03 7.92 -44.41
C ALA C 86 23.62 8.48 -44.29
N ALA C 87 23.05 8.45 -43.07
CA ALA C 87 21.73 9.01 -42.86
C ALA C 87 21.70 10.50 -43.15
N TYR C 88 22.74 11.22 -42.75
CA TYR C 88 22.77 12.65 -43.05
C TYR C 88 22.82 12.89 -44.55
N VAL C 89 23.61 12.11 -45.28
CA VAL C 89 23.66 12.29 -46.72
C VAL C 89 22.29 12.04 -47.33
N LEU C 90 21.59 10.99 -46.88
CA LEU C 90 20.28 10.70 -47.42
C LEU C 90 19.26 11.77 -47.08
N THR C 91 19.38 12.40 -45.91
CA THR C 91 18.42 13.43 -45.51
C THR C 91 18.48 14.64 -46.44
N ARG C 92 19.68 15.00 -46.89
CA ARG C 92 19.84 16.16 -47.76
C ARG C 92 19.46 15.88 -49.21
N GLY C 93 19.13 14.64 -49.54
CA GLY C 93 18.67 14.30 -50.87
C GLY C 93 19.69 13.65 -51.79
N GLY C 94 20.83 13.18 -51.26
CA GLY C 94 21.84 12.56 -52.07
C GLY C 94 21.71 11.05 -52.14
N HIS C 95 22.69 10.43 -52.79
CA HIS C 95 22.78 8.98 -52.92
C HIS C 95 24.08 8.50 -52.29
N VAL C 96 24.08 7.26 -51.82
CA VAL C 96 25.26 6.63 -51.24
C VAL C 96 25.61 5.41 -52.07
N ASP C 97 26.85 5.36 -52.56
CA ASP C 97 27.36 4.23 -53.32
C ASP C 97 28.46 3.55 -52.53
N TYR C 98 28.34 2.24 -52.37
CA TYR C 98 29.25 1.47 -51.55
C TYR C 98 30.27 0.73 -52.42
N LYS C 99 31.48 0.59 -51.90
CA LYS C 99 32.55 -0.08 -52.62
C LYS C 99 33.29 -1.01 -51.66
N GLU C 100 34.44 -1.47 -52.10
CA GLU C 100 35.19 -2.53 -51.45
C GLU C 100 35.83 -2.06 -50.15
N ILE C 101 35.88 -2.96 -49.18
CA ILE C 101 36.45 -2.70 -47.86
C ILE C 101 37.76 -3.48 -47.74
N PRO C 102 38.90 -2.82 -47.60
CA PRO C 102 40.18 -3.55 -47.56
C PRO C 102 40.40 -4.26 -46.24
N ALA C 103 41.27 -5.27 -46.29
CA ALA C 103 41.63 -6.05 -45.12
C ALA C 103 42.67 -5.30 -44.28
N PRO C 104 42.66 -5.50 -42.96
CA PRO C 104 43.70 -4.90 -42.12
C PRO C 104 45.06 -5.49 -42.42
N LYS C 105 46.10 -4.66 -42.24
CA LYS C 105 47.45 -5.07 -42.62
C LYS C 105 48.09 -5.96 -41.56
N LYS C 106 48.26 -5.43 -40.35
CA LYS C 106 48.87 -6.18 -39.27
C LYS C 106 47.77 -6.74 -38.36
N GLN C 107 47.94 -8.00 -37.96
CA GLN C 107 46.96 -8.69 -37.12
C GLN C 107 47.62 -9.27 -35.87
N GLY C 108 48.69 -8.64 -35.40
CA GLY C 108 49.33 -9.06 -34.16
C GLY C 108 50.03 -7.89 -33.51
N TRP C 109 50.10 -7.93 -32.19
CA TRP C 109 50.71 -6.84 -31.42
C TRP C 109 51.54 -7.43 -30.29
N ASP C 110 52.72 -6.84 -30.07
CA ASP C 110 53.63 -7.37 -29.06
C ASP C 110 53.13 -7.11 -27.65
N ASN C 111 52.59 -5.92 -27.40
CA ASN C 111 52.06 -5.58 -26.08
C ASN C 111 50.94 -4.56 -26.26
N PHE C 112 50.35 -4.15 -25.14
CA PHE C 112 49.21 -3.24 -25.19
C PHE C 112 49.59 -1.87 -25.72
N GLU C 113 50.84 -1.45 -25.50
CA GLU C 113 51.26 -0.12 -25.93
C GLU C 113 51.16 0.03 -27.45
N ASP C 114 51.55 -1.00 -28.20
CA ASP C 114 51.46 -0.93 -29.65
C ASP C 114 50.02 -0.77 -30.11
N ALA C 115 49.10 -1.52 -29.52
CA ALA C 115 47.70 -1.41 -29.89
C ALA C 115 47.15 -0.02 -29.60
N PHE C 116 47.47 0.53 -28.42
CA PHE C 116 46.98 1.86 -28.09
C PHE C 116 47.57 2.92 -29.02
N SER C 117 48.84 2.78 -29.38
CA SER C 117 49.44 3.71 -30.33
C SER C 117 48.76 3.64 -31.70
N HIS C 118 48.46 2.42 -32.14
CA HIS C 118 47.74 2.25 -33.41
C HIS C 118 46.40 2.96 -33.38
N CYS C 119 45.66 2.79 -32.29
CA CYS C 119 44.36 3.44 -32.17
C CYS C 119 44.49 4.97 -32.17
N VAL C 120 45.50 5.49 -31.47
CA VAL C 120 45.69 6.94 -31.42
C VAL C 120 45.99 7.49 -32.82
N ALA C 121 46.85 6.80 -33.57
CA ALA C 121 47.16 7.24 -34.93
C ALA C 121 45.92 7.23 -35.81
N ASN C 122 45.09 6.20 -35.68
CA ASN C 122 43.85 6.15 -36.46
C ASN C 122 42.94 7.33 -36.12
N LYS C 123 42.83 7.67 -34.84
CA LYS C 123 42.01 8.81 -34.44
C LYS C 123 42.53 10.10 -35.07
N LYS C 124 43.84 10.28 -35.09
CA LYS C 124 44.40 11.49 -35.70
C LYS C 124 44.06 11.56 -37.18
N ARG C 125 44.16 10.43 -37.89
CA ARG C 125 43.80 10.41 -39.31
C ARG C 125 42.34 10.79 -39.53
N ILE C 126 41.44 10.25 -38.68
CA ILE C 126 40.03 10.56 -38.81
C ILE C 126 39.79 12.05 -38.60
N LEU C 127 40.45 12.64 -37.60
CA LEU C 127 40.28 14.07 -37.33
C LEU C 127 40.75 14.92 -38.51
N THR C 128 41.87 14.55 -39.12
CA THR C 128 42.35 15.30 -40.28
C THR C 128 41.34 15.25 -41.42
N SER C 129 40.78 14.07 -41.69
CA SER C 129 39.77 13.96 -42.74
C SER C 129 38.55 14.83 -42.45
N LEU C 130 38.09 14.81 -41.20
CA LEU C 130 36.92 15.61 -40.85
C LEU C 130 37.20 17.11 -41.00
N GLN C 131 38.39 17.54 -40.63
CA GLN C 131 38.74 18.96 -40.80
C GLN C 131 38.74 19.35 -42.27
N SER C 132 39.26 18.47 -43.14
CA SER C 132 39.21 18.75 -44.57
C SER C 132 37.77 18.87 -45.06
N LEU C 133 36.89 17.99 -44.59
CA LEU C 133 35.48 18.07 -44.97
C LEU C 133 34.87 19.42 -44.55
N TYR C 134 35.14 19.82 -43.31
CA TYR C 134 34.61 21.08 -42.81
C TYR C 134 35.11 22.25 -43.66
N GLN C 135 36.39 22.24 -44.01
CA GLN C 135 36.92 23.30 -44.86
C GLN C 135 36.23 23.33 -46.21
N CYS C 136 35.95 22.14 -46.77
CA CYS C 136 35.31 22.09 -48.08
C CYS C 136 33.90 22.67 -48.05
N CYS C 137 33.12 22.36 -47.01
CA CYS C 137 31.71 22.72 -47.00
C CYS C 137 31.41 24.02 -46.26
N GLN C 138 32.43 24.73 -45.79
CA GLN C 138 32.20 25.87 -44.90
C GLN C 138 31.62 27.08 -45.63
N SER C 139 32.04 27.31 -46.87
CA SER C 139 31.70 28.55 -47.54
C SER C 139 30.21 28.66 -47.85
N LYS C 140 29.60 27.57 -48.34
CA LYS C 140 28.22 27.62 -48.80
C LYS C 140 27.22 27.11 -47.77
N ASP C 141 27.37 25.87 -47.30
CA ASP C 141 26.37 25.22 -46.47
C ASP C 141 26.71 25.38 -45.00
N ALA C 142 25.92 26.17 -44.28
CA ALA C 142 26.14 26.36 -42.85
C ALA C 142 25.70 25.15 -42.04
N HIS C 143 24.57 24.55 -42.40
CA HIS C 143 24.07 23.40 -41.66
C HIS C 143 25.02 22.21 -41.76
N CYS C 144 25.60 22.00 -42.94
CA CYS C 144 26.54 20.89 -43.11
C CYS C 144 27.78 21.08 -42.25
N SER C 145 28.32 22.30 -42.21
CA SER C 145 29.51 22.56 -41.39
C SER C 145 29.19 22.40 -39.91
N ASN C 146 28.01 22.86 -39.49
CA ASN C 146 27.62 22.68 -38.10
C ASN C 146 27.50 21.19 -37.76
N PHE C 147 26.91 20.40 -38.66
CA PHE C 147 26.81 18.96 -38.44
C PHE C 147 28.19 18.34 -38.31
N ILE C 148 29.14 18.75 -39.16
CA ILE C 148 30.48 18.19 -39.11
C ILE C 148 31.14 18.53 -37.77
N GLN C 149 31.04 19.79 -37.34
CA GLN C 149 31.78 20.18 -36.14
C GLN C 149 31.09 19.77 -34.85
N THR C 150 29.81 19.41 -34.87
CA THR C 150 29.15 18.97 -33.64
C THR C 150 28.99 17.45 -33.56
N ASP C 151 28.42 16.82 -34.58
CA ASP C 151 28.03 15.42 -34.49
C ASP C 151 29.13 14.44 -34.84
N MET C 152 30.29 14.90 -35.30
CA MET C 152 31.35 13.99 -35.70
C MET C 152 32.68 14.19 -34.98
N MET C 153 33.02 15.41 -34.56
CA MET C 153 34.33 15.69 -34.00
C MET C 153 34.41 15.43 -32.50
N ASP C 154 33.31 15.66 -31.77
CA ASP C 154 33.33 15.57 -30.32
C ASP C 154 33.72 14.18 -29.83
N GLU C 155 33.13 13.15 -30.45
CA GLU C 155 33.45 11.77 -30.08
C GLU C 155 34.94 11.50 -30.27
N VAL C 156 35.49 11.95 -31.40
CA VAL C 156 36.89 11.70 -31.69
C VAL C 156 37.79 12.36 -30.66
N ILE C 157 37.48 13.60 -30.29
CA ILE C 157 38.30 14.32 -29.31
C ILE C 157 38.27 13.58 -27.97
N ALA C 158 37.09 13.19 -27.51
CA ALA C 158 36.97 12.52 -26.22
C ALA C 158 37.70 11.18 -26.23
N TRP C 159 37.53 10.39 -27.30
CA TRP C 159 38.19 9.10 -27.37
C TRP C 159 39.70 9.26 -27.42
N ASN C 160 40.19 10.27 -28.13
CA ASN C 160 41.64 10.50 -28.18
C ASN C 160 42.18 10.81 -26.79
N LYS C 161 41.48 11.65 -26.02
CA LYS C 161 41.95 11.94 -24.66
C LYS C 161 41.98 10.67 -23.81
N PHE C 162 40.92 9.86 -23.88
CA PHE C 162 40.88 8.64 -23.07
C PHE C 162 42.02 7.69 -23.44
N LEU C 163 42.26 7.48 -24.74
CA LEU C 163 43.30 6.57 -25.16
C LEU C 163 44.69 7.08 -24.77
N SER C 164 44.91 8.40 -24.86
CA SER C 164 46.19 8.95 -24.45
C SER C 164 46.43 8.75 -22.96
N ASP C 165 45.39 8.93 -22.14
CA ASP C 165 45.55 8.68 -20.71
C ASP C 165 45.90 7.22 -20.43
N CYS C 166 45.21 6.29 -21.11
CA CYS C 166 45.51 4.88 -20.92
C CYS C 166 46.95 4.57 -21.34
N LEU C 167 47.41 5.15 -22.45
CA LEU C 167 48.77 4.91 -22.91
C LEU C 167 49.80 5.42 -21.93
N SER C 168 49.58 6.60 -21.35
CA SER C 168 50.51 7.12 -20.36
C SER C 168 50.56 6.23 -19.14
N ASN C 169 49.40 5.77 -18.67
CA ASN C 169 49.39 4.87 -17.52
C ASN C 169 50.14 3.58 -17.81
N LEU C 170 49.93 3.02 -19.00
CA LEU C 170 50.62 1.78 -19.36
C LEU C 170 52.13 1.98 -19.43
N HIS C 171 52.57 3.10 -20.01
CA HIS C 171 54.00 3.36 -20.09
C HIS C 171 54.61 3.50 -18.70
N CYS C 172 53.89 4.16 -17.79
CA CYS C 172 54.40 4.28 -16.43
C CYS C 172 54.47 2.93 -15.72
N ILE C 173 53.45 2.08 -15.92
CA ILE C 173 53.38 0.83 -15.17
C ILE C 173 54.52 -0.11 -15.54
N GLY C 174 54.77 -0.29 -16.83
CA GLY C 174 55.78 -1.20 -17.31
C GLY C 174 55.20 -2.23 -18.24
N SER C 175 56.00 -3.25 -18.54
CA SER C 175 55.57 -4.29 -19.46
C SER C 175 55.96 -5.70 -19.01
N GLN C 176 56.42 -5.88 -17.77
CA GLN C 176 56.82 -7.19 -17.28
C GLN C 176 56.19 -7.43 -15.92
N GLY C 177 56.02 -8.71 -15.60
CA GLY C 177 55.40 -9.09 -14.34
C GLY C 177 53.89 -9.15 -14.43
N MET C 178 53.21 -8.82 -13.33
CA MET C 178 51.76 -8.87 -13.29
C MET C 178 51.10 -7.51 -13.39
N GLY C 179 51.84 -6.46 -13.71
CA GLY C 179 51.27 -5.15 -13.92
C GLY C 179 50.24 -5.08 -15.03
N PRO C 180 50.58 -5.62 -16.21
CA PRO C 180 49.58 -5.66 -17.29
C PRO C 180 48.32 -6.43 -16.93
N TRP C 181 48.43 -7.49 -16.14
CA TRP C 181 47.24 -8.26 -15.75
C TRP C 181 46.31 -7.41 -14.89
N VAL C 182 46.87 -6.71 -13.91
CA VAL C 182 46.07 -5.83 -13.06
C VAL C 182 45.44 -4.72 -13.87
N PHE C 183 46.21 -4.13 -14.80
CA PHE C 183 45.67 -3.09 -15.66
C PHE C 183 44.51 -3.61 -16.50
N ASP C 184 44.65 -4.82 -17.04
CA ASP C 184 43.58 -5.40 -17.85
C ASP C 184 42.32 -5.62 -17.04
N ARG C 185 42.46 -6.13 -15.81
CA ARG C 185 41.28 -6.32 -14.96
C ARG C 185 40.59 -4.99 -14.68
N TRP C 186 41.36 -3.96 -14.35
CA TRP C 186 40.78 -2.64 -14.11
C TRP C 186 40.09 -2.10 -15.35
N LEU C 187 40.70 -2.28 -16.52
CA LEU C 187 40.11 -1.79 -17.75
C LEU C 187 38.78 -2.47 -18.05
N ALA C 188 38.72 -3.79 -17.83
CA ALA C 188 37.45 -4.48 -18.01
C ALA C 188 36.39 -3.94 -17.06
N ARG C 189 36.77 -3.69 -15.80
CA ARG C 189 35.81 -3.17 -14.84
C ARG C 189 35.25 -1.82 -15.28
N ILE C 190 36.13 -0.92 -15.75
CA ILE C 190 35.64 0.42 -16.08
C ILE C 190 34.88 0.42 -17.40
N VAL C 191 35.25 -0.44 -18.35
CA VAL C 191 34.54 -0.47 -19.62
C VAL C 191 33.14 -1.05 -19.44
N MET C 192 33.02 -2.14 -18.67
CA MET C 192 31.72 -2.78 -18.53
C MET C 192 30.69 -1.92 -17.82
N SER C 193 31.12 -0.88 -17.11
CA SER C 193 30.19 0.00 -16.42
C SER C 193 29.44 0.92 -17.36
N LYS C 194 29.82 0.97 -18.63
CA LYS C 194 29.23 1.89 -19.59
C LYS C 194 28.58 1.19 -20.77
N PHE C 195 29.15 0.10 -21.26
CA PHE C 195 28.67 -0.54 -22.48
C PHE C 195 28.35 -2.01 -22.23
N LYS C 196 27.25 -2.46 -22.84
CA LYS C 196 26.81 -3.85 -22.76
C LYS C 196 25.97 -4.12 -23.99
N HIS C 197 26.48 -4.92 -24.92
CA HIS C 197 25.76 -5.11 -26.18
C HIS C 197 24.61 -6.08 -26.00
N PRO C 198 23.36 -5.67 -26.27
CA PRO C 198 22.24 -6.60 -26.16
C PRO C 198 22.19 -7.55 -27.34
N LYS C 199 21.48 -8.66 -27.14
CA LYS C 199 21.29 -9.64 -28.18
C LYS C 199 20.32 -9.15 -29.24
N ILE C 200 20.54 -9.60 -30.48
CA ILE C 200 19.65 -9.27 -31.59
C ILE C 200 18.62 -10.40 -31.71
N PRO C 201 17.33 -10.10 -31.61
CA PRO C 201 16.32 -11.15 -31.78
C PRO C 201 16.26 -11.63 -33.22
N SER C 202 15.79 -12.87 -33.39
CA SER C 202 15.73 -13.50 -34.70
C SER C 202 14.54 -14.44 -34.75
N LEU C 203 14.52 -15.30 -35.77
CA LEU C 203 13.46 -16.28 -35.96
C LEU C 203 14.03 -17.69 -35.78
N SER C 204 13.16 -18.62 -35.40
CA SER C 204 13.57 -20.01 -35.17
C SER C 204 12.39 -20.92 -35.44
N THR C 205 12.62 -22.22 -35.33
CA THR C 205 11.59 -23.23 -35.53
C THR C 205 11.06 -23.80 -34.22
N SER C 206 11.39 -23.19 -33.08
CA SER C 206 10.82 -23.62 -31.82
C SER C 206 9.32 -23.35 -31.79
N ASP C 207 8.57 -24.27 -31.19
CA ASP C 207 7.11 -24.21 -31.14
C ASP C 207 6.53 -24.09 -32.54
N LEU C 208 6.84 -25.10 -33.37
CA LEU C 208 6.42 -25.08 -34.76
C LEU C 208 4.90 -25.11 -34.89
N GLU C 209 4.23 -25.89 -34.03
CA GLU C 209 2.78 -26.03 -34.12
C GLU C 209 2.03 -24.76 -33.75
N SER C 210 2.70 -23.77 -33.15
CA SER C 210 2.03 -22.55 -32.75
C SER C 210 2.07 -21.46 -33.80
N ASN C 211 3.15 -21.40 -34.60
CA ASN C 211 3.31 -20.39 -35.65
C ASN C 211 3.33 -21.11 -36.98
N ILE C 212 2.15 -21.39 -37.54
CA ILE C 212 2.06 -22.31 -38.67
C ILE C 212 2.55 -21.65 -39.96
N PRO C 213 1.98 -20.53 -40.44
CA PRO C 213 2.57 -19.89 -41.62
C PRO C 213 3.96 -19.38 -41.30
N ASN C 214 4.05 -18.52 -40.29
CA ASN C 214 5.30 -18.06 -39.70
C ASN C 214 4.94 -17.24 -38.46
N GLU C 215 5.95 -16.83 -37.73
CA GLU C 215 5.72 -16.17 -36.44
C GLU C 215 5.22 -14.75 -36.60
N LEU C 216 5.71 -14.01 -37.60
CA LEU C 216 5.43 -12.58 -37.68
C LEU C 216 4.02 -12.29 -38.19
N PHE C 217 3.47 -13.16 -39.05
CA PHE C 217 2.26 -12.82 -39.79
C PHE C 217 1.06 -12.56 -38.91
N ASP C 218 1.06 -13.03 -37.67
CA ASP C 218 -0.08 -12.84 -36.78
C ASP C 218 0.14 -11.73 -35.77
N ALA C 219 1.20 -10.92 -35.92
CA ALA C 219 1.54 -9.91 -34.93
C ALA C 219 0.34 -9.01 -34.62
N GLU C 220 -0.32 -8.50 -35.65
CA GLU C 220 -1.47 -7.62 -35.45
C GLU C 220 -2.51 -8.30 -34.55
N GLY C 221 -2.82 -9.56 -34.84
CA GLY C 221 -3.79 -10.26 -34.02
C GLY C 221 -3.40 -10.28 -32.56
N ASP C 222 -2.12 -10.54 -32.29
CA ASP C 222 -1.64 -10.54 -30.91
C ASP C 222 -1.99 -9.24 -30.21
N MET C 223 -1.78 -8.11 -30.90
CA MET C 223 -2.06 -6.82 -30.30
C MET C 223 -3.50 -6.77 -29.82
N VAL C 224 -4.45 -7.20 -30.67
CA VAL C 224 -5.85 -7.18 -30.29
C VAL C 224 -6.05 -7.98 -29.01
N ARG C 225 -5.48 -9.18 -28.97
CA ARG C 225 -5.59 -10.01 -27.78
C ARG C 225 -5.13 -9.26 -26.55
N ALA C 226 -3.99 -8.59 -26.64
CA ALA C 226 -3.45 -7.90 -25.47
C ALA C 226 -4.43 -6.84 -24.98
N ILE C 227 -5.06 -6.11 -25.91
CA ILE C 227 -5.99 -5.07 -25.50
C ILE C 227 -7.16 -5.68 -24.75
N LYS C 228 -7.59 -6.88 -25.14
CA LYS C 228 -8.70 -7.51 -24.43
C LYS C 228 -8.31 -7.98 -23.04
N LYS C 229 -7.02 -8.20 -22.79
CA LYS C 229 -6.61 -8.64 -21.46
C LYS C 229 -6.62 -7.48 -20.45
N LEU C 230 -6.20 -6.29 -20.88
CA LEU C 230 -6.12 -5.15 -19.98
C LEU C 230 -7.51 -4.60 -19.66
N CYS D 22 56.26 17.12 -18.46
CA CYS D 22 55.41 16.52 -19.48
C CYS D 22 56.09 16.53 -20.84
N PRO D 23 56.34 15.36 -21.41
CA PRO D 23 56.99 15.30 -22.72
C PRO D 23 56.00 15.42 -23.88
N SER D 24 54.79 15.89 -23.59
CA SER D 24 53.75 15.98 -24.61
C SER D 24 52.99 17.29 -24.43
N ARG D 25 53.15 18.21 -25.38
CA ARG D 25 52.36 19.43 -25.44
C ARG D 25 51.98 19.78 -26.87
N HIS D 26 51.97 18.81 -27.77
CA HIS D 26 51.83 19.05 -29.21
C HIS D 26 50.36 19.18 -29.59
N ASN D 27 50.09 19.09 -30.90
CA ASN D 27 48.76 19.18 -31.51
C ASN D 27 48.17 20.59 -31.39
N PHE D 28 47.90 21.03 -30.16
CA PHE D 28 47.27 22.32 -29.96
C PHE D 28 48.20 23.46 -30.40
N ASP D 29 47.63 24.43 -31.11
CA ASP D 29 48.41 25.56 -31.61
C ASP D 29 48.89 26.42 -30.44
N PRO D 30 50.19 26.72 -30.36
CA PRO D 30 50.69 27.47 -29.19
C PRO D 30 50.08 28.85 -29.00
N GLU D 31 49.80 29.57 -30.08
CA GLU D 31 49.20 30.90 -29.94
C GLU D 31 47.81 30.80 -29.33
N CYS D 32 47.01 29.82 -29.78
CA CYS D 32 45.70 29.60 -29.19
C CYS D 32 45.82 29.25 -27.72
N GLU D 33 46.82 28.43 -27.37
CA GLU D 33 47.03 28.08 -25.97
C GLU D 33 47.33 29.32 -25.13
N LYS D 34 48.19 30.20 -25.62
CA LYS D 34 48.54 31.41 -24.89
C LYS D 34 47.30 32.29 -24.68
N ALA D 35 46.51 32.47 -25.74
CA ALA D 35 45.31 33.30 -25.62
C ALA D 35 44.31 32.68 -24.66
N PHE D 36 44.17 31.36 -24.68
CA PHE D 36 43.27 30.69 -23.75
C PHE D 36 43.70 30.90 -22.30
N VAL D 37 45.01 30.81 -22.03
CA VAL D 37 45.50 31.02 -20.67
C VAL D 37 45.23 32.46 -20.24
N GLU D 38 45.42 33.42 -21.14
CA GLU D 38 45.11 34.80 -20.82
C GLU D 38 43.64 34.98 -20.44
N HIS D 39 42.74 34.37 -21.21
CA HIS D 39 41.32 34.49 -20.88
C HIS D 39 40.98 33.79 -19.56
N ILE D 40 41.67 32.69 -19.25
CA ILE D 40 41.47 32.03 -17.96
C ILE D 40 41.79 33.00 -16.82
N HIS D 41 42.90 33.72 -16.95
CA HIS D 41 43.26 34.67 -15.90
C HIS D 41 42.24 35.80 -15.81
N LEU D 42 41.69 36.22 -16.95
CA LEU D 42 40.64 37.24 -16.91
C LEU D 42 39.43 36.76 -16.13
N GLU D 43 39.00 35.52 -16.36
CA GLU D 43 37.85 34.97 -15.64
C GLU D 43 38.14 34.87 -14.14
N LEU D 44 39.36 34.45 -13.79
CA LEU D 44 39.72 34.37 -12.37
C LEU D 44 39.66 35.75 -11.71
N ALA D 45 40.14 36.78 -12.42
CA ALA D 45 40.08 38.13 -11.86
C ALA D 45 38.64 38.58 -11.64
N SER D 46 37.75 38.27 -12.58
CA SER D 46 36.34 38.62 -12.41
C SER D 46 35.75 37.92 -11.18
N SER D 47 36.06 36.63 -11.02
CA SER D 47 35.58 35.90 -9.85
C SER D 47 36.08 36.53 -8.57
N TYR D 48 37.35 36.93 -8.53
CA TYR D 48 37.89 37.58 -7.33
C TYR D 48 37.19 38.91 -7.06
N HIS D 49 36.91 39.68 -8.11
CA HIS D 49 36.30 40.99 -7.87
C HIS D 49 34.87 40.88 -7.37
N ALA D 50 34.15 39.80 -7.71
CA ALA D 50 32.82 39.63 -7.15
C ALA D 50 32.85 39.49 -5.62
N TRP D 51 33.94 38.93 -5.09
CA TRP D 51 34.06 38.74 -3.64
C TRP D 51 34.04 40.07 -2.89
N SER D 52 34.71 41.08 -3.44
CA SER D 52 34.75 42.38 -2.78
C SER D 52 33.36 43.00 -2.67
N MET D 53 32.57 42.92 -3.74
CA MET D 53 31.20 43.42 -3.68
C MET D 53 30.37 42.64 -2.65
N TRP D 54 30.53 41.32 -2.63
CA TRP D 54 29.82 40.52 -1.64
C TRP D 54 30.16 40.96 -0.23
N ALA D 55 31.45 41.20 0.04
CA ALA D 55 31.86 41.63 1.38
C ALA D 55 31.36 43.03 1.70
N PHE D 56 31.33 43.91 0.69
CA PHE D 56 30.88 45.28 0.93
C PHE D 56 29.40 45.32 1.31
N TYR D 57 28.56 44.54 0.62
CA TYR D 57 27.14 44.67 0.87
C TYR D 57 26.66 43.87 2.08
N ALA D 58 27.55 43.12 2.74
CA ALA D 58 27.20 42.36 3.94
C ALA D 58 27.56 43.07 5.23
N ARG D 59 28.06 44.30 5.16
CA ARG D 59 28.40 45.05 6.37
C ARG D 59 27.13 45.34 7.17
N ASP D 60 27.30 45.48 8.49
CA ASP D 60 26.16 45.71 9.36
C ASP D 60 25.51 47.06 9.13
N CYS D 61 26.20 47.98 8.46
CA CYS D 61 25.64 49.27 8.12
C CYS D 61 25.06 49.32 6.71
N LYS D 62 25.13 48.21 5.97
CA LYS D 62 24.53 48.12 4.64
C LYS D 62 23.39 47.12 4.62
N ALA D 63 23.66 45.85 4.94
CA ALA D 63 22.67 44.80 5.13
C ALA D 63 21.69 44.73 3.96
N ALA D 64 22.22 44.43 2.77
CA ALA D 64 21.43 44.25 1.57
C ALA D 64 21.51 42.79 1.16
N VAL D 65 20.46 42.03 1.45
CA VAL D 65 20.50 40.58 1.28
C VAL D 65 20.52 40.21 -0.20
N GLY D 66 19.73 40.91 -1.03
CA GLY D 66 19.64 40.55 -2.44
C GLY D 66 20.96 40.72 -3.16
N MET D 67 21.64 41.85 -2.94
CA MET D 67 22.92 42.07 -3.57
C MET D 67 23.95 41.05 -3.11
N THR D 68 23.91 40.68 -1.83
CA THR D 68 24.80 39.66 -1.30
C THR D 68 24.62 38.34 -2.04
N ARG D 69 23.36 37.89 -2.18
CA ARG D 69 23.10 36.64 -2.87
C ARG D 69 23.56 36.71 -4.33
N LEU D 70 23.26 37.82 -5.00
CA LEU D 70 23.63 37.95 -6.41
C LEU D 70 25.14 37.90 -6.59
N CYS D 71 25.89 38.61 -5.74
CA CYS D 71 27.34 38.64 -5.88
C CYS D 71 27.96 37.27 -5.59
N GLU D 72 27.44 36.56 -4.58
CA GLU D 72 27.93 35.22 -4.30
C GLU D 72 27.71 34.29 -5.51
N TRP D 73 26.52 34.34 -6.09
CA TRP D 73 26.22 33.53 -7.26
C TRP D 73 27.15 33.87 -8.42
N ALA D 74 27.40 35.15 -8.65
CA ALA D 74 28.26 35.56 -9.75
C ALA D 74 29.69 35.06 -9.56
N SER D 75 30.20 35.14 -8.33
CA SER D 75 31.57 34.66 -8.10
C SER D 75 31.68 33.16 -8.38
N HIS D 76 30.70 32.39 -7.92
CA HIS D 76 30.76 30.94 -8.18
C HIS D 76 30.67 30.65 -9.68
N VAL D 77 29.82 31.38 -10.40
CA VAL D 77 29.69 31.16 -11.84
C VAL D 77 31.01 31.44 -12.55
N SER D 78 31.67 32.54 -12.20
CA SER D 78 32.95 32.87 -12.84
C SER D 78 34.01 31.82 -12.55
N ALA D 79 34.07 31.33 -11.30
CA ALA D 79 35.04 30.29 -10.98
C ALA D 79 34.79 29.03 -11.82
N GLN D 80 33.52 28.64 -11.98
CA GLN D 80 33.21 27.48 -12.79
C GLN D 80 33.62 27.68 -14.25
N ARG D 81 33.42 28.89 -14.78
CA ARG D 81 33.81 29.16 -16.16
C ARG D 81 35.33 29.02 -16.34
N ALA D 82 36.10 29.55 -15.39
CA ALA D 82 37.56 29.41 -15.49
C ALA D 82 37.97 27.95 -15.45
N ARG D 83 37.34 27.17 -14.56
CA ARG D 83 37.65 25.73 -14.49
C ARG D 83 37.33 25.04 -15.81
N ARG D 84 36.21 25.40 -16.43
CA ARG D 84 35.82 24.77 -17.70
C ARG D 84 36.83 25.07 -18.80
N MET D 85 37.28 26.32 -18.90
CA MET D 85 38.26 26.64 -19.94
C MET D 85 39.58 25.92 -19.71
N ALA D 86 40.03 25.84 -18.45
CA ALA D 86 41.25 25.10 -18.16
C ALA D 86 41.10 23.62 -18.53
N ALA D 87 39.94 23.03 -18.23
CA ALA D 87 39.70 21.64 -18.58
C ALA D 87 39.74 21.44 -20.09
N TYR D 88 39.18 22.38 -20.85
CA TYR D 88 39.24 22.24 -22.30
C TYR D 88 40.68 22.30 -22.80
N VAL D 89 41.49 23.20 -22.25
CA VAL D 89 42.88 23.27 -22.68
C VAL D 89 43.58 21.96 -22.38
N LEU D 90 43.34 21.38 -21.19
CA LEU D 90 43.99 20.12 -20.84
C LEU D 90 43.52 18.97 -21.72
N THR D 91 42.26 18.99 -22.15
CA THR D 91 41.75 17.89 -22.98
C THR D 91 42.45 17.84 -24.33
N ARG D 92 42.78 18.99 -24.91
CA ARG D 92 43.44 19.03 -26.20
C ARG D 92 44.93 18.73 -26.12
N GLY D 93 45.48 18.57 -24.93
CA GLY D 93 46.87 18.19 -24.77
C GLY D 93 47.83 19.30 -24.40
N GLY D 94 47.33 20.47 -23.99
CA GLY D 94 48.19 21.58 -23.64
C GLY D 94 48.51 21.63 -22.15
N HIS D 95 49.21 22.70 -21.77
CA HIS D 95 49.57 22.97 -20.39
C HIS D 95 48.97 24.30 -19.96
N VAL D 96 48.71 24.44 -18.66
CA VAL D 96 48.18 25.67 -18.09
C VAL D 96 49.18 26.19 -17.08
N ASP D 97 49.61 27.44 -17.26
CA ASP D 97 50.53 28.10 -16.33
C ASP D 97 49.81 29.25 -15.66
N TYR D 98 49.87 29.29 -14.34
CA TYR D 98 49.15 30.27 -13.55
C TYR D 98 50.08 31.39 -13.09
N LYS D 99 49.53 32.60 -13.00
CA LYS D 99 50.30 33.75 -12.59
C LYS D 99 49.47 34.58 -11.61
N GLU D 100 49.93 35.79 -11.36
CA GLU D 100 49.43 36.64 -10.30
C GLU D 100 48.04 37.19 -10.62
N ILE D 101 47.23 37.31 -9.57
CA ILE D 101 45.86 37.81 -9.68
C ILE D 101 45.81 39.21 -9.04
N PRO D 102 45.51 40.25 -9.80
CA PRO D 102 45.53 41.61 -9.22
C PRO D 102 44.33 41.88 -8.33
N ALA D 103 44.51 42.86 -7.44
CA ALA D 103 43.47 43.29 -6.53
C ALA D 103 42.46 44.20 -7.24
N PRO D 104 41.20 44.18 -6.82
CA PRO D 104 40.22 45.12 -7.39
C PRO D 104 40.55 46.55 -7.02
N LYS D 105 40.19 47.47 -7.92
CA LYS D 105 40.57 48.87 -7.73
C LYS D 105 39.63 49.59 -6.77
N LYS D 106 38.35 49.66 -7.09
CA LYS D 106 37.37 50.32 -6.25
C LYS D 106 36.63 49.28 -5.41
N GLN D 107 36.43 49.59 -4.13
CA GLN D 107 35.77 48.68 -3.21
C GLN D 107 34.59 49.36 -2.51
N GLY D 108 33.98 50.34 -3.16
CA GLY D 108 32.80 50.99 -2.62
C GLY D 108 31.93 51.52 -3.73
N TRP D 109 30.63 51.56 -3.48
CA TRP D 109 29.66 52.01 -4.48
C TRP D 109 28.61 52.88 -3.80
N ASP D 110 28.24 53.97 -4.48
CA ASP D 110 27.29 54.91 -3.90
C ASP D 110 25.88 54.34 -3.85
N ASN D 111 25.46 53.65 -4.92
CA ASN D 111 24.13 53.05 -4.96
C ASN D 111 24.19 51.82 -5.87
N PHE D 112 23.05 51.16 -6.01
CA PHE D 112 22.99 49.92 -6.77
C PHE D 112 23.29 50.14 -8.25
N GLU D 113 22.94 51.33 -8.77
CA GLU D 113 23.13 51.59 -10.20
C GLU D 113 24.60 51.52 -10.59
N ASP D 114 25.49 52.05 -9.75
CA ASP D 114 26.91 51.99 -10.05
C ASP D 114 27.41 50.56 -10.13
N ALA D 115 26.99 49.71 -9.18
CA ALA D 115 27.41 48.32 -9.19
C ALA D 115 26.92 47.60 -10.44
N PHE D 116 25.65 47.82 -10.81
CA PHE D 116 25.12 47.16 -12.00
C PHE D 116 25.84 47.64 -13.26
N SER D 117 26.16 48.93 -13.33
CA SER D 117 26.91 49.44 -14.48
C SER D 117 28.30 48.81 -14.56
N HIS D 118 28.97 48.67 -13.41
CA HIS D 118 30.27 48.02 -13.37
C HIS D 118 30.19 46.59 -13.91
N CYS D 119 29.18 45.85 -13.47
CA CYS D 119 29.02 44.48 -13.94
C CYS D 119 28.76 44.42 -15.45
N VAL D 120 27.93 45.34 -15.96
CA VAL D 120 27.63 45.36 -17.39
C VAL D 120 28.90 45.63 -18.20
N ALA D 121 29.72 46.58 -17.75
CA ALA D 121 30.97 46.87 -18.45
C ALA D 121 31.90 45.67 -18.45
N ASN D 122 31.98 44.96 -17.32
CA ASN D 122 32.82 43.77 -17.26
C ASN D 122 32.33 42.70 -18.25
N LYS D 123 31.02 42.52 -18.35
CA LYS D 123 30.48 41.56 -19.30
C LYS D 123 30.86 41.93 -20.74
N LYS D 124 30.77 43.22 -21.06
CA LYS D 124 31.16 43.64 -22.41
C LYS D 124 32.63 43.33 -22.69
N ARG D 125 33.51 43.59 -21.72
CA ARG D 125 34.92 43.27 -21.91
C ARG D 125 35.13 41.79 -22.14
N ILE D 126 34.44 40.94 -21.37
CA ILE D 126 34.58 39.50 -21.53
C ILE D 126 34.14 39.07 -22.94
N LEU D 127 33.03 39.63 -23.41
CA LEU D 127 32.54 39.28 -24.74
C LEU D 127 33.53 39.67 -25.83
N THR D 128 34.15 40.85 -25.70
CA THR D 128 35.14 41.26 -26.68
C THR D 128 36.32 40.30 -26.72
N SER D 129 36.80 39.90 -25.54
CA SER D 129 37.91 38.94 -25.50
C SER D 129 37.54 37.62 -26.15
N LEU D 130 36.33 37.12 -25.87
CA LEU D 130 35.91 35.85 -26.46
C LEU D 130 35.80 35.95 -27.98
N GLN D 131 35.31 37.08 -28.48
CA GLN D 131 35.22 37.26 -29.93
C GLN D 131 36.61 37.25 -30.57
N SER D 132 37.58 37.90 -29.92
CA SER D 132 38.95 37.85 -30.43
C SER D 132 39.48 36.42 -30.47
N LEU D 133 39.21 35.64 -29.42
CA LEU D 133 39.63 34.25 -29.40
C LEU D 133 39.02 33.46 -30.58
N TYR D 134 37.72 33.65 -30.80
CA TYR D 134 37.05 32.95 -31.88
C TYR D 134 37.66 33.33 -33.23
N GLN D 135 37.95 34.61 -33.43
CA GLN D 135 38.59 35.03 -34.67
C GLN D 135 39.95 34.38 -34.84
N CYS D 136 40.72 34.27 -33.75
CA CYS D 136 42.04 33.67 -33.84
C CYS D 136 41.98 32.20 -34.25
N CYS D 137 41.05 31.43 -33.67
CA CYS D 137 41.05 29.99 -33.86
C CYS D 137 40.12 29.52 -34.98
N GLN D 138 39.49 30.43 -35.71
CA GLN D 138 38.44 30.04 -36.64
C GLN D 138 38.98 29.34 -37.88
N SER D 139 40.14 29.76 -38.37
CA SER D 139 40.62 29.29 -39.66
C SER D 139 40.98 27.80 -39.64
N LYS D 140 41.65 27.34 -38.59
CA LYS D 140 42.18 25.98 -38.56
C LYS D 140 41.30 25.02 -37.77
N ASP D 141 41.03 25.31 -36.50
CA ASP D 141 40.37 24.37 -35.60
C ASP D 141 38.87 24.66 -35.56
N ALA D 142 38.07 23.75 -36.11
CA ALA D 142 36.62 23.91 -36.07
C ALA D 142 36.04 23.60 -34.70
N HIS D 143 36.55 22.56 -34.05
CA HIS D 143 36.03 22.18 -32.74
C HIS D 143 36.28 23.28 -31.70
N CYS D 144 37.46 23.90 -31.76
CA CYS D 144 37.76 24.98 -30.82
C CYS D 144 36.82 26.17 -31.00
N SER D 145 36.56 26.55 -32.25
CA SER D 145 35.65 27.67 -32.50
C SER D 145 34.23 27.33 -32.06
N ASN D 146 33.80 26.10 -32.30
CA ASN D 146 32.47 25.69 -31.84
C ASN D 146 32.39 25.74 -30.31
N PHE D 147 33.44 25.29 -29.63
CA PHE D 147 33.46 25.35 -28.16
C PHE D 147 33.37 26.80 -27.69
N ILE D 148 34.10 27.71 -28.35
CA ILE D 148 34.06 29.11 -27.94
C ILE D 148 32.67 29.68 -28.13
N GLN D 149 32.04 29.41 -29.26
CA GLN D 149 30.76 30.07 -29.55
C GLN D 149 29.59 29.40 -28.84
N THR D 150 29.73 28.17 -28.34
CA THR D 150 28.62 27.54 -27.63
C THR D 150 28.80 27.56 -26.11
N ASP D 151 29.94 27.10 -25.60
CA ASP D 151 30.10 26.88 -24.18
C ASP D 151 30.56 28.10 -23.40
N MET D 152 30.87 29.22 -24.06
CA MET D 152 31.37 30.39 -23.36
C MET D 152 30.57 31.66 -23.59
N MET D 153 29.94 31.83 -24.75
CA MET D 153 29.27 33.09 -25.08
C MET D 153 27.83 33.16 -24.58
N ASP D 154 27.13 32.02 -24.55
CA ASP D 154 25.71 32.01 -24.22
C ASP D 154 25.44 32.55 -22.82
N GLU D 155 26.24 32.11 -21.84
CA GLU D 155 26.10 32.59 -20.48
C GLU D 155 26.26 34.10 -20.41
N VAL D 156 27.27 34.62 -21.11
CA VAL D 156 27.53 36.06 -21.08
C VAL D 156 26.37 36.83 -21.66
N ILE D 157 25.81 36.37 -22.77
CA ILE D 157 24.68 37.07 -23.40
C ILE D 157 23.49 37.09 -22.45
N ALA D 158 23.16 35.95 -21.85
CA ALA D 158 22.01 35.88 -20.96
C ALA D 158 22.20 36.77 -19.74
N TRP D 159 23.39 36.72 -19.13
CA TRP D 159 23.65 37.53 -17.95
C TRP D 159 23.59 39.02 -18.29
N ASN D 160 24.09 39.41 -19.45
CA ASN D 160 24.04 40.81 -19.86
C ASN D 160 22.59 41.28 -19.99
N LYS D 161 21.73 40.46 -20.60
CA LYS D 161 20.33 40.85 -20.70
C LYS D 161 19.69 41.01 -19.32
N PHE D 162 19.95 40.06 -18.42
CA PHE D 162 19.36 40.14 -17.08
C PHE D 162 19.82 41.40 -16.34
N LEU D 163 21.12 41.70 -16.39
CA LEU D 163 21.64 42.86 -15.69
C LEU D 163 21.11 44.16 -16.29
N SER D 164 20.97 44.22 -17.61
CA SER D 164 20.40 45.42 -18.24
C SER D 164 18.97 45.64 -17.81
N ASP D 165 18.17 44.56 -17.73
CA ASP D 165 16.79 44.70 -17.27
C ASP D 165 16.75 45.22 -15.83
N CYS D 166 17.60 44.67 -14.96
CA CYS D 166 17.64 45.14 -13.58
C CYS D 166 18.03 46.62 -13.51
N LEU D 167 19.01 47.03 -14.32
CA LEU D 167 19.44 48.42 -14.32
C LEU D 167 18.32 49.36 -14.76
N SER D 168 17.59 48.97 -15.81
CA SER D 168 16.48 49.81 -16.25
C SER D 168 15.41 49.94 -15.17
N ASN D 169 15.08 48.82 -14.51
CA ASN D 169 14.10 48.89 -13.44
C ASN D 169 14.57 49.81 -12.31
N LEU D 170 15.85 49.70 -11.93
CA LEU D 170 16.37 50.55 -10.86
C LEU D 170 16.33 52.02 -11.25
N HIS D 171 16.70 52.34 -12.49
CA HIS D 171 16.66 53.73 -12.92
C HIS D 171 15.24 54.28 -12.89
N CYS D 172 14.27 53.45 -13.30
CA CYS D 172 12.88 53.91 -13.24
C CYS D 172 12.41 54.12 -11.82
N ILE D 173 12.79 53.22 -10.90
CA ILE D 173 12.26 53.28 -9.54
C ILE D 173 12.73 54.53 -8.82
N GLY D 174 14.01 54.84 -8.89
CA GLY D 174 14.59 55.97 -8.20
C GLY D 174 15.70 55.54 -7.27
N SER D 175 16.14 56.47 -6.42
CA SER D 175 17.24 56.20 -5.51
C SER D 175 17.00 56.75 -4.10
N GLN D 176 15.80 57.18 -3.77
CA GLN D 176 15.50 57.73 -2.45
C GLN D 176 14.23 57.09 -1.91
N GLY D 177 14.13 57.07 -0.58
CA GLY D 177 12.99 56.47 0.07
C GLY D 177 13.15 54.98 0.29
N MET D 178 12.06 54.24 0.23
CA MET D 178 12.09 52.80 0.46
C MET D 178 12.00 51.98 -0.82
N GLY D 179 12.11 52.60 -1.99
CA GLY D 179 12.12 51.88 -3.24
C GLY D 179 13.25 50.88 -3.37
N PRO D 180 14.49 51.31 -3.09
CA PRO D 180 15.60 50.35 -3.11
C PRO D 180 15.44 49.19 -2.16
N TRP D 181 14.83 49.41 -0.99
CA TRP D 181 14.63 48.31 -0.04
C TRP D 181 13.69 47.26 -0.62
N VAL D 182 12.58 47.70 -1.20
CA VAL D 182 11.63 46.78 -1.82
C VAL D 182 12.28 46.04 -2.98
N PHE D 183 13.06 46.76 -3.80
CA PHE D 183 13.76 46.12 -4.90
C PHE D 183 14.73 45.06 -4.40
N ASP D 184 15.45 45.35 -3.32
CA ASP D 184 16.41 44.39 -2.77
C ASP D 184 15.70 43.14 -2.27
N ARG D 185 14.56 43.31 -1.58
CA ARG D 185 13.82 42.14 -1.12
C ARG D 185 13.35 41.29 -2.28
N TRP D 186 12.82 41.92 -3.33
CA TRP D 186 12.38 41.18 -4.51
C TRP D 186 13.56 40.46 -5.17
N LEU D 187 14.71 41.11 -5.26
CA LEU D 187 15.87 40.51 -5.89
C LEU D 187 16.34 39.28 -5.11
N ALA D 188 16.35 39.37 -3.78
CA ALA D 188 16.69 38.20 -2.99
C ALA D 188 15.73 37.05 -3.24
N ARG D 189 14.43 37.37 -3.31
CA ARG D 189 13.43 36.32 -3.55
C ARG D 189 13.67 35.62 -4.88
N ILE D 190 13.95 36.40 -5.94
CA ILE D 190 14.07 35.75 -7.25
C ILE D 190 15.41 35.04 -7.39
N VAL D 191 16.47 35.54 -6.75
CA VAL D 191 17.76 34.87 -6.85
C VAL D 191 17.75 33.54 -6.09
N MET D 192 17.17 33.54 -4.88
CA MET D 192 17.20 32.32 -4.08
C MET D 192 16.41 31.17 -4.69
N SER D 193 15.52 31.45 -5.62
CA SER D 193 14.74 30.41 -6.27
C SER D 193 15.55 29.57 -7.24
N LYS D 194 16.77 29.98 -7.55
CA LYS D 194 17.59 29.31 -8.54
C LYS D 194 18.90 28.78 -7.98
N PHE D 195 19.54 29.49 -7.06
CA PHE D 195 20.87 29.13 -6.59
C PHE D 195 20.88 28.98 -5.08
N LYS D 196 21.60 27.97 -4.61
CA LYS D 196 21.78 27.70 -3.19
C LYS D 196 23.07 26.93 -3.03
N HIS D 197 24.11 27.55 -2.47
CA HIS D 197 25.40 26.90 -2.40
C HIS D 197 25.44 25.87 -1.29
N PRO D 198 25.70 24.60 -1.60
CA PRO D 198 25.80 23.59 -0.54
C PRO D 198 27.13 23.69 0.20
N LYS D 199 27.14 23.12 1.40
CA LYS D 199 28.34 23.08 2.21
C LYS D 199 29.34 22.09 1.65
N ILE D 200 30.63 22.38 1.86
CA ILE D 200 31.71 21.50 1.45
C ILE D 200 32.06 20.62 2.65
N PRO D 201 31.98 19.30 2.53
CA PRO D 201 32.37 18.43 3.65
C PRO D 201 33.87 18.46 3.88
N SER D 202 34.27 18.15 5.11
CA SER D 202 35.66 18.21 5.51
C SER D 202 35.92 17.15 6.57
N LEU D 203 37.08 17.25 7.23
CA LEU D 203 37.47 16.33 8.29
C LEU D 203 37.50 17.06 9.63
N SER D 204 37.32 16.31 10.71
CA SER D 204 37.30 16.87 12.05
C SER D 204 37.78 15.82 13.04
N THR D 205 37.87 16.21 14.31
CA THR D 205 38.28 15.31 15.38
C THR D 205 37.11 14.81 16.22
N SER D 206 35.87 15.04 15.78
CA SER D 206 34.73 14.49 16.47
C SER D 206 34.73 12.97 16.39
N ASP D 207 34.32 12.32 17.48
CA ASP D 207 34.33 10.86 17.60
C ASP D 207 35.72 10.31 17.31
N LEU D 208 36.68 10.77 18.12
CA LEU D 208 38.07 10.38 17.92
C LEU D 208 38.28 8.88 18.10
N GLU D 209 37.60 8.29 19.08
CA GLU D 209 37.77 6.87 19.38
C GLU D 209 37.24 5.96 18.28
N SER D 210 36.45 6.48 17.34
CA SER D 210 35.89 5.66 16.29
C SER D 210 36.74 5.60 15.03
N ASN D 211 37.47 6.68 14.72
CA ASN D 211 38.32 6.75 13.53
C ASN D 211 39.76 6.89 14.01
N ILE D 212 40.41 5.78 14.33
CA ILE D 212 41.67 5.83 15.04
C ILE D 212 42.81 6.27 14.13
N PRO D 213 43.13 5.58 13.01
CA PRO D 213 44.16 6.12 12.12
C PRO D 213 43.69 7.43 11.51
N ASN D 214 42.55 7.38 10.83
CA ASN D 214 41.84 8.56 10.34
C ASN D 214 40.50 8.06 9.79
N GLU D 215 39.66 9.00 9.39
CA GLU D 215 38.29 8.65 9.00
C GLU D 215 38.24 7.99 7.63
N LEU D 216 39.08 8.41 6.68
CA LEU D 216 38.94 7.96 5.31
C LEU D 216 39.46 6.54 5.10
N PHE D 217 40.48 6.13 5.86
CA PHE D 217 41.22 4.91 5.54
C PHE D 217 40.35 3.65 5.58
N ASP D 218 39.21 3.69 6.25
CA ASP D 218 38.36 2.50 6.35
C ASP D 218 37.16 2.56 5.40
N ALA D 219 37.13 3.51 4.47
CA ALA D 219 35.97 3.69 3.60
C ALA D 219 35.57 2.40 2.92
N GLU D 220 36.54 1.70 2.31
CA GLU D 220 36.25 0.45 1.62
C GLU D 220 35.53 -0.52 2.56
N GLY D 221 36.03 -0.67 3.78
CA GLY D 221 35.39 -1.57 4.72
C GLY D 221 33.94 -1.22 4.93
N ASP D 222 33.65 0.08 5.09
CA ASP D 222 32.27 0.51 5.27
C ASP D 222 31.38 -0.01 4.15
N MET D 223 31.87 0.08 2.91
CA MET D 223 31.07 -0.38 1.78
C MET D 223 30.66 -1.83 1.97
N VAL D 224 31.62 -2.69 2.35
CA VAL D 224 31.30 -4.10 2.56
C VAL D 224 30.18 -4.23 3.59
N ARG D 225 30.32 -3.52 4.71
CA ARG D 225 29.28 -3.56 5.74
C ARG D 225 27.93 -3.23 5.16
N ALA D 226 27.85 -2.17 4.35
CA ALA D 226 26.56 -1.76 3.81
C ALA D 226 25.95 -2.88 2.97
N ILE D 227 26.78 -3.56 2.18
CA ILE D 227 26.24 -4.62 1.34
C ILE D 227 25.66 -5.73 2.19
N LYS D 228 26.26 -6.00 3.35
CA LYS D 228 25.72 -7.04 4.21
C LYS D 228 24.41 -6.64 4.87
N LYS D 229 24.13 -5.34 4.97
CA LYS D 229 22.87 -4.91 5.57
C LYS D 229 21.69 -5.09 4.62
N LEU D 230 21.90 -4.81 3.34
CA LEU D 230 20.83 -4.90 2.36
C LEU D 230 20.48 -6.35 2.04
N CYS E 22 -18.60 58.18 -8.27
CA CYS E 22 -18.18 57.46 -9.48
C CYS E 22 -18.39 58.32 -10.72
N PRO E 23 -17.31 58.63 -11.42
CA PRO E 23 -17.44 59.45 -12.64
C PRO E 23 -17.76 58.62 -13.88
N SER E 24 -18.20 57.38 -13.68
CA SER E 24 -18.47 56.48 -14.80
C SER E 24 -19.74 55.70 -14.51
N ARG E 25 -20.80 55.99 -15.29
CA ARG E 25 -22.03 55.21 -15.25
C ARG E 25 -22.60 55.02 -16.65
N HIS E 26 -21.78 55.12 -17.68
CA HIS E 26 -22.24 55.17 -19.07
C HIS E 26 -22.45 53.76 -19.62
N ASN E 27 -22.57 53.67 -20.94
CA ASN E 27 -22.79 52.43 -21.70
C ASN E 27 -24.16 51.82 -21.44
N PHE E 28 -24.42 51.40 -20.21
CA PHE E 28 -25.68 50.75 -19.89
C PHE E 28 -26.85 51.72 -20.03
N ASP E 29 -27.93 51.25 -20.64
CA ASP E 29 -29.10 52.09 -20.86
C ASP E 29 -29.77 52.42 -19.53
N PRO E 30 -30.03 53.70 -19.23
CA PRO E 30 -30.58 54.04 -17.91
C PRO E 30 -31.92 53.42 -17.58
N GLU E 31 -32.81 53.27 -18.57
CA GLU E 31 -34.11 52.66 -18.30
C GLU E 31 -33.95 51.20 -17.90
N CYS E 32 -33.07 50.47 -18.60
CA CYS E 32 -32.79 49.09 -18.21
C CYS E 32 -32.21 49.02 -16.81
N GLU E 33 -31.33 49.97 -16.46
CA GLU E 33 -30.76 50.00 -15.12
C GLU E 33 -31.85 50.19 -14.07
N LYS E 34 -32.78 51.11 -14.31
CA LYS E 34 -33.86 51.35 -13.36
C LYS E 34 -34.72 50.10 -13.18
N ALA E 35 -35.08 49.46 -14.30
CA ALA E 35 -35.90 48.25 -14.20
C ALA E 35 -35.16 47.13 -13.48
N PHE E 36 -33.86 46.99 -13.72
CA PHE E 36 -33.08 45.98 -13.03
C PHE E 36 -33.06 46.22 -11.52
N VAL E 37 -32.90 47.48 -11.11
CA VAL E 37 -32.89 47.80 -9.68
C VAL E 37 -34.26 47.47 -9.06
N GLU E 38 -35.34 47.78 -9.77
CA GLU E 38 -36.66 47.42 -9.29
C GLU E 38 -36.80 45.92 -9.07
N HIS E 39 -36.34 45.12 -10.04
CA HIS E 39 -36.44 43.68 -9.88
C HIS E 39 -35.55 43.17 -8.73
N ILE E 40 -34.40 43.81 -8.51
CA ILE E 40 -33.56 43.45 -7.38
C ILE E 40 -34.33 43.62 -6.08
N HIS E 41 -35.04 44.73 -5.95
CA HIS E 41 -35.82 44.96 -4.73
C HIS E 41 -36.94 43.93 -4.59
N LEU E 42 -37.54 43.54 -5.72
CA LEU E 42 -38.57 42.49 -5.66
C LEU E 42 -37.99 41.19 -5.12
N GLU E 43 -36.81 40.79 -5.59
CA GLU E 43 -36.18 39.56 -5.11
C GLU E 43 -35.85 39.66 -3.63
N LEU E 44 -35.36 40.81 -3.19
CA LEU E 44 -35.06 40.99 -1.77
C LEU E 44 -36.31 40.85 -0.92
N ALA E 45 -37.43 41.41 -1.39
CA ALA E 45 -38.68 41.29 -0.65
C ALA E 45 -39.12 39.83 -0.54
N SER E 46 -38.97 39.07 -1.63
CA SER E 46 -39.33 37.65 -1.58
C SER E 46 -38.46 36.90 -0.56
N SER E 47 -37.16 37.19 -0.56
CA SER E 47 -36.27 36.56 0.41
C SER E 47 -36.68 36.89 1.83
N TYR E 48 -37.05 38.15 2.09
CA TYR E 48 -37.50 38.53 3.43
C TYR E 48 -38.77 37.80 3.82
N HIS E 49 -39.71 37.65 2.87
CA HIS E 49 -40.98 37.02 3.22
C HIS E 49 -40.82 35.54 3.52
N ALA E 50 -39.82 34.87 2.92
CA ALA E 50 -39.59 33.48 3.28
C ALA E 50 -39.22 33.31 4.75
N TRP E 51 -38.57 34.32 5.34
CA TRP E 51 -38.15 34.25 6.74
C TRP E 51 -39.35 34.14 7.67
N SER E 52 -40.42 34.87 7.38
CA SER E 52 -41.61 34.82 8.23
C SER E 52 -42.23 33.43 8.25
N MET E 53 -42.32 32.79 7.09
CA MET E 53 -42.84 31.42 7.05
C MET E 53 -41.93 30.47 7.83
N TRP E 54 -40.62 30.62 7.67
CA TRP E 54 -39.69 29.79 8.43
C TRP E 54 -39.91 29.94 9.93
N ALA E 55 -40.08 31.18 10.39
CA ALA E 55 -40.29 31.42 11.82
C ALA E 55 -41.63 30.88 12.28
N PHE E 56 -42.66 30.98 11.43
CA PHE E 56 -43.98 30.50 11.81
C PHE E 56 -43.99 28.99 12.01
N TYR E 57 -43.35 28.25 11.11
CA TYR E 57 -43.46 26.81 11.19
C TYR E 57 -42.49 26.18 12.19
N ALA E 58 -41.64 26.98 12.84
CA ALA E 58 -40.71 26.47 13.84
C ALA E 58 -41.21 26.66 15.27
N ARG E 59 -42.43 27.17 15.45
CA ARG E 59 -42.97 27.34 16.79
C ARG E 59 -43.16 25.98 17.46
N ASP E 60 -43.10 25.98 18.80
CA ASP E 60 -43.21 24.74 19.54
C ASP E 60 -44.60 24.12 19.44
N CYS E 61 -45.60 24.90 19.02
CA CYS E 61 -46.93 24.38 18.81
C CYS E 61 -47.20 23.99 17.36
N LYS E 62 -46.22 24.16 16.47
CA LYS E 62 -46.35 23.73 15.08
C LYS E 62 -45.38 22.60 14.76
N ALA E 63 -44.07 22.83 14.91
CA ALA E 63 -43.03 21.82 14.81
C ALA E 63 -43.16 21.00 13.52
N ALA E 64 -43.04 21.68 12.39
CA ALA E 64 -43.06 21.05 11.07
C ALA E 64 -41.68 21.19 10.46
N VAL E 65 -40.90 20.11 10.49
CA VAL E 65 -39.50 20.17 10.11
C VAL E 65 -39.35 20.38 8.60
N GLY E 66 -40.18 19.70 7.80
CA GLY E 66 -40.05 19.80 6.36
C GLY E 66 -40.30 21.20 5.84
N MET E 67 -41.37 21.84 6.32
CA MET E 67 -41.66 23.20 5.90
C MET E 67 -40.56 24.16 6.32
N THR E 68 -39.99 23.95 7.52
CA THR E 68 -38.89 24.77 7.99
C THR E 68 -37.70 24.68 7.04
N ARG E 69 -37.30 23.45 6.67
CA ARG E 69 -36.18 23.28 5.77
C ARG E 69 -36.46 23.93 4.41
N LEU E 70 -37.67 23.71 3.88
CA LEU E 70 -38.00 24.27 2.57
C LEU E 70 -37.95 25.79 2.58
N CYS E 71 -38.51 26.42 3.62
CA CYS E 71 -38.53 27.88 3.67
C CYS E 71 -37.12 28.45 3.82
N GLU E 72 -36.27 27.81 4.63
CA GLU E 72 -34.89 28.25 4.77
C GLU E 72 -34.17 28.20 3.41
N TRP E 73 -34.33 27.09 2.70
CA TRP E 73 -33.71 26.94 1.39
C TRP E 73 -34.20 28.02 0.43
N ALA E 74 -35.50 28.29 0.43
CA ALA E 74 -36.06 29.29 -0.48
C ALA E 74 -35.50 30.68 -0.19
N SER E 75 -35.38 31.03 1.09
CA SER E 75 -34.85 32.35 1.42
C SER E 75 -33.41 32.50 0.93
N HIS E 76 -32.59 31.47 1.14
CA HIS E 76 -31.21 31.56 0.67
C HIS E 76 -31.15 31.67 -0.85
N VAL E 77 -31.99 30.92 -1.56
CA VAL E 77 -32.00 30.98 -3.02
C VAL E 77 -32.36 32.37 -3.51
N SER E 78 -33.38 32.99 -2.91
CA SER E 78 -33.77 34.34 -3.32
C SER E 78 -32.68 35.35 -3.07
N ALA E 79 -32.00 35.25 -1.91
CA ALA E 79 -30.90 36.17 -1.63
C ALA E 79 -29.79 36.03 -2.68
N GLN E 80 -29.46 34.79 -3.05
CA GLN E 80 -28.43 34.59 -4.07
C GLN E 80 -28.85 35.19 -5.41
N ARG E 81 -30.13 35.05 -5.77
CA ARG E 81 -30.60 35.62 -7.03
C ARG E 81 -30.46 37.15 -7.04
N ALA E 82 -30.82 37.79 -5.93
CA ALA E 82 -30.67 39.25 -5.86
C ALA E 82 -29.21 39.65 -5.99
N ARG E 83 -28.31 38.91 -5.32
CA ARG E 83 -26.88 39.21 -5.44
C ARG E 83 -26.40 39.06 -6.88
N ARG E 84 -26.87 38.03 -7.58
CA ARG E 84 -26.45 37.81 -8.96
C ARG E 84 -26.90 38.95 -9.87
N MET E 85 -28.15 39.42 -9.71
CA MET E 85 -28.60 40.52 -10.55
C MET E 85 -27.82 41.80 -10.28
N ALA E 86 -27.54 42.08 -9.00
CA ALA E 86 -26.74 43.26 -8.67
C ALA E 86 -25.34 43.16 -9.27
N ALA E 87 -24.74 41.97 -9.22
CA ALA E 87 -23.42 41.78 -9.81
C ALA E 87 -23.46 42.01 -11.32
N TYR E 88 -24.51 41.55 -11.99
CA TYR E 88 -24.60 41.79 -13.42
C TYR E 88 -24.70 43.28 -13.72
N VAL E 89 -25.49 44.02 -12.94
CA VAL E 89 -25.59 45.45 -13.17
C VAL E 89 -24.23 46.11 -12.98
N LEU E 90 -23.49 45.72 -11.94
CA LEU E 90 -22.18 46.32 -11.71
C LEU E 90 -21.19 45.96 -12.81
N THR E 91 -21.28 44.77 -13.39
CA THR E 91 -20.35 44.37 -14.44
C THR E 91 -20.49 45.24 -15.68
N ARG E 92 -21.71 45.64 -16.03
CA ARG E 92 -21.93 46.47 -17.20
C ARG E 92 -21.59 47.93 -16.98
N GLY E 93 -21.24 48.32 -15.76
CA GLY E 93 -20.81 49.68 -15.49
C GLY E 93 -21.83 50.59 -14.84
N GLY E 94 -22.94 50.04 -14.32
CA GLY E 94 -23.96 50.84 -13.69
C GLY E 94 -23.78 50.97 -12.18
N HIS E 95 -24.76 51.61 -11.56
CA HIS E 95 -24.81 51.79 -10.11
C HIS E 95 -26.08 51.14 -9.57
N VAL E 96 -26.02 50.72 -8.31
CA VAL E 96 -27.16 50.12 -7.63
C VAL E 96 -27.50 50.98 -6.43
N ASP E 97 -28.75 51.43 -6.35
CA ASP E 97 -29.24 52.22 -5.23
C ASP E 97 -30.29 51.42 -4.49
N TYR E 98 -30.13 51.31 -3.18
CA TYR E 98 -30.99 50.49 -2.35
C TYR E 98 -32.01 51.36 -1.60
N LYS E 99 -33.20 50.80 -1.41
CA LYS E 99 -34.27 51.51 -0.73
C LYS E 99 -34.94 50.57 0.26
N GLU E 100 -36.10 50.99 0.74
CA GLU E 100 -36.79 50.35 1.85
C GLU E 100 -37.40 49.02 1.45
N ILE E 101 -37.38 48.07 2.39
CA ILE E 101 -37.92 46.73 2.19
C ILE E 101 -39.20 46.60 3.02
N PRO E 102 -40.36 46.40 2.40
CA PRO E 102 -41.61 46.34 3.17
C PRO E 102 -41.77 45.04 3.94
N ALA E 103 -42.60 45.10 4.98
CA ALA E 103 -42.90 43.95 5.80
C ALA E 103 -43.93 43.05 5.12
N PRO E 104 -43.87 41.74 5.37
CA PRO E 104 -44.90 40.84 4.84
C PRO E 104 -46.25 41.12 5.46
N LYS E 105 -47.31 40.88 4.67
CA LYS E 105 -48.66 41.23 5.12
C LYS E 105 -49.23 40.18 6.05
N LYS E 106 -49.38 38.95 5.58
CA LYS E 106 -49.93 37.87 6.39
C LYS E 106 -48.78 37.03 6.95
N GLN E 107 -48.90 36.67 8.23
CA GLN E 107 -47.87 35.89 8.91
C GLN E 107 -48.47 34.63 9.54
N GLY E 108 -49.54 34.11 8.98
CA GLY E 108 -50.13 32.87 9.46
C GLY E 108 -50.84 32.15 8.34
N TRP E 109 -50.86 30.83 8.43
CA TRP E 109 -51.48 30.00 7.40
C TRP E 109 -52.26 28.87 8.06
N ASP E 110 -53.44 28.59 7.51
CA ASP E 110 -54.31 27.57 8.10
C ASP E 110 -53.77 26.17 7.88
N ASN E 111 -53.26 25.89 6.68
CA ASN E 111 -52.70 24.58 6.38
C ASN E 111 -51.62 24.76 5.31
N PHE E 112 -51.01 23.64 4.92
CA PHE E 112 -49.89 23.68 3.98
C PHE E 112 -50.34 24.17 2.60
N GLU E 113 -51.59 23.89 2.23
CA GLU E 113 -52.06 24.26 0.89
C GLU E 113 -52.02 25.77 0.69
N ASP E 114 -52.40 26.54 1.70
CA ASP E 114 -52.37 27.99 1.58
C ASP E 114 -50.95 28.50 1.35
N ALA E 115 -49.98 27.96 2.10
CA ALA E 115 -48.60 28.38 1.92
C ALA E 115 -48.09 28.05 0.53
N PHE E 116 -48.39 26.84 0.03
CA PHE E 116 -47.93 26.47 -1.30
C PHE E 116 -48.58 27.35 -2.37
N SER E 117 -49.87 27.67 -2.20
CA SER E 117 -50.52 28.56 -3.15
C SER E 117 -49.89 29.95 -3.14
N HIS E 118 -49.56 30.46 -1.96
CA HIS E 118 -48.88 31.75 -1.86
C HIS E 118 -47.56 31.74 -2.61
N CYS E 119 -46.78 30.68 -2.43
CA CYS E 119 -45.49 30.58 -3.11
C CYS E 119 -45.67 30.52 -4.63
N VAL E 120 -46.68 29.77 -5.10
CA VAL E 120 -46.91 29.65 -6.54
C VAL E 120 -47.28 31.02 -7.13
N ALA E 121 -48.13 31.77 -6.44
CA ALA E 121 -48.51 33.10 -6.92
C ALA E 121 -47.30 34.02 -6.98
N ASN E 122 -46.43 33.95 -5.97
CA ASN E 122 -45.22 34.78 -5.99
C ASN E 122 -44.34 34.43 -7.19
N LYS E 123 -44.19 33.13 -7.48
CA LYS E 123 -43.40 32.72 -8.63
C LYS E 123 -43.98 33.28 -9.93
N LYS E 124 -45.30 33.24 -10.06
CA LYS E 124 -45.92 33.80 -11.27
C LYS E 124 -45.62 35.29 -11.41
N ARG E 125 -45.71 36.04 -10.30
CA ARG E 125 -45.40 37.46 -10.36
C ARG E 125 -43.96 37.70 -10.79
N ILE E 126 -43.03 36.92 -10.24
CA ILE E 126 -41.62 37.08 -10.61
C ILE E 126 -41.42 36.83 -12.11
N LEU E 127 -42.07 35.79 -12.63
CA LEU E 127 -41.93 35.47 -14.05
C LEU E 127 -42.47 36.59 -14.93
N THR E 128 -43.60 37.19 -14.54
CA THR E 128 -44.14 38.30 -15.32
C THR E 128 -43.17 39.47 -15.35
N SER E 129 -42.58 39.80 -14.19
CA SER E 129 -41.61 40.89 -14.15
C SER E 129 -40.40 40.61 -15.05
N LEU E 130 -39.90 39.38 -15.01
CA LEU E 130 -38.74 39.03 -15.83
C LEU E 130 -39.08 39.12 -17.32
N GLN E 131 -40.27 38.70 -17.70
CA GLN E 131 -40.67 38.80 -19.10
C GLN E 131 -40.74 40.25 -19.55
N SER E 132 -41.26 41.14 -18.69
CA SER E 132 -41.26 42.56 -19.02
C SER E 132 -39.84 43.09 -19.21
N LEU E 133 -38.92 42.69 -18.34
CA LEU E 133 -37.53 43.10 -18.48
C LEU E 133 -36.95 42.65 -19.83
N TYR E 134 -37.19 41.39 -20.19
CA TYR E 134 -36.68 40.86 -21.44
C TYR E 134 -37.24 41.65 -22.63
N GLN E 135 -38.53 41.96 -22.59
CA GLN E 135 -39.12 42.75 -23.65
C GLN E 135 -38.48 44.13 -23.75
N CYS E 136 -38.19 44.74 -22.60
CA CYS E 136 -37.58 46.06 -22.61
C CYS E 136 -36.20 46.06 -23.24
N CYS E 137 -35.38 45.06 -22.91
CA CYS E 137 -33.97 45.08 -23.33
C CYS E 137 -33.70 44.30 -24.61
N GLN E 138 -34.72 43.77 -25.27
CA GLN E 138 -34.50 42.85 -26.38
C GLN E 138 -33.98 43.56 -27.63
N SER E 139 -34.45 44.77 -27.89
CA SER E 139 -34.18 45.41 -29.17
C SER E 139 -32.70 45.76 -29.34
N LYS E 140 -32.07 46.30 -28.29
CA LYS E 140 -30.71 46.81 -28.40
C LYS E 140 -29.66 45.83 -27.89
N ASP E 141 -29.76 45.41 -26.63
CA ASP E 141 -28.70 44.63 -25.99
C ASP E 141 -29.00 43.15 -26.09
N ALA E 142 -28.21 42.42 -26.87
CA ALA E 142 -28.39 40.98 -26.99
C ALA E 142 -27.89 40.22 -25.77
N HIS E 143 -26.75 40.65 -25.23
CA HIS E 143 -26.18 39.96 -24.07
C HIS E 143 -27.11 40.08 -22.85
N CYS E 144 -27.71 41.25 -22.66
CA CYS E 144 -28.63 41.43 -21.53
C CYS E 144 -29.84 40.52 -21.65
N SER E 145 -30.42 40.42 -22.85
CA SER E 145 -31.58 39.56 -23.04
C SER E 145 -31.21 38.09 -22.84
N ASN E 146 -30.04 37.69 -23.32
CA ASN E 146 -29.59 36.32 -23.10
C ASN E 146 -29.41 36.04 -21.60
N PHE E 147 -28.83 36.99 -20.87
CA PHE E 147 -28.68 36.83 -19.43
C PHE E 147 -30.03 36.67 -18.76
N ILE E 148 -31.01 37.48 -19.16
CA ILE E 148 -32.34 37.39 -18.56
C ILE E 148 -32.96 36.03 -18.82
N GLN E 149 -32.88 35.56 -20.06
CA GLN E 149 -33.59 34.33 -20.40
C GLN E 149 -32.86 33.07 -19.96
N THR E 150 -31.56 33.15 -19.64
CA THR E 150 -30.85 31.96 -19.19
C THR E 150 -30.64 31.94 -17.67
N ASP E 151 -30.08 33.00 -17.10
CA ASP E 151 -29.64 32.97 -15.72
C ASP E 151 -30.72 33.33 -14.71
N MET E 152 -31.92 33.73 -15.15
CA MET E 152 -32.96 34.13 -14.21
C MET E 152 -34.26 33.36 -14.34
N MET E 153 -34.63 32.89 -15.54
CA MET E 153 -35.93 32.27 -15.75
C MET E 153 -35.95 30.78 -15.43
N ASP E 154 -34.84 30.08 -15.67
CA ASP E 154 -34.81 28.63 -15.53
C ASP E 154 -35.13 28.18 -14.11
N GLU E 155 -34.53 28.85 -13.11
CA GLU E 155 -34.80 28.53 -11.72
C GLU E 155 -36.28 28.69 -11.40
N VAL E 156 -36.88 29.77 -11.88
CA VAL E 156 -38.29 30.03 -11.59
C VAL E 156 -39.17 28.95 -12.19
N ILE E 157 -38.89 28.54 -13.43
CA ILE E 157 -39.70 27.50 -14.08
C ILE E 157 -39.60 26.20 -13.30
N ALA E 158 -38.39 25.79 -12.93
CA ALA E 158 -38.21 24.54 -12.21
C ALA E 158 -38.89 24.57 -10.85
N TRP E 159 -38.74 25.67 -10.11
CA TRP E 159 -39.35 25.77 -8.80
C TRP E 159 -40.87 25.77 -8.91
N ASN E 160 -41.42 26.41 -9.93
CA ASN E 160 -42.87 26.41 -10.11
C ASN E 160 -43.38 24.99 -10.36
N LYS E 161 -42.69 24.22 -11.18
CA LYS E 161 -43.11 22.84 -11.41
C LYS E 161 -43.07 22.03 -10.11
N PHE E 162 -41.99 22.17 -9.34
CA PHE E 162 -41.88 21.41 -8.09
C PHE E 162 -43.00 21.77 -7.12
N LEU E 163 -43.28 23.07 -6.95
CA LEU E 163 -44.31 23.50 -6.02
C LEU E 163 -45.69 23.04 -6.48
N SER E 164 -45.96 23.07 -7.78
CA SER E 164 -47.25 22.60 -8.28
C SER E 164 -47.43 21.11 -8.01
N ASP E 165 -46.37 20.32 -8.20
CA ASP E 165 -46.47 18.89 -7.90
C ASP E 165 -46.76 18.66 -6.42
N CYS E 166 -46.07 19.39 -5.54
CA CYS E 166 -46.32 19.25 -4.12
C CYS E 166 -47.76 19.63 -3.76
N LEU E 167 -48.27 20.71 -4.37
CA LEU E 167 -49.64 21.13 -4.10
C LEU E 167 -50.65 20.09 -4.54
N SER E 168 -50.45 19.50 -5.71
CA SER E 168 -51.36 18.45 -6.16
C SER E 168 -51.35 17.25 -5.22
N ASN E 169 -50.15 16.83 -4.78
CA ASN E 169 -50.08 15.72 -3.85
C ASN E 169 -50.80 16.04 -2.55
N LEU E 170 -50.61 17.26 -2.02
CA LEU E 170 -51.27 17.64 -0.78
C LEU E 170 -52.79 17.65 -0.94
N HIS E 171 -53.28 18.18 -2.06
CA HIS E 171 -54.72 18.20 -2.28
C HIS E 171 -55.29 16.79 -2.34
N CYS E 172 -54.56 15.88 -2.99
CA CYS E 172 -55.03 14.49 -3.04
C CYS E 172 -55.02 13.84 -1.67
N ILE E 173 -53.99 14.10 -0.86
CA ILE E 173 -53.85 13.40 0.41
C ILE E 173 -54.97 13.77 1.37
N GLY E 174 -55.27 15.05 1.51
CA GLY E 174 -56.26 15.53 2.43
C GLY E 174 -55.67 16.52 3.42
N SER E 175 -56.46 16.84 4.45
CA SER E 175 -56.02 17.81 5.44
C SER E 175 -56.36 17.40 6.88
N GLN E 176 -56.76 16.16 7.11
CA GLN E 176 -57.11 15.69 8.45
C GLN E 176 -56.42 14.37 8.72
N GLY E 177 -56.20 14.10 10.01
CA GLY E 177 -55.52 12.88 10.41
C GLY E 177 -54.02 13.02 10.42
N MET E 178 -53.32 11.93 10.11
CA MET E 178 -51.86 11.94 10.11
C MET E 178 -51.25 12.01 8.72
N GLY E 179 -52.04 12.27 7.69
CA GLY E 179 -51.51 12.45 6.35
C GLY E 179 -50.52 13.58 6.21
N PRO E 180 -50.88 14.77 6.71
CA PRO E 180 -49.92 15.88 6.68
C PRO E 180 -48.63 15.59 7.42
N TRP E 181 -48.68 14.84 8.52
CA TRP E 181 -47.45 14.52 9.26
C TRP E 181 -46.52 13.66 8.41
N VAL E 182 -47.07 12.63 7.76
CA VAL E 182 -46.27 11.78 6.89
C VAL E 182 -45.70 12.57 5.73
N PHE E 183 -46.52 13.45 5.14
CA PHE E 183 -46.04 14.29 4.05
C PHE E 183 -44.90 15.18 4.50
N ASP E 184 -45.01 15.76 5.69
CA ASP E 184 -43.96 16.64 6.21
C ASP E 184 -42.66 15.87 6.41
N ARG E 185 -42.74 14.65 6.97
CA ARG E 185 -41.54 13.85 7.15
C ARG E 185 -40.88 13.54 5.81
N TRP E 186 -41.67 13.15 4.82
CA TRP E 186 -41.13 12.87 3.50
C TRP E 186 -40.49 14.12 2.88
N LEU E 187 -41.13 15.27 3.04
CA LEU E 187 -40.60 16.51 2.49
C LEU E 187 -39.26 16.87 3.12
N ALA E 188 -39.15 16.70 4.44
CA ALA E 188 -37.87 16.95 5.08
C ALA E 188 -36.79 16.02 4.53
N ARG E 189 -37.14 14.74 4.35
CA ARG E 189 -36.16 13.78 3.82
C ARG E 189 -35.67 14.20 2.45
N ILE E 190 -36.59 14.60 1.56
CA ILE E 190 -36.15 14.90 0.19
C ILE E 190 -35.44 16.24 0.11
N VAL E 191 -35.81 17.21 0.95
CA VAL E 191 -35.14 18.50 0.91
C VAL E 191 -33.72 18.39 1.46
N MET E 192 -33.54 17.66 2.56
CA MET E 192 -32.21 17.59 3.17
C MET E 192 -31.20 16.88 2.30
N SER E 193 -31.63 16.12 1.31
CA SER E 193 -30.69 15.43 0.42
C SER E 193 -30.01 16.36 -0.56
N LYS E 194 -30.44 17.61 -0.65
CA LYS E 194 -29.91 18.55 -1.61
C LYS E 194 -29.28 19.78 -0.98
N PHE E 195 -29.83 20.29 0.11
CA PHE E 195 -29.37 21.55 0.69
C PHE E 195 -28.99 21.37 2.15
N LYS E 196 -27.91 22.02 2.54
CA LYS E 196 -27.42 22.01 3.92
C LYS E 196 -26.61 23.27 4.12
N HIS E 197 -27.12 24.23 4.90
CA HIS E 197 -26.44 25.51 5.03
C HIS E 197 -25.25 25.40 5.96
N PRO E 198 -24.03 25.70 5.50
CA PRO E 198 -22.87 25.66 6.39
C PRO E 198 -22.83 26.88 7.30
N LYS E 199 -22.08 26.73 8.39
CA LYS E 199 -21.90 27.82 9.33
C LYS E 199 -20.98 28.89 8.76
N ILE E 200 -21.22 30.13 9.17
CA ILE E 200 -20.39 31.26 8.78
C ILE E 200 -19.33 31.46 9.86
N PRO E 201 -18.04 31.39 9.53
CA PRO E 201 -17.01 31.63 10.54
C PRO E 201 -16.97 33.09 10.96
N SER E 202 -16.47 33.32 12.17
CA SER E 202 -16.44 34.65 12.76
C SER E 202 -15.22 34.78 13.66
N LEU E 203 -15.20 35.83 14.47
CA LEU E 203 -14.12 36.08 15.42
C LEU E 203 -14.64 35.94 16.85
N SER E 204 -13.72 35.62 17.76
CA SER E 204 -14.09 35.43 19.16
C SER E 204 -12.88 35.78 20.03
N THR E 205 -13.07 35.70 21.34
CA THR E 205 -12.01 35.98 22.31
C THR E 205 -11.42 34.70 22.91
N SER E 206 -11.74 33.53 22.35
CA SER E 206 -11.11 32.31 22.80
C SER E 206 -9.62 32.32 22.49
N ASP E 207 -8.82 31.77 23.40
CA ASP E 207 -7.36 31.77 23.29
C ASP E 207 -6.83 33.19 23.11
N LEU E 208 -7.14 34.04 24.09
CA LEU E 208 -6.76 35.44 24.01
C LEU E 208 -5.25 35.62 23.98
N GLU E 209 -4.53 34.82 24.77
CA GLU E 209 -3.08 34.95 24.86
C GLU E 209 -2.36 34.56 23.58
N SER E 210 -3.03 33.91 22.64
CA SER E 210 -2.39 33.48 21.41
C SER E 210 -2.51 34.49 20.28
N ASN E 211 -3.60 35.25 20.23
CA ASN E 211 -3.84 36.25 19.19
C ASN E 211 -3.88 37.62 19.86
N ILE E 212 -2.71 38.22 20.08
CA ILE E 212 -2.63 39.38 20.96
C ILE E 212 -3.19 40.63 20.27
N PRO E 213 -2.67 41.08 19.11
CA PRO E 213 -3.31 42.22 18.45
C PRO E 213 -4.71 41.84 18.00
N ASN E 214 -4.79 40.80 17.18
CA ASN E 214 -6.04 40.15 16.79
C ASN E 214 -5.66 38.90 16.00
N GLU E 215 -6.68 38.11 15.65
CA GLU E 215 -6.41 36.81 15.03
C GLU E 215 -5.96 36.93 13.58
N LEU E 216 -6.51 37.89 12.83
CA LEU E 216 -6.27 37.93 11.39
C LEU E 216 -4.90 38.47 11.04
N PHE E 217 -4.36 39.38 11.85
CA PHE E 217 -3.18 40.16 11.45
C PHE E 217 -1.95 39.29 11.18
N ASP E 218 -1.90 38.07 11.70
CA ASP E 218 -0.74 37.22 11.50
C ASP E 218 -0.96 36.15 10.43
N ALA E 219 -2.05 36.24 9.66
CA ALA E 219 -2.38 35.20 8.69
C ALA E 219 -1.21 34.90 7.77
N GLU E 220 -0.60 35.93 7.19
CA GLU E 220 0.53 35.73 6.29
C GLU E 220 1.62 34.90 6.96
N GLY E 221 1.96 35.24 8.20
CA GLY E 221 2.98 34.48 8.90
C GLY E 221 2.64 33.01 8.98
N ASP E 222 1.37 32.71 9.29
CA ASP E 222 0.94 31.32 9.36
C ASP E 222 1.28 30.58 8.07
N MET E 223 1.00 31.22 6.93
CA MET E 223 1.27 30.58 5.65
C MET E 223 2.72 30.15 5.57
N VAL E 224 3.65 31.05 5.94
CA VAL E 224 5.07 30.71 5.88
C VAL E 224 5.33 29.47 6.72
N ARG E 225 4.80 29.46 7.95
CA ARG E 225 4.98 28.29 8.81
C ARG E 225 4.54 27.02 8.12
N ALA E 226 3.36 27.05 7.48
CA ALA E 226 2.85 25.84 6.86
C ALA E 226 3.81 25.35 5.78
N ILE E 227 4.39 26.27 5.00
CA ILE E 227 5.30 25.86 3.95
C ILE E 227 6.51 25.16 4.54
N LYS E 228 6.96 25.60 5.72
CA LYS E 228 8.12 24.96 6.33
C LYS E 228 7.79 23.57 6.86
N LYS E 229 6.52 23.29 7.13
CA LYS E 229 6.16 21.96 7.62
C LYS E 229 6.17 20.91 6.51
N LEU E 230 5.70 21.28 5.33
CA LEU E 230 5.62 20.35 4.22
C LEU E 230 7.00 20.05 3.64
N CYS F 22 -15.29 23.92 -54.71
CA CYS F 22 -16.40 23.40 -53.91
C CYS F 22 -17.74 23.66 -54.59
N PRO F 23 -18.45 22.60 -54.93
CA PRO F 23 -19.76 22.77 -55.58
C PRO F 23 -20.89 22.97 -54.59
N SER F 24 -20.56 23.29 -53.34
CA SER F 24 -21.57 23.44 -52.30
C SER F 24 -21.22 24.64 -51.43
N ARG F 25 -22.04 25.70 -51.52
CA ARG F 25 -21.94 26.85 -50.63
C ARG F 25 -23.32 27.36 -50.23
N HIS F 26 -24.34 26.52 -50.30
CA HIS F 26 -25.73 26.94 -50.14
C HIS F 26 -26.11 27.01 -48.66
N ASN F 27 -27.42 27.08 -48.41
CA ASN F 27 -28.03 27.14 -47.07
C ASN F 27 -27.73 28.47 -46.37
N PHE F 28 -26.46 28.72 -46.07
CA PHE F 28 -26.08 29.92 -45.33
C PHE F 28 -26.35 31.17 -46.17
N ASP F 29 -26.93 32.18 -45.52
CA ASP F 29 -27.26 33.42 -46.21
C ASP F 29 -25.99 34.16 -46.62
N PRO F 30 -25.85 34.55 -47.89
CA PRO F 30 -24.58 35.16 -48.33
C PRO F 30 -24.21 36.45 -47.61
N GLU F 31 -25.19 37.29 -47.27
CA GLU F 31 -24.87 38.53 -46.56
C GLU F 31 -24.31 38.24 -45.18
N CYS F 32 -24.89 37.28 -44.47
CA CYS F 32 -24.35 36.87 -43.18
C CYS F 32 -22.94 36.33 -43.32
N GLU F 33 -22.69 35.56 -44.39
CA GLU F 33 -21.35 35.03 -44.62
C GLU F 33 -20.34 36.17 -44.82
N LYS F 34 -20.71 37.17 -45.61
CA LYS F 34 -19.81 38.29 -45.86
C LYS F 34 -19.50 39.04 -44.56
N ALA F 35 -20.54 39.30 -43.75
CA ALA F 35 -20.32 40.00 -42.49
C ALA F 35 -19.46 39.18 -41.54
N PHE F 36 -19.66 37.86 -41.51
CA PHE F 36 -18.85 37.00 -40.66
C PHE F 36 -17.38 37.05 -41.08
N VAL F 37 -17.11 37.03 -42.39
CA VAL F 37 -15.72 37.09 -42.86
C VAL F 37 -15.10 38.44 -42.47
N GLU F 38 -15.86 39.52 -42.59
CA GLU F 38 -15.35 40.82 -42.16
C GLU F 38 -14.97 40.82 -40.69
N HIS F 39 -15.83 40.25 -39.83
CA HIS F 39 -15.50 40.21 -38.41
C HIS F 39 -14.29 39.31 -38.13
N ILE F 40 -14.13 38.24 -38.91
CA ILE F 40 -12.94 37.40 -38.76
C ILE F 40 -11.68 38.22 -39.00
N HIS F 41 -11.70 39.04 -40.04
CA HIS F 41 -10.53 39.87 -40.32
C HIS F 41 -10.29 40.89 -39.22
N LEU F 42 -11.37 41.42 -38.64
CA LEU F 42 -11.21 42.34 -37.51
C LEU F 42 -10.51 41.65 -36.33
N GLU F 43 -10.92 40.42 -36.01
CA GLU F 43 -10.29 39.69 -34.91
C GLU F 43 -8.82 39.41 -35.21
N LEU F 44 -8.51 39.05 -36.45
CA LEU F 44 -7.11 38.81 -36.82
C LEU F 44 -6.27 40.07 -36.65
N ALA F 45 -6.83 41.23 -37.04
CA ALA F 45 -6.09 42.48 -36.88
C ALA F 45 -5.83 42.77 -35.40
N SER F 46 -6.82 42.52 -34.54
CA SER F 46 -6.61 42.73 -33.11
C SER F 46 -5.50 41.83 -32.57
N SER F 47 -5.51 40.56 -32.99
CA SER F 47 -4.45 39.64 -32.57
C SER F 47 -3.09 40.13 -33.02
N TYR F 48 -2.99 40.62 -34.25
CA TYR F 48 -1.70 41.14 -34.73
C TYR F 48 -1.26 42.35 -33.93
N HIS F 49 -2.20 43.24 -33.59
CA HIS F 49 -1.80 44.46 -32.87
C HIS F 49 -1.33 44.16 -31.46
N ALA F 50 -1.83 43.09 -30.83
CA ALA F 50 -1.30 42.74 -29.51
C ALA F 50 0.19 42.39 -29.55
N TRP F 51 0.66 41.85 -30.68
CA TRP F 51 2.07 41.47 -30.82
C TRP F 51 2.99 42.69 -30.69
N SER F 52 2.59 43.81 -31.27
CA SER F 52 3.42 45.01 -31.21
C SER F 52 3.60 45.49 -29.78
N MET F 53 2.52 45.49 -28.99
CA MET F 53 2.63 45.87 -27.59
C MET F 53 3.53 44.90 -26.83
N TRP F 54 3.38 43.60 -27.09
CA TRP F 54 4.24 42.62 -26.45
C TRP F 54 5.70 42.89 -26.75
N ALA F 55 6.01 43.20 -28.01
CA ALA F 55 7.41 43.47 -28.38
C ALA F 55 7.90 44.77 -27.78
N PHE F 56 7.03 45.77 -27.67
CA PHE F 56 7.44 47.05 -27.11
C PHE F 56 7.81 46.92 -25.64
N TYR F 57 7.01 46.18 -24.87
CA TYR F 57 7.26 46.16 -23.44
C TYR F 57 8.35 45.16 -23.02
N ALA F 58 8.91 44.41 -23.97
CA ALA F 58 9.98 43.47 -23.68
C ALA F 58 11.36 44.02 -23.98
N ARG F 59 11.47 45.29 -24.38
CA ARG F 59 12.77 45.88 -24.66
C ARG F 59 13.59 45.96 -23.37
N ASP F 60 14.92 45.93 -23.53
CA ASP F 60 15.79 45.95 -22.37
C ASP F 60 15.75 47.26 -21.61
N CYS F 61 15.22 48.32 -22.24
CA CYS F 61 15.05 49.59 -21.56
C CYS F 61 13.65 49.78 -20.98
N LYS F 62 12.76 48.80 -21.15
CA LYS F 62 11.43 48.84 -20.55
C LYS F 62 11.26 47.76 -19.49
N ALA F 63 11.41 46.49 -19.87
CA ALA F 63 11.44 45.35 -18.96
C ALA F 63 10.26 45.36 -18.00
N ALA F 64 9.05 45.27 -18.55
CA ALA F 64 7.82 45.20 -17.78
C ALA F 64 7.22 43.82 -17.98
N VAL F 65 7.39 42.94 -16.99
CA VAL F 65 7.03 41.54 -17.16
C VAL F 65 5.51 41.37 -17.20
N GLY F 66 4.78 42.11 -16.35
CA GLY F 66 3.33 41.95 -16.30
C GLY F 66 2.65 42.32 -17.60
N MET F 67 3.03 43.46 -18.18
CA MET F 67 2.45 43.87 -19.45
C MET F 67 2.79 42.87 -20.55
N THR F 68 4.01 42.33 -20.54
CA THR F 68 4.39 41.32 -21.51
C THR F 68 3.48 40.10 -21.44
N ARG F 69 3.27 39.58 -20.22
CA ARG F 69 2.41 38.42 -20.06
C ARG F 69 0.98 38.72 -20.52
N LEU F 70 0.46 39.89 -20.13
CA LEU F 70 -0.91 40.24 -20.49
C LEU F 70 -1.08 40.34 -22.00
N CYS F 71 -0.13 40.98 -22.69
CA CYS F 71 -0.24 41.14 -24.13
C CYS F 71 -0.14 39.80 -24.86
N GLU F 72 0.76 38.92 -24.40
CA GLU F 72 0.86 37.59 -24.99
C GLU F 72 -0.47 36.83 -24.85
N TRP F 73 -1.05 36.86 -23.66
CA TRP F 73 -2.32 36.20 -23.43
C TRP F 73 -3.41 36.76 -24.33
N ALA F 74 -3.46 38.08 -24.47
CA ALA F 74 -4.49 38.70 -25.30
C ALA F 74 -4.35 38.30 -26.76
N SER F 75 -3.12 38.25 -27.27
CA SER F 75 -2.94 37.86 -28.66
C SER F 75 -3.42 36.42 -28.90
N HIS F 76 -3.07 35.52 -27.99
CA HIS F 76 -3.53 34.13 -28.16
C HIS F 76 -5.06 34.04 -28.10
N VAL F 77 -5.69 34.79 -27.19
CA VAL F 77 -7.14 34.76 -27.09
C VAL F 77 -7.80 35.24 -28.37
N SER F 78 -7.28 36.33 -28.94
CA SER F 78 -7.86 36.84 -30.19
C SER F 78 -7.71 35.86 -31.33
N ALA F 79 -6.53 35.20 -31.43
CA ALA F 79 -6.35 34.21 -32.49
C ALA F 79 -7.35 33.06 -32.34
N GLN F 80 -7.58 32.60 -31.10
CA GLN F 80 -8.54 31.53 -30.89
C GLN F 80 -9.95 31.97 -31.29
N ARG F 81 -10.32 33.21 -30.99
CA ARG F 81 -11.64 33.70 -31.36
C ARG F 81 -11.83 33.71 -32.88
N ALA F 82 -10.80 34.17 -33.61
CA ALA F 82 -10.90 34.16 -35.07
C ALA F 82 -11.05 32.74 -35.59
N ARG F 83 -10.29 31.80 -35.03
CA ARG F 83 -10.41 30.40 -35.45
C ARG F 83 -11.82 29.87 -35.20
N ARG F 84 -12.40 30.22 -34.05
CA ARG F 84 -13.74 29.74 -33.72
C ARG F 84 -14.78 30.27 -34.70
N MET F 85 -14.71 31.56 -35.05
CA MET F 85 -15.67 32.09 -36.00
C MET F 85 -15.53 31.45 -37.37
N ALA F 86 -14.29 31.23 -37.82
CA ALA F 86 -14.09 30.56 -39.10
C ALA F 86 -14.66 29.14 -39.07
N ALA F 87 -14.46 28.43 -37.96
CA ALA F 87 -15.00 27.08 -37.84
C ALA F 87 -16.52 27.10 -37.89
N TYR F 88 -17.15 28.08 -37.26
CA TYR F 88 -18.61 28.15 -37.32
C TYR F 88 -19.08 28.39 -38.76
N VAL F 89 -18.40 29.27 -39.49
CA VAL F 89 -18.79 29.51 -40.87
C VAL F 89 -18.67 28.22 -41.68
N LEU F 90 -17.57 27.47 -41.48
CA LEU F 90 -17.39 26.23 -42.23
C LEU F 90 -18.43 25.18 -41.86
N THR F 91 -18.86 25.15 -40.60
CA THR F 91 -19.84 24.14 -40.18
C THR F 91 -21.18 24.33 -40.89
N ARG F 92 -21.59 25.58 -41.12
CA ARG F 92 -22.85 25.85 -41.78
C ARG F 92 -22.80 25.66 -43.29
N GLY F 93 -21.63 25.37 -43.85
CA GLY F 93 -21.51 25.09 -45.27
C GLY F 93 -20.99 26.22 -46.13
N GLY F 94 -20.43 27.28 -45.54
CA GLY F 94 -19.91 28.39 -46.30
C GLY F 94 -18.42 28.27 -46.62
N HIS F 95 -17.90 29.32 -47.23
CA HIS F 95 -16.49 29.43 -47.56
C HIS F 95 -15.89 30.64 -46.86
N VAL F 96 -14.59 30.58 -46.59
CA VAL F 96 -13.86 31.67 -45.96
C VAL F 96 -12.77 32.13 -46.92
N ASP F 97 -12.78 33.42 -47.25
CA ASP F 97 -11.76 34.02 -48.11
C ASP F 97 -10.95 35.01 -47.29
N TYR F 98 -9.63 34.87 -47.35
CA TYR F 98 -8.72 35.67 -46.55
C TYR F 98 -8.11 36.79 -47.39
N LYS F 99 -7.86 37.93 -46.74
CA LYS F 99 -7.29 39.07 -47.41
C LYS F 99 -6.21 39.68 -46.53
N GLU F 100 -5.80 40.89 -46.88
CA GLU F 100 -4.64 41.54 -46.31
C GLU F 100 -4.89 42.01 -44.88
N ILE F 101 -3.85 41.93 -44.06
CA ILE F 101 -3.90 42.33 -42.66
C ILE F 101 -3.08 43.61 -42.50
N PRO F 102 -3.69 44.73 -42.11
CA PRO F 102 -2.94 45.98 -42.02
C PRO F 102 -2.03 46.04 -40.81
N ALA F 103 -1.02 46.90 -40.90
CA ALA F 103 -0.07 47.11 -39.83
C ALA F 103 -0.66 48.03 -38.76
N PRO F 104 -0.26 47.85 -37.50
CA PRO F 104 -0.71 48.77 -36.44
C PRO F 104 -0.14 50.17 -36.65
N LYS F 105 -0.91 51.17 -36.22
CA LYS F 105 -0.54 52.56 -36.49
C LYS F 105 0.50 53.06 -35.50
N LYS F 106 0.18 53.07 -34.21
CA LYS F 106 1.10 53.53 -33.19
C LYS F 106 1.78 52.33 -32.53
N GLN F 107 3.08 52.44 -32.30
CA GLN F 107 3.87 51.37 -31.72
C GLN F 107 4.63 51.85 -30.49
N GLY F 108 4.11 52.85 -29.80
CA GLY F 108 4.73 53.33 -28.57
C GLY F 108 3.68 53.94 -27.66
N TRP F 109 3.93 53.84 -26.36
CA TRP F 109 2.99 54.34 -25.36
C TRP F 109 3.76 55.02 -24.24
N ASP F 110 3.23 56.16 -23.79
CA ASP F 110 3.92 56.94 -22.76
C ASP F 110 3.88 56.25 -21.40
N ASN F 111 2.73 55.69 -21.04
CA ASN F 111 2.58 54.99 -19.77
C ASN F 111 1.52 53.91 -19.93
N PHE F 112 1.28 53.18 -18.84
CA PHE F 112 0.35 52.05 -18.90
C PHE F 112 -1.08 52.50 -19.16
N GLU F 113 -1.44 53.71 -18.72
CA GLU F 113 -2.81 54.18 -18.89
C GLU F 113 -3.19 54.28 -20.36
N ASP F 114 -2.28 54.76 -21.20
CA ASP F 114 -2.57 54.86 -22.63
C ASP F 114 -2.83 53.50 -23.24
N ALA F 115 -2.01 52.50 -22.89
CA ALA F 115 -2.21 51.16 -23.42
C ALA F 115 -3.55 50.58 -22.99
N PHE F 116 -3.90 50.75 -21.71
CA PHE F 116 -5.18 50.22 -21.24
C PHE F 116 -6.35 50.92 -21.91
N SER F 117 -6.25 52.23 -22.13
CA SER F 117 -7.30 52.95 -22.84
C SER F 117 -7.45 52.45 -24.27
N HIS F 118 -6.32 52.21 -24.94
CA HIS F 118 -6.36 51.66 -26.30
C HIS F 118 -7.09 50.32 -26.33
N CYS F 119 -6.77 49.45 -25.38
CA CYS F 119 -7.42 48.14 -25.33
C CYS F 119 -8.92 48.27 -25.08
N VAL F 120 -9.31 49.19 -24.19
CA VAL F 120 -10.73 49.37 -23.89
C VAL F 120 -11.48 49.85 -25.14
N ALA F 121 -10.90 50.79 -25.87
CA ALA F 121 -11.54 51.28 -27.09
C ALA F 121 -11.69 50.16 -28.11
N ASN F 122 -10.66 49.32 -28.25
CA ASN F 122 -10.76 48.20 -29.18
C ASN F 122 -11.89 47.25 -28.79
N LYS F 123 -12.03 46.98 -27.49
CA LYS F 123 -13.11 46.11 -27.03
C LYS F 123 -14.47 46.70 -27.38
N LYS F 124 -14.63 48.01 -27.20
CA LYS F 124 -15.89 48.64 -27.54
C LYS F 124 -16.20 48.50 -29.03
N ARG F 125 -15.19 48.68 -29.89
CA ARG F 125 -15.41 48.51 -31.32
C ARG F 125 -15.84 47.09 -31.66
N ILE F 126 -15.19 46.09 -31.04
CA ILE F 126 -15.55 44.71 -31.29
C ILE F 126 -17.01 44.44 -30.89
N LEU F 127 -17.41 44.97 -29.74
CA LEU F 127 -18.78 44.77 -29.27
C LEU F 127 -19.80 45.38 -30.24
N THR F 128 -19.50 46.57 -30.75
CA THR F 128 -20.41 47.20 -31.71
C THR F 128 -20.56 46.35 -32.96
N SER F 129 -19.44 45.83 -33.48
CA SER F 129 -19.51 44.97 -34.66
C SER F 129 -20.35 43.72 -34.39
N LEU F 130 -20.15 43.09 -33.23
CA LEU F 130 -20.92 41.89 -32.91
C LEU F 130 -22.41 42.18 -32.79
N GLN F 131 -22.76 43.33 -32.21
CA GLN F 131 -24.17 43.69 -32.12
C GLN F 131 -24.79 43.88 -33.50
N SER F 132 -24.04 44.51 -34.42
CA SER F 132 -24.54 44.65 -35.78
C SER F 132 -24.76 43.28 -36.43
N LEU F 133 -23.83 42.34 -36.22
CA LEU F 133 -24.00 41.00 -36.76
C LEU F 133 -25.28 40.34 -36.21
N TYR F 134 -25.49 40.45 -34.90
CA TYR F 134 -26.67 39.85 -34.29
C TYR F 134 -27.94 40.46 -34.87
N GLN F 135 -27.96 41.77 -35.06
CA GLN F 135 -29.12 42.41 -35.66
C GLN F 135 -29.37 41.90 -37.07
N CYS F 136 -28.29 41.70 -37.83
CA CYS F 136 -28.45 41.23 -39.20
C CYS F 136 -29.05 39.83 -39.26
N CYS F 137 -28.59 38.92 -38.40
CA CYS F 137 -28.98 37.52 -38.52
C CYS F 137 -30.16 37.13 -37.62
N GLN F 138 -30.77 38.08 -36.92
CA GLN F 138 -31.76 37.74 -35.91
C GLN F 138 -33.08 37.26 -36.51
N SER F 139 -33.49 37.84 -37.63
CA SER F 139 -34.83 37.59 -38.15
C SER F 139 -35.01 36.14 -38.63
N LYS F 140 -34.02 35.60 -39.35
CA LYS F 140 -34.17 34.29 -39.97
C LYS F 140 -33.52 33.17 -39.17
N ASP F 141 -32.23 33.26 -38.88
CA ASP F 141 -31.48 32.15 -38.29
C ASP F 141 -31.41 32.31 -36.78
N ALA F 142 -32.09 31.43 -36.05
CA ALA F 142 -32.05 31.46 -34.60
C ALA F 142 -30.74 30.92 -34.04
N HIS F 143 -30.23 29.84 -34.63
CA HIS F 143 -28.99 29.25 -34.15
C HIS F 143 -27.81 30.21 -34.31
N CYS F 144 -27.77 30.93 -35.42
CA CYS F 144 -26.68 31.89 -35.64
C CYS F 144 -26.72 33.01 -34.61
N SER F 145 -27.90 33.54 -34.32
CA SER F 145 -28.01 34.61 -33.32
C SER F 145 -27.64 34.11 -31.94
N ASN F 146 -28.05 32.88 -31.60
CA ASN F 146 -27.66 32.31 -30.31
C ASN F 146 -26.14 32.15 -30.23
N PHE F 147 -25.51 31.69 -31.31
CA PHE F 147 -24.06 31.56 -31.33
C PHE F 147 -23.40 32.91 -31.11
N ILE F 148 -23.91 33.95 -31.77
CA ILE F 148 -23.32 35.28 -31.63
C ILE F 148 -23.44 35.76 -30.18
N GLN F 149 -24.61 35.60 -29.58
CA GLN F 149 -24.82 36.19 -28.25
C GLN F 149 -24.23 35.34 -27.14
N THR F 150 -23.90 34.07 -27.38
CA THR F 150 -23.29 33.25 -26.32
C THR F 150 -21.78 33.08 -26.50
N ASP F 151 -21.32 32.65 -27.67
CA ASP F 151 -19.94 32.25 -27.84
C ASP F 151 -19.00 33.39 -28.20
N MET F 152 -19.50 34.60 -28.43
CA MET F 152 -18.64 35.70 -28.83
C MET F 152 -18.70 36.92 -27.93
N MET F 153 -19.84 37.21 -27.28
CA MET F 153 -20.00 38.43 -26.52
C MET F 153 -19.51 38.32 -25.08
N ASP F 154 -19.65 37.14 -24.47
CA ASP F 154 -19.34 36.97 -23.06
C ASP F 154 -17.88 37.29 -22.74
N GLU F 155 -16.96 36.79 -23.59
CA GLU F 155 -15.54 37.06 -23.40
C GLU F 155 -15.27 38.56 -23.44
N VAL F 156 -15.88 39.25 -24.40
CA VAL F 156 -15.65 40.68 -24.54
C VAL F 156 -16.13 41.43 -23.32
N ILE F 157 -17.31 41.08 -22.80
CA ILE F 157 -17.85 41.77 -21.63
C ILE F 157 -16.92 41.57 -20.43
N ALA F 158 -16.49 40.33 -20.19
CA ALA F 158 -15.63 40.05 -19.05
C ALA F 158 -14.29 40.77 -19.17
N TRP F 159 -13.68 40.74 -20.36
CA TRP F 159 -12.40 41.40 -20.55
C TRP F 159 -12.53 42.91 -20.38
N ASN F 160 -13.63 43.49 -20.85
CA ASN F 160 -13.84 44.93 -20.68
C ASN F 160 -13.93 45.29 -19.21
N LYS F 161 -14.64 44.50 -18.41
CA LYS F 161 -14.71 44.79 -16.98
C LYS F 161 -13.33 44.70 -16.33
N PHE F 162 -12.56 43.66 -16.66
CA PHE F 162 -11.23 43.52 -16.06
C PHE F 162 -10.33 44.70 -16.42
N LEU F 163 -10.32 45.10 -17.70
CA LEU F 163 -9.46 46.19 -18.12
C LEU F 163 -9.88 47.52 -17.48
N SER F 164 -11.19 47.74 -17.34
CA SER F 164 -11.65 48.97 -16.69
C SER F 164 -11.21 49.01 -15.23
N ASP F 165 -11.29 47.87 -14.52
CA ASP F 165 -10.83 47.84 -13.14
C ASP F 165 -9.34 48.15 -13.05
N CYS F 166 -8.53 47.56 -13.94
CA CYS F 166 -7.11 47.83 -13.94
C CYS F 166 -6.83 49.32 -14.21
N LEU F 167 -7.56 49.91 -15.15
CA LEU F 167 -7.37 51.32 -15.47
C LEU F 167 -7.70 52.22 -14.29
N SER F 168 -8.79 51.92 -13.58
CA SER F 168 -9.13 52.72 -12.41
C SER F 168 -8.06 52.61 -11.34
N ASN F 169 -7.55 51.40 -11.10
CA ASN F 169 -6.50 51.24 -10.11
C ASN F 169 -5.25 52.03 -10.50
N LEU F 170 -4.87 51.97 -11.78
CA LEU F 170 -3.69 52.70 -12.24
C LEU F 170 -3.88 54.21 -12.08
N HIS F 171 -5.06 54.72 -12.42
CA HIS F 171 -5.30 56.15 -12.27
C HIS F 171 -5.21 56.57 -10.81
N CYS F 172 -5.73 55.74 -9.91
CA CYS F 172 -5.64 56.07 -8.49
C CYS F 172 -4.20 56.05 -8.00
N ILE F 173 -3.41 55.06 -8.46
CA ILE F 173 -2.06 54.89 -7.92
C ILE F 173 -1.17 56.07 -8.28
N GLY F 174 -1.19 56.49 -9.54
CA GLY F 174 -0.34 57.55 -10.03
C GLY F 174 0.53 57.09 -11.17
N SER F 175 1.51 57.93 -11.52
CA SER F 175 2.39 57.62 -12.63
C SER F 175 3.86 57.95 -12.36
N GLN F 176 4.23 58.24 -11.11
CA GLN F 176 5.60 58.58 -10.78
C GLN F 176 6.04 57.77 -9.57
N GLY F 177 7.35 57.56 -9.47
CA GLY F 177 7.90 56.79 -8.38
C GLY F 177 7.92 55.30 -8.66
N MET F 178 7.75 54.49 -7.63
CA MET F 178 7.78 53.04 -7.78
C MET F 178 6.40 52.40 -7.75
N GLY F 179 5.33 53.18 -7.81
CA GLY F 179 3.99 52.64 -7.89
C GLY F 179 3.74 51.76 -9.09
N PRO F 180 4.09 52.25 -10.29
CA PRO F 180 3.95 51.39 -11.48
C PRO F 180 4.74 50.10 -11.41
N TRP F 181 5.91 50.11 -10.79
CA TRP F 181 6.70 48.88 -10.67
C TRP F 181 5.98 47.85 -9.82
N VAL F 182 5.44 48.27 -8.68
CA VAL F 182 4.69 47.37 -7.81
C VAL F 182 3.46 46.85 -8.52
N PHE F 183 2.75 47.73 -9.24
CA PHE F 183 1.58 47.31 -9.99
C PHE F 183 1.95 46.27 -11.04
N ASP F 184 3.06 46.47 -11.74
CA ASP F 184 3.49 45.52 -12.76
C ASP F 184 3.80 44.17 -12.16
N ARG F 185 4.49 44.14 -11.01
CA ARG F 185 4.79 42.87 -10.36
C ARG F 185 3.51 42.15 -9.97
N TRP F 186 2.56 42.87 -9.39
CA TRP F 186 1.28 42.27 -9.03
C TRP F 186 0.54 41.74 -10.25
N LEU F 187 0.55 42.49 -11.34
CA LEU F 187 -0.14 42.07 -12.55
C LEU F 187 0.47 40.79 -13.12
N ALA F 188 1.80 40.69 -13.11
CA ALA F 188 2.43 39.47 -13.55
C ALA F 188 2.02 38.29 -12.68
N ARG F 189 1.98 38.50 -11.35
CA ARG F 189 1.58 37.42 -10.45
C ARG F 189 0.18 36.93 -10.75
N ILE F 190 -0.76 37.87 -10.96
CA ILE F 190 -2.15 37.42 -11.14
C ILE F 190 -2.37 36.84 -12.53
N VAL F 191 -1.66 37.33 -13.55
CA VAL F 191 -1.84 36.79 -14.89
C VAL F 191 -1.26 35.37 -14.98
N MET F 192 -0.07 35.16 -14.40
CA MET F 192 0.56 33.85 -14.54
C MET F 192 -0.21 32.73 -13.84
N SER F 193 -1.11 33.07 -12.92
CA SER F 193 -1.90 32.06 -12.23
C SER F 193 -2.97 31.43 -13.11
N LYS F 194 -3.20 31.98 -14.30
CA LYS F 194 -4.26 31.52 -15.17
C LYS F 194 -3.77 31.02 -16.52
N PHE F 195 -2.75 31.65 -17.10
CA PHE F 195 -2.32 31.33 -18.45
C PHE F 195 -0.84 30.98 -18.47
N LYS F 196 -0.51 29.98 -19.28
CA LYS F 196 0.87 29.53 -19.47
C LYS F 196 0.93 28.85 -20.82
N HIS F 197 1.59 29.47 -21.79
CA HIS F 197 1.58 28.92 -23.15
C HIS F 197 2.54 27.76 -23.27
N PRO F 198 2.07 26.56 -23.63
CA PRO F 198 2.98 25.43 -23.81
C PRO F 198 3.74 25.53 -25.12
N LYS F 199 4.85 24.80 -25.18
CA LYS F 199 5.66 24.75 -26.38
C LYS F 199 4.99 23.93 -27.46
N ILE F 200 5.25 24.30 -28.71
CA ILE F 200 4.74 23.57 -29.87
C ILE F 200 5.81 22.56 -30.29
N PRO F 201 5.51 21.27 -30.31
CA PRO F 201 6.50 20.29 -30.77
C PRO F 201 6.75 20.41 -32.27
N SER F 202 7.93 19.97 -32.68
CA SER F 202 8.36 20.08 -34.07
C SER F 202 9.27 18.91 -34.41
N LEU F 203 9.95 19.01 -35.55
CA LEU F 203 10.88 17.99 -36.02
C LEU F 203 12.30 18.53 -35.99
N SER F 204 13.26 17.63 -35.87
CA SER F 204 14.67 18.00 -35.80
C SER F 204 15.52 16.86 -36.36
N THR F 205 16.82 17.08 -36.42
CA THR F 205 17.77 16.08 -36.91
C THR F 205 18.52 15.38 -35.77
N SER F 206 18.10 15.56 -34.52
CA SER F 206 18.70 14.84 -33.43
C SER F 206 18.41 13.34 -33.55
N ASP F 207 19.40 12.52 -33.20
CA ASP F 207 19.31 11.07 -33.33
C ASP F 207 18.97 10.67 -34.76
N LEU F 208 19.85 11.09 -35.68
CA LEU F 208 19.61 10.85 -37.10
C LEU F 208 19.59 9.36 -37.42
N GLU F 209 20.47 8.59 -36.79
CA GLU F 209 20.58 7.16 -37.08
C GLU F 209 19.36 6.37 -36.62
N SER F 210 18.49 6.95 -35.79
CA SER F 210 17.33 6.24 -35.30
C SER F 210 16.09 6.42 -36.15
N ASN F 211 15.93 7.59 -36.79
CA ASN F 211 14.77 7.88 -37.64
C ASN F 211 15.29 8.08 -39.06
N ILE F 212 15.46 6.98 -39.80
CA ILE F 212 16.19 7.04 -41.05
C ILE F 212 15.35 7.69 -42.16
N PRO F 213 14.16 7.19 -42.52
CA PRO F 213 13.36 7.92 -43.51
C PRO F 213 12.93 9.26 -42.94
N ASN F 214 12.23 9.22 -41.81
CA ASN F 214 11.90 10.38 -41.00
C ASN F 214 11.27 9.87 -39.71
N GLU F 215 11.00 10.78 -38.79
CA GLU F 215 10.54 10.38 -37.46
C GLU F 215 9.09 9.91 -37.46
N LEU F 216 8.23 10.52 -38.26
CA LEU F 216 6.80 10.25 -38.17
C LEU F 216 6.41 8.92 -38.80
N PHE F 217 7.12 8.48 -39.85
CA PHE F 217 6.65 7.39 -40.67
C PHE F 217 6.50 6.07 -39.92
N ASP F 218 7.15 5.91 -38.78
CA ASP F 218 7.08 4.68 -38.03
C ASP F 218 6.14 4.76 -36.83
N ALA F 219 5.34 5.83 -36.72
CA ALA F 219 4.49 6.03 -35.55
C ALA F 219 3.63 4.81 -35.26
N GLU F 220 2.95 4.29 -36.28
CA GLU F 220 2.10 3.12 -36.09
C GLU F 220 2.88 1.98 -35.45
N GLY F 221 4.08 1.70 -35.96
CA GLY F 221 4.88 0.63 -35.40
C GLY F 221 5.12 0.84 -33.92
N ASP F 222 5.45 2.07 -33.53
CA ASP F 222 5.67 2.37 -32.12
C ASP F 222 4.48 1.93 -31.28
N MET F 223 3.27 2.23 -31.75
CA MET F 223 2.07 1.87 -31.00
C MET F 223 2.07 0.38 -30.71
N VAL F 224 2.34 -0.45 -31.73
CA VAL F 224 2.35 -1.89 -31.53
C VAL F 224 3.34 -2.25 -30.42
N ARG F 225 4.55 -1.69 -30.50
CA ARG F 225 5.55 -1.96 -29.47
C ARG F 225 5.00 -1.66 -28.09
N ALA F 226 4.34 -0.51 -27.93
CA ALA F 226 3.85 -0.13 -26.61
C ALA F 226 2.86 -1.17 -26.09
N ILE F 227 1.99 -1.67 -26.97
CA ILE F 227 1.01 -2.65 -26.53
C ILE F 227 1.70 -3.91 -26.04
N LYS F 228 2.82 -4.28 -26.66
CA LYS F 228 3.52 -5.47 -26.21
C LYS F 228 4.21 -5.27 -24.86
N LYS F 229 4.48 -4.02 -24.48
CA LYS F 229 5.12 -3.78 -23.19
C LYS F 229 4.14 -3.92 -22.03
N LEU F 230 2.92 -3.45 -22.22
CA LEU F 230 1.92 -3.49 -21.15
C LEU F 230 1.40 -4.91 -20.93
N CYS G 22 -19.37 -54.83 -20.43
CA CYS G 22 -20.33 -54.07 -19.63
C CYS G 22 -21.67 -54.79 -19.56
N PRO G 23 -22.09 -55.16 -18.36
CA PRO G 23 -23.38 -55.85 -18.21
C PRO G 23 -24.56 -54.89 -18.11
N SER G 24 -24.35 -53.63 -18.48
CA SER G 24 -25.39 -52.62 -18.35
C SER G 24 -25.37 -51.73 -19.59
N ARG G 25 -26.43 -51.83 -20.40
CA ARG G 25 -26.64 -50.92 -21.53
C ARG G 25 -28.11 -50.55 -21.68
N HIS G 26 -28.88 -50.66 -20.61
CA HIS G 26 -30.34 -50.54 -20.67
C HIS G 26 -30.77 -49.07 -20.61
N ASN G 27 -32.06 -48.85 -20.34
CA ASN G 27 -32.70 -47.53 -20.24
C ASN G 27 -32.75 -46.81 -21.57
N PHE G 28 -31.59 -46.47 -22.13
CA PHE G 28 -31.55 -45.70 -23.37
C PHE G 28 -32.10 -46.53 -24.53
N ASP G 29 -32.93 -45.89 -25.35
CA ASP G 29 -33.54 -46.57 -26.49
C ASP G 29 -32.48 -46.94 -27.52
N PRO G 30 -32.41 -48.19 -27.96
CA PRO G 30 -31.32 -48.59 -28.88
C PRO G 30 -31.31 -47.84 -30.20
N GLU G 31 -32.47 -47.52 -30.77
CA GLU G 31 -32.49 -46.79 -32.04
C GLU G 31 -31.90 -45.40 -31.87
N CYS G 32 -32.25 -44.72 -30.77
CA CYS G 32 -31.66 -43.42 -30.49
C CYS G 32 -30.15 -43.53 -30.32
N GLU G 33 -29.69 -44.59 -29.66
CA GLU G 33 -28.26 -44.79 -29.49
C GLU G 33 -27.56 -44.95 -30.84
N LYS G 34 -28.14 -45.74 -31.73
CA LYS G 34 -27.55 -45.94 -33.05
C LYS G 34 -27.47 -44.62 -33.82
N ALA G 35 -28.56 -43.85 -33.80
CA ALA G 35 -28.55 -42.57 -34.51
C ALA G 35 -27.54 -41.61 -33.91
N PHE G 36 -27.41 -41.60 -32.59
CA PHE G 36 -26.43 -40.74 -31.94
C PHE G 36 -25.00 -41.11 -32.36
N VAL G 37 -24.70 -42.41 -32.43
CA VAL G 37 -23.37 -42.84 -32.85
C VAL G 37 -23.11 -42.42 -34.29
N GLU G 38 -24.11 -42.54 -35.16
CA GLU G 38 -23.96 -42.08 -36.53
C GLU G 38 -23.62 -40.60 -36.59
N HIS G 39 -24.34 -39.78 -35.82
CA HIS G 39 -24.04 -38.35 -35.84
C HIS G 39 -22.66 -38.04 -35.26
N ILE G 40 -22.21 -38.83 -34.27
CA ILE G 40 -20.86 -38.65 -33.75
C ILE G 40 -19.84 -38.85 -34.86
N HIS G 41 -20.03 -39.88 -35.67
CA HIS G 41 -19.09 -40.12 -36.77
C HIS G 41 -19.15 -38.99 -37.80
N LEU G 42 -20.34 -38.44 -38.03
CA LEU G 42 -20.44 -37.29 -38.94
C LEU G 42 -19.62 -36.10 -38.43
N GLU G 43 -19.72 -35.81 -37.13
CA GLU G 43 -18.96 -34.70 -36.56
C GLU G 43 -17.45 -34.96 -36.66
N LEU G 44 -17.03 -36.20 -36.41
CA LEU G 44 -15.61 -36.53 -36.53
C LEU G 44 -15.12 -36.32 -37.95
N ALA G 45 -15.93 -36.71 -38.94
CA ALA G 45 -15.54 -36.51 -40.34
C ALA G 45 -15.40 -35.03 -40.66
N SER G 46 -16.31 -34.20 -40.16
CA SER G 46 -16.20 -32.76 -40.39
C SER G 46 -14.91 -32.20 -39.77
N SER G 47 -14.59 -32.63 -38.55
CA SER G 47 -13.36 -32.19 -37.92
C SER G 47 -12.14 -32.59 -38.73
N TYR G 48 -12.13 -33.81 -39.26
CA TYR G 48 -11.01 -34.25 -40.09
C TYR G 48 -10.90 -33.42 -41.36
N HIS G 49 -12.04 -33.10 -41.98
CA HIS G 49 -11.97 -32.35 -43.24
C HIS G 49 -11.48 -30.93 -43.05
N ALA G 50 -11.71 -30.33 -41.87
CA ALA G 50 -11.15 -29.01 -41.63
C ALA G 50 -9.62 -29.00 -41.67
N TRP G 51 -9.00 -30.13 -41.29
CA TRP G 51 -7.54 -30.23 -41.28
C TRP G 51 -6.96 -30.06 -42.68
N SER G 52 -7.60 -30.63 -43.68
CA SER G 52 -7.10 -30.53 -45.04
C SER G 52 -7.09 -29.09 -45.53
N MET G 53 -8.15 -28.34 -45.24
CA MET G 53 -8.18 -26.93 -45.61
C MET G 53 -7.08 -26.15 -44.88
N TRP G 54 -6.90 -26.44 -43.59
CA TRP G 54 -5.83 -25.78 -42.84
C TRP G 54 -4.48 -26.03 -43.47
N ALA G 55 -4.22 -27.28 -43.87
CA ALA G 55 -2.93 -27.61 -44.48
C ALA G 55 -2.79 -26.97 -45.86
N PHE G 56 -3.89 -26.88 -46.61
CA PHE G 56 -3.82 -26.29 -47.94
C PHE G 56 -3.47 -24.81 -47.88
N TYR G 57 -4.08 -24.07 -46.95
CA TYR G 57 -3.87 -22.64 -46.96
C TYR G 57 -2.58 -22.20 -46.26
N ALA G 58 -1.82 -23.15 -45.69
CA ALA G 58 -0.56 -22.83 -45.03
C ALA G 58 0.65 -23.08 -45.92
N ARG G 59 0.45 -23.47 -47.18
CA ARG G 59 1.57 -23.70 -48.09
C ARG G 59 2.31 -22.39 -48.34
N ASP G 60 3.60 -22.51 -48.64
CA ASP G 60 4.42 -21.32 -48.86
C ASP G 60 4.03 -20.55 -50.10
N CYS G 61 3.27 -21.18 -51.01
CA CYS G 61 2.77 -20.49 -52.19
C CYS G 61 1.35 -19.95 -52.01
N LYS G 62 0.74 -20.15 -50.84
CA LYS G 62 -0.57 -19.60 -50.54
C LYS G 62 -0.49 -18.56 -49.43
N ALA G 63 -0.02 -18.95 -48.24
CA ALA G 63 0.27 -18.05 -47.13
C ALA G 63 -0.90 -17.12 -46.82
N ALA G 64 -2.04 -17.71 -46.45
CA ALA G 64 -3.23 -16.98 -46.06
C ALA G 64 -3.46 -17.21 -44.58
N VAL G 65 -3.10 -16.23 -43.75
CA VAL G 65 -3.10 -16.43 -42.31
C VAL G 65 -4.53 -16.51 -41.77
N GLY G 66 -5.44 -15.68 -42.28
CA GLY G 66 -6.80 -15.67 -41.77
C GLY G 66 -7.53 -16.98 -41.98
N MET G 67 -7.42 -17.54 -43.19
CA MET G 67 -8.05 -18.82 -43.47
C MET G 67 -7.46 -19.93 -42.61
N THR G 68 -6.14 -19.88 -42.38
CA THR G 68 -5.49 -20.87 -41.53
C THR G 68 -6.07 -20.83 -40.12
N ARG G 69 -6.17 -19.62 -39.53
CA ARG G 69 -6.72 -19.50 -38.19
C ARG G 69 -8.17 -20.00 -38.14
N LEU G 70 -8.97 -19.61 -39.13
CA LEU G 70 -10.38 -20.00 -39.14
C LEU G 70 -10.53 -21.52 -39.22
N CYS G 71 -9.75 -22.17 -40.09
CA CYS G 71 -9.87 -23.61 -40.25
C CYS G 71 -9.42 -24.35 -38.99
N GLU G 72 -8.34 -23.88 -38.35
CA GLU G 72 -7.89 -24.49 -37.11
C GLU G 72 -8.99 -24.40 -36.03
N TRP G 73 -9.59 -23.22 -35.90
CA TRP G 73 -10.66 -23.03 -34.93
C TRP G 73 -11.84 -23.96 -35.22
N ALA G 74 -12.21 -24.09 -36.49
CA ALA G 74 -13.34 -24.94 -36.86
C ALA G 74 -13.07 -26.40 -36.52
N SER G 75 -11.85 -26.87 -36.79
CA SER G 75 -11.54 -28.27 -36.49
C SER G 75 -11.64 -28.53 -34.98
N HIS G 76 -11.11 -27.62 -34.17
CA HIS G 76 -11.20 -27.82 -32.72
C HIS G 76 -12.66 -27.81 -32.25
N VAL G 77 -13.48 -26.91 -32.80
CA VAL G 77 -14.88 -26.85 -32.41
C VAL G 77 -15.60 -28.15 -32.74
N SER G 78 -15.36 -28.69 -33.93
CA SER G 78 -16.02 -29.95 -34.31
C SER G 78 -15.59 -31.10 -33.42
N ALA G 79 -14.29 -31.17 -33.08
CA ALA G 79 -13.84 -32.23 -32.18
C ALA G 79 -14.53 -32.13 -30.82
N GLN G 80 -14.66 -30.90 -30.29
CA GLN G 80 -15.33 -30.73 -29.01
C GLN G 80 -16.80 -31.17 -29.09
N ARG G 81 -17.47 -30.86 -30.20
CA ARG G 81 -18.87 -31.27 -30.35
C ARG G 81 -19.01 -32.79 -30.34
N ALA G 82 -18.11 -33.48 -31.06
CA ALA G 82 -18.16 -34.95 -31.05
C ALA G 82 -17.95 -35.49 -29.65
N ARG G 83 -16.99 -34.92 -28.92
CA ARG G 83 -16.75 -35.36 -27.54
C ARG G 83 -17.98 -35.15 -26.67
N ARG G 84 -18.66 -34.02 -26.84
CA ARG G 84 -19.85 -33.73 -26.04
C ARG G 84 -20.97 -34.74 -26.31
N MET G 85 -21.20 -35.07 -27.58
CA MET G 85 -22.25 -36.04 -27.88
C MET G 85 -21.92 -37.42 -27.32
N ALA G 86 -20.65 -37.83 -27.43
CA ALA G 86 -20.26 -39.12 -26.85
C ALA G 86 -20.45 -39.12 -25.34
N ALA G 87 -20.11 -38.02 -24.67
CA ALA G 87 -20.30 -37.92 -23.23
C ALA G 87 -21.78 -38.02 -22.87
N TYR G 88 -22.65 -37.40 -23.65
CA TYR G 88 -24.07 -37.50 -23.37
C TYR G 88 -24.55 -38.95 -23.50
N VAL G 89 -24.10 -39.65 -24.54
CA VAL G 89 -24.50 -41.04 -24.69
C VAL G 89 -24.04 -41.86 -23.50
N LEU G 90 -22.80 -41.64 -23.04
CA LEU G 90 -22.30 -42.40 -21.90
C LEU G 90 -23.04 -42.07 -20.62
N THR G 91 -23.49 -40.83 -20.45
CA THR G 91 -24.20 -40.44 -19.23
C THR G 91 -25.52 -41.19 -19.09
N ARG G 92 -26.22 -41.42 -20.20
CA ARG G 92 -27.50 -42.11 -20.16
C ARG G 92 -27.36 -43.62 -20.02
N GLY G 93 -26.15 -44.15 -20.05
CA GLY G 93 -25.92 -45.57 -19.83
C GLY G 93 -25.67 -46.40 -21.07
N GLY G 94 -25.41 -45.78 -22.22
CA GLY G 94 -25.17 -46.51 -23.44
C GLY G 94 -23.69 -46.78 -23.70
N HIS G 95 -23.43 -47.37 -24.86
CA HIS G 95 -22.08 -47.66 -25.32
C HIS G 95 -21.82 -46.92 -26.63
N VAL G 96 -20.55 -46.61 -26.89
CA VAL G 96 -20.13 -45.95 -28.12
C VAL G 96 -19.17 -46.87 -28.85
N ASP G 97 -19.49 -47.18 -30.10
CA ASP G 97 -18.63 -48.00 -30.95
C ASP G 97 -18.11 -47.16 -32.10
N TYR G 98 -16.80 -47.18 -32.30
CA TYR G 98 -16.14 -46.34 -33.28
C TYR G 98 -15.80 -47.15 -34.53
N LYS G 99 -15.87 -46.48 -35.68
CA LYS G 99 -15.58 -47.12 -36.95
C LYS G 99 -14.71 -46.19 -37.79
N GLU G 100 -14.60 -46.52 -39.06
CA GLU G 100 -13.66 -45.90 -39.97
C GLU G 100 -14.05 -44.48 -40.34
N ILE G 101 -13.05 -43.63 -40.50
CA ILE G 101 -13.23 -42.22 -40.85
C ILE G 101 -12.76 -42.02 -42.29
N PRO G 102 -13.64 -41.64 -43.21
CA PRO G 102 -13.23 -41.51 -44.62
C PRO G 102 -12.39 -40.27 -44.87
N ALA G 103 -11.63 -40.33 -45.96
CA ALA G 103 -10.79 -39.22 -46.38
C ALA G 103 -11.61 -38.16 -47.10
N PRO G 104 -11.21 -36.89 -47.00
CA PRO G 104 -11.90 -35.84 -47.77
C PRO G 104 -11.69 -36.02 -49.26
N LYS G 105 -12.70 -35.59 -50.03
CA LYS G 105 -12.68 -35.83 -51.47
C LYS G 105 -11.82 -34.81 -52.19
N LYS G 106 -12.17 -33.53 -52.10
CA LYS G 106 -11.42 -32.47 -52.76
C LYS G 106 -10.48 -31.81 -51.75
N GLN G 107 -9.25 -31.54 -52.18
CA GLN G 107 -8.24 -30.95 -51.32
C GLN G 107 -7.65 -29.69 -51.96
N GLY G 108 -8.42 -29.01 -52.78
CA GLY G 108 -7.98 -27.75 -53.38
C GLY G 108 -9.16 -26.87 -53.68
N TRP G 109 -8.93 -25.56 -53.62
CA TRP G 109 -9.99 -24.59 -53.86
C TRP G 109 -9.44 -23.43 -54.69
N ASP G 110 -10.25 -22.98 -55.65
CA ASP G 110 -9.80 -21.93 -56.55
C ASP G 110 -9.71 -20.58 -55.86
N ASN G 111 -10.69 -20.26 -55.01
CA ASN G 111 -10.69 -19.00 -54.28
C ASN G 111 -11.44 -19.20 -52.97
N PHE G 112 -11.52 -18.13 -52.18
CA PHE G 112 -12.14 -18.22 -50.86
C PHE G 112 -13.63 -18.53 -50.95
N GLU G 113 -14.29 -18.09 -52.02
CA GLU G 113 -15.73 -18.28 -52.14
C GLU G 113 -16.09 -19.77 -52.17
N ASP G 114 -15.30 -20.58 -52.88
CA ASP G 114 -15.58 -22.01 -52.93
C ASP G 114 -15.47 -22.64 -51.55
N ALA G 115 -14.44 -22.28 -50.79
CA ALA G 115 -14.28 -22.84 -49.45
C ALA G 115 -15.44 -22.45 -48.55
N PHE G 116 -15.86 -21.18 -48.60
CA PHE G 116 -16.98 -20.75 -47.75
C PHE G 116 -18.27 -21.46 -48.16
N SER G 117 -18.49 -21.65 -49.47
CA SER G 117 -19.67 -22.38 -49.90
C SER G 117 -19.65 -23.83 -49.41
N HIS G 118 -18.48 -24.46 -49.47
CA HIS G 118 -18.35 -25.83 -48.96
C HIS G 118 -18.72 -25.90 -47.48
N CYS G 119 -18.22 -24.95 -46.70
CA CYS G 119 -18.52 -24.94 -45.27
C CYS G 119 -20.02 -24.73 -45.02
N VAL G 120 -20.65 -23.84 -45.79
CA VAL G 120 -22.07 -23.58 -45.61
C VAL G 120 -22.89 -24.84 -45.91
N ALA G 121 -22.54 -25.55 -46.98
CA ALA G 121 -23.25 -26.78 -47.32
C ALA G 121 -23.09 -27.82 -46.22
N ASN G 122 -21.89 -27.94 -45.66
CA ASN G 122 -21.68 -28.88 -44.57
C ASN G 122 -22.54 -28.53 -43.37
N LYS G 123 -22.65 -27.25 -43.03
CA LYS G 123 -23.49 -26.83 -41.92
C LYS G 123 -24.95 -27.21 -42.16
N LYS G 124 -25.42 -27.02 -43.39
CA LYS G 124 -26.80 -27.39 -43.69
C LYS G 124 -27.02 -28.89 -43.50
N ARG G 125 -26.07 -29.71 -43.95
CA ARG G 125 -26.20 -31.15 -43.76
C ARG G 125 -26.26 -31.53 -42.28
N ILE G 126 -25.40 -30.90 -41.47
CA ILE G 126 -25.39 -31.18 -40.04
C ILE G 126 -26.75 -30.82 -39.41
N LEU G 127 -27.30 -29.67 -39.80
CA LEU G 127 -28.59 -29.26 -39.25
C LEU G 127 -29.70 -30.24 -39.61
N THR G 128 -29.69 -30.73 -40.85
CA THR G 128 -30.70 -31.71 -41.25
C THR G 128 -30.61 -32.97 -40.41
N SER G 129 -29.38 -33.46 -40.20
CA SER G 129 -29.21 -34.66 -39.37
C SER G 129 -29.71 -34.43 -37.94
N LEU G 130 -29.40 -33.27 -37.37
CA LEU G 130 -29.84 -32.99 -36.00
C LEU G 130 -31.37 -32.91 -35.92
N GLN G 131 -32.00 -32.33 -36.93
CA GLN G 131 -33.46 -32.27 -36.93
C GLN G 131 -34.07 -33.66 -36.99
N SER G 132 -33.49 -34.56 -37.80
CA SER G 132 -33.96 -35.93 -37.83
C SER G 132 -33.82 -36.61 -36.46
N LEU G 133 -32.70 -36.38 -35.79
CA LEU G 133 -32.51 -36.93 -34.45
C LEU G 133 -33.60 -36.44 -33.48
N TYR G 134 -33.86 -35.13 -33.51
CA TYR G 134 -34.87 -34.56 -32.63
C TYR G 134 -36.24 -35.17 -32.91
N GLN G 135 -36.58 -35.34 -34.18
CA GLN G 135 -37.85 -35.97 -34.52
C GLN G 135 -37.92 -37.40 -33.99
N CYS G 136 -36.81 -38.12 -34.08
CA CYS G 136 -36.81 -39.51 -33.61
C CYS G 136 -37.04 -39.60 -32.11
N CYS G 137 -36.40 -38.74 -31.33
CA CYS G 137 -36.42 -38.88 -29.88
C CYS G 137 -37.49 -38.03 -29.19
N GLN G 138 -38.33 -37.34 -29.95
CA GLN G 138 -39.23 -36.36 -29.35
C GLN G 138 -40.37 -37.00 -28.57
N SER G 139 -40.88 -38.13 -29.05
CA SER G 139 -42.11 -38.68 -28.48
C SER G 139 -41.91 -39.19 -27.05
N LYS G 140 -40.80 -39.89 -26.78
CA LYS G 140 -40.60 -40.53 -25.49
C LYS G 140 -39.72 -39.72 -24.55
N ASP G 141 -38.50 -39.39 -24.96
CA ASP G 141 -37.51 -38.80 -24.06
C ASP G 141 -37.52 -37.28 -24.19
N ALA G 142 -37.98 -36.59 -23.16
CA ALA G 142 -37.99 -35.13 -23.17
C ALA G 142 -36.60 -34.54 -22.97
N HIS G 143 -35.82 -35.14 -22.06
CA HIS G 143 -34.48 -34.62 -21.78
C HIS G 143 -33.58 -34.73 -23.01
N CYS G 144 -33.68 -35.84 -23.74
CA CYS G 144 -32.87 -36.01 -24.95
C CYS G 144 -33.20 -34.97 -26.00
N SER G 145 -34.50 -34.70 -26.21
CA SER G 145 -34.89 -33.70 -27.20
C SER G 145 -34.44 -32.31 -26.78
N ASN G 146 -34.54 -32.00 -25.48
CA ASN G 146 -34.05 -30.71 -25.00
C ASN G 146 -32.55 -30.58 -25.22
N PHE G 147 -31.80 -31.65 -24.95
CA PHE G 147 -30.35 -31.63 -25.19
C PHE G 147 -30.05 -31.38 -26.66
N ILE G 148 -30.79 -32.04 -27.55
CA ILE G 148 -30.56 -31.86 -28.98
C ILE G 148 -30.83 -30.41 -29.39
N GLN G 149 -31.94 -29.85 -28.93
CA GLN G 149 -32.32 -28.52 -29.41
C GLN G 149 -31.56 -27.40 -28.73
N THR G 150 -30.92 -27.65 -27.58
CA THR G 150 -30.16 -26.58 -26.93
C THR G 150 -28.65 -26.71 -27.14
N ASP G 151 -28.07 -27.88 -26.85
CA ASP G 151 -26.63 -28.01 -26.81
C ASP G 151 -25.99 -28.33 -28.16
N MET G 152 -26.77 -28.56 -29.21
CA MET G 152 -26.20 -28.92 -30.50
C MET G 152 -26.59 -28.00 -31.65
N MET G 153 -27.78 -27.39 -31.63
CA MET G 153 -28.25 -26.61 -32.76
C MET G 153 -27.79 -25.16 -32.75
N ASP G 154 -27.65 -24.57 -31.55
CA ASP G 154 -27.34 -23.15 -31.44
C ASP G 154 -26.02 -22.79 -32.11
N GLU G 155 -24.98 -23.62 -31.87
CA GLU G 155 -23.68 -23.38 -32.48
C GLU G 155 -23.79 -23.39 -34.00
N VAL G 156 -24.53 -24.36 -34.54
CA VAL G 156 -24.66 -24.48 -35.98
C VAL G 156 -25.34 -23.27 -36.57
N ILE G 157 -26.41 -22.79 -35.92
CA ILE G 157 -27.13 -21.63 -36.43
C ILE G 157 -26.21 -20.40 -36.45
N ALA G 158 -25.49 -20.18 -35.34
CA ALA G 158 -24.62 -19.00 -35.27
C ALA G 158 -23.50 -19.07 -36.31
N TRP G 159 -22.87 -20.24 -36.45
CA TRP G 159 -21.79 -20.39 -37.41
C TRP G 159 -22.30 -20.20 -38.84
N ASN G 160 -23.50 -20.70 -39.14
CA ASN G 160 -24.06 -20.52 -40.47
C ASN G 160 -24.27 -19.04 -40.77
N LYS G 161 -24.79 -18.28 -39.81
CA LYS G 161 -24.97 -16.84 -40.04
C LYS G 161 -23.62 -16.16 -40.30
N PHE G 162 -22.61 -16.48 -39.49
CA PHE G 162 -21.30 -15.84 -39.66
C PHE G 162 -20.71 -16.16 -41.04
N LEU G 163 -20.77 -17.43 -41.46
CA LEU G 163 -20.20 -17.81 -42.73
C LEU G 163 -20.95 -17.17 -43.90
N SER G 164 -22.28 -17.06 -43.79
CA SER G 164 -23.05 -16.41 -44.85
C SER G 164 -22.67 -14.94 -44.97
N ASP G 165 -22.48 -14.25 -43.84
CA ASP G 165 -22.06 -12.86 -43.89
C ASP G 165 -20.71 -12.72 -44.56
N CYS G 166 -19.76 -13.60 -44.20
CA CYS G 166 -18.44 -13.55 -44.84
C CYS G 166 -18.54 -13.79 -46.34
N LEU G 167 -19.38 -14.75 -46.75
CA LEU G 167 -19.53 -15.05 -48.17
C LEU G 167 -20.10 -13.86 -48.94
N SER G 168 -21.11 -13.19 -48.37
CA SER G 168 -21.67 -12.01 -49.03
C SER G 168 -20.63 -10.91 -49.17
N ASN G 169 -19.84 -10.68 -48.12
CA ASN G 169 -18.80 -9.66 -48.20
C ASN G 169 -17.77 -10.00 -49.28
N LEU G 170 -17.37 -11.27 -49.35
CA LEU G 170 -16.40 -11.68 -50.36
C LEU G 170 -16.94 -11.51 -51.76
N HIS G 171 -18.21 -11.88 -51.97
CA HIS G 171 -18.81 -11.73 -53.29
C HIS G 171 -18.87 -10.27 -53.70
N CYS G 172 -19.19 -9.38 -52.75
CA CYS G 172 -19.21 -7.96 -53.07
C CYS G 172 -17.80 -7.44 -53.39
N ILE G 173 -16.79 -7.89 -52.65
CA ILE G 173 -15.45 -7.33 -52.80
C ILE G 173 -14.88 -7.64 -54.18
N GLY G 174 -14.98 -8.89 -54.60
CA GLY G 174 -14.41 -9.33 -55.87
C GLY G 174 -13.45 -10.46 -55.67
N SER G 175 -12.68 -10.75 -56.74
CA SER G 175 -11.72 -11.85 -56.68
C SER G 175 -10.39 -11.52 -57.35
N GLN G 176 -10.12 -10.26 -57.68
CA GLN G 176 -8.89 -9.88 -58.34
C GLN G 176 -8.28 -8.67 -57.65
N GLY G 177 -6.97 -8.54 -57.76
CA GLY G 177 -6.26 -7.46 -57.13
C GLY G 177 -5.87 -7.77 -55.70
N MET G 178 -5.85 -6.75 -54.84
CA MET G 178 -5.48 -6.92 -53.45
C MET G 178 -6.67 -6.95 -52.50
N GLY G 179 -7.89 -7.04 -53.01
CA GLY G 179 -9.07 -7.13 -52.18
C GLY G 179 -9.07 -8.35 -51.27
N PRO G 180 -8.88 -9.55 -51.84
CA PRO G 180 -8.83 -10.76 -51.00
C PRO G 180 -7.75 -10.71 -49.94
N TRP G 181 -6.60 -10.11 -50.24
CA TRP G 181 -5.50 -10.04 -49.28
C TRP G 181 -5.87 -9.19 -48.07
N VAL G 182 -6.48 -8.02 -48.33
CA VAL G 182 -6.93 -7.15 -47.25
C VAL G 182 -8.01 -7.85 -46.43
N PHE G 183 -8.94 -8.52 -47.12
CA PHE G 183 -9.95 -9.31 -46.42
C PHE G 183 -9.31 -10.36 -45.53
N ASP G 184 -8.26 -11.01 -46.01
CA ASP G 184 -7.58 -12.04 -45.22
C ASP G 184 -6.96 -11.45 -43.96
N ARG G 185 -6.31 -10.27 -44.07
CA ARG G 185 -5.80 -9.66 -42.84
C ARG G 185 -6.92 -9.40 -41.85
N TRP G 186 -8.02 -8.82 -42.33
CA TRP G 186 -9.12 -8.48 -41.43
C TRP G 186 -9.68 -9.74 -40.76
N LEU G 187 -9.82 -10.82 -41.53
CA LEU G 187 -10.33 -12.07 -40.96
C LEU G 187 -9.40 -12.60 -39.89
N ALA G 188 -8.09 -12.55 -40.14
CA ALA G 188 -7.14 -13.00 -39.11
C ALA G 188 -7.28 -12.17 -37.84
N ARG G 189 -7.41 -10.86 -37.99
CA ARG G 189 -7.54 -9.99 -36.82
C ARG G 189 -8.79 -10.33 -36.01
N ILE G 190 -9.92 -10.53 -36.69
CA ILE G 190 -11.14 -10.76 -35.92
C ILE G 190 -11.18 -12.17 -35.34
N VAL G 191 -10.58 -13.16 -36.00
CA VAL G 191 -10.58 -14.51 -35.44
C VAL G 191 -9.66 -14.58 -34.23
N MET G 192 -8.48 -13.97 -34.31
CA MET G 192 -7.50 -14.07 -33.24
C MET G 192 -7.97 -13.42 -31.95
N SER G 193 -8.96 -12.53 -32.00
CA SER G 193 -9.47 -11.89 -30.81
C SER G 193 -10.34 -12.81 -29.95
N LYS G 194 -10.67 -13.98 -30.46
CA LYS G 194 -11.57 -14.89 -29.76
C LYS G 194 -10.93 -16.23 -29.42
N PHE G 195 -10.08 -16.77 -30.28
CA PHE G 195 -9.57 -18.12 -30.13
C PHE G 195 -8.04 -18.11 -30.11
N LYS G 196 -7.49 -18.94 -29.24
CA LYS G 196 -6.04 -19.14 -29.12
C LYS G 196 -5.80 -20.52 -28.51
N HIS G 197 -5.30 -21.45 -29.31
CA HIS G 197 -5.13 -22.80 -28.81
C HIS G 197 -3.89 -22.89 -27.93
N PRO G 198 -4.02 -23.28 -26.66
CA PRO G 198 -2.84 -23.42 -25.81
C PRO G 198 -2.09 -24.70 -26.12
N LYS G 199 -0.83 -24.73 -25.71
CA LYS G 199 0.01 -25.89 -25.89
C LYS G 199 -0.41 -27.01 -24.94
N ILE G 200 -0.24 -28.24 -25.39
CA ILE G 200 -0.51 -29.43 -24.58
C ILE G 200 0.78 -29.83 -23.88
N PRO G 201 0.81 -29.87 -22.55
CA PRO G 201 2.03 -30.31 -21.86
C PRO G 201 2.28 -31.80 -22.07
N SER G 202 3.55 -32.18 -21.95
CA SER G 202 3.96 -33.55 -22.19
C SER G 202 5.14 -33.89 -21.28
N LEU G 203 5.80 -35.01 -21.58
CA LEU G 203 6.97 -35.45 -20.83
C LEU G 203 8.21 -35.37 -21.70
N SER G 204 9.37 -35.24 -21.05
CA SER G 204 10.64 -35.13 -21.77
C SER G 204 11.75 -35.68 -20.88
N THR G 205 12.96 -35.69 -21.43
CA THR G 205 14.14 -36.16 -20.70
C THR G 205 15.01 -35.02 -20.19
N SER G 206 14.53 -33.78 -20.24
CA SER G 206 15.26 -32.68 -19.66
C SER G 206 15.36 -32.82 -18.15
N ASP G 207 16.51 -32.45 -17.59
CA ASP G 207 16.79 -32.60 -16.17
C ASP G 207 16.60 -34.05 -15.73
N LEU G 208 17.36 -34.94 -16.37
CA LEU G 208 17.23 -36.36 -16.10
C LEU G 208 17.59 -36.70 -14.66
N GLU G 209 18.62 -36.06 -14.12
CA GLU G 209 19.08 -36.36 -12.77
C GLU G 209 18.09 -35.95 -11.69
N SER G 210 17.08 -35.15 -12.02
CA SER G 210 16.12 -34.69 -11.03
C SER G 210 14.90 -35.58 -10.92
N ASN G 211 14.47 -36.21 -12.01
CA ASN G 211 13.30 -37.09 -12.03
C ASN G 211 13.78 -38.49 -12.38
N ILE G 212 14.24 -39.23 -11.37
CA ILE G 212 14.97 -40.47 -11.63
C ILE G 212 14.02 -41.59 -12.08
N PRO G 213 13.00 -41.99 -11.30
CA PRO G 213 12.07 -42.99 -11.83
C PRO G 213 11.31 -42.42 -13.02
N ASN G 214 10.61 -41.31 -12.78
CA ASN G 214 9.98 -40.50 -13.81
C ASN G 214 9.47 -39.23 -13.13
N GLU G 215 8.95 -38.31 -13.93
CA GLU G 215 8.57 -37.00 -13.40
C GLU G 215 7.29 -37.05 -12.58
N LEU G 216 6.32 -37.87 -12.98
CA LEU G 216 5.00 -37.82 -12.35
C LEU G 216 4.97 -38.49 -10.99
N PHE G 217 5.79 -39.51 -10.77
CA PHE G 217 5.63 -40.38 -9.59
C PHE G 217 5.80 -39.63 -8.27
N ASP G 218 6.44 -38.47 -8.27
CA ASP G 218 6.66 -37.74 -7.03
C ASP G 218 5.70 -36.57 -6.85
N ALA G 219 4.66 -36.47 -7.68
CA ALA G 219 3.75 -35.33 -7.65
C ALA G 219 3.22 -35.08 -6.25
N GLU G 220 2.72 -36.12 -5.59
CA GLU G 220 2.17 -35.97 -4.24
C GLU G 220 3.20 -35.32 -3.32
N GLY G 221 4.44 -35.80 -3.36
CA GLY G 221 5.47 -35.23 -2.51
C GLY G 221 5.61 -33.74 -2.74
N ASP G 222 5.61 -33.32 -4.01
CA ASP G 222 5.72 -31.90 -4.33
C ASP G 222 4.66 -31.10 -3.59
N MET G 223 3.42 -31.61 -3.59
CA MET G 223 2.33 -30.90 -2.93
C MET G 223 2.69 -30.63 -1.48
N VAL G 224 3.18 -31.65 -0.77
CA VAL G 224 3.55 -31.47 0.64
C VAL G 224 4.56 -30.34 0.76
N ARG G 225 5.60 -30.37 -0.09
CA ARG G 225 6.61 -29.32 -0.05
C ARG G 225 5.97 -27.95 -0.18
N ALA G 226 5.04 -27.80 -1.13
CA ALA G 226 4.44 -26.49 -1.34
C ALA G 226 3.73 -26.01 -0.09
N ILE G 227 3.03 -26.92 0.60
CA ILE G 227 2.31 -26.52 1.80
C ILE G 227 3.28 -26.02 2.86
N LYS G 228 4.47 -26.61 2.93
CA LYS G 228 5.43 -26.16 3.92
C LYS G 228 6.02 -24.79 3.57
N LYS G 229 5.97 -24.39 2.30
CA LYS G 229 6.49 -23.08 1.94
C LYS G 229 5.55 -21.95 2.34
N LEU G 230 4.25 -22.16 2.19
CA LEU G 230 3.26 -21.13 2.50
C LEU G 230 3.11 -20.94 4.00
N CYS H 22 59.56 4.08 15.32
CA CYS H 22 58.97 5.27 14.72
C CYS H 22 59.97 6.42 14.69
N PRO H 23 60.32 6.90 13.51
CA PRO H 23 61.27 8.01 13.40
C PRO H 23 60.61 9.37 13.53
N SER H 24 59.38 9.41 14.02
CA SER H 24 58.63 10.65 14.13
C SER H 24 57.88 10.68 15.45
N ARG H 25 58.30 11.57 16.35
CA ARG H 25 57.58 11.84 17.59
C ARG H 25 57.59 13.33 17.93
N HIS H 26 57.77 14.19 16.94
CA HIS H 26 58.00 15.61 17.15
C HIS H 26 56.68 16.36 17.31
N ASN H 27 56.74 17.69 17.21
CA ASN H 27 55.61 18.61 17.32
C ASN H 27 55.04 18.66 18.74
N PHE H 28 54.50 17.54 19.22
CA PHE H 28 53.87 17.52 20.53
C PHE H 28 54.91 17.73 21.63
N ASP H 29 54.56 18.57 22.60
CA ASP H 29 55.48 18.87 23.70
C ASP H 29 55.68 17.64 24.57
N PRO H 30 56.93 17.24 24.84
CA PRO H 30 57.14 15.99 25.60
C PRO H 30 56.55 15.97 26.99
N GLU H 31 56.56 17.10 27.71
CA GLU H 31 55.98 17.13 29.05
C GLU H 31 54.49 16.89 29.00
N CYS H 32 53.80 17.51 28.03
CA CYS H 32 52.37 17.26 27.86
C CYS H 32 52.11 15.80 27.53
N GLU H 33 52.97 15.20 26.70
CA GLU H 33 52.82 13.78 26.36
C GLU H 33 52.93 12.91 27.61
N LYS H 34 53.92 13.19 28.46
CA LYS H 34 54.10 12.41 29.67
C LYS H 34 52.89 12.54 30.59
N ALA H 35 52.39 13.75 30.77
CA ALA H 35 51.22 13.95 31.63
C ALA H 35 49.99 13.25 31.06
N PHE H 36 49.82 13.29 29.74
CA PHE H 36 48.70 12.61 29.11
C PHE H 36 48.77 11.10 29.34
N VAL H 37 49.96 10.51 29.22
CA VAL H 37 50.11 9.08 29.45
C VAL H 37 49.78 8.73 30.90
N GLU H 38 50.22 9.57 31.84
CA GLU H 38 49.87 9.36 33.23
C GLU H 38 48.36 9.36 33.45
N HIS H 39 47.66 10.32 32.85
CA HIS H 39 46.21 10.35 33.02
C HIS H 39 45.54 9.15 32.35
N ILE H 40 46.09 8.67 31.24
CA ILE H 40 45.56 7.46 30.61
C ILE H 40 45.61 6.30 31.59
N HIS H 41 46.74 6.15 32.28
CA HIS H 41 46.86 5.06 33.24
C HIS H 41 45.88 5.24 34.40
N LEU H 42 45.64 6.48 34.81
CA LEU H 42 44.65 6.72 35.86
C LEU H 42 43.26 6.26 35.42
N GLU H 43 42.87 6.58 34.19
CA GLU H 43 41.56 6.15 33.68
C GLU H 43 41.47 4.63 33.61
N LEU H 44 42.55 3.98 33.17
CA LEU H 44 42.54 2.52 33.10
C LEU H 44 42.37 1.91 34.49
N ALA H 45 43.03 2.49 35.50
CA ALA H 45 42.88 1.98 36.86
C ALA H 45 41.44 2.13 37.35
N SER H 46 40.81 3.26 37.04
CA SER H 46 39.41 3.45 37.43
C SER H 46 38.51 2.40 36.77
N SER H 47 38.73 2.15 35.48
CA SER H 47 37.96 1.12 34.79
C SER H 47 38.14 -0.25 35.43
N TYR H 48 39.37 -0.58 35.80
CA TYR H 48 39.62 -1.86 36.46
C TYR H 48 38.91 -1.94 37.80
N HIS H 49 38.92 -0.86 38.56
CA HIS H 49 38.31 -0.89 39.90
C HIS H 49 36.80 -1.04 39.83
N ALA H 50 36.16 -0.54 38.76
CA ALA H 50 34.72 -0.76 38.64
C ALA H 50 34.37 -2.24 38.53
N TRP H 51 35.27 -3.04 37.95
CA TRP H 51 35.02 -4.48 37.78
C TRP H 51 34.86 -5.18 39.13
N SER H 52 35.67 -4.80 40.11
CA SER H 52 35.58 -5.44 41.42
C SER H 52 34.23 -5.19 42.08
N MET H 53 33.73 -3.96 41.99
CA MET H 53 32.40 -3.66 42.53
C MET H 53 31.32 -4.46 41.80
N TRP H 54 31.43 -4.54 40.47
CA TRP H 54 30.47 -5.33 39.71
C TRP H 54 30.47 -6.78 40.17
N ALA H 55 31.65 -7.36 40.38
CA ALA H 55 31.73 -8.75 40.82
C ALA H 55 31.21 -8.92 42.24
N PHE H 56 31.45 -7.92 43.10
CA PHE H 56 31.00 -8.02 44.48
C PHE H 56 29.48 -8.02 44.57
N TYR H 57 28.81 -7.16 43.81
CA TYR H 57 27.38 -7.05 43.97
C TYR H 57 26.59 -8.12 43.21
N ALA H 58 27.27 -8.98 42.45
CA ALA H 58 26.60 -10.06 41.72
C ALA H 58 26.65 -11.39 42.45
N ARG H 59 27.19 -11.44 43.67
CA ARG H 59 27.24 -12.68 44.42
C ARG H 59 25.82 -13.15 44.76
N ASP H 60 25.66 -14.46 44.92
CA ASP H 60 24.35 -15.01 45.20
C ASP H 60 23.82 -14.61 46.56
N CYS H 61 24.68 -14.12 47.45
CA CYS H 61 24.26 -13.64 48.75
C CYS H 61 24.05 -12.12 48.78
N LYS H 62 24.27 -11.44 47.66
CA LYS H 62 24.01 -10.00 47.56
C LYS H 62 22.88 -9.72 46.59
N ALA H 63 23.03 -10.11 45.32
CA ALA H 63 21.99 -10.05 44.30
C ALA H 63 21.33 -8.68 44.23
N ALA H 64 22.13 -7.67 43.90
CA ALA H 64 21.66 -6.30 43.72
C ALA H 64 21.80 -5.94 42.25
N VAL H 65 20.69 -5.97 41.52
CA VAL H 65 20.73 -5.84 40.07
C VAL H 65 21.10 -4.41 39.66
N GLY H 66 20.56 -3.41 40.36
CA GLY H 66 20.82 -2.03 39.99
C GLY H 66 22.28 -1.65 40.10
N MET H 67 22.91 -2.02 41.22
CA MET H 67 24.32 -1.73 41.40
C MET H 67 25.17 -2.44 40.36
N THR H 68 24.80 -3.68 40.01
CA THR H 68 25.50 -4.42 38.98
C THR H 68 25.47 -3.68 37.65
N ARG H 69 24.27 -3.24 37.23
CA ARG H 69 24.16 -2.50 35.98
C ARG H 69 24.97 -1.21 36.01
N LEU H 70 24.87 -0.48 37.11
CA LEU H 70 25.59 0.79 37.21
C LEU H 70 27.10 0.60 37.11
N CYS H 71 27.63 -0.41 37.82
CA CYS H 71 29.07 -0.64 37.81
C CYS H 71 29.56 -1.08 36.43
N GLU H 72 28.78 -1.94 35.75
CA GLU H 72 29.15 -2.34 34.40
C GLU H 72 29.21 -1.14 33.46
N TRP H 73 28.20 -0.28 33.53
CA TRP H 73 28.18 0.92 32.70
C TRP H 73 29.38 1.81 33.00
N ALA H 74 29.71 1.99 34.27
CA ALA H 74 30.83 2.85 34.63
C ALA H 74 32.15 2.30 34.10
N SER H 75 32.35 1.00 34.19
CA SER H 75 33.60 0.42 33.68
C SER H 75 33.73 0.64 32.18
N HIS H 76 32.65 0.42 31.43
CA HIS H 76 32.72 0.65 29.99
C HIS H 76 33.01 2.12 29.66
N VAL H 77 32.38 3.04 30.40
CA VAL H 77 32.61 4.46 30.16
C VAL H 77 34.07 4.83 30.39
N SER H 78 34.65 4.33 31.48
CA SER H 78 36.06 4.64 31.76
C SER H 78 36.98 4.08 30.70
N ALA H 79 36.72 2.85 30.23
CA ALA H 79 37.55 2.30 29.16
C ALA H 79 37.48 3.15 27.90
N GLN H 80 36.27 3.60 27.54
CA GLN H 80 36.14 4.46 26.37
C GLN H 80 36.91 5.77 26.54
N ARG H 81 36.88 6.35 27.73
CA ARG H 81 37.61 7.59 27.97
C ARG H 81 39.12 7.39 27.78
N ALA H 82 39.65 6.28 28.32
CA ALA H 82 41.08 6.01 28.14
C ALA H 82 41.42 5.85 26.67
N ARG H 83 40.57 5.14 25.92
CA ARG H 83 40.81 4.98 24.48
C ARG H 83 40.81 6.33 23.77
N ARG H 84 39.89 7.22 24.14
CA ARG H 84 39.81 8.52 23.50
C ARG H 84 41.07 9.35 23.75
N MET H 85 41.57 9.35 25.00
CA MET H 85 42.78 10.11 25.27
C MET H 85 43.98 9.55 24.52
N ALA H 86 44.10 8.22 24.45
CA ALA H 86 45.19 7.63 23.68
C ALA H 86 45.10 8.00 22.20
N ALA H 87 43.88 8.00 21.65
CA ALA H 87 43.70 8.38 20.26
C ALA H 87 44.10 9.83 20.03
N TYR H 88 43.78 10.72 20.97
CA TYR H 88 44.19 12.11 20.80
C TYR H 88 45.71 12.23 20.81
N VAL H 89 46.38 11.51 21.70
CA VAL H 89 47.83 11.57 21.73
C VAL H 89 48.40 11.09 20.40
N LEU H 90 47.86 10.00 19.86
CA LEU H 90 48.36 9.48 18.59
C LEU H 90 48.09 10.44 17.43
N THR H 91 46.98 11.16 17.47
CA THR H 91 46.66 12.08 16.37
C THR H 91 47.68 13.22 16.28
N ARG H 92 48.17 13.70 17.41
CA ARG H 92 49.13 14.79 17.41
C ARG H 92 50.55 14.34 17.07
N GLY H 93 50.78 13.05 16.92
CA GLY H 93 52.07 12.54 16.50
C GLY H 93 52.94 11.96 17.60
N GLY H 94 52.39 11.70 18.79
CA GLY H 94 53.17 11.16 19.88
C GLY H 94 53.11 9.65 19.96
N HIS H 95 53.72 9.12 21.01
CA HIS H 95 53.74 7.68 21.30
C HIS H 95 53.09 7.44 22.66
N VAL H 96 52.52 6.25 22.82
CA VAL H 96 51.90 5.84 24.08
C VAL H 96 52.63 4.62 24.59
N ASP H 97 53.13 4.70 25.83
CA ASP H 97 53.81 3.58 26.48
C ASP H 97 52.98 3.13 27.67
N TYR H 98 52.71 1.83 27.73
CA TYR H 98 51.84 1.26 28.74
C TYR H 98 52.67 0.59 29.84
N LYS H 99 52.15 0.67 31.07
CA LYS H 99 52.82 0.09 32.21
C LYS H 99 51.80 -0.65 33.07
N GLU H 100 52.22 -0.98 34.28
CA GLU H 100 51.49 -1.87 35.16
C GLU H 100 50.25 -1.22 35.74
N ILE H 101 49.20 -2.03 35.91
CA ILE H 101 47.92 -1.58 36.44
C ILE H 101 47.75 -2.17 37.84
N PRO H 102 47.68 -1.34 38.88
CA PRO H 102 47.60 -1.89 40.25
C PRO H 102 46.23 -2.45 40.57
N ALA H 103 46.21 -3.34 41.57
CA ALA H 103 44.98 -3.96 42.03
C ALA H 103 44.22 -3.01 42.96
N PRO H 104 42.89 -3.11 42.98
CA PRO H 104 42.11 -2.30 43.93
C PRO H 104 42.37 -2.72 45.36
N LYS H 105 42.28 -1.75 46.27
CA LYS H 105 42.64 -2.00 47.67
C LYS H 105 41.52 -2.70 48.42
N LYS H 106 40.35 -2.06 48.52
CA LYS H 106 39.22 -2.63 49.22
C LYS H 106 38.26 -3.26 48.22
N GLN H 107 37.76 -4.45 48.55
CA GLN H 107 36.86 -5.19 47.68
C GLN H 107 35.57 -5.58 48.41
N GLY H 108 35.17 -4.77 49.38
CA GLY H 108 33.91 -5.00 50.08
C GLY H 108 33.36 -3.69 50.61
N TRP H 109 32.04 -3.62 50.69
CA TRP H 109 31.37 -2.40 51.14
C TRP H 109 30.20 -2.77 52.05
N ASP H 110 30.05 -2.02 53.13
CA ASP H 110 29.01 -2.33 54.11
C ASP H 110 27.62 -2.04 53.58
N ASN H 111 27.45 -0.91 52.88
CA ASN H 111 26.16 -0.54 52.32
C ASN H 111 26.41 0.30 51.07
N PHE H 112 25.32 0.71 50.43
CA PHE H 112 25.42 1.45 49.17
C PHE H 112 26.08 2.82 49.37
N GLU H 113 25.91 3.42 50.54
CA GLU H 113 26.45 4.76 50.77
C GLU H 113 27.96 4.77 50.66
N ASP H 114 28.63 3.74 51.18
CA ASP H 114 30.09 3.68 51.09
C ASP H 114 30.54 3.61 49.64
N ALA H 115 29.88 2.79 48.82
CA ALA H 115 30.25 2.68 47.42
C ALA H 115 30.06 3.99 46.69
N PHE H 116 28.93 4.68 46.93
CA PHE H 116 28.70 5.95 46.26
C PHE H 116 29.72 7.00 46.70
N SER H 117 30.09 7.01 47.98
CA SER H 117 31.11 7.93 48.45
C SER H 117 32.46 7.66 47.79
N HIS H 118 32.81 6.38 47.65
CA HIS H 118 34.05 6.01 46.96
C HIS H 118 34.06 6.53 45.53
N CYS H 119 32.95 6.35 44.82
CA CYS H 119 32.87 6.83 43.45
C CYS H 119 32.99 8.35 43.37
N VAL H 120 32.35 9.06 44.30
CA VAL H 120 32.41 10.52 44.29
C VAL H 120 33.85 11.00 44.52
N ALA H 121 34.56 10.37 45.45
CA ALA H 121 35.95 10.74 45.70
C ALA H 121 36.81 10.49 44.47
N ASN H 122 36.59 9.37 43.79
CA ASN H 122 37.35 9.09 42.57
C ASN H 122 37.10 10.15 41.51
N LYS H 123 35.84 10.58 41.36
CA LYS H 123 35.53 11.62 40.39
C LYS H 123 36.26 12.92 40.72
N LYS H 124 36.30 13.27 42.00
CA LYS H 124 37.02 14.49 42.39
C LYS H 124 38.51 14.40 42.04
N ARG H 125 39.12 13.23 42.29
CA ARG H 125 40.53 13.06 41.94
C ARG H 125 40.75 13.22 40.44
N ILE H 126 39.87 12.63 39.62
CA ILE H 126 40.00 12.73 38.18
C ILE H 126 39.91 14.19 37.74
N LEU H 127 38.97 14.94 38.32
CA LEU H 127 38.81 16.35 37.95
C LEU H 127 40.05 17.16 38.30
N THR H 128 40.65 16.89 39.46
CA THR H 128 41.87 17.60 39.83
C THR H 128 42.99 17.33 38.84
N SER H 129 43.16 16.07 38.44
CA SER H 129 44.19 15.73 37.46
C SER H 129 43.95 16.45 36.13
N LEU H 130 42.70 16.47 35.68
CA LEU H 130 42.40 17.13 34.41
C LEU H 130 42.67 18.63 34.48
N GLN H 131 42.36 19.25 35.61
CA GLN H 131 42.64 20.69 35.76
C GLN H 131 44.14 20.95 35.71
N SER H 132 44.94 20.09 36.34
CA SER H 132 46.39 20.24 36.25
C SER H 132 46.87 20.13 34.80
N LEU H 133 46.32 19.17 34.05
CA LEU H 133 46.69 19.03 32.65
C LEU H 133 46.37 20.31 31.86
N TYR H 134 45.17 20.85 32.08
CA TYR H 134 44.77 22.06 31.37
C TYR H 134 45.71 23.22 31.71
N GLN H 135 46.08 23.35 32.98
CA GLN H 135 47.01 24.40 33.35
C GLN H 135 48.36 24.22 32.67
N CYS H 136 48.82 22.97 32.56
CA CYS H 136 50.10 22.72 31.92
C CYS H 136 50.10 23.11 30.45
N CYS H 137 49.04 22.78 29.72
CA CYS H 137 49.04 22.95 28.27
C CYS H 137 48.40 24.25 27.80
N GLN H 138 48.00 25.12 28.72
CA GLN H 138 47.21 26.29 28.33
C GLN H 138 48.02 27.35 27.60
N SER H 139 49.28 27.53 27.98
CA SER H 139 50.05 28.66 27.47
C SER H 139 50.35 28.53 25.98
N LYS H 140 50.73 27.34 25.52
CA LYS H 140 51.18 27.16 24.15
C LYS H 140 50.11 26.60 23.23
N ASP H 141 49.54 25.44 23.54
CA ASP H 141 48.65 24.73 22.64
C ASP H 141 47.20 25.05 22.96
N ALA H 142 46.54 25.78 22.07
CA ALA H 142 45.13 26.11 22.27
C ALA H 142 44.21 24.93 22.00
N HIS H 143 44.52 24.15 20.95
CA HIS H 143 43.68 23.00 20.61
C HIS H 143 43.70 21.96 21.73
N CYS H 144 44.86 21.73 22.32
CA CYS H 144 44.96 20.75 23.41
C CYS H 144 44.13 21.18 24.61
N SER H 145 44.19 22.46 24.98
CA SER H 145 43.41 22.94 26.12
C SER H 145 41.92 22.86 25.83
N ASN H 146 41.52 23.19 24.60
CA ASN H 146 40.11 23.06 24.23
C ASN H 146 39.65 21.61 24.32
N PHE H 147 40.49 20.68 23.85
CA PHE H 147 40.15 19.26 23.94
C PHE H 147 39.98 18.84 25.40
N ILE H 148 40.88 19.30 26.27
CA ILE H 148 40.78 18.94 27.69
C ILE H 148 39.49 19.47 28.29
N GLN H 149 39.16 20.74 28.02
CA GLN H 149 38.02 21.33 28.70
C GLN H 149 36.68 20.93 28.07
N THR H 150 36.66 20.40 26.85
CA THR H 150 35.39 19.97 26.26
C THR H 150 35.19 18.46 26.31
N ASP H 151 36.15 17.68 25.83
CA ASP H 151 35.94 16.24 25.63
C ASP H 151 36.23 15.40 26.86
N MET H 152 36.73 15.98 27.95
CA MET H 152 37.07 15.19 29.12
C MET H 152 36.39 15.62 30.41
N MET H 153 36.07 16.91 30.58
CA MET H 153 35.55 17.41 31.84
C MET H 153 34.03 17.28 31.95
N ASP H 154 33.31 17.42 30.83
CA ASP H 154 31.86 17.45 30.87
C ASP H 154 31.26 16.17 31.44
N GLU H 155 31.78 15.03 31.00
CA GLU H 155 31.32 13.73 31.51
C GLU H 155 31.51 13.66 33.02
N VAL H 156 32.67 14.09 33.50
CA VAL H 156 32.95 14.00 34.93
C VAL H 156 32.00 14.87 35.72
N ILE H 157 31.72 16.08 35.25
CA ILE H 157 30.81 16.98 35.97
C ILE H 157 29.42 16.35 36.04
N ALA H 158 28.92 15.84 34.91
CA ALA H 158 27.57 15.27 34.89
C ALA H 158 27.48 14.04 35.80
N TRP H 159 28.48 13.16 35.74
CA TRP H 159 28.46 11.97 36.57
C TRP H 159 28.54 12.32 38.04
N ASN H 160 29.32 13.33 38.39
CA ASN H 160 29.42 13.75 39.79
C ASN H 160 28.06 14.25 40.29
N LYS H 161 27.35 15.04 39.48
CA LYS H 161 26.03 15.50 39.91
C LYS H 161 25.07 14.32 40.11
N PHE H 162 25.08 13.36 39.17
CA PHE H 162 24.17 12.22 39.30
C PHE H 162 24.47 11.41 40.56
N LEU H 163 25.75 11.13 40.82
CA LEU H 163 26.12 10.34 41.98
C LEU H 163 25.79 11.07 43.28
N SER H 164 25.98 12.39 43.32
CA SER H 164 25.64 13.14 44.52
C SER H 164 24.13 13.09 44.79
N ASP H 165 23.32 13.21 43.73
CA ASP H 165 21.88 13.09 43.92
C ASP H 165 21.48 11.72 44.47
N CYS H 166 22.08 10.67 43.91
CA CYS H 166 21.78 9.32 44.41
C CYS H 166 22.19 9.18 45.87
N LEU H 167 23.35 9.73 46.24
CA LEU H 167 23.81 9.64 47.62
C LEU H 167 22.88 10.36 48.59
N SER H 168 22.41 11.55 48.20
CA SER H 168 21.46 12.27 49.06
C SER H 168 20.17 11.49 49.23
N ASN H 169 19.66 10.91 48.14
CA ASN H 169 18.44 10.12 48.24
C ASN H 169 18.63 8.92 49.17
N LEU H 170 19.78 8.24 49.05
CA LEU H 170 20.04 7.08 49.89
C LEU H 170 20.14 7.49 51.36
N HIS H 171 20.81 8.60 51.64
CA HIS H 171 20.94 9.04 53.02
C HIS H 171 19.58 9.37 53.62
N CYS H 172 18.70 10.00 52.82
CA CYS H 172 17.36 10.29 53.31
C CYS H 172 16.56 9.01 53.55
N ILE H 173 16.69 8.02 52.66
CA ILE H 173 15.84 6.83 52.75
C ILE H 173 16.15 6.05 54.02
N GLY H 174 17.42 5.80 54.29
CA GLY H 174 17.83 5.00 55.44
C GLY H 174 18.69 3.83 55.01
N SER H 175 18.89 2.91 55.94
CA SER H 175 19.72 1.75 55.66
C SER H 175 19.16 0.44 56.22
N GLN H 176 17.91 0.42 56.69
CA GLN H 176 17.32 -0.76 57.27
C GLN H 176 15.94 -1.00 56.67
N GLY H 177 15.52 -2.25 56.68
CA GLY H 177 14.24 -2.62 56.12
C GLY H 177 14.31 -2.90 54.62
N MET H 178 13.24 -2.58 53.91
CA MET H 178 13.19 -2.80 52.47
C MET H 178 13.39 -1.54 51.65
N GLY H 179 13.82 -0.44 52.26
CA GLY H 179 14.10 0.77 51.53
C GLY H 179 15.19 0.62 50.48
N PRO H 180 16.36 0.10 50.89
CA PRO H 180 17.44 -0.11 49.90
C PRO H 180 17.04 -1.01 48.76
N TRP H 181 16.22 -2.03 49.02
CA TRP H 181 15.80 -2.95 47.97
C TRP H 181 14.94 -2.27 46.92
N VAL H 182 13.98 -1.45 47.37
CA VAL H 182 13.14 -0.69 46.46
C VAL H 182 13.99 0.30 45.67
N PHE H 183 14.92 0.96 46.36
CA PHE H 183 15.85 1.86 45.66
C PHE H 183 16.63 1.11 44.59
N ASP H 184 17.06 -0.11 44.88
CA ASP H 184 17.82 -0.89 43.91
C ASP H 184 16.98 -1.22 42.69
N ARG H 185 15.70 -1.59 42.87
CA ARG H 185 14.88 -1.80 41.68
C ARG H 185 14.79 -0.54 40.85
N TRP H 186 14.53 0.60 41.50
CA TRP H 186 14.37 1.84 40.76
C TRP H 186 15.65 2.19 39.99
N LEU H 187 16.81 1.99 40.63
CA LEU H 187 18.08 2.28 39.98
C LEU H 187 18.28 1.40 38.76
N ALA H 188 17.95 0.11 38.87
CA ALA H 188 18.05 -0.78 37.72
C ALA H 188 17.17 -0.30 36.59
N ARG H 189 15.94 0.09 36.91
CA ARG H 189 15.01 0.55 35.87
C ARG H 189 15.55 1.77 35.15
N ILE H 190 16.08 2.74 35.89
CA ILE H 190 16.51 3.98 35.23
C ILE H 190 17.83 3.76 34.49
N VAL H 191 18.70 2.87 34.96
CA VAL H 191 19.95 2.65 34.25
C VAL H 191 19.70 1.90 32.95
N MET H 192 18.83 0.88 32.98
CA MET H 192 18.62 0.08 31.79
C MET H 192 17.97 0.85 30.65
N SER H 193 17.35 1.99 30.93
CA SER H 193 16.72 2.79 29.88
C SER H 193 17.74 3.52 29.01
N LYS H 194 19.00 3.52 29.39
CA LYS H 194 20.02 4.26 28.68
C LYS H 194 21.13 3.39 28.12
N PHE H 195 21.54 2.35 28.84
CA PHE H 195 22.70 1.56 28.45
C PHE H 195 22.33 0.09 28.33
N LYS H 196 22.89 -0.57 27.32
CA LYS H 196 22.69 -1.99 27.07
C LYS H 196 23.88 -2.48 26.26
N HIS H 197 24.76 -3.27 26.88
CA HIS H 197 25.99 -3.65 26.19
C HIS H 197 25.72 -4.76 25.19
N PRO H 198 26.01 -4.55 23.90
CA PRO H 198 25.81 -5.61 22.91
C PRO H 198 26.91 -6.65 22.99
N LYS H 199 26.61 -7.82 22.44
CA LYS H 199 27.57 -8.91 22.39
C LYS H 199 28.65 -8.63 21.36
N ILE H 200 29.85 -9.15 21.63
CA ILE H 200 30.97 -9.03 20.71
C ILE H 200 30.99 -10.30 19.84
N PRO H 201 30.90 -10.17 18.52
CA PRO H 201 30.98 -11.36 17.67
C PRO H 201 32.38 -11.96 17.67
N SER H 202 32.44 -13.26 17.37
CA SER H 202 33.69 -13.99 17.40
C SER H 202 33.65 -15.10 16.35
N LEU H 203 34.61 -16.02 16.44
CA LEU H 203 34.70 -17.16 15.53
C LEU H 203 34.41 -18.45 16.29
N SER H 204 33.95 -19.46 15.56
CA SER H 204 33.61 -20.75 16.15
C SER H 204 33.80 -21.84 15.10
N THR H 205 33.58 -23.08 15.51
CA THR H 205 33.69 -24.24 14.62
C THR H 205 32.33 -24.76 14.18
N SER H 206 31.25 -24.02 14.42
CA SER H 206 29.95 -24.42 13.92
C SER H 206 29.93 -24.36 12.39
N ASP H 207 29.24 -25.32 11.78
CA ASP H 207 29.19 -25.45 10.32
C ASP H 207 30.59 -25.53 9.73
N LEU H 208 31.33 -26.55 10.18
CA LEU H 208 32.71 -26.70 9.75
C LEU H 208 32.82 -26.95 8.25
N GLU H 209 31.90 -27.74 7.70
CA GLU H 209 31.95 -28.09 6.28
C GLU H 209 31.68 -26.90 5.37
N SER H 210 31.17 -25.79 5.89
CA SER H 210 30.86 -24.64 5.06
C SER H 210 32.00 -23.64 4.96
N ASN H 211 32.81 -23.50 6.01
CA ASN H 211 33.94 -22.56 6.03
C ASN H 211 35.21 -23.38 6.15
N ILE H 212 35.73 -23.86 5.02
CA ILE H 212 36.78 -24.87 5.06
C ILE H 212 38.12 -24.26 5.45
N PRO H 213 38.68 -23.27 4.73
CA PRO H 213 39.92 -22.66 5.23
C PRO H 213 39.66 -21.94 6.54
N ASN H 214 38.72 -21.00 6.51
CA ASN H 214 38.19 -20.32 7.69
C ASN H 214 37.02 -19.46 7.22
N GLU H 215 36.33 -18.86 8.17
CA GLU H 215 35.09 -18.14 7.85
C GLU H 215 35.36 -16.81 7.16
N LEU H 216 36.42 -16.10 7.54
CA LEU H 216 36.62 -14.74 7.06
C LEU H 216 37.13 -14.68 5.64
N PHE H 217 37.92 -15.67 5.21
CA PHE H 217 38.68 -15.56 3.96
C PHE H 217 37.79 -15.41 2.73
N ASP H 218 36.52 -15.77 2.81
CA ASP H 218 35.63 -15.67 1.65
C ASP H 218 34.71 -14.46 1.72
N ALA H 219 34.94 -13.53 2.65
CA ALA H 219 34.04 -12.40 2.85
C ALA H 219 33.79 -11.65 1.55
N GLU H 220 34.85 -11.32 0.82
CA GLU H 220 34.70 -10.59 -0.44
C GLU H 220 33.75 -11.33 -1.38
N GLY H 221 33.92 -12.64 -1.52
CA GLY H 221 33.04 -13.40 -2.38
C GLY H 221 31.59 -13.24 -1.99
N ASP H 222 31.31 -13.31 -0.68
CA ASP H 222 29.95 -13.13 -0.21
C ASP H 222 29.35 -11.84 -0.73
N MET H 223 30.13 -10.75 -0.68
CA MET H 223 29.63 -9.46 -1.14
C MET H 223 29.14 -9.57 -2.57
N VAL H 224 29.94 -10.20 -3.45
CA VAL H 224 29.55 -10.33 -4.84
C VAL H 224 28.21 -11.04 -4.92
N ARG H 225 28.08 -12.16 -4.19
CA ARG H 225 26.82 -12.89 -4.20
C ARG H 225 25.66 -11.99 -3.84
N ALA H 226 25.82 -11.18 -2.80
CA ALA H 226 24.72 -10.33 -2.36
C ALA H 226 24.30 -9.38 -3.48
N ILE H 227 25.28 -8.82 -4.20
CA ILE H 227 24.95 -7.89 -5.27
C ILE H 227 24.13 -8.58 -6.34
N LYS H 228 24.41 -9.86 -6.60
CA LYS H 228 23.65 -10.57 -7.61
C LYS H 228 22.23 -10.88 -7.16
N LYS H 229 21.97 -10.89 -5.85
CA LYS H 229 20.62 -11.16 -5.38
C LYS H 229 19.70 -9.94 -5.55
N LEU H 230 20.23 -8.74 -5.30
CA LEU H 230 19.43 -7.53 -5.38
C LEU H 230 19.14 -7.16 -6.83
N CYS I 22 -51.12 29.87 17.14
CA CYS I 22 -50.41 29.15 18.20
C CYS I 22 -51.07 29.39 19.55
N PRO I 23 -51.56 28.34 20.18
CA PRO I 23 -52.20 28.49 21.49
C PRO I 23 -51.20 28.46 22.64
N SER I 24 -49.92 28.63 22.34
CA SER I 24 -48.88 28.56 23.36
C SER I 24 -47.85 29.66 23.11
N ARG I 25 -47.81 30.64 24.01
CA ARG I 25 -46.77 31.67 24.00
C ARG I 25 -46.31 32.01 25.41
N HIS I 26 -46.50 31.11 26.37
CA HIS I 26 -46.31 31.39 27.79
C HIS I 26 -44.84 31.22 28.17
N ASN I 27 -44.60 31.15 29.48
CA ASN I 27 -43.27 30.98 30.09
C ASN I 27 -42.39 32.22 29.90
N PHE I 28 -42.05 32.53 28.66
CA PHE I 28 -41.15 33.64 28.38
C PHE I 28 -41.81 34.97 28.75
N ASP I 29 -41.04 35.83 29.41
CA ASP I 29 -41.55 37.13 29.84
C ASP I 29 -41.84 38.01 28.63
N PRO I 30 -43.05 38.58 28.52
CA PRO I 30 -43.38 39.35 27.31
C PRO I 30 -42.49 40.55 27.04
N GLU I 31 -42.05 41.26 28.08
CA GLU I 31 -41.18 42.41 27.87
C GLU I 31 -39.85 41.98 27.28
N CYS I 32 -39.28 40.89 27.79
CA CYS I 32 -38.05 40.35 27.22
C CYS I 32 -38.25 39.95 25.77
N GLU I 33 -39.41 39.35 25.46
CA GLU I 33 -39.69 38.97 24.08
C GLU I 33 -39.73 40.20 23.17
N LYS I 34 -40.38 41.27 23.61
CA LYS I 34 -40.45 42.48 22.81
C LYS I 34 -39.06 43.07 22.57
N ALA I 35 -38.24 43.13 23.62
CA ALA I 35 -36.89 43.67 23.46
C ALA I 35 -36.06 42.80 22.53
N PHE I 36 -36.20 41.48 22.63
CA PHE I 36 -35.47 40.58 21.75
C PHE I 36 -35.86 40.80 20.28
N VAL I 37 -37.16 40.98 20.01
CA VAL I 37 -37.60 41.22 18.64
C VAL I 37 -37.03 42.54 18.11
N GLU I 38 -37.00 43.57 18.97
CA GLU I 38 -36.40 44.83 18.57
C GLU I 38 -34.94 44.66 18.19
N HIS I 39 -34.17 43.91 19.00
CA HIS I 39 -32.77 43.71 18.66
C HIS I 39 -32.60 42.88 17.40
N ILE I 40 -33.51 41.94 17.15
CA ILE I 40 -33.46 41.18 15.89
C ILE I 40 -33.57 42.13 14.71
N HIS I 41 -34.50 43.08 14.79
CA HIS I 41 -34.65 44.03 13.69
C HIS I 41 -33.41 44.90 13.54
N LEU I 42 -32.78 45.26 14.65
CA LEU I 42 -31.53 46.03 14.57
C LEU I 42 -30.45 45.24 13.82
N GLU I 43 -30.31 43.96 14.13
CA GLU I 43 -29.31 43.13 13.44
C GLU I 43 -29.62 43.02 11.95
N LEU I 44 -30.90 42.85 11.61
CA LEU I 44 -31.28 42.78 10.20
C LEU I 44 -30.93 44.07 9.47
N ALA I 45 -31.17 45.22 10.11
CA ALA I 45 -30.83 46.49 9.48
C ALA I 45 -29.32 46.60 9.24
N SER I 46 -28.52 46.16 10.21
CA SER I 46 -27.07 46.18 10.02
C SER I 46 -26.64 45.31 8.84
N SER I 47 -27.23 44.11 8.74
CA SER I 47 -26.93 43.23 7.62
C SER I 47 -27.29 43.88 6.29
N TYR I 48 -28.44 44.55 6.23
CA TYR I 48 -28.83 45.23 5.01
C TYR I 48 -27.87 46.35 4.66
N HIS I 49 -27.42 47.11 5.65
CA HIS I 49 -26.54 48.24 5.37
C HIS I 49 -25.17 47.79 4.87
N ALA I 50 -24.70 46.61 5.28
CA ALA I 50 -23.44 46.12 4.73
C ALA I 50 -23.51 45.91 3.22
N TRP I 51 -24.70 45.57 2.71
CA TRP I 51 -24.87 45.32 1.27
C TRP I 51 -24.57 46.58 0.45
N SER I 52 -24.98 47.73 0.94
CA SER I 52 -24.76 48.98 0.20
C SER I 52 -23.27 49.27 0.07
N MET I 53 -22.51 49.08 1.15
CA MET I 53 -21.06 49.27 1.07
C MET I 53 -20.43 48.28 0.09
N TRP I 54 -20.87 47.02 0.14
CA TRP I 54 -20.35 46.03 -0.80
C TRP I 54 -20.60 46.46 -2.23
N ALA I 55 -21.80 46.96 -2.52
CA ALA I 55 -22.12 47.38 -3.89
C ALA I 55 -21.33 48.63 -4.28
N PHE I 56 -21.11 49.53 -3.32
CA PHE I 56 -20.37 50.75 -3.63
C PHE I 56 -18.92 50.45 -4.00
N TYR I 57 -18.27 49.56 -3.27
CA TYR I 57 -16.86 49.36 -3.52
C TYR I 57 -16.57 48.41 -4.69
N ALA I 58 -17.60 47.84 -5.31
CA ALA I 58 -17.43 46.95 -6.45
C ALA I 58 -17.63 47.65 -7.79
N ARG I 59 -17.86 48.96 -7.79
CA ARG I 59 -18.03 49.69 -9.04
C ARG I 59 -16.74 49.66 -9.86
N ASP I 60 -16.89 49.76 -11.18
CA ASP I 60 -15.73 49.69 -12.04
C ASP I 60 -14.80 50.88 -11.89
N CYS I 61 -15.28 51.96 -11.28
CA CYS I 61 -14.44 53.12 -11.01
C CYS I 61 -13.85 53.11 -9.60
N LYS I 62 -14.16 52.09 -8.79
CA LYS I 62 -13.58 51.95 -7.46
C LYS I 62 -12.68 50.72 -7.38
N ALA I 63 -13.23 49.53 -7.63
CA ALA I 63 -12.48 48.29 -7.75
C ALA I 63 -11.54 48.06 -6.57
N ALA I 64 -12.11 47.96 -5.38
CA ALA I 64 -11.37 47.68 -4.15
C ALA I 64 -11.76 46.30 -3.67
N VAL I 65 -10.90 45.31 -3.91
CA VAL I 65 -11.27 43.92 -3.66
C VAL I 65 -11.34 43.64 -2.16
N GLY I 66 -10.42 44.19 -1.37
CA GLY I 66 -10.40 43.91 0.06
C GLY I 66 -11.65 44.40 0.77
N MET I 67 -12.07 45.63 0.48
CA MET I 67 -13.27 46.16 1.09
C MET I 67 -14.50 45.36 0.68
N THR I 68 -14.54 44.92 -0.59
CA THR I 68 -15.64 44.09 -1.05
C THR I 68 -15.74 42.80 -0.25
N ARG I 69 -14.61 42.10 -0.08
CA ARG I 69 -14.62 40.87 0.69
C ARG I 69 -15.05 41.12 2.14
N LEU I 70 -14.52 42.17 2.75
CA LEU I 70 -14.83 42.46 4.14
C LEU I 70 -16.32 42.75 4.32
N CYS I 71 -16.91 43.55 3.43
CA CYS I 71 -18.31 43.90 3.55
C CYS I 71 -19.21 42.68 3.34
N GLU I 72 -18.87 41.82 2.37
CA GLU I 72 -19.63 40.60 2.18
C GLU I 72 -19.62 39.72 3.43
N TRP I 73 -18.44 39.55 4.01
CA TRP I 73 -18.31 38.75 5.22
C TRP I 73 -19.14 39.35 6.35
N ALA I 74 -19.10 40.67 6.51
CA ALA I 74 -19.85 41.31 7.58
C ALA I 74 -21.35 41.12 7.42
N SER I 75 -21.85 41.24 6.19
CA SER I 75 -23.28 41.06 5.98
C SER I 75 -23.72 39.64 6.33
N HIS I 76 -22.93 38.64 5.92
CA HIS I 76 -23.30 37.26 6.26
C HIS I 76 -23.27 37.04 7.77
N VAL I 77 -22.27 37.61 8.46
CA VAL I 77 -22.19 37.45 9.91
C VAL I 77 -23.41 38.04 10.60
N SER I 78 -23.82 39.24 10.18
CA SER I 78 -24.99 39.87 10.79
C SER I 78 -26.25 39.07 10.56
N ALA I 79 -26.43 38.53 9.34
CA ALA I 79 -27.60 37.70 9.08
C ALA I 79 -27.63 36.47 9.98
N GLN I 80 -26.46 35.83 10.15
CA GLN I 80 -26.41 34.67 11.04
C GLN I 80 -26.76 35.04 12.48
N ARG I 81 -26.30 36.20 12.94
CA ARG I 81 -26.62 36.63 14.31
C ARG I 81 -28.13 36.83 14.49
N ALA I 82 -28.77 37.46 13.50
CA ALA I 82 -30.22 37.64 13.60
C ALA I 82 -30.94 36.30 13.64
N ARG I 83 -30.50 35.36 12.80
CA ARG I 83 -31.11 34.03 12.81
C ARG I 83 -30.94 33.35 14.17
N ARG I 84 -29.76 33.49 14.78
CA ARG I 84 -29.52 32.87 16.07
C ARG I 84 -30.43 33.44 17.15
N MET I 85 -30.60 34.77 17.18
CA MET I 85 -31.48 35.34 18.19
C MET I 85 -32.93 34.91 17.99
N ALA I 86 -33.39 34.86 16.74
CA ALA I 86 -34.75 34.39 16.49
C ALA I 86 -34.92 32.94 16.93
N ALA I 87 -33.91 32.10 16.68
CA ALA I 87 -33.98 30.71 17.11
C ALA I 87 -34.05 30.61 18.63
N TYR I 88 -33.29 31.44 19.34
CA TYR I 88 -33.37 31.40 20.79
C TYR I 88 -34.76 31.79 21.28
N VAL I 89 -35.36 32.82 20.68
CA VAL I 89 -36.70 33.21 21.08
C VAL I 89 -37.67 32.06 20.85
N LEU I 90 -37.57 31.38 19.71
CA LEU I 90 -38.47 30.28 19.43
C LEU I 90 -38.26 29.10 20.37
N THR I 91 -37.03 28.87 20.80
CA THR I 91 -36.75 27.74 21.70
C THR I 91 -37.45 27.91 23.05
N ARG I 92 -37.51 29.14 23.54
CA ARG I 92 -38.14 29.40 24.83
C ARG I 92 -39.67 29.42 24.77
N GLY I 93 -40.24 29.31 23.58
CA GLY I 93 -41.68 29.23 23.43
C GLY I 93 -42.38 30.50 23.00
N GLY I 94 -41.65 31.52 22.53
CA GLY I 94 -42.25 32.76 22.11
C GLY I 94 -42.55 32.80 20.62
N HIS I 95 -43.01 33.96 20.18
CA HIS I 95 -43.31 34.23 18.77
C HIS I 95 -42.44 35.38 18.28
N VAL I 96 -42.17 35.38 16.98
CA VAL I 96 -41.38 36.44 16.34
C VAL I 96 -42.26 37.11 15.29
N ASP I 97 -42.41 38.42 15.40
CA ASP I 97 -43.17 39.21 14.44
C ASP I 97 -42.22 40.15 13.70
N TYR I 98 -42.28 40.13 12.38
CA TYR I 98 -41.37 40.88 11.54
C TYR I 98 -42.04 42.14 11.02
N LYS I 99 -41.24 43.20 10.87
CA LYS I 99 -41.74 44.47 10.39
C LYS I 99 -40.77 45.04 9.36
N GLU I 100 -40.95 46.31 9.05
CA GLU I 100 -40.28 46.97 7.95
C GLU I 100 -38.81 47.22 8.24
N ILE I 101 -37.99 47.11 7.19
CA ILE I 101 -36.55 47.31 7.28
C ILE I 101 -36.20 48.62 6.57
N PRO I 102 -35.68 49.61 7.27
CA PRO I 102 -35.41 50.91 6.62
C PRO I 102 -34.19 50.87 5.71
N ALA I 103 -34.15 51.81 4.78
CA ALA I 103 -33.05 51.95 3.85
C ALA I 103 -31.87 52.66 4.51
N PRO I 104 -30.64 52.35 4.10
CA PRO I 104 -29.48 53.08 4.62
C PRO I 104 -29.49 54.53 4.17
N LYS I 105 -28.94 55.40 5.02
CA LYS I 105 -29.00 56.83 4.76
C LYS I 105 -27.95 57.27 3.75
N LYS I 106 -26.67 57.08 4.09
CA LYS I 106 -25.58 57.47 3.21
C LYS I 106 -25.09 56.25 2.45
N GLN I 107 -24.83 56.44 1.15
CA GLN I 107 -24.39 55.36 0.28
C GLN I 107 -23.10 55.73 -0.46
N GLY I 108 -22.28 56.58 0.15
CA GLY I 108 -20.99 56.94 -0.42
C GLY I 108 -20.02 57.33 0.67
N TRP I 109 -18.75 57.07 0.42
CA TRP I 109 -17.70 57.36 1.40
C TRP I 109 -16.49 57.94 0.69
N ASP I 110 -15.89 58.96 1.30
CA ASP I 110 -14.76 59.64 0.68
C ASP I 110 -13.51 58.78 0.67
N ASN I 111 -13.24 58.08 1.77
CA ASN I 111 -12.07 57.21 1.86
C ASN I 111 -12.39 56.07 2.83
N PHE I 112 -11.42 55.18 3.01
CA PHE I 112 -11.64 54.00 3.85
C PHE I 112 -11.86 54.37 5.31
N GLU I 113 -11.26 55.48 5.76
CA GLU I 113 -11.37 55.85 7.17
C GLU I 113 -12.82 56.12 7.55
N ASP I 114 -13.58 56.78 6.69
CA ASP I 114 -14.98 57.05 6.98
C ASP I 114 -15.78 55.77 7.13
N ALA I 115 -15.56 54.80 6.23
CA ALA I 115 -16.27 53.53 6.32
C ALA I 115 -15.94 52.80 7.61
N PHE I 116 -14.65 52.76 7.98
CA PHE I 116 -14.27 52.07 9.21
C PHE I 116 -14.86 52.76 10.43
N SER I 117 -14.89 54.09 10.43
CA SER I 117 -15.51 54.81 11.54
C SER I 117 -17.00 54.51 11.65
N HIS I 118 -17.68 54.45 10.50
CA HIS I 118 -19.10 54.09 10.50
C HIS I 118 -19.32 52.71 11.11
N CYS I 119 -18.50 51.75 10.72
CA CYS I 119 -18.64 50.40 11.27
C CYS I 119 -18.39 50.37 12.78
N VAL I 120 -17.38 51.12 13.24
CA VAL I 120 -17.08 51.15 14.67
C VAL I 120 -18.26 51.73 15.46
N ALA I 121 -18.85 52.81 14.95
CA ALA I 121 -20.00 53.41 15.63
C ALA I 121 -21.17 52.43 15.68
N ASN I 122 -21.40 51.70 14.60
CA ASN I 122 -22.48 50.71 14.60
C ASN I 122 -22.23 49.63 15.65
N LYS I 123 -20.99 49.17 15.77
CA LYS I 123 -20.66 48.17 16.78
C LYS I 123 -20.94 48.69 18.18
N LYS I 124 -20.59 49.95 18.44
CA LYS I 124 -20.86 50.52 19.76
C LYS I 124 -22.36 50.55 20.06
N ARG I 125 -23.17 50.93 19.06
CA ARG I 125 -24.61 50.95 19.26
C ARG I 125 -25.15 49.55 19.57
N ILE I 126 -24.66 48.53 18.85
CA ILE I 126 -25.10 47.17 19.09
C ILE I 126 -24.76 46.74 20.51
N LEU I 127 -23.55 47.07 20.97
CA LEU I 127 -23.13 46.69 22.32
C LEU I 127 -24.02 47.35 23.38
N THR I 128 -24.36 48.62 23.18
CA THR I 128 -25.23 49.30 24.13
C THR I 128 -26.59 48.62 24.21
N SER I 129 -27.16 48.26 23.06
CA SER I 129 -28.45 47.57 23.06
C SER I 129 -28.36 46.23 23.79
N LEU I 130 -27.30 45.47 23.55
CA LEU I 130 -27.16 44.18 24.21
C LEU I 130 -27.02 44.34 25.72
N GLN I 131 -26.29 45.36 26.16
CA GLN I 131 -26.16 45.59 27.61
C GLN I 131 -27.51 45.92 28.23
N SER I 132 -28.33 46.73 27.54
CA SER I 132 -29.67 47.01 28.04
C SER I 132 -30.50 45.72 28.15
N LEU I 133 -30.40 44.85 27.15
CA LEU I 133 -31.12 43.58 27.21
C LEU I 133 -30.68 42.75 28.43
N TYR I 134 -29.37 42.66 28.65
CA TYR I 134 -28.86 41.90 29.78
C TYR I 134 -29.37 42.47 31.09
N GLN I 135 -29.38 43.79 31.22
CA GLN I 135 -29.90 44.41 32.43
C GLN I 135 -31.37 44.08 32.63
N CYS I 136 -32.14 44.07 31.54
CA CYS I 136 -33.57 43.78 31.66
C CYS I 136 -33.82 42.36 32.15
N CYS I 137 -33.08 41.38 31.62
CA CYS I 137 -33.39 39.99 31.89
C CYS I 137 -32.58 39.38 33.04
N GLN I 138 -31.76 40.18 33.72
CA GLN I 138 -30.82 39.62 34.68
C GLN I 138 -31.49 39.13 35.96
N SER I 139 -32.53 39.82 36.41
CA SER I 139 -33.09 39.53 37.72
C SER I 139 -33.76 38.16 37.79
N LYS I 140 -34.54 37.80 36.76
CA LYS I 140 -35.33 36.58 36.80
C LYS I 140 -34.68 35.41 36.06
N ASP I 141 -34.37 35.56 34.78
CA ASP I 141 -33.93 34.46 33.95
C ASP I 141 -32.41 34.41 33.88
N ALA I 142 -31.82 33.39 34.50
CA ALA I 142 -30.37 33.23 34.46
C ALA I 142 -29.88 32.72 33.12
N HIS I 143 -30.61 31.78 32.52
CA HIS I 143 -30.19 31.22 31.23
C HIS I 143 -30.21 32.29 30.14
N CYS I 144 -31.21 33.16 30.15
CA CYS I 144 -31.29 34.22 29.15
C CYS I 144 -30.11 35.18 29.27
N SER I 145 -29.76 35.57 30.50
CA SER I 145 -28.64 36.48 30.69
C SER I 145 -27.33 35.82 30.28
N ASN I 146 -27.16 34.54 30.60
CA ASN I 146 -25.96 33.83 30.16
C ASN I 146 -25.88 33.78 28.63
N PHE I 147 -27.01 33.52 27.97
CA PHE I 147 -27.02 33.51 26.51
C PHE I 147 -26.62 34.87 25.96
N ILE I 148 -27.14 35.95 26.55
CA ILE I 148 -26.81 37.29 26.08
C ILE I 148 -25.31 37.55 26.23
N GLN I 149 -24.75 37.22 27.40
CA GLN I 149 -23.36 37.60 27.64
C GLN I 149 -22.36 36.66 26.98
N THR I 150 -22.77 35.46 26.55
CA THR I 150 -21.83 34.57 25.88
C THR I 150 -22.01 34.54 24.36
N ASP I 151 -23.22 34.31 23.87
CA ASP I 151 -23.43 34.05 22.45
C ASP I 151 -23.62 35.30 21.61
N MET I 152 -23.69 36.49 22.21
CA MET I 152 -23.92 37.70 21.44
C MET I 152 -22.86 38.77 21.60
N MET I 153 -22.20 38.88 22.76
CA MET I 153 -21.28 39.97 23.02
C MET I 153 -19.86 39.70 22.53
N ASP I 154 -19.42 38.44 22.57
CA ASP I 154 -18.04 38.10 22.25
C ASP I 154 -17.67 38.50 20.82
N GLU I 155 -18.56 38.19 19.87
CA GLU I 155 -18.32 38.54 18.47
C GLU I 155 -18.15 40.05 18.33
N VAL I 156 -19.02 40.82 18.99
CA VAL I 156 -18.96 42.27 18.87
C VAL I 156 -17.66 42.80 19.41
N ILE I 157 -17.21 42.29 20.56
CA ILE I 157 -15.96 42.77 21.15
C ILE I 157 -14.78 42.48 20.21
N ALA I 158 -14.71 41.26 19.68
CA ALA I 158 -13.61 40.89 18.80
C ALA I 158 -13.61 41.73 17.53
N TRP I 159 -14.79 41.92 16.91
CA TRP I 159 -14.87 42.70 15.69
C TRP I 159 -14.50 44.15 15.95
N ASN I 160 -14.90 44.70 17.09
CA ASN I 160 -14.54 46.08 17.41
C ASN I 160 -13.03 46.23 17.53
N LYS I 161 -12.36 45.28 18.18
CA LYS I 161 -10.90 45.36 18.27
C LYS I 161 -10.26 45.30 16.89
N PHE I 162 -10.72 44.38 16.04
CA PHE I 162 -10.13 44.26 14.70
C PHE I 162 -10.31 45.55 13.89
N LEU I 163 -11.52 46.12 13.92
CA LEU I 163 -11.78 47.33 13.15
C LEU I 163 -10.97 48.51 13.68
N SER I 164 -10.81 48.61 15.00
CA SER I 164 -10.01 49.70 15.56
C SER I 164 -8.55 49.58 15.13
N ASP I 165 -8.01 48.35 15.12
CA ASP I 165 -6.64 48.17 14.65
C ASP I 165 -6.49 48.58 13.19
N CYS I 166 -7.45 48.18 12.34
CA CYS I 166 -7.39 48.57 10.93
C CYS I 166 -7.45 50.09 10.78
N LEU I 167 -8.31 50.75 11.56
CA LEU I 167 -8.43 52.20 11.48
C LEU I 167 -7.15 52.89 11.89
N SER I 168 -6.49 52.42 12.95
CA SER I 168 -5.23 53.02 13.36
C SER I 168 -4.17 52.85 12.28
N ASN I 169 -4.10 51.66 11.69
CA ASN I 169 -3.12 51.45 10.61
C ASN I 169 -3.39 52.38 9.44
N LEU I 170 -4.66 52.53 9.06
CA LEU I 170 -5.00 53.41 7.93
C LEU I 170 -4.64 54.86 8.24
N HIS I 171 -4.92 55.32 9.46
CA HIS I 171 -4.58 56.69 9.81
C HIS I 171 -3.08 56.92 9.77
N CYS I 172 -2.30 55.93 10.23
CA CYS I 172 -0.85 56.07 10.16
C CYS I 172 -0.35 56.10 8.71
N ILE I 173 -0.93 55.25 7.85
CA ILE I 173 -0.40 55.11 6.49
C ILE I 173 -0.60 56.40 5.69
N GLY I 174 -1.78 56.98 5.74
CA GLY I 174 -2.11 58.17 4.99
C GLY I 174 -3.29 57.94 4.08
N SER I 175 -3.51 58.89 3.18
CA SER I 175 -4.65 58.81 2.27
C SER I 175 -4.32 59.22 0.83
N GLN I 176 -3.04 59.36 0.49
CA GLN I 176 -2.64 59.76 -0.86
C GLN I 176 -1.55 58.83 -1.35
N GLY I 177 -1.47 58.72 -2.68
CA GLY I 177 -0.48 57.85 -3.29
C GLY I 177 -0.97 56.42 -3.43
N MET I 178 -0.06 55.46 -3.32
CA MET I 178 -0.40 54.06 -3.47
C MET I 178 -0.48 53.31 -2.15
N GLY I 179 -0.44 54.00 -1.02
CA GLY I 179 -0.61 53.37 0.28
C GLY I 179 -1.92 52.64 0.45
N PRO I 180 -3.04 53.32 0.14
CA PRO I 180 -4.34 52.63 0.21
C PRO I 180 -4.43 51.41 -0.68
N TRP I 181 -3.80 51.43 -1.85
CA TRP I 181 -3.85 50.26 -2.74
C TRP I 181 -3.15 49.06 -2.09
N VAL I 182 -1.97 49.28 -1.53
CA VAL I 182 -1.24 48.22 -0.85
C VAL I 182 -2.02 47.70 0.34
N PHE I 183 -2.62 48.61 1.11
CA PHE I 183 -3.45 48.20 2.24
C PHE I 183 -4.62 47.35 1.79
N ASP I 184 -5.27 47.73 0.70
CA ASP I 184 -6.41 46.97 0.20
C ASP I 184 -5.99 45.57 -0.23
N ARG I 185 -4.86 45.45 -0.92
CA ARG I 185 -4.38 44.13 -1.31
C ARG I 185 -4.10 43.26 -0.10
N TRP I 186 -3.44 43.82 0.91
CA TRP I 186 -3.18 43.07 2.14
C TRP I 186 -4.47 42.65 2.83
N LEU I 187 -5.45 43.55 2.88
CA LEU I 187 -6.71 43.24 3.53
C LEU I 187 -7.44 42.10 2.83
N ALA I 188 -7.43 42.12 1.48
CA ALA I 188 -8.03 41.01 0.75
C ALA I 188 -7.33 39.70 1.08
N ARG I 189 -5.99 39.72 1.14
CA ARG I 189 -5.25 38.50 1.44
C ARG I 189 -5.63 37.95 2.80
N ILE I 190 -5.72 38.82 3.82
CA ILE I 190 -5.97 38.30 5.16
C ILE I 190 -7.43 37.90 5.34
N VAL I 191 -8.36 38.57 4.66
CA VAL I 191 -9.77 38.21 4.80
C VAL I 191 -10.05 36.87 4.11
N MET I 192 -9.49 36.67 2.91
CA MET I 192 -9.79 35.45 2.17
C MET I 192 -9.26 34.19 2.84
N SER I 193 -8.32 34.33 3.78
CA SER I 193 -7.78 33.17 4.47
C SER I 193 -8.75 32.59 5.49
N LYS I 194 -9.85 33.27 5.77
CA LYS I 194 -10.79 32.85 6.79
C LYS I 194 -12.19 32.59 6.25
N PHE I 195 -12.66 33.37 5.29
CA PHE I 195 -14.04 33.27 4.83
C PHE I 195 -14.10 33.04 3.33
N LYS I 196 -15.02 32.19 2.92
CA LYS I 196 -15.26 31.88 1.51
C LYS I 196 -16.69 31.40 1.39
N HIS I 197 -17.56 32.20 0.78
CA HIS I 197 -18.98 31.84 0.75
C HIS I 197 -19.25 30.79 -0.30
N PRO I 198 -19.77 29.62 0.07
CA PRO I 198 -20.09 28.60 -0.93
C PRO I 198 -21.37 28.94 -1.68
N LYS I 199 -21.51 28.32 -2.85
CA LYS I 199 -22.70 28.49 -3.66
C LYS I 199 -23.89 27.78 -3.06
N ILE I 200 -25.08 28.33 -3.29
CA ILE I 200 -26.32 27.73 -2.84
C ILE I 200 -26.87 26.88 -3.99
N PRO I 201 -27.07 25.58 -3.80
CA PRO I 201 -27.65 24.76 -4.86
C PRO I 201 -29.11 25.10 -5.10
N SER I 202 -29.57 24.81 -6.33
CA SER I 202 -30.92 25.15 -6.74
C SER I 202 -31.41 24.11 -7.73
N LEU I 203 -32.52 24.42 -8.41
CA LEU I 203 -33.10 23.55 -9.41
C LEU I 203 -32.98 24.20 -10.79
N SER I 204 -32.98 23.36 -11.82
CA SER I 204 -32.85 23.83 -13.20
C SER I 204 -33.55 22.86 -14.13
N THR I 205 -33.56 23.18 -15.42
CA THR I 205 -34.17 22.33 -16.44
C THR I 205 -33.13 21.55 -17.24
N SER I 206 -31.87 21.53 -16.81
CA SER I 206 -30.88 20.71 -17.47
C SER I 206 -31.20 19.23 -17.30
N ASP I 207 -30.95 18.45 -18.35
CA ASP I 207 -31.28 17.02 -18.38
C ASP I 207 -32.76 16.80 -18.08
N LEU I 208 -33.60 17.41 -18.91
CA LEU I 208 -35.04 17.35 -18.70
C LEU I 208 -35.56 15.92 -18.80
N GLU I 209 -35.03 15.14 -19.74
CA GLU I 209 -35.51 13.78 -19.96
C GLU I 209 -35.18 12.84 -18.81
N SER I 210 -34.30 13.23 -17.89
CA SER I 210 -33.91 12.36 -16.80
C SER I 210 -34.75 12.56 -15.55
N ASN I 211 -35.23 13.79 -15.29
CA ASN I 211 -36.04 14.10 -14.12
C ASN I 211 -37.41 14.53 -14.61
N ILE I 212 -38.29 13.56 -14.87
CA ILE I 212 -39.52 13.85 -15.60
C ILE I 212 -40.53 14.58 -14.71
N PRO I 213 -40.98 14.03 -13.56
CA PRO I 213 -41.87 14.83 -12.71
C PRO I 213 -41.13 16.04 -12.17
N ASN I 214 -40.02 15.79 -11.49
CA ASN I 214 -39.06 16.80 -11.05
C ASN I 214 -37.86 16.06 -10.47
N GLU I 215 -36.83 16.82 -10.12
CA GLU I 215 -35.57 16.21 -9.70
C GLU I 215 -35.65 15.62 -8.29
N LEU I 216 -36.38 16.27 -7.38
CA LEU I 216 -36.33 15.87 -5.98
C LEU I 216 -37.16 14.62 -5.69
N PHE I 217 -38.23 14.40 -6.43
CA PHE I 217 -39.22 13.38 -6.05
C PHE I 217 -38.64 11.97 -6.02
N ASP I 218 -37.53 11.72 -6.68
CA ASP I 218 -36.95 10.37 -6.71
C ASP I 218 -35.77 10.22 -5.76
N ALA I 219 -35.52 11.20 -4.88
CA ALA I 219 -34.34 11.17 -4.02
C ALA I 219 -34.23 9.86 -3.26
N GLU I 220 -35.32 9.43 -2.63
CA GLU I 220 -35.30 8.18 -1.87
C GLU I 220 -34.82 7.02 -2.74
N GLY I 221 -35.35 6.92 -3.95
CA GLY I 221 -34.92 5.85 -4.84
C GLY I 221 -33.43 5.87 -5.06
N ASP I 222 -32.87 7.06 -5.29
CA ASP I 222 -31.43 7.18 -5.49
C ASP I 222 -30.67 6.53 -4.34
N MET I 223 -31.11 6.80 -3.10
CA MET I 223 -30.43 6.24 -1.94
C MET I 223 -30.35 4.73 -2.06
N VAL I 224 -31.46 4.08 -2.40
CA VAL I 224 -31.46 2.63 -2.53
C VAL I 224 -30.40 2.20 -3.53
N ARG I 225 -30.39 2.86 -4.69
CA ARG I 225 -29.39 2.53 -5.71
C ARG I 225 -27.99 2.60 -5.13
N ALA I 226 -27.69 3.66 -4.39
CA ALA I 226 -26.34 3.81 -3.87
C ALA I 226 -25.98 2.64 -2.97
N ILE I 227 -26.93 2.19 -2.14
CA ILE I 227 -26.63 1.09 -1.24
C ILE I 227 -26.30 -0.17 -2.03
N LYS I 228 -26.95 -0.36 -3.17
CA LYS I 228 -26.66 -1.54 -3.97
C LYS I 228 -25.30 -1.47 -4.64
N LYS I 229 -24.75 -0.27 -4.81
CA LYS I 229 -23.43 -0.16 -5.43
C LYS I 229 -22.31 -0.53 -4.46
N LEU I 230 -22.44 -0.14 -3.20
CA LEU I 230 -21.41 -0.41 -2.21
C LEU I 230 -21.38 -1.88 -1.81
N CYS J 22 20.43 23.06 53.38
CA CYS J 22 21.39 22.27 52.62
C CYS J 22 22.76 22.27 53.29
N PRO J 23 23.23 21.10 53.70
CA PRO J 23 24.55 21.02 54.35
C PRO J 23 25.69 20.91 53.36
N SER J 24 25.44 21.23 52.09
CA SER J 24 26.45 21.10 51.04
C SER J 24 26.36 22.30 50.11
N ARG J 25 27.39 23.15 50.15
CA ARG J 25 27.53 24.25 49.19
C ARG J 25 28.98 24.43 48.77
N HIS J 26 29.81 23.40 48.89
CA HIS J 26 31.25 23.50 48.72
C HIS J 26 31.63 23.39 47.24
N ASN J 27 32.92 23.16 46.99
CA ASN J 27 33.51 23.02 45.67
C ASN J 27 33.50 24.34 44.88
N PHE J 28 32.31 24.84 44.56
CA PHE J 28 32.21 26.05 43.75
C PHE J 28 32.75 27.26 44.52
N ASP J 29 33.52 28.08 43.82
CA ASP J 29 34.12 29.26 44.44
C ASP J 29 33.04 30.27 44.80
N PRO J 30 32.99 30.76 46.05
CA PRO J 30 31.89 31.65 46.45
C PRO J 30 31.80 32.95 45.65
N GLU J 31 32.93 33.54 45.27
CA GLU J 31 32.89 34.78 44.50
C GLU J 31 32.27 34.54 43.13
N CYS J 32 32.63 33.43 42.48
CA CYS J 32 32.00 33.08 41.21
C CYS J 32 30.51 32.87 41.38
N GLU J 33 30.10 32.23 42.48
CA GLU J 33 28.68 32.02 42.74
C GLU J 33 27.95 33.35 42.87
N LYS J 34 28.52 34.30 43.60
CA LYS J 34 27.89 35.60 43.78
C LYS J 34 27.76 36.32 42.43
N ALA J 35 28.81 36.30 41.63
CA ALA J 35 28.74 36.97 40.32
C ALA J 35 27.71 36.30 39.42
N PHE J 36 27.63 34.97 39.46
CA PHE J 36 26.64 34.26 38.66
C PHE J 36 25.22 34.65 39.06
N VAL J 37 24.96 34.76 40.37
CA VAL J 37 23.62 35.15 40.83
C VAL J 37 23.29 36.57 40.36
N GLU J 38 24.28 37.47 40.42
CA GLU J 38 24.06 38.82 39.92
C GLU J 38 23.68 38.82 38.44
N HIS J 39 24.39 38.03 37.63
CA HIS J 39 24.05 37.99 36.21
C HIS J 39 22.68 37.36 35.97
N ILE J 40 22.29 36.39 36.80
CA ILE J 40 20.95 35.82 36.69
C ILE J 40 19.90 36.90 36.88
N HIS J 41 20.10 37.75 37.88
CA HIS J 41 19.14 38.83 38.11
C HIS J 41 19.12 39.82 36.94
N LEU J 42 20.29 40.07 36.34
CA LEU J 42 20.32 40.93 35.16
C LEU J 42 19.48 40.35 34.03
N GLU J 43 19.61 39.05 33.77
CA GLU J 43 18.83 38.41 32.71
C GLU J 43 17.34 38.47 33.01
N LEU J 44 16.96 38.26 34.27
CA LEU J 44 15.55 38.34 34.65
C LEU J 44 15.00 39.74 34.40
N ALA J 45 15.80 40.77 34.73
CA ALA J 45 15.35 42.14 34.49
C ALA J 45 15.15 42.41 33.01
N SER J 46 16.05 41.90 32.17
CA SER J 46 15.89 42.07 30.72
C SER J 46 14.60 41.40 30.23
N SER J 47 14.34 40.18 30.71
CA SER J 47 13.11 39.49 30.34
C SER J 47 11.88 40.28 30.75
N TYR J 48 11.90 40.86 31.95
CA TYR J 48 10.77 41.67 32.40
C TYR J 48 10.59 42.90 31.53
N HIS J 49 11.68 43.55 31.14
CA HIS J 49 11.57 44.78 30.36
C HIS J 49 11.03 44.51 28.96
N ALA J 50 11.28 43.32 28.39
CA ALA J 50 10.68 43.02 27.10
C ALA J 50 9.15 43.01 27.15
N TRP J 51 8.59 42.65 28.30
CA TRP J 51 7.13 42.59 28.45
C TRP J 51 6.49 43.96 28.25
N SER J 52 7.13 45.00 28.77
CA SER J 52 6.56 46.35 28.64
C SER J 52 6.50 46.78 27.18
N MET J 53 7.55 46.50 26.40
CA MET J 53 7.51 46.82 24.98
C MET J 53 6.42 46.02 24.27
N TRP J 54 6.29 44.74 24.60
CA TRP J 54 5.23 43.93 24.01
C TRP J 54 3.86 44.53 24.29
N ALA J 55 3.63 44.96 25.53
CA ALA J 55 2.33 45.55 25.88
C ALA J 55 2.12 46.89 25.19
N PHE J 56 3.20 47.67 25.04
CA PHE J 56 3.06 48.98 24.41
C PHE J 56 2.68 48.85 22.94
N TYR J 57 3.28 47.92 22.22
CA TYR J 57 3.02 47.87 20.79
C TYR J 57 1.74 47.11 20.43
N ALA J 58 1.04 46.55 21.41
CA ALA J 58 -0.21 45.85 21.17
C ALA J 58 -1.44 46.70 21.42
N ARG J 59 -1.27 47.98 21.75
CA ARG J 59 -2.41 48.86 21.99
C ARG J 59 -3.21 49.04 20.70
N ASP J 60 -4.51 49.31 20.85
CA ASP J 60 -5.36 49.45 19.68
C ASP J 60 -5.03 50.67 18.85
N CYS J 61 -4.29 51.63 19.41
CA CYS J 61 -3.85 52.80 18.68
C CYS J 61 -2.45 52.65 18.10
N LYS J 62 -1.79 51.50 18.32
CA LYS J 62 -0.48 51.22 17.73
C LYS J 62 -0.56 50.08 16.74
N ALA J 63 -0.98 48.89 17.19
CA ALA J 63 -1.26 47.74 16.34
C ALA J 63 -0.11 47.43 15.38
N ALA J 64 1.05 47.12 15.95
CA ALA J 64 2.23 46.74 15.19
C ALA J 64 2.53 45.27 15.47
N VAL J 65 2.16 44.40 14.53
CA VAL J 65 2.22 42.96 14.77
C VAL J 65 3.66 42.48 14.84
N GLY J 66 4.53 42.99 13.96
CA GLY J 66 5.91 42.52 13.92
C GLY J 66 6.66 42.80 15.20
N MET J 67 6.54 44.03 15.72
CA MET J 67 7.20 44.37 16.96
C MET J 67 6.67 43.54 18.12
N THR J 68 5.36 43.27 18.13
CA THR J 68 4.77 42.43 19.15
C THR J 68 5.39 41.04 19.15
N ARG J 69 5.48 40.41 17.97
CA ARG J 69 6.08 39.09 17.88
C ARG J 69 7.53 39.10 18.32
N LEU J 70 8.29 40.10 17.87
CA LEU J 70 9.70 40.17 18.22
C LEU J 70 9.90 40.31 19.73
N CYS J 71 9.12 41.18 20.38
CA CYS J 71 9.27 41.39 21.81
C CYS J 71 8.89 40.15 22.60
N GLU J 72 7.82 39.46 22.19
CA GLU J 72 7.45 38.22 22.85
C GLU J 72 8.57 37.18 22.77
N TRP J 73 9.13 37.03 21.58
CA TRP J 73 10.23 36.08 21.39
C TRP J 73 11.42 36.45 22.27
N ALA J 74 11.76 37.74 22.33
CA ALA J 74 12.90 38.17 23.14
C ALA J 74 12.69 37.88 24.61
N SER J 75 11.48 38.13 25.12
CA SER J 75 11.23 37.86 26.53
C SER J 75 11.38 36.37 26.85
N HIS J 76 10.84 35.51 25.99
CA HIS J 76 10.99 34.07 26.24
C HIS J 76 12.46 33.65 26.19
N VAL J 77 13.23 34.19 25.25
CA VAL J 77 14.64 33.85 25.15
C VAL J 77 15.40 34.24 26.41
N SER J 78 15.14 35.45 26.92
CA SER J 78 15.82 35.90 28.14
C SER J 78 15.46 35.03 29.34
N ALA J 79 14.18 34.65 29.46
CA ALA J 79 13.80 33.78 30.57
C ALA J 79 14.52 32.44 30.49
N GLN J 80 14.62 31.87 29.28
CA GLN J 80 15.34 30.61 29.14
C GLN J 80 16.81 30.75 29.52
N ARG J 81 17.43 31.87 29.15
CA ARG J 81 18.84 32.08 29.51
C ARG J 81 19.03 32.13 31.02
N ALA J 82 18.13 32.84 31.72
CA ALA J 82 18.23 32.89 33.18
C ALA J 82 18.08 31.51 33.78
N ARG J 83 17.13 30.72 33.27
CA ARG J 83 16.95 29.36 33.77
C ARG J 83 18.21 28.52 33.55
N ARG J 84 18.84 28.67 32.39
CA ARG J 84 20.04 27.90 32.09
C ARG J 84 21.18 28.24 33.05
N MET J 85 21.39 29.53 33.33
CA MET J 85 22.45 29.90 34.25
C MET J 85 22.18 29.38 35.66
N ALA J 86 20.93 29.46 36.11
CA ALA J 86 20.60 28.92 37.43
C ALA J 86 20.84 27.42 37.48
N ALA J 87 20.49 26.70 36.41
CA ALA J 87 20.72 25.26 36.36
C ALA J 87 22.21 24.95 36.43
N TYR J 88 23.04 25.74 35.74
CA TYR J 88 24.47 25.49 35.81
C TYR J 88 24.99 25.71 37.23
N VAL J 89 24.53 26.75 37.91
CA VAL J 89 24.97 26.98 39.28
C VAL J 89 24.57 25.80 40.16
N LEU J 90 23.35 25.29 40.00
CA LEU J 90 22.91 24.17 40.81
C LEU J 90 23.68 22.89 40.51
N THR J 91 24.10 22.70 39.26
CA THR J 91 24.83 21.49 38.89
C THR J 91 26.18 21.42 39.60
N ARG J 92 26.84 22.56 39.77
CA ARG J 92 28.15 22.58 40.42
C ARG J 92 28.07 22.49 41.93
N GLY J 93 26.87 22.50 42.50
CA GLY J 93 26.70 22.33 43.93
C GLY J 93 26.43 23.59 44.73
N GLY J 94 26.11 24.71 44.08
CA GLY J 94 25.85 25.95 44.77
C GLY J 94 24.39 26.17 45.08
N HIS J 95 24.10 27.34 45.63
CA HIS J 95 22.74 27.77 45.95
C HIS J 95 22.42 29.04 45.18
N VAL J 96 21.13 29.24 44.90
CA VAL J 96 20.65 30.43 44.21
C VAL J 96 19.70 31.17 45.13
N ASP J 97 19.98 32.44 45.39
CA ASP J 97 19.13 33.29 46.21
C ASP J 97 18.54 34.39 45.34
N TYR J 98 17.22 34.55 45.40
CA TYR J 98 16.51 35.48 44.55
C TYR J 98 16.15 36.75 45.32
N LYS J 99 16.16 37.87 44.61
CA LYS J 99 15.85 39.15 45.21
C LYS J 99 14.92 39.93 44.28
N GLU J 100 14.78 41.21 44.57
CA GLU J 100 13.78 42.07 43.95
C GLU J 100 14.12 42.39 42.51
N ILE J 101 13.08 42.49 41.68
CA ILE J 101 13.21 42.79 40.26
C ILE J 101 12.69 44.21 40.02
N PRO J 102 13.52 45.14 39.58
CA PRO J 102 13.06 46.53 39.41
C PRO J 102 12.17 46.71 38.20
N ALA J 103 11.38 47.78 38.24
CA ALA J 103 10.49 48.12 37.15
C ALA J 103 11.25 48.83 36.03
N PRO J 104 10.82 48.68 34.78
CA PRO J 104 11.45 49.42 33.68
C PRO J 104 11.20 50.91 33.81
N LYS J 105 12.16 51.70 33.33
CA LYS J 105 12.10 53.15 33.51
C LYS J 105 11.18 53.80 32.49
N LYS J 106 11.50 53.67 31.20
CA LYS J 106 10.69 54.26 30.15
C LYS J 106 9.78 53.20 29.56
N GLN J 107 8.52 53.58 29.32
CA GLN J 107 7.51 52.67 28.79
C GLN J 107 6.85 53.24 27.53
N GLY J 108 7.58 54.07 26.79
CA GLY J 108 7.08 54.60 25.53
C GLY J 108 8.22 54.91 24.59
N TRP J 109 7.95 54.79 23.30
CA TRP J 109 8.98 55.03 22.28
C TRP J 109 8.37 55.79 21.12
N ASP J 110 9.12 56.76 20.60
CA ASP J 110 8.61 57.62 19.54
C ASP J 110 8.50 56.87 18.22
N ASN J 111 9.50 56.04 17.89
CA ASN J 111 9.48 55.27 16.66
C ASN J 111 10.28 53.99 16.89
N PHE J 112 10.35 53.16 15.85
CA PHE J 112 11.02 51.87 15.96
C PHE J 112 12.51 52.01 16.22
N GLU J 113 13.12 53.09 15.71
CA GLU J 113 14.56 53.26 15.86
C GLU J 113 14.96 53.36 17.33
N ASP J 114 14.18 54.07 18.14
CA ASP J 114 14.50 54.18 19.55
C ASP J 114 14.46 52.83 20.24
N ALA J 115 13.45 52.02 19.94
CA ALA J 115 13.35 50.69 20.55
C ALA J 115 14.53 49.82 20.16
N PHE J 116 14.91 49.83 18.87
CA PHE J 116 16.03 49.01 18.44
C PHE J 116 17.34 49.48 19.09
N SER J 117 17.51 50.80 19.23
CA SER J 117 18.70 51.31 19.90
C SER J 117 18.75 50.87 21.36
N HIS J 118 17.60 50.92 22.04
CA HIS J 118 17.53 50.45 23.42
C HIS J 118 17.95 48.99 23.53
N CYS J 119 17.44 48.15 22.63
CA CYS J 119 17.79 46.74 22.66
C CYS J 119 19.29 46.52 22.41
N VAL J 120 19.86 47.28 21.47
CA VAL J 120 21.29 47.14 21.17
C VAL J 120 22.13 47.51 22.39
N ALA J 121 21.77 48.60 23.07
CA ALA J 121 22.51 49.00 24.26
C ALA J 121 22.42 47.94 25.35
N ASN J 122 21.24 47.35 25.53
CA ASN J 122 21.09 46.28 26.52
C ASN J 122 21.99 45.09 26.19
N LYS J 123 22.06 44.72 24.91
CA LYS J 123 22.93 43.62 24.50
C LYS J 123 24.39 43.92 24.83
N LYS J 124 24.82 45.16 24.57
CA LYS J 124 26.20 45.52 24.89
C LYS J 124 26.48 45.39 26.39
N ARG J 125 25.53 45.84 27.22
CA ARG J 125 25.71 45.71 28.67
C ARG J 125 25.83 44.25 29.08
N ILE J 126 24.98 43.38 28.52
CA ILE J 126 25.03 41.96 28.85
C ILE J 126 26.38 41.37 28.47
N LEU J 127 26.90 41.73 27.29
CA LEU J 127 28.19 41.21 26.85
C LEU J 127 29.31 41.64 27.78
N THR J 128 29.29 42.90 28.23
CA THR J 128 30.31 43.37 29.16
C THR J 128 30.29 42.57 30.46
N SER J 129 29.09 42.33 30.99
CA SER J 129 28.98 41.54 32.22
C SER J 129 29.52 40.13 32.03
N LEU J 130 29.19 39.50 30.90
CA LEU J 130 29.67 38.14 30.66
C LEU J 130 31.19 38.10 30.53
N GLN J 131 31.78 39.11 29.89
CA GLN J 131 33.24 39.16 29.78
C GLN J 131 33.88 39.29 31.15
N SER J 132 33.30 40.11 32.04
CA SER J 132 33.82 40.21 33.39
C SER J 132 33.75 38.86 34.12
N LEU J 133 32.64 38.14 33.95
CA LEU J 133 32.51 36.83 34.56
C LEU J 133 33.61 35.88 34.06
N TYR J 134 33.83 35.87 32.75
CA TYR J 134 34.85 34.99 32.18
C TYR J 134 36.23 35.34 32.74
N GLN J 135 36.54 36.63 32.85
CA GLN J 135 37.81 37.03 33.42
C GLN J 135 37.95 36.56 34.86
N CYS J 136 36.86 36.64 35.63
CA CYS J 136 36.92 36.22 37.02
C CYS J 136 37.21 34.74 37.16
N CYS J 137 36.56 33.90 36.35
CA CYS J 137 36.64 32.46 36.54
C CYS J 137 37.70 31.77 35.68
N GLN J 138 38.49 32.53 34.93
CA GLN J 138 39.38 31.92 33.95
C GLN J 138 40.57 31.21 34.58
N SER J 139 41.10 31.74 35.67
CA SER J 139 42.36 31.24 36.21
C SER J 139 42.22 29.82 36.77
N LYS J 140 41.15 29.54 37.50
CA LYS J 140 41.01 28.27 38.20
C LYS J 140 40.13 27.27 37.46
N ASP J 141 38.89 27.62 37.16
CA ASP J 141 37.92 26.67 36.64
C ASP J 141 37.86 26.76 35.12
N ALA J 142 38.34 25.71 34.45
CA ALA J 142 38.30 25.67 32.99
C ALA J 142 36.90 25.40 32.45
N HIS J 143 36.17 24.49 33.10
CA HIS J 143 34.83 24.15 32.64
C HIS J 143 33.89 25.35 32.74
N CYS J 144 34.01 26.12 33.82
CA CYS J 144 33.16 27.31 33.97
C CYS J 144 33.43 28.34 32.88
N SER J 145 34.70 28.58 32.57
CA SER J 145 35.03 29.54 31.52
C SER J 145 34.54 29.05 30.16
N ASN J 146 34.68 27.75 29.89
CA ASN J 146 34.17 27.21 28.64
C ASN J 146 32.65 27.37 28.55
N PHE J 147 31.95 27.12 29.65
CA PHE J 147 30.50 27.31 29.67
C PHE J 147 30.14 28.76 29.38
N ILE J 148 30.87 29.70 29.98
CA ILE J 148 30.58 31.11 29.75
C ILE J 148 30.79 31.47 28.29
N GLN J 149 31.91 31.03 27.70
CA GLN J 149 32.22 31.48 26.35
C GLN J 149 31.45 30.72 25.28
N THR J 150 30.86 29.57 25.59
CA THR J 150 30.08 28.85 24.57
C THR J 150 28.57 29.02 24.75
N ASP J 151 28.04 28.76 25.94
CA ASP J 151 26.59 28.68 26.13
C ASP J 151 25.93 30.01 26.42
N MET J 152 26.69 31.10 26.58
CA MET J 152 26.09 32.38 26.91
C MET J 152 26.40 33.51 25.94
N MET J 153 27.57 33.50 25.29
CA MET J 153 27.99 34.62 24.46
C MET J 153 27.48 34.54 23.03
N ASP J 154 27.36 33.32 22.48
CA ASP J 154 27.01 33.14 21.08
C ASP J 154 25.66 33.76 20.74
N GLU J 155 24.66 33.51 21.59
CA GLU J 155 23.32 34.07 21.39
C GLU J 155 23.39 35.59 21.35
N VAL J 156 24.14 36.19 22.27
CA VAL J 156 24.22 37.64 22.33
C VAL J 156 24.84 38.20 21.07
N ILE J 157 25.91 37.58 20.59
CA ILE J 157 26.58 38.06 19.37
C ILE J 157 25.62 38.00 18.19
N ALA J 158 24.93 36.88 18.02
CA ALA J 158 24.02 36.72 16.89
C ALA J 158 22.88 37.73 16.96
N TRP J 159 22.28 37.90 18.14
CA TRP J 159 21.18 38.83 18.29
C TRP J 159 21.63 40.26 18.03
N ASN J 160 22.83 40.61 18.47
CA ASN J 160 23.34 41.96 18.23
C ASN J 160 23.50 42.21 16.73
N LYS J 161 24.02 41.24 15.99
CA LYS J 161 24.14 41.42 14.55
C LYS J 161 22.77 41.61 13.89
N PHE J 162 21.80 40.78 14.28
CA PHE J 162 20.47 40.89 13.69
C PHE J 162 19.84 42.25 13.97
N LEU J 163 19.92 42.72 15.22
CA LEU J 163 19.33 43.99 15.58
C LEU J 163 20.02 45.16 14.87
N SER J 164 21.34 45.09 14.72
CA SER J 164 22.05 46.15 14.00
C SER J 164 21.63 46.20 12.54
N ASP J 165 21.46 45.04 11.91
CA ASP J 165 20.98 45.03 10.52
C ASP J 165 19.60 45.65 10.41
N CYS J 166 18.69 45.29 11.33
CA CYS J 166 17.35 45.87 11.30
C CYS J 166 17.41 47.39 11.49
N LEU J 167 18.26 47.86 12.40
CA LEU J 167 18.37 49.30 12.64
C LEU J 167 18.88 50.03 11.40
N SER J 168 19.88 49.47 10.73
CA SER J 168 20.38 50.11 9.51
C SER J 168 19.30 50.18 8.44
N ASN J 169 18.55 49.08 8.26
CA ASN J 169 17.47 49.10 7.28
C ASN J 169 16.43 50.16 7.62
N LEU J 170 16.06 50.26 8.90
CA LEU J 170 15.07 51.26 9.31
C LEU J 170 15.57 52.67 9.07
N HIS J 171 16.83 52.94 9.39
CA HIS J 171 17.38 54.27 9.16
C HIS J 171 17.38 54.62 7.68
N CYS J 172 17.71 53.65 6.83
CA CYS J 172 17.68 53.91 5.38
C CYS J 172 16.26 54.17 4.90
N ILE J 173 15.28 53.41 5.40
CA ILE J 173 13.92 53.50 4.87
C ILE J 173 13.30 54.87 5.16
N GLY J 174 13.42 55.34 6.39
CA GLY J 174 12.83 56.58 6.80
C GLY J 174 11.88 56.39 7.97
N SER J 175 11.12 57.44 8.27
CA SER J 175 10.19 57.39 9.40
C SER J 175 8.83 58.01 9.09
N GLN J 176 8.52 58.30 7.84
CA GLN J 176 7.25 58.91 7.47
C GLN J 176 6.64 58.15 6.30
N GLY J 177 5.32 58.22 6.21
CA GLY J 177 4.60 57.53 5.16
C GLY J 177 4.27 56.10 5.53
N MET J 178 4.25 55.21 4.54
CA MET J 178 3.91 53.82 4.77
C MET J 178 5.12 52.89 4.79
N GLY J 179 6.33 53.42 4.81
CA GLY J 179 7.53 52.62 4.92
C GLY J 179 7.59 51.78 6.18
N PRO J 180 7.35 52.39 7.34
CA PRO J 180 7.32 51.60 8.58
C PRO J 180 6.27 50.50 8.57
N TRP J 181 5.12 50.73 7.95
CA TRP J 181 4.08 49.70 7.90
C TRP J 181 4.56 48.48 7.11
N VAL J 182 5.17 48.72 5.94
CA VAL J 182 5.70 47.63 5.13
C VAL J 182 6.80 46.89 5.88
N PHE J 183 7.68 47.64 6.55
CA PHE J 183 8.74 47.02 7.33
C PHE J 183 8.16 46.14 8.44
N ASP J 184 7.12 46.62 9.12
CA ASP J 184 6.51 45.85 10.19
C ASP J 184 5.90 44.55 9.66
N ARG J 185 5.22 44.62 8.51
CA ARG J 185 4.65 43.40 7.93
C ARG J 185 5.74 42.40 7.59
N TRP J 186 6.82 42.86 6.97
CA TRP J 186 7.95 41.99 6.65
C TRP J 186 8.55 41.37 7.91
N LEU J 187 8.71 42.18 8.95
CA LEU J 187 9.30 41.68 10.19
C LEU J 187 8.44 40.60 10.82
N ALA J 188 7.12 40.80 10.82
CA ALA J 188 6.23 39.75 11.32
C ALA J 188 6.38 38.47 10.51
N ARG J 189 6.46 38.60 9.18
CA ARG J 189 6.60 37.41 8.35
C ARG J 189 7.88 36.65 8.68
N ILE J 190 9.00 37.35 8.84
CA ILE J 190 10.25 36.64 9.06
C ILE J 190 10.36 36.09 10.47
N VAL J 191 9.79 36.79 11.47
CA VAL J 191 9.85 36.29 12.84
C VAL J 191 8.97 35.05 13.00
N MET J 192 7.77 35.08 12.42
CA MET J 192 6.83 33.98 12.61
C MET J 192 7.32 32.67 11.99
N SER J 193 8.27 32.73 11.07
CA SER J 193 8.80 31.52 10.44
C SER J 193 9.73 30.73 11.36
N LYS J 194 10.08 31.28 12.51
CA LYS J 194 11.04 30.66 13.41
C LYS J 194 10.46 30.35 14.78
N PHE J 195 9.60 31.20 15.32
CA PHE J 195 9.13 31.07 16.68
C PHE J 195 7.61 31.02 16.74
N LYS J 196 7.11 30.15 17.62
CA LYS J 196 5.67 29.99 17.87
C LYS J 196 5.51 29.44 19.27
N HIS J 197 5.01 30.24 20.19
CA HIS J 197 4.89 29.79 21.57
C HIS J 197 3.69 28.87 21.73
N PRO J 198 3.88 27.62 22.15
CA PRO J 198 2.73 26.74 22.37
C PRO J 198 2.01 27.08 23.66
N LYS J 199 0.77 26.62 23.74
CA LYS J 199 -0.04 26.82 24.93
C LYS J 199 0.46 25.92 26.07
N ILE J 200 0.30 26.42 27.29
CA ILE J 200 0.64 25.66 28.49
C ILE J 200 -0.62 24.94 28.96
N PRO J 201 -0.61 23.61 29.05
CA PRO J 201 -1.78 22.90 29.56
C PRO J 201 -2.00 23.15 31.04
N SER J 202 -3.24 23.00 31.47
CA SER J 202 -3.62 23.28 32.85
C SER J 202 -4.75 22.35 33.25
N LEU J 203 -5.39 22.66 34.38
CA LEU J 203 -6.51 21.89 34.89
C LEU J 203 -7.79 22.73 34.82
N SER J 204 -8.93 22.04 34.75
CA SER J 204 -10.23 22.70 34.66
C SER J 204 -11.29 21.81 35.27
N THR J 205 -12.52 22.31 35.31
CA THR J 205 -13.65 21.56 35.85
C THR J 205 -14.54 20.99 34.75
N SER J 206 -14.10 21.00 33.49
CA SER J 206 -14.85 20.36 32.44
C SER J 206 -14.89 18.85 32.64
N ASP J 207 -16.03 18.24 32.33
CA ASP J 207 -16.26 16.81 32.54
C ASP J 207 -16.01 16.44 34.00
N LEU J 208 -16.77 17.09 34.88
CA LEU J 208 -16.58 16.87 36.31
C LEU J 208 -16.88 15.44 36.72
N GLU J 209 -17.91 14.84 36.13
CA GLU J 209 -18.32 13.49 36.49
C GLU J 209 -17.31 12.43 36.09
N SER J 210 -16.33 12.76 35.24
CA SER J 210 -15.36 11.79 34.79
C SER J 210 -14.10 11.74 35.64
N ASN J 211 -13.69 12.88 36.21
CA ASN J 211 -12.49 12.97 37.05
C ASN J 211 -12.94 13.35 38.46
N ILE J 212 -13.34 12.36 39.25
CA ILE J 212 -14.04 12.64 40.50
C ILE J 212 -13.07 13.16 41.57
N PRO J 213 -12.01 12.43 41.97
CA PRO J 213 -11.07 13.03 42.92
C PRO J 213 -10.36 14.21 42.28
N ASN J 214 -9.71 13.96 41.16
CA ASN J 214 -9.13 14.97 40.28
C ASN J 214 -8.63 14.26 39.03
N GLU J 215 -8.17 15.04 38.07
CA GLU J 215 -7.82 14.48 36.76
C GLU J 215 -6.51 13.70 36.79
N LEU J 216 -5.53 14.16 37.57
CA LEU J 216 -4.19 13.58 37.49
C LEU J 216 -4.09 12.24 38.20
N PHE J 217 -4.88 12.03 39.27
CA PHE J 217 -4.65 10.90 40.16
C PHE J 217 -4.79 9.55 39.48
N ASP J 218 -5.47 9.47 38.35
CA ASP J 218 -5.67 8.20 37.66
C ASP J 218 -4.74 8.02 36.46
N ALA J 219 -3.73 8.88 36.31
CA ALA J 219 -2.87 8.83 35.13
C ALA J 219 -2.30 7.43 34.92
N GLU J 220 -1.74 6.84 35.97
CA GLU J 220 -1.15 5.50 35.85
C GLU J 220 -2.17 4.52 35.27
N GLY J 221 -3.39 4.54 35.79
CA GLY J 221 -4.41 3.64 35.28
C GLY J 221 -4.61 3.81 33.79
N ASP J 222 -4.67 5.06 33.33
CA ASP J 222 -4.83 5.32 31.90
C ASP J 222 -3.77 4.59 31.09
N MET J 223 -2.52 4.65 31.56
CA MET J 223 -1.43 3.99 30.84
C MET J 223 -1.75 2.52 30.63
N VAL J 224 -2.20 1.84 31.69
CA VAL J 224 -2.52 0.42 31.57
C VAL J 224 -3.56 0.22 30.48
N ARG J 225 -4.62 1.03 30.52
CA ARG J 225 -5.66 0.93 29.50
C ARG J 225 -5.07 1.01 28.11
N ALA J 226 -4.18 1.99 27.89
CA ALA J 226 -3.63 2.18 26.56
C ALA J 226 -2.89 0.93 26.10
N ILE J 227 -2.14 0.30 27.01
CA ILE J 227 -1.39 -0.89 26.63
C ILE J 227 -2.34 -1.99 26.20
N LYS J 228 -3.51 -2.08 26.83
CA LYS J 228 -4.47 -3.11 26.45
C LYS J 228 -5.09 -2.84 25.09
N LYS J 229 -5.10 -1.59 24.64
CA LYS J 229 -5.69 -1.29 23.34
C LYS J 229 -4.76 -1.70 22.19
N LEU J 230 -3.46 -1.50 22.35
CA LEU J 230 -2.50 -1.81 21.30
C LEU J 230 -2.30 -3.32 21.16
N CYS K 22 30.78 53.15 5.14
CA CYS K 22 30.22 52.62 6.38
C CYS K 22 30.62 53.47 7.57
N PRO K 23 29.64 54.05 8.25
CA PRO K 23 29.94 54.89 9.42
C PRO K 23 30.09 54.08 10.70
N SER K 24 30.24 52.76 10.58
CA SER K 24 30.32 51.89 11.75
C SER K 24 31.40 50.84 11.51
N ARG K 25 32.49 50.93 12.28
CA ARG K 25 33.53 49.91 12.29
C ARG K 25 34.06 49.68 13.70
N HIS K 26 33.28 50.01 14.73
CA HIS K 26 33.75 50.04 16.11
C HIS K 26 33.66 48.65 16.73
N ASN K 27 33.76 48.60 18.06
CA ASN K 27 33.70 47.40 18.89
C ASN K 27 34.92 46.49 18.67
N PHE K 28 35.07 45.96 17.46
CA PHE K 28 36.16 45.03 17.19
C PHE K 28 37.51 45.74 17.28
N ASP K 29 38.46 45.08 17.93
CA ASP K 29 39.79 45.65 18.11
C ASP K 29 40.51 45.76 16.76
N PRO K 30 41.04 46.92 16.40
CA PRO K 30 41.64 47.07 15.06
C PRO K 30 42.81 46.15 14.78
N GLU K 31 43.65 45.88 15.77
CA GLU K 31 44.79 44.98 15.55
C GLU K 31 44.31 43.58 15.23
N CYS K 32 43.30 43.09 15.96
CA CYS K 32 42.73 41.79 15.65
C CYS K 32 42.14 41.76 14.25
N GLU K 33 41.49 42.86 13.85
CA GLU K 33 40.93 42.93 12.50
C GLU K 33 42.03 42.82 11.45
N LYS K 34 43.13 43.53 11.65
CA LYS K 34 44.23 43.49 10.69
C LYS K 34 44.81 42.07 10.60
N ALA K 35 45.02 41.43 11.74
CA ALA K 35 45.56 40.07 11.72
C ALA K 35 44.60 39.10 11.05
N PHE K 36 43.30 39.26 11.29
CA PHE K 36 42.31 38.40 10.66
C PHE K 36 42.33 38.56 9.13
N VAL K 37 42.45 39.80 8.65
CA VAL K 37 42.50 40.02 7.20
C VAL K 37 43.75 39.38 6.61
N GLU K 38 44.88 39.49 7.31
CA GLU K 38 46.10 38.83 6.86
C GLU K 38 45.91 37.31 6.73
N HIS K 39 45.29 36.70 7.74
CA HIS K 39 45.07 35.26 7.64
C HIS K 39 44.09 34.89 6.54
N ILE K 40 43.10 35.75 6.27
CA ILE K 40 42.20 35.51 5.15
C ILE K 40 42.98 35.44 3.85
N HIS K 41 43.91 36.37 3.66
CA HIS K 41 44.71 36.35 2.44
C HIS K 41 45.59 35.10 2.37
N LEU K 42 46.09 34.65 3.51
CA LEU K 42 46.87 33.41 3.52
C LEU K 42 46.02 32.23 3.05
N GLU K 43 44.79 32.12 3.54
CA GLU K 43 43.90 31.03 3.13
C GLU K 43 43.59 31.11 1.63
N LEU K 44 43.36 32.32 1.13
CA LEU K 44 43.09 32.48 -0.30
C LEU K 44 44.29 32.03 -1.13
N ALA K 45 45.50 32.36 -0.69
CA ALA K 45 46.69 31.93 -1.42
C ALA K 45 46.80 30.40 -1.43
N SER K 46 46.50 29.75 -0.31
CA SER K 46 46.53 28.29 -0.28
C SER K 46 45.52 27.69 -1.26
N SER K 47 44.31 28.26 -1.28
CA SER K 47 43.30 27.79 -2.22
C SER K 47 43.77 27.94 -3.67
N TYR K 48 44.40 29.07 -3.98
CA TYR K 48 44.91 29.26 -5.33
C TYR K 48 46.00 28.26 -5.68
N HIS K 49 46.88 27.97 -4.73
CA HIS K 49 47.99 27.05 -5.02
C HIS K 49 47.51 25.63 -5.24
N ALA K 50 46.40 25.23 -4.61
CA ALA K 50 45.87 23.90 -4.90
C ALA K 50 45.46 23.73 -6.36
N TRP K 51 45.04 24.83 -7.00
CA TRP K 51 44.61 24.77 -8.40
C TRP K 51 45.75 24.35 -9.32
N SER K 52 46.95 24.85 -9.05
CA SER K 52 48.09 24.50 -9.91
C SER K 52 48.40 23.01 -9.84
N MET K 53 48.36 22.42 -8.65
CA MET K 53 48.57 20.98 -8.53
C MET K 53 47.48 20.21 -9.26
N TRP K 54 46.23 20.65 -9.12
CA TRP K 54 45.14 20.00 -9.83
C TRP K 54 45.37 20.02 -11.33
N ALA K 55 45.80 21.16 -11.86
CA ALA K 55 46.05 21.27 -13.30
C ALA K 55 47.25 20.43 -13.73
N PHE K 56 48.27 20.35 -12.87
CA PHE K 56 49.46 19.58 -13.22
C PHE K 56 49.14 18.09 -13.32
N TYR K 57 48.36 17.56 -12.40
CA TYR K 57 48.15 16.12 -12.40
C TYR K 57 47.07 15.66 -13.38
N ALA K 58 46.41 16.59 -14.06
CA ALA K 58 45.38 16.24 -15.05
C ALA K 58 45.90 16.23 -16.47
N ARG K 59 47.20 16.46 -16.68
CA ARG K 59 47.76 16.44 -18.02
C ARG K 59 47.65 15.03 -18.63
N ASP K 60 47.57 14.97 -19.96
CA ASP K 60 47.42 13.70 -20.62
C ASP K 60 48.64 12.80 -20.48
N CYS K 61 49.78 13.36 -20.09
CA CYS K 61 50.98 12.58 -19.85
C CYS K 61 51.17 12.22 -18.38
N LYS K 62 50.25 12.65 -17.50
CA LYS K 62 50.29 12.28 -16.09
C LYS K 62 49.10 11.40 -15.72
N ALA K 63 47.87 11.91 -15.89
CA ALA K 63 46.64 11.15 -15.74
C ALA K 63 46.59 10.40 -14.41
N ALA K 64 46.63 11.15 -13.31
CA ALA K 64 46.52 10.61 -11.97
C ALA K 64 45.21 11.07 -11.37
N VAL K 65 44.22 10.18 -11.35
CA VAL K 65 42.86 10.57 -10.98
C VAL K 65 42.77 10.88 -9.48
N GLY K 66 43.44 10.09 -8.64
CA GLY K 66 43.34 10.29 -7.20
C GLY K 66 43.89 11.63 -6.76
N MET K 67 45.07 12.00 -7.27
CA MET K 67 45.65 13.29 -6.92
C MET K 67 44.78 14.44 -7.41
N THR K 68 44.18 14.29 -8.59
CA THR K 68 43.27 15.30 -9.11
C THR K 68 42.10 15.52 -8.17
N ARG K 69 41.45 14.43 -7.74
CA ARG K 69 40.32 14.56 -6.83
C ARG K 69 40.74 15.20 -5.51
N LEU K 70 41.88 14.76 -4.97
CA LEU K 70 42.33 15.30 -3.69
C LEU K 70 42.61 16.80 -3.78
N CYS K 71 43.28 17.24 -4.85
CA CYS K 71 43.62 18.65 -4.98
C CYS K 71 42.37 19.50 -5.17
N GLU K 72 41.40 19.01 -5.95
CA GLU K 72 40.15 19.74 -6.11
C GLU K 72 39.43 19.92 -4.76
N TRP K 73 39.36 18.84 -3.99
CA TRP K 73 38.73 18.90 -2.68
C TRP K 73 39.45 19.90 -1.78
N ALA K 74 40.77 19.88 -1.78
CA ALA K 74 41.54 20.79 -0.93
C ALA K 74 41.29 22.25 -1.30
N SER K 75 41.25 22.55 -2.59
CA SER K 75 41.01 23.93 -3.00
C SER K 75 39.64 24.41 -2.54
N HIS K 76 38.61 23.58 -2.69
CA HIS K 76 37.28 23.99 -2.24
C HIS K 76 37.26 24.19 -0.72
N VAL K 77 37.92 23.32 0.04
CA VAL K 77 37.95 23.45 1.48
C VAL K 77 38.61 24.76 1.90
N SER K 78 39.73 25.11 1.27
CA SER K 78 40.41 26.36 1.61
C SER K 78 39.56 27.57 1.29
N ALA K 79 38.87 27.55 0.14
CA ALA K 79 37.99 28.68 -0.18
C ALA K 79 36.89 28.84 0.85
N GLN K 80 36.29 27.72 1.28
CA GLN K 80 35.26 27.80 2.31
C GLN K 80 35.80 28.37 3.62
N ARG K 81 37.02 27.98 4.00
CA ARG K 81 37.61 28.51 5.23
C ARG K 81 37.80 30.02 5.15
N ALA K 82 38.30 30.51 4.00
CA ALA K 82 38.46 31.96 3.85
C ALA K 82 37.12 32.67 3.95
N ARG K 83 36.08 32.11 3.32
CA ARG K 83 34.75 32.71 3.41
C ARG K 83 34.26 32.76 4.86
N ARG K 84 34.50 31.69 5.61
CA ARG K 84 34.05 31.64 7.00
C ARG K 84 34.74 32.71 7.85
N MET K 85 36.06 32.88 7.68
CA MET K 85 36.74 33.91 8.46
C MET K 85 36.26 35.31 8.09
N ALA K 86 36.03 35.57 6.81
CA ALA K 86 35.51 36.87 6.41
C ALA K 86 34.12 37.11 7.01
N ALA K 87 33.28 36.08 7.03
CA ALA K 87 31.95 36.21 7.62
C ALA K 87 32.05 36.51 9.11
N TYR K 88 32.98 35.88 9.81
CA TYR K 88 33.12 36.17 11.23
C TYR K 88 33.55 37.62 11.44
N VAL K 89 34.48 38.12 10.63
CA VAL K 89 34.89 39.51 10.77
C VAL K 89 33.70 40.44 10.55
N LEU K 90 32.88 40.16 9.53
CA LEU K 90 31.73 41.01 9.26
C LEU K 90 30.69 40.94 10.36
N THR K 91 30.54 39.79 11.01
CA THR K 91 29.54 39.66 12.07
C THR K 91 29.87 40.55 13.27
N ARG K 92 31.15 40.69 13.59
CA ARG K 92 31.56 41.51 14.72
C ARG K 92 31.54 43.01 14.42
N GLY K 93 31.27 43.39 13.18
CA GLY K 93 31.14 44.80 12.83
C GLY K 93 32.34 45.42 12.13
N GLY K 94 33.29 44.62 11.65
CA GLY K 94 34.46 45.15 10.99
C GLY K 94 34.31 45.22 9.48
N HIS K 95 35.39 45.61 8.83
CA HIS K 95 35.47 45.69 7.37
C HIS K 95 36.57 44.75 6.87
N VAL K 96 36.41 44.28 5.64
CA VAL K 96 37.39 43.41 4.99
C VAL K 96 37.90 44.11 3.75
N ASP K 97 39.22 44.28 3.66
CA ASP K 97 39.86 44.88 2.50
C ASP K 97 40.71 43.83 1.80
N TYR K 98 40.52 43.69 0.50
CA TYR K 98 41.18 42.66 -0.28
C TYR K 98 42.36 43.24 -1.06
N LYS K 99 43.40 42.43 -1.22
CA LYS K 99 44.59 42.85 -1.93
C LYS K 99 45.04 41.73 -2.86
N GLU K 100 46.25 41.86 -3.36
CA GLU K 100 46.78 41.03 -4.42
C GLU K 100 47.10 39.62 -3.95
N ILE K 101 46.87 38.65 -4.83
CA ILE K 101 47.11 37.24 -4.55
C ILE K 101 48.32 36.79 -5.37
N PRO K 102 49.41 36.38 -4.73
CA PRO K 102 50.61 36.01 -5.49
C PRO K 102 50.49 34.67 -6.19
N ALA K 103 51.31 34.49 -7.22
CA ALA K 103 51.34 33.26 -7.98
C ALA K 103 52.16 32.19 -7.24
N PRO K 104 51.82 30.92 -7.42
CA PRO K 104 52.63 29.85 -6.83
C PRO K 104 54.01 29.79 -7.46
N LYS K 105 54.99 29.37 -6.65
CA LYS K 105 56.38 29.40 -7.10
C LYS K 105 56.71 28.20 -7.99
N LYS K 106 56.59 26.99 -7.44
CA LYS K 106 56.89 25.78 -8.18
C LYS K 106 55.59 25.17 -8.70
N GLN K 107 55.61 24.72 -9.96
CA GLN K 107 54.44 24.15 -10.60
C GLN K 107 54.74 22.76 -11.17
N GLY K 108 55.68 22.05 -10.56
CA GLY K 108 55.99 20.69 -10.97
C GLY K 108 56.53 19.90 -9.80
N TRP K 109 56.27 18.60 -9.82
CA TRP K 109 56.70 17.71 -8.74
C TRP K 109 57.21 16.40 -9.32
N ASP K 110 58.31 15.91 -8.77
CA ASP K 110 58.93 14.70 -9.29
C ASP K 110 58.10 13.46 -9.00
N ASN K 111 57.55 13.36 -7.79
CA ASN K 111 56.72 12.22 -7.41
C ASN K 111 55.71 12.69 -6.36
N PHE K 112 54.88 11.75 -5.92
CA PHE K 112 53.81 12.09 -4.98
C PHE K 112 54.36 12.54 -3.63
N GLU K 113 55.52 12.02 -3.24
CA GLU K 113 56.07 12.35 -1.93
C GLU K 113 56.36 13.84 -1.80
N ASP K 114 56.89 14.46 -2.86
CA ASP K 114 57.17 15.89 -2.81
C ASP K 114 55.89 16.70 -2.62
N ALA K 115 54.83 16.34 -3.34
CA ALA K 115 53.57 17.06 -3.20
C ALA K 115 53.01 16.92 -1.80
N PHE K 116 53.04 15.71 -1.23
CA PHE K 116 52.52 15.52 0.12
C PHE K 116 53.35 16.30 1.14
N SER K 117 54.67 16.33 0.96
CA SER K 117 55.52 17.11 1.86
C SER K 117 55.20 18.60 1.78
N HIS K 118 54.98 19.10 0.56
CA HIS K 118 54.60 20.50 0.38
C HIS K 118 53.30 20.81 1.13
N CYS K 119 52.31 19.94 1.00
CA CYS K 119 51.04 20.16 1.69
C CYS K 119 51.22 20.14 3.21
N VAL K 120 52.04 19.22 3.72
CA VAL K 120 52.25 19.14 5.16
C VAL K 120 52.91 20.42 5.68
N ALA K 121 53.90 20.93 4.95
CA ALA K 121 54.56 22.17 5.36
C ALA K 121 53.57 23.33 5.37
N ASN K 122 52.70 23.40 4.36
CA ASN K 122 51.70 24.47 4.33
C ASN K 122 50.76 24.38 5.53
N LYS K 123 50.35 23.17 5.90
CA LYS K 123 49.49 23.00 7.06
C LYS K 123 50.19 23.50 8.33
N LYS K 124 51.47 23.18 8.48
CA LYS K 124 52.20 23.66 9.66
C LYS K 124 52.24 25.18 9.71
N ARG K 125 52.48 25.83 8.56
CA ARG K 125 52.48 27.29 8.53
C ARG K 125 51.13 27.86 8.94
N ILE K 126 50.04 27.27 8.44
CA ILE K 126 48.71 27.75 8.78
C ILE K 126 48.47 27.62 10.28
N LEU K 127 48.88 26.50 10.87
CA LEU K 127 48.69 26.30 12.31
C LEU K 127 49.46 27.32 13.13
N THR K 128 50.69 27.64 12.71
CA THR K 128 51.46 28.65 13.43
C THR K 128 50.77 30.01 13.39
N SER K 129 50.26 30.39 12.22
CA SER K 129 49.54 31.66 12.11
C SER K 129 48.31 31.69 13.01
N LEU K 130 47.55 30.60 13.03
CA LEU K 130 46.36 30.56 13.87
C LEU K 130 46.71 30.66 15.36
N GLN K 131 47.79 30.01 15.77
CA GLN K 131 48.21 30.10 17.17
C GLN K 131 48.59 31.53 17.53
N SER K 132 49.28 32.23 16.63
CA SER K 132 49.60 33.63 16.88
C SER K 132 48.32 34.47 17.03
N LEU K 133 47.33 34.22 16.17
CA LEU K 133 46.06 34.94 16.28
C LEU K 133 45.41 34.70 17.65
N TYR K 134 45.38 33.44 18.08
CA TYR K 134 44.77 33.11 19.36
C TYR K 134 45.50 33.81 20.50
N GLN K 135 46.82 33.84 20.45
CA GLN K 135 47.58 34.54 21.48
C GLN K 135 47.25 36.02 21.50
N CYS K 136 47.09 36.62 20.31
CA CYS K 136 46.78 38.04 20.24
C CYS K 136 45.43 38.37 20.87
N CYS K 137 44.41 37.56 20.59
CA CYS K 137 43.05 37.91 20.99
C CYS K 137 42.62 37.28 22.31
N GLN K 138 43.51 36.58 23.00
CA GLN K 138 43.10 35.79 24.16
C GLN K 138 42.76 36.65 25.37
N SER K 139 43.48 37.75 25.57
CA SER K 139 43.35 38.50 26.81
C SER K 139 41.99 39.18 26.95
N LYS K 140 41.49 39.78 25.87
CA LYS K 140 40.27 40.58 25.94
C LYS K 140 39.03 39.82 25.47
N ASP K 141 39.02 39.32 24.25
CA ASP K 141 37.82 38.76 23.64
C ASP K 141 37.80 37.24 23.81
N ALA K 142 36.87 36.75 24.64
CA ALA K 142 36.74 35.32 24.85
C ALA K 142 36.08 34.62 23.67
N HIS K 143 35.05 35.25 23.09
CA HIS K 143 34.34 34.64 21.96
C HIS K 143 35.26 34.49 20.75
N CYS K 144 36.10 35.48 20.50
CA CYS K 144 37.03 35.40 19.37
C CYS K 144 38.02 34.26 19.54
N SER K 145 38.57 34.10 20.75
CA SER K 145 39.52 33.02 20.99
C SER K 145 38.84 31.66 20.87
N ASN K 146 37.61 31.55 21.37
CA ASN K 146 36.88 30.30 21.22
C ASN K 146 36.63 29.98 19.75
N PHE K 147 36.27 30.99 18.96
CA PHE K 147 36.07 30.78 17.52
C PHE K 147 37.36 30.30 16.87
N ILE K 148 38.50 30.90 17.23
CA ILE K 148 39.77 30.50 16.64
C ILE K 148 40.08 29.05 16.99
N GLN K 149 39.91 28.67 18.26
CA GLN K 149 40.35 27.34 18.66
C GLN K 149 39.35 26.25 18.29
N THR K 150 38.10 26.59 17.96
CA THR K 150 37.14 25.56 17.57
C THR K 150 36.92 25.50 16.05
N ASP K 151 36.60 26.62 15.42
CA ASP K 151 36.16 26.61 14.03
C ASP K 151 37.29 26.67 13.02
N MET K 152 38.54 26.83 13.44
CA MET K 152 39.64 26.94 12.49
C MET K 152 40.75 25.92 12.67
N MET K 153 41.01 25.44 13.89
CA MET K 153 42.15 24.57 14.15
C MET K 153 41.85 23.10 13.91
N ASP K 154 40.61 22.67 14.19
CA ASP K 154 40.26 21.25 14.12
C ASP K 154 40.48 20.67 12.74
N GLU K 155 40.03 21.39 11.71
CA GLU K 155 40.21 20.95 10.33
C GLU K 155 41.69 20.76 10.02
N VAL K 156 42.52 21.72 10.43
CA VAL K 156 43.94 21.64 10.14
C VAL K 156 44.57 20.44 10.80
N ILE K 157 44.22 20.17 12.06
CA ILE K 157 44.79 19.02 12.77
C ILE K 157 44.41 17.72 12.06
N ALA K 158 43.13 17.57 11.71
CA ALA K 158 42.68 16.34 11.06
C ALA K 158 43.35 16.15 9.70
N TRP K 159 43.43 17.22 8.90
CA TRP K 159 44.04 17.11 7.59
C TRP K 159 45.53 16.78 7.71
N ASN K 160 46.21 17.35 8.70
CA ASN K 160 47.62 17.05 8.89
C ASN K 160 47.82 15.57 9.21
N LYS K 161 46.97 15.01 10.08
CA LYS K 161 47.10 13.59 10.38
C LYS K 161 46.87 12.73 9.13
N PHE K 162 45.85 13.06 8.35
CA PHE K 162 45.57 12.27 7.14
C PHE K 162 46.73 12.33 6.16
N LEU K 163 47.28 13.52 5.92
CA LEU K 163 48.37 13.67 4.98
C LEU K 163 49.63 12.95 5.46
N SER K 164 49.90 13.00 6.77
CA SER K 164 51.07 12.28 7.30
C SER K 164 50.92 10.78 7.11
N ASP K 165 49.71 10.25 7.34
CA ASP K 165 49.50 8.81 7.12
C ASP K 165 49.73 8.45 5.66
N CYS K 166 49.20 9.26 4.73
CA CYS K 166 49.41 8.99 3.31
C CYS K 166 50.90 9.03 2.96
N LEU K 167 51.63 10.00 3.51
CA LEU K 167 53.06 10.11 3.22
C LEU K 167 53.82 8.89 3.72
N SER K 168 53.50 8.43 4.93
CA SER K 168 54.17 7.23 5.44
C SER K 168 53.89 6.02 4.57
N ASN K 169 52.63 5.84 4.15
CA ASN K 169 52.31 4.73 3.27
C ASN K 169 53.08 4.81 1.96
N LEU K 170 53.16 6.01 1.38
CA LEU K 170 53.88 6.17 0.11
C LEU K 170 55.36 5.86 0.28
N HIS K 171 55.96 6.33 1.37
CA HIS K 171 57.38 6.05 1.59
C HIS K 171 57.63 4.55 1.75
N CYS K 172 56.72 3.86 2.44
CA CYS K 172 56.88 2.40 2.58
C CYS K 172 56.73 1.70 1.23
N ILE K 173 55.77 2.13 0.41
CA ILE K 173 55.47 1.41 -0.82
C ILE K 173 56.64 1.47 -1.80
N GLY K 174 57.20 2.65 -2.01
CA GLY K 174 58.27 2.85 -2.95
C GLY K 174 57.91 3.89 -3.99
N SER K 175 58.73 3.97 -5.03
CA SER K 175 58.52 4.96 -6.08
C SER K 175 58.74 4.40 -7.49
N GLN K 176 58.86 3.10 -7.65
CA GLN K 176 59.10 2.49 -8.96
C GLN K 176 58.14 1.33 -9.17
N GLY K 177 57.85 1.05 -10.43
CA GLY K 177 56.93 -0.02 -10.77
C GLY K 177 55.49 0.44 -10.80
N MET K 178 54.57 -0.45 -10.43
CA MET K 178 53.15 -0.13 -10.44
C MET K 178 52.58 0.15 -9.06
N GLY K 179 53.41 0.29 -8.04
CA GLY K 179 52.95 0.65 -6.72
C GLY K 179 52.22 1.98 -6.65
N PRO K 180 52.83 3.03 -7.22
CA PRO K 180 52.13 4.33 -7.25
C PRO K 180 50.80 4.28 -7.98
N TRP K 181 50.68 3.48 -9.04
CA TRP K 181 49.41 3.39 -9.76
C TRP K 181 48.32 2.80 -8.87
N VAL K 182 48.63 1.72 -8.17
CA VAL K 182 47.68 1.10 -7.25
C VAL K 182 47.30 2.06 -6.14
N PHE K 183 48.30 2.77 -5.59
CA PHE K 183 48.02 3.76 -4.56
C PHE K 183 47.09 4.85 -5.06
N ASP K 184 47.32 5.32 -6.28
CA ASP K 184 46.47 6.38 -6.85
C ASP K 184 45.04 5.89 -7.03
N ARG K 185 44.85 4.66 -7.51
CA ARG K 185 43.50 4.13 -7.65
C ARG K 185 42.80 4.05 -6.31
N TRP K 186 43.50 3.55 -5.29
CA TRP K 186 42.91 3.47 -3.96
C TRP K 186 42.57 4.86 -3.42
N LEU K 187 43.44 5.83 -3.64
CA LEU K 187 43.20 7.18 -3.15
C LEU K 187 41.96 7.79 -3.80
N ALA K 188 41.80 7.58 -5.12
CA ALA K 188 40.60 8.06 -5.78
C ALA K 188 39.36 7.41 -5.19
N ARG K 189 39.42 6.11 -4.93
CA ARG K 189 38.26 5.41 -4.36
C ARG K 189 37.88 6.00 -3.01
N ILE K 190 38.87 6.24 -2.15
CA ILE K 190 38.51 6.70 -0.80
C ILE K 190 38.11 8.17 -0.80
N VAL K 191 38.68 8.99 -1.69
CA VAL K 191 38.30 10.39 -1.73
C VAL K 191 36.88 10.56 -2.27
N MET K 192 36.55 9.83 -3.34
CA MET K 192 35.23 10.01 -3.95
C MET K 192 34.08 9.59 -3.04
N SER K 193 34.36 8.81 -2.00
CA SER K 193 33.31 8.38 -1.09
C SER K 193 32.84 9.50 -0.17
N LYS K 194 33.53 10.63 -0.15
CA LYS K 194 33.23 11.71 0.76
C LYS K 194 32.87 13.01 0.06
N PHE K 195 33.51 13.33 -1.06
CA PHE K 195 33.33 14.62 -1.70
C PHE K 195 32.91 14.45 -3.16
N LYS K 196 31.99 15.30 -3.59
CA LYS K 196 31.50 15.31 -4.97
C LYS K 196 30.98 16.71 -5.24
N HIS K 197 31.68 17.49 -6.07
CA HIS K 197 31.29 18.87 -6.28
C HIS K 197 30.11 18.98 -7.21
N PRO K 198 28.98 19.55 -6.77
CA PRO K 198 27.84 19.71 -7.67
C PRO K 198 28.05 20.86 -8.65
N LYS K 199 27.29 20.82 -9.73
CA LYS K 199 27.33 21.87 -10.73
C LYS K 199 26.68 23.14 -10.23
N ILE K 200 27.17 24.28 -10.70
CA ILE K 200 26.61 25.58 -10.38
C ILE K 200 25.61 25.94 -11.48
N PRO K 201 24.34 26.17 -11.15
CA PRO K 201 23.37 26.58 -12.18
C PRO K 201 23.65 27.98 -12.68
N SER K 202 23.21 28.25 -13.91
CA SER K 202 23.46 29.52 -14.56
C SER K 202 22.29 29.85 -15.48
N LEU K 203 22.49 30.84 -16.35
CA LEU K 203 21.49 31.27 -17.31
C LEU K 203 21.96 30.93 -18.73
N SER K 204 21.00 30.77 -19.63
CA SER K 204 21.29 30.43 -21.02
C SER K 204 20.19 30.98 -21.91
N THR K 205 20.35 30.79 -23.22
CA THR K 205 19.36 31.24 -24.20
C THR K 205 18.51 30.09 -24.73
N SER K 206 18.57 28.91 -24.11
CA SER K 206 17.69 27.83 -24.50
C SER K 206 16.24 28.18 -24.19
N ASP K 207 15.33 27.77 -25.08
CA ASP K 207 13.91 28.09 -24.98
C ASP K 207 13.70 29.59 -24.88
N LEU K 208 14.18 30.30 -25.90
CA LEU K 208 14.11 31.75 -25.90
C LEU K 208 12.68 32.25 -25.90
N GLU K 209 11.79 31.58 -26.64
CA GLU K 209 10.40 32.02 -26.75
C GLU K 209 9.63 31.87 -25.46
N SER K 210 10.15 31.14 -24.47
CA SER K 210 9.44 30.93 -23.22
C SER K 210 9.78 31.95 -22.15
N ASN K 211 11.02 32.46 -22.14
CA ASN K 211 11.46 33.44 -21.15
C ASN K 211 11.79 34.72 -21.90
N ILE K 212 10.78 35.55 -22.16
CA ILE K 212 10.95 36.66 -23.10
C ILE K 212 11.76 37.79 -22.48
N PRO K 213 11.36 38.41 -21.35
CA PRO K 213 12.24 39.42 -20.75
C PRO K 213 13.53 38.77 -20.27
N ASN K 214 13.39 37.78 -19.40
CA ASN K 214 14.47 36.90 -18.96
C ASN K 214 13.84 35.81 -18.11
N GLU K 215 14.65 34.84 -17.70
CA GLU K 215 14.12 33.66 -17.02
C GLU K 215 13.72 33.96 -15.58
N LEU K 216 14.46 34.81 -14.88
CA LEU K 216 14.24 34.99 -13.45
C LEU K 216 13.02 35.83 -13.13
N PHE K 217 12.68 36.79 -14.00
CA PHE K 217 11.71 37.82 -13.63
C PHE K 217 10.32 37.26 -13.34
N ASP K 218 10.00 36.05 -13.78
CA ASP K 218 8.68 35.48 -13.54
C ASP K 218 8.68 34.45 -12.42
N ALA K 219 9.77 34.35 -11.65
CA ALA K 219 9.88 33.32 -10.62
C ALA K 219 8.67 33.32 -9.69
N GLU K 220 8.30 34.50 -9.18
CA GLU K 220 7.16 34.59 -8.28
C GLU K 220 5.92 33.98 -8.90
N GLY K 221 5.65 34.33 -10.16
CA GLY K 221 4.49 33.77 -10.83
C GLY K 221 4.50 32.25 -10.84
N ASP K 222 5.67 31.66 -11.12
CA ASP K 222 5.79 30.21 -11.11
C ASP K 222 5.30 29.64 -9.79
N MET K 223 5.71 30.27 -8.68
CA MET K 223 5.31 29.76 -7.37
C MET K 223 3.80 29.67 -7.27
N VAL K 224 3.09 30.71 -7.71
CA VAL K 224 1.63 30.69 -7.66
C VAL K 224 1.10 29.50 -8.44
N ARG K 225 1.61 29.31 -9.66
CA ARG K 225 1.20 28.16 -10.47
C ARG K 225 1.38 26.87 -9.69
N ALA K 226 2.53 26.70 -9.04
CA ALA K 226 2.79 25.46 -8.32
C ALA K 226 1.75 25.24 -7.24
N ILE K 227 1.39 26.29 -6.51
CA ILE K 227 0.42 26.14 -5.44
C ILE K 227 -0.92 25.67 -6.00
N LYS K 228 -1.28 26.15 -7.20
CA LYS K 228 -2.54 25.74 -7.78
C LYS K 228 -2.53 24.29 -8.23
N LYS K 229 -1.35 23.71 -8.47
CA LYS K 229 -1.30 22.31 -8.88
C LYS K 229 -1.53 21.36 -7.72
N LEU K 230 -0.99 21.68 -6.55
CA LEU K 230 -1.12 20.81 -5.38
C LEU K 230 -2.52 20.86 -4.81
N CYS L 22 12.68 54.25 -26.37
CA CYS L 22 13.83 53.50 -25.86
C CYS L 22 15.13 54.21 -26.19
N PRO L 23 15.87 54.62 -25.16
CA PRO L 23 17.15 55.30 -25.40
C PRO L 23 18.31 54.35 -25.60
N SER L 24 18.02 53.07 -25.87
CA SER L 24 19.05 52.06 -26.01
C SER L 24 18.69 51.14 -27.17
N ARG L 25 19.47 51.22 -28.26
CA ARG L 25 19.36 50.28 -29.37
C ARG L 25 20.73 49.90 -29.92
N HIS L 26 21.79 50.03 -29.12
CA HIS L 26 23.16 49.91 -29.58
C HIS L 26 23.59 48.44 -29.60
N ASN L 27 24.90 48.23 -29.70
CA ASN L 27 25.55 46.92 -29.75
C ASN L 27 25.23 46.15 -31.03
N PHE L 28 23.97 45.80 -31.23
CA PHE L 28 23.58 45.00 -32.38
C PHE L 28 23.78 45.80 -33.67
N ASP L 29 24.35 45.14 -34.68
CA ASP L 29 24.62 45.79 -35.96
C ASP L 29 23.31 46.13 -36.66
N PRO L 30 23.11 47.38 -37.09
CA PRO L 30 21.81 47.76 -37.68
C PRO L 30 21.42 46.98 -38.93
N GLU L 31 22.38 46.64 -39.79
CA GLU L 31 22.05 45.88 -40.99
C GLU L 31 21.54 44.49 -40.63
N CYS L 32 22.18 43.84 -39.66
CA CYS L 32 21.70 42.54 -39.19
C CYS L 32 20.30 42.66 -38.61
N GLU L 33 20.04 43.75 -37.87
CA GLU L 33 18.71 43.96 -37.31
C GLU L 33 17.66 44.08 -38.42
N LYS L 34 17.97 44.85 -39.46
CA LYS L 34 17.03 45.02 -40.56
C LYS L 34 16.75 43.68 -41.25
N ALA L 35 17.79 42.91 -41.51
CA ALA L 35 17.59 41.61 -42.16
C ALA L 35 16.79 40.67 -41.28
N PHE L 36 17.04 40.69 -39.97
CA PHE L 36 16.28 39.85 -39.05
C PHE L 36 14.79 40.21 -39.07
N VAL L 37 14.48 41.51 -39.08
CA VAL L 37 13.08 41.94 -39.12
C VAL L 37 12.42 41.48 -40.42
N GLU L 38 13.15 41.58 -41.54
CA GLU L 38 12.62 41.09 -42.80
C GLU L 38 12.28 39.60 -42.73
N HIS L 39 13.19 38.80 -42.16
CA HIS L 39 12.90 37.38 -42.07
C HIS L 39 11.74 37.09 -41.12
N ILE L 40 11.58 37.89 -40.07
CA ILE L 40 10.43 37.74 -39.18
C ILE L 40 9.14 37.91 -39.97
N HIS L 41 9.09 38.92 -40.82
CA HIS L 41 7.89 39.14 -41.62
C HIS L 41 7.66 37.99 -42.60
N LEU L 42 8.74 37.42 -43.14
CA LEU L 42 8.58 36.25 -44.01
C LEU L 42 7.95 35.09 -43.26
N GLU L 43 8.41 34.82 -42.04
CA GLU L 43 7.83 33.73 -41.25
C GLU L 43 6.36 33.99 -40.93
N LEU L 44 6.02 35.23 -40.60
CA LEU L 44 4.63 35.56 -40.32
C LEU L 44 3.75 35.32 -41.55
N ALA L 45 4.26 35.69 -42.74
CA ALA L 45 3.49 35.45 -43.96
C ALA L 45 3.27 33.96 -44.19
N SER L 46 4.29 33.14 -43.94
CA SER L 46 4.12 31.70 -44.10
C SER L 46 3.06 31.16 -43.14
N SER L 47 3.09 31.62 -41.88
CA SER L 47 2.09 31.21 -40.92
C SER L 47 0.68 31.59 -41.37
N TYR L 48 0.53 32.80 -41.91
CA TYR L 48 -0.77 33.22 -42.40
C TYR L 48 -1.24 32.36 -43.57
N HIS L 49 -0.33 32.01 -44.47
CA HIS L 49 -0.72 31.24 -45.65
C HIS L 49 -1.15 29.83 -45.29
N ALA L 50 -0.59 29.25 -44.21
CA ALA L 50 -1.06 27.94 -43.79
C ALA L 50 -2.54 27.94 -43.40
N TRP L 51 -3.03 29.07 -42.89
CA TRP L 51 -4.43 29.18 -42.47
C TRP L 51 -5.38 28.98 -43.64
N SER L 52 -5.03 29.53 -44.80
CA SER L 52 -5.92 29.39 -45.96
C SER L 52 -6.05 27.94 -46.39
N MET L 53 -4.95 27.19 -46.40
CA MET L 53 -5.02 25.77 -46.72
C MET L 53 -5.87 25.02 -45.69
N TRP L 54 -5.68 25.33 -44.41
CA TRP L 54 -6.49 24.70 -43.38
C TRP L 54 -7.97 24.94 -43.61
N ALA L 55 -8.33 26.18 -43.95
CA ALA L 55 -9.74 26.50 -44.19
C ALA L 55 -10.26 25.83 -45.45
N PHE L 56 -9.41 25.71 -46.48
CA PHE L 56 -9.85 25.09 -47.72
C PHE L 56 -10.16 23.61 -47.53
N TYR L 57 -9.32 22.90 -46.79
CA TYR L 57 -9.52 21.46 -46.70
C TYR L 57 -10.57 21.05 -45.66
N ALA L 58 -11.13 22.01 -44.92
CA ALA L 58 -12.16 21.72 -43.93
C ALA L 58 -13.57 21.95 -44.45
N ARG L 59 -13.73 22.30 -45.73
CA ARG L 59 -15.06 22.51 -46.29
C ARG L 59 -15.85 21.20 -46.29
N ASP L 60 -17.17 21.32 -46.22
CA ASP L 60 -18.00 20.13 -46.17
C ASP L 60 -17.97 19.33 -47.46
N CYS L 61 -17.50 19.92 -48.55
CA CYS L 61 -17.35 19.21 -49.81
C CYS L 61 -15.94 18.67 -50.02
N LYS L 62 -15.03 18.90 -49.08
CA LYS L 62 -13.68 18.35 -49.14
C LYS L 62 -13.45 17.34 -48.03
N ALA L 63 -13.56 17.76 -46.77
CA ALA L 63 -13.52 16.89 -45.60
C ALA L 63 -12.31 15.96 -45.61
N ALA L 64 -11.12 16.56 -45.58
CA ALA L 64 -9.86 15.83 -45.52
C ALA L 64 -9.22 16.10 -44.17
N VAL L 65 -9.33 15.14 -43.26
CA VAL L 65 -8.93 15.37 -41.87
C VAL L 65 -7.41 15.46 -41.76
N GLY L 66 -6.67 14.62 -42.49
CA GLY L 66 -5.22 14.61 -42.37
C GLY L 66 -4.60 15.92 -42.81
N MET L 67 -5.04 16.45 -43.96
CA MET L 67 -4.51 17.72 -44.43
C MET L 67 -4.85 18.85 -43.47
N THR L 68 -6.05 18.82 -42.88
CA THR L 68 -6.44 19.81 -41.90
C THR L 68 -5.49 19.81 -40.71
N ARG L 69 -5.22 18.62 -40.15
CA ARG L 69 -4.30 18.53 -39.02
C ARG L 69 -2.91 19.02 -39.38
N LEU L 70 -2.42 18.61 -40.55
CA LEU L 70 -1.07 19.00 -40.96
C LEU L 70 -0.95 20.51 -41.12
N CYS L 71 -1.95 21.15 -41.75
CA CYS L 71 -1.89 22.58 -41.97
C CYS L 71 -1.97 23.35 -40.65
N GLU L 72 -2.82 22.90 -39.73
CA GLU L 72 -2.89 23.54 -38.42
C GLU L 72 -1.55 23.47 -37.69
N TRP L 73 -0.93 22.30 -37.71
CA TRP L 73 0.37 22.13 -37.07
C TRP L 73 1.41 23.05 -37.71
N ALA L 74 1.42 23.14 -39.03
CA ALA L 74 2.39 23.98 -39.72
C ALA L 74 2.22 25.45 -39.36
N SER L 75 0.99 25.92 -39.29
CA SER L 75 0.77 27.32 -38.94
C SER L 75 1.28 27.63 -37.53
N HIS L 76 0.99 26.74 -36.58
CA HIS L 76 1.49 26.97 -35.22
C HIS L 76 3.02 26.97 -35.18
N VAL L 77 3.65 26.05 -35.91
CA VAL L 77 5.11 25.99 -35.93
C VAL L 77 5.71 27.28 -36.48
N SER L 78 5.14 27.80 -37.57
CA SER L 78 5.66 29.04 -38.15
C SER L 78 5.50 30.21 -37.20
N ALA L 79 4.35 30.30 -36.51
CA ALA L 79 4.17 31.38 -35.55
C ALA L 79 5.20 31.31 -34.43
N GLN L 80 5.47 30.10 -33.93
CA GLN L 80 6.49 29.95 -32.89
C GLN L 80 7.87 30.38 -33.39
N ARG L 81 8.20 30.05 -34.63
CA ARG L 81 9.50 30.45 -35.18
C ARG L 81 9.63 31.97 -35.25
N ALA L 82 8.57 32.65 -35.70
CA ALA L 82 8.62 34.11 -35.74
C ALA L 82 8.80 34.69 -34.35
N ARG L 83 8.08 34.14 -33.37
CA ARG L 83 8.24 34.62 -31.99
C ARG L 83 9.67 34.42 -31.49
N ARG L 84 10.28 33.28 -31.82
CA ARG L 84 11.64 33.02 -31.37
C ARG L 84 12.63 34.01 -31.97
N MET L 85 12.50 34.31 -33.27
CA MET L 85 13.42 35.27 -33.87
C MET L 85 13.25 36.66 -33.28
N ALA L 86 12.01 37.07 -33.03
CA ALA L 86 11.79 38.37 -32.40
C ALA L 86 12.40 38.42 -31.00
N ALA L 87 12.26 37.33 -30.24
CA ALA L 87 12.85 37.27 -28.91
C ALA L 87 14.36 37.37 -28.98
N TYR L 88 14.99 36.72 -29.96
CA TYR L 88 16.43 36.83 -30.09
C TYR L 88 16.85 38.27 -30.39
N VAL L 89 16.12 38.95 -31.27
CA VAL L 89 16.46 40.33 -31.57
C VAL L 89 16.35 41.19 -30.31
N LEU L 90 15.29 40.98 -29.52
CA LEU L 90 15.12 41.77 -28.30
C LEU L 90 16.20 41.47 -27.27
N THR L 91 16.68 40.23 -27.20
CA THR L 91 17.70 39.87 -26.22
C THR L 91 19.01 40.62 -26.48
N ARG L 92 19.36 40.82 -27.75
CA ARG L 92 20.60 41.51 -28.08
C ARG L 92 20.51 43.02 -27.95
N GLY L 93 19.33 43.55 -27.65
CA GLY L 93 19.17 44.97 -27.41
C GLY L 93 18.58 45.78 -28.55
N GLY L 94 18.01 45.13 -29.57
CA GLY L 94 17.43 45.84 -30.69
C GLY L 94 15.95 46.10 -30.53
N HIS L 95 15.36 46.66 -31.58
CA HIS L 95 13.93 46.95 -31.65
C HIS L 95 13.32 46.17 -32.82
N VAL L 96 12.04 45.87 -32.70
CA VAL L 96 11.29 45.17 -33.75
C VAL L 96 10.16 46.08 -34.21
N ASP L 97 10.11 46.36 -35.51
CA ASP L 97 9.05 47.16 -36.10
C ASP L 97 8.23 46.29 -37.03
N TYR L 98 6.91 46.31 -36.86
CA TYR L 98 6.01 45.45 -37.60
C TYR L 98 5.33 46.23 -38.72
N LYS L 99 5.07 45.53 -39.83
CA LYS L 99 4.44 46.14 -40.98
C LYS L 99 3.37 45.20 -41.52
N GLU L 100 2.91 45.50 -42.72
CA GLU L 100 1.75 44.86 -43.31
C GLU L 100 2.04 43.43 -43.74
N ILE L 101 1.03 42.58 -43.60
CA ILE L 101 1.11 41.16 -43.94
C ILE L 101 0.26 40.93 -45.19
N PRO L 102 0.84 40.52 -46.31
CA PRO L 102 0.05 40.36 -47.54
C PRO L 102 -0.82 39.12 -47.52
N ALA L 103 -1.86 39.15 -48.35
CA ALA L 103 -2.77 38.03 -48.49
C ALA L 103 -2.18 36.95 -49.39
N PRO L 104 -2.53 35.69 -49.15
CA PRO L 104 -2.08 34.61 -50.05
C PRO L 104 -2.70 34.75 -51.43
N LYS L 105 -1.95 34.31 -52.44
CA LYS L 105 -2.37 34.51 -53.83
C LYS L 105 -3.41 33.47 -54.25
N LYS L 106 -3.03 32.19 -54.23
CA LYS L 106 -3.93 31.12 -54.62
C LYS L 106 -4.53 30.49 -53.38
N GLN L 107 -5.84 30.22 -53.44
CA GLN L 107 -6.57 29.65 -52.32
C GLN L 107 -7.32 28.38 -52.73
N GLY L 108 -6.80 27.67 -53.73
CA GLY L 108 -7.39 26.40 -54.14
C GLY L 108 -6.34 25.51 -54.74
N TRP L 109 -6.54 24.21 -54.59
CA TRP L 109 -5.58 23.22 -55.09
C TRP L 109 -6.33 22.05 -55.70
N ASP L 110 -5.83 21.57 -56.84
CA ASP L 110 -6.51 20.50 -57.56
C ASP L 110 -6.40 19.17 -56.83
N ASN L 111 -5.22 18.86 -56.29
CA ASN L 111 -5.01 17.62 -55.55
C ASN L 111 -3.92 17.85 -54.51
N PHE L 112 -3.62 16.80 -53.75
CA PHE L 112 -2.66 16.92 -52.66
C PHE L 112 -1.25 17.23 -53.17
N GLU L 113 -0.92 16.75 -54.37
CA GLU L 113 0.43 16.94 -54.89
C GLU L 113 0.76 18.42 -55.05
N ASP L 114 -0.19 19.22 -55.53
CA ASP L 114 0.05 20.65 -55.70
C ASP L 114 0.33 21.32 -54.36
N ALA L 115 -0.44 20.98 -53.33
CA ALA L 115 -0.22 21.56 -52.01
C ALA L 115 1.15 21.20 -51.47
N PHE L 116 1.54 19.92 -51.60
CA PHE L 116 2.85 19.51 -51.09
C PHE L 116 3.98 20.20 -51.86
N SER L 117 3.82 20.37 -53.18
CA SER L 117 4.83 21.08 -53.95
C SER L 117 4.94 22.54 -53.51
N HIS L 118 3.80 23.18 -53.26
CA HIS L 118 3.81 24.55 -52.76
C HIS L 118 4.58 24.66 -51.45
N CYS L 119 4.32 23.74 -50.53
CA CYS L 119 5.01 23.76 -49.24
C CYS L 119 6.52 23.55 -49.42
N VAL L 120 6.91 22.63 -50.31
CA VAL L 120 8.33 22.37 -50.53
C VAL L 120 9.03 23.62 -51.08
N ALA L 121 8.39 24.31 -52.03
CA ALA L 121 8.97 25.52 -52.58
C ALA L 121 9.12 26.60 -51.50
N ASN L 122 8.12 26.73 -50.63
CA ASN L 122 8.22 27.70 -49.55
C ASN L 122 9.39 27.38 -48.63
N LYS L 123 9.59 26.10 -48.31
CA LYS L 123 10.71 25.71 -47.47
C LYS L 123 12.04 26.08 -48.12
N LYS L 124 12.16 25.85 -49.42
CA LYS L 124 13.40 26.22 -50.11
C LYS L 124 13.67 27.72 -50.02
N ARG L 125 12.61 28.53 -50.21
CA ARG L 125 12.78 29.98 -50.10
C ARG L 125 13.25 30.38 -48.71
N ILE L 126 12.66 29.78 -47.67
CA ILE L 126 13.05 30.10 -46.30
C ILE L 126 14.52 29.75 -46.07
N LEU L 127 14.95 28.59 -46.57
CA LEU L 127 16.35 28.18 -46.39
C LEU L 127 17.30 29.15 -47.08
N THR L 128 16.95 29.61 -48.28
CA THR L 128 17.81 30.58 -48.97
C THR L 128 17.95 31.86 -48.16
N SER L 129 16.83 32.36 -47.63
CA SER L 129 16.89 33.58 -46.81
C SER L 129 17.77 33.38 -45.58
N LEU L 130 17.64 32.24 -44.91
CA LEU L 130 18.45 31.99 -43.72
C LEU L 130 19.93 31.91 -44.06
N GLN L 131 20.26 31.30 -45.19
CA GLN L 131 21.67 31.24 -45.61
C GLN L 131 22.23 32.63 -45.86
N SER L 132 21.44 33.50 -46.50
CA SER L 132 21.88 34.88 -46.70
C SER L 132 22.13 35.58 -45.36
N LEU L 133 21.24 35.37 -44.39
CA LEU L 133 21.43 35.96 -43.07
C LEU L 133 22.74 35.48 -42.44
N TYR L 134 22.99 34.18 -42.51
CA TYR L 134 24.21 33.63 -41.93
C TYR L 134 25.45 34.23 -42.60
N GLN L 135 25.42 34.37 -43.92
CA GLN L 135 26.54 34.98 -44.61
C GLN L 135 26.75 36.42 -44.16
N CYS L 136 25.66 37.16 -43.96
CA CYS L 136 25.78 38.54 -43.54
C CYS L 136 26.43 38.67 -42.17
N CYS L 137 26.03 37.83 -41.21
CA CYS L 137 26.46 38.01 -39.83
C CYS L 137 27.68 37.17 -39.45
N GLN L 138 28.28 36.46 -40.39
CA GLN L 138 29.31 35.49 -40.04
C GLN L 138 30.63 36.15 -39.63
N SER L 139 30.98 37.26 -40.26
CA SER L 139 32.31 37.83 -40.08
C SER L 139 32.52 38.37 -38.66
N LYS L 140 31.53 39.06 -38.11
CA LYS L 140 31.69 39.75 -36.83
C LYS L 140 31.11 38.97 -35.66
N ASP L 141 29.83 38.63 -35.70
CA ASP L 141 29.13 38.07 -34.54
C ASP L 141 29.10 36.55 -34.64
N ALA L 142 29.84 35.88 -33.76
CA ALA L 142 29.85 34.42 -33.74
C ALA L 142 28.58 33.84 -33.14
N HIS L 143 28.08 34.46 -32.07
CA HIS L 143 26.87 33.95 -31.41
C HIS L 143 25.67 34.04 -32.34
N CYS L 144 25.56 35.13 -33.10
CA CYS L 144 24.44 35.27 -34.03
C CYS L 144 24.47 34.20 -35.11
N SER L 145 25.65 33.93 -35.67
CA SER L 145 25.75 32.90 -36.70
C SER L 145 25.44 31.52 -36.14
N ASN L 146 25.91 31.24 -34.92
CA ASN L 146 25.58 29.97 -34.29
C ASN L 146 24.07 29.84 -34.07
N PHE L 147 23.42 30.92 -33.63
CA PHE L 147 21.97 30.89 -33.45
C PHE L 147 21.27 30.61 -34.77
N ILE L 148 21.73 31.24 -35.86
CA ILE L 148 21.11 31.02 -37.16
C ILE L 148 21.26 29.57 -37.59
N GLN L 149 22.46 29.01 -37.45
CA GLN L 149 22.68 27.68 -37.98
C GLN L 149 22.16 26.57 -37.08
N THR L 150 21.86 26.85 -35.81
CA THR L 150 21.32 25.81 -34.94
C THR L 150 19.81 25.94 -34.73
N ASP L 151 19.33 27.11 -34.32
CA ASP L 151 17.94 27.25 -33.87
C ASP L 151 16.96 27.54 -35.00
N MET L 152 17.42 27.74 -36.24
CA MET L 152 16.51 28.07 -37.32
C MET L 152 16.56 27.12 -38.51
N MET L 153 17.71 26.51 -38.81
CA MET L 153 17.85 25.70 -40.01
C MET L 153 17.42 24.26 -39.83
N ASP L 154 17.62 23.69 -38.63
CA ASP L 154 17.36 22.28 -38.40
C ASP L 154 15.91 21.91 -38.66
N GLU L 155 14.98 22.73 -38.16
CA GLU L 155 13.55 22.49 -38.38
C GLU L 155 13.24 22.47 -39.87
N VAL L 156 13.79 23.42 -40.61
CA VAL L 156 13.50 23.50 -42.04
C VAL L 156 14.00 22.27 -42.76
N ILE L 157 15.21 21.81 -42.43
CA ILE L 157 15.76 20.62 -43.09
C ILE L 157 14.88 19.41 -42.82
N ALA L 158 14.50 19.21 -41.55
CA ALA L 158 13.68 18.04 -41.21
C ALA L 158 12.32 18.09 -41.89
N TRP L 159 11.67 19.26 -41.89
CA TRP L 159 10.37 19.39 -42.51
C TRP L 159 10.46 19.16 -44.01
N ASN L 160 11.52 19.64 -44.65
CA ASN L 160 11.69 19.43 -46.08
C ASN L 160 11.81 17.94 -46.39
N LYS L 161 12.58 17.20 -45.60
CA LYS L 161 12.69 15.77 -45.84
C LYS L 161 11.33 15.07 -45.68
N PHE L 162 10.59 15.43 -44.63
CA PHE L 162 9.28 14.79 -44.42
C PHE L 162 8.33 15.07 -45.58
N LEU L 163 8.26 16.33 -46.03
CA LEU L 163 7.36 16.69 -47.11
C LEU L 163 7.76 16.01 -48.42
N SER L 164 9.06 15.90 -48.68
CA SER L 164 9.50 15.23 -49.90
C SER L 164 9.12 13.75 -49.88
N ASP L 165 9.27 13.09 -48.72
CA ASP L 165 8.84 11.70 -48.62
C ASP L 165 7.34 11.55 -48.88
N CYS L 166 6.54 12.44 -48.29
CA CYS L 166 5.10 12.38 -48.53
C CYS L 166 4.77 12.58 -50.00
N LEU L 167 5.45 13.52 -50.65
CA LEU L 167 5.20 13.78 -52.06
C LEU L 167 5.54 12.59 -52.94
N SER L 168 6.67 11.93 -52.65
CA SER L 168 7.02 10.73 -53.42
C SER L 168 5.99 9.63 -53.24
N ASN L 169 5.53 9.42 -52.00
CA ASN L 169 4.51 8.41 -51.76
C ASN L 169 3.22 8.72 -52.52
N LEU L 170 2.81 10.00 -52.50
CA LEU L 170 1.60 10.38 -53.20
C LEU L 170 1.74 10.17 -54.71
N HIS L 171 2.89 10.54 -55.27
CA HIS L 171 3.08 10.35 -56.70
C HIS L 171 3.03 8.88 -57.07
N CYS L 172 3.61 8.01 -56.23
CA CYS L 172 3.54 6.58 -56.51
C CYS L 172 2.11 6.06 -56.40
N ILE L 173 1.34 6.53 -55.42
CA ILE L 173 0.01 5.97 -55.18
C ILE L 173 -0.91 6.25 -56.35
N GLY L 174 -0.95 7.49 -56.81
CA GLY L 174 -1.85 7.90 -57.88
C GLY L 174 -2.73 9.05 -57.45
N SER L 175 -3.76 9.31 -58.26
CA SER L 175 -4.67 10.41 -57.97
C SER L 175 -6.13 10.07 -58.23
N GLN L 176 -6.48 8.80 -58.43
CA GLN L 176 -7.84 8.41 -58.72
C GLN L 176 -8.23 7.22 -57.85
N GLY L 177 -9.52 7.10 -57.59
CA GLY L 177 -10.02 6.03 -56.76
C GLY L 177 -10.00 6.38 -55.29
N MET L 178 -9.77 5.38 -54.44
CA MET L 178 -9.73 5.59 -53.00
C MET L 178 -8.33 5.63 -52.42
N GLY L 179 -7.30 5.71 -53.26
CA GLY L 179 -5.94 5.81 -52.78
C GLY L 179 -5.69 7.06 -51.94
N PRO L 180 -6.03 8.24 -52.47
CA PRO L 180 -5.84 9.47 -51.67
C PRO L 180 -6.58 9.46 -50.36
N TRP L 181 -7.77 8.85 -50.31
CA TRP L 181 -8.55 8.81 -49.08
C TRP L 181 -7.86 7.98 -48.00
N VAL L 182 -7.35 6.81 -48.39
CA VAL L 182 -6.61 5.97 -47.46
C VAL L 182 -5.34 6.68 -46.99
N PHE L 183 -4.65 7.33 -47.92
CA PHE L 183 -3.48 8.13 -47.55
C PHE L 183 -3.86 9.20 -46.54
N ASP L 184 -5.00 9.85 -46.73
CA ASP L 184 -5.43 10.90 -45.80
C ASP L 184 -5.68 10.34 -44.41
N ARG L 185 -6.32 9.16 -44.31
CA ARG L 185 -6.47 8.58 -42.97
C ARG L 185 -5.12 8.34 -42.33
N TRP L 186 -4.19 7.75 -43.08
CA TRP L 186 -2.89 7.43 -42.51
C TRP L 186 -2.16 8.70 -42.06
N LEU L 187 -2.24 9.77 -42.86
CA LEU L 187 -1.60 11.02 -42.50
C LEU L 187 -2.19 11.59 -41.22
N ALA L 188 -3.52 11.55 -41.08
CA ALA L 188 -4.15 12.01 -39.85
C ALA L 188 -3.65 11.22 -38.65
N ARG L 189 -3.57 9.89 -38.80
CA ARG L 189 -3.12 9.05 -37.69
C ARG L 189 -1.70 9.41 -37.27
N ILE L 190 -0.80 9.60 -38.23
CA ILE L 190 0.60 9.84 -37.85
C ILE L 190 0.78 11.26 -37.34
N VAL L 191 0.01 12.23 -37.83
CA VAL L 191 0.16 13.59 -37.33
C VAL L 191 -0.37 13.70 -35.91
N MET L 192 -1.53 13.09 -35.63
CA MET L 192 -2.12 13.24 -34.31
C MET L 192 -1.30 12.61 -33.20
N SER L 193 -0.37 11.72 -33.53
CA SER L 193 0.47 11.09 -32.51
C SER L 193 1.53 12.04 -31.96
N LYS L 194 1.71 13.20 -32.56
CA LYS L 194 2.75 14.12 -32.17
C LYS L 194 2.23 15.47 -31.70
N PHE L 195 1.17 15.99 -32.31
CA PHE L 195 0.70 17.34 -32.04
C PHE L 195 -0.76 17.33 -31.63
N LYS L 196 -1.10 18.16 -30.64
CA LYS L 196 -2.47 18.32 -30.16
C LYS L 196 -2.55 19.70 -29.52
N HIS L 197 -3.26 20.62 -30.17
CA HIS L 197 -3.27 21.99 -29.67
C HIS L 197 -4.20 22.13 -28.48
N PRO L 198 -3.71 22.55 -27.31
CA PRO L 198 -4.59 22.74 -26.16
C PRO L 198 -5.40 24.02 -26.28
N LYS L 199 -6.48 24.07 -25.52
CA LYS L 199 -7.33 25.24 -25.48
C LYS L 199 -6.67 26.38 -24.72
N ILE L 200 -6.98 27.61 -25.13
CA ILE L 200 -6.49 28.80 -24.46
C ILE L 200 -7.54 29.23 -23.43
N PRO L 201 -7.20 29.31 -22.15
CA PRO L 201 -8.18 29.77 -21.16
C PRO L 201 -8.48 31.25 -21.32
N SER L 202 -9.67 31.65 -20.86
CA SER L 202 -10.14 33.01 -21.01
C SER L 202 -11.01 33.37 -19.82
N LEU L 203 -11.74 34.49 -19.94
CA LEU L 203 -12.65 34.96 -18.91
C LEU L 203 -14.09 34.86 -19.40
N SER L 204 -15.01 34.75 -18.45
CA SER L 204 -16.44 34.62 -18.77
C SER L 204 -17.25 35.19 -17.62
N THR L 205 -18.57 35.20 -17.81
CA THR L 205 -19.50 35.70 -16.79
C THR L 205 -20.19 34.56 -16.03
N SER L 206 -19.73 33.32 -16.19
CA SER L 206 -20.27 32.24 -15.40
C SER L 206 -19.94 32.42 -13.92
N ASP L 207 -20.89 32.07 -13.05
CA ASP L 207 -20.76 32.26 -11.61
C ASP L 207 -20.46 33.71 -11.28
N LEU L 208 -21.37 34.58 -11.70
CA LEU L 208 -21.18 36.02 -11.52
C LEU L 208 -21.12 36.39 -10.05
N GLU L 209 -21.96 35.76 -9.22
CA GLU L 209 -22.02 36.10 -7.80
C GLU L 209 -20.77 35.72 -7.04
N SER L 210 -19.89 34.90 -7.62
CA SER L 210 -18.69 34.47 -6.92
C SER L 210 -17.49 35.35 -7.18
N ASN L 211 -17.38 35.95 -8.36
CA ASN L 211 -16.27 36.83 -8.73
C ASN L 211 -16.83 38.22 -8.96
N ILE L 212 -16.99 38.99 -7.89
CA ILE L 212 -17.77 40.22 -7.97
C ILE L 212 -16.99 41.32 -8.69
N PRO L 213 -15.79 41.75 -8.24
CA PRO L 213 -15.05 42.73 -9.03
C PRO L 213 -14.65 42.13 -10.36
N ASN L 214 -13.92 41.02 -10.30
CA ASN L 214 -13.59 40.18 -11.45
C ASN L 214 -12.90 38.93 -10.91
N GLU L 215 -12.63 37.99 -11.79
CA GLU L 215 -12.11 36.69 -11.37
C GLU L 215 -10.65 36.75 -10.93
N LEU L 216 -9.83 37.56 -11.61
CA LEU L 216 -8.40 37.52 -11.37
C LEU L 216 -7.98 38.22 -10.09
N PHE L 217 -8.72 39.25 -9.67
CA PHE L 217 -8.22 40.15 -8.62
C PHE L 217 -8.02 39.44 -7.29
N ASP L 218 -8.63 38.28 -7.07
CA ASP L 218 -8.48 37.58 -5.79
C ASP L 218 -7.52 36.40 -5.88
N ALA L 219 -6.75 36.29 -6.97
CA ALA L 219 -5.87 35.14 -7.16
C ALA L 219 -4.96 34.91 -5.96
N GLU L 220 -4.30 35.98 -5.49
CA GLU L 220 -3.41 35.86 -4.35
C GLU L 220 -4.12 35.24 -3.16
N GLY L 221 -5.34 35.74 -2.86
CA GLY L 221 -6.09 35.18 -1.75
C GLY L 221 -6.30 33.68 -1.89
N ASP L 222 -6.64 33.23 -3.10
CA ASP L 222 -6.83 31.81 -3.33
C ASP L 222 -5.60 31.02 -2.89
N MET L 223 -4.42 31.53 -3.25
CA MET L 223 -3.19 30.82 -2.89
C MET L 223 -3.12 30.59 -1.39
N VAL L 224 -3.42 31.62 -0.60
CA VAL L 224 -3.39 31.48 0.85
C VAL L 224 -4.33 30.37 1.28
N ARG L 225 -5.56 30.39 0.76
CA ARG L 225 -6.52 29.33 1.07
C ARG L 225 -5.92 27.96 0.80
N ALA L 226 -5.30 27.80 -0.37
CA ALA L 226 -4.75 26.49 -0.72
C ALA L 226 -3.72 26.05 0.29
N ILE L 227 -2.86 26.96 0.74
CA ILE L 227 -1.83 26.58 1.70
C ILE L 227 -2.46 26.10 2.99
N LYS L 228 -3.59 26.69 3.38
CA LYS L 228 -4.23 26.28 4.61
C LYS L 228 -4.88 24.90 4.48
N LYS L 229 -5.18 24.46 3.25
CA LYS L 229 -5.78 23.14 3.09
C LYS L 229 -4.76 22.03 3.24
N LEU L 230 -3.56 22.22 2.74
CA LEU L 230 -2.52 21.20 2.79
C LEU L 230 -1.96 21.05 4.20
N CYS M 22 15.74 -58.43 -11.72
CA CYS M 22 15.00 -57.74 -12.78
C CYS M 22 14.86 -58.63 -14.01
N PRO M 23 13.63 -58.96 -14.37
CA PRO M 23 13.41 -59.80 -15.55
C PRO M 23 13.37 -59.01 -16.85
N SER M 24 13.84 -57.76 -16.81
CA SER M 24 13.78 -56.89 -17.99
C SER M 24 15.08 -56.11 -18.09
N ARG M 25 15.88 -56.42 -19.12
CA ARG M 25 17.07 -55.64 -19.45
C ARG M 25 17.23 -55.49 -20.96
N HIS M 26 16.15 -55.61 -21.72
CA HIS M 26 16.20 -55.70 -23.18
C HIS M 26 16.25 -54.31 -23.80
N ASN M 27 15.99 -54.24 -25.10
CA ASN M 27 15.97 -53.02 -25.92
C ASN M 27 17.37 -52.42 -26.07
N PHE M 28 17.96 -51.97 -24.97
CA PHE M 28 19.26 -51.31 -25.03
C PHE M 28 20.35 -52.29 -25.47
N ASP M 29 21.20 -51.84 -26.37
CA ASP M 29 22.28 -52.69 -26.89
C ASP M 29 23.29 -52.99 -25.79
N PRO M 30 23.63 -54.26 -25.55
CA PRO M 30 24.52 -54.57 -24.42
C PRO M 30 25.91 -53.94 -24.50
N GLU M 31 26.48 -53.83 -25.70
CA GLU M 31 27.80 -53.21 -25.83
C GLU M 31 27.75 -51.75 -25.43
N CYS M 32 26.71 -51.03 -25.87
CA CYS M 32 26.54 -49.64 -25.46
C CYS M 32 26.38 -49.53 -23.95
N GLU M 33 25.64 -50.47 -23.35
CA GLU M 33 25.47 -50.45 -21.90
C GLU M 33 26.81 -50.63 -21.19
N LYS M 34 27.64 -51.56 -21.66
CA LYS M 34 28.94 -51.78 -21.05
C LYS M 34 29.82 -50.53 -21.15
N ALA M 35 29.84 -49.91 -22.33
CA ALA M 35 30.65 -48.71 -22.50
C ALA M 35 30.15 -47.57 -21.62
N PHE M 36 28.83 -47.43 -21.50
CA PHE M 36 28.26 -46.40 -20.64
C PHE M 36 28.67 -46.61 -19.18
N VAL M 37 28.64 -47.86 -18.71
CA VAL M 37 29.03 -48.14 -17.33
C VAL M 37 30.51 -47.80 -17.13
N GLU M 38 31.35 -48.13 -18.10
CA GLU M 38 32.76 -47.77 -18.02
C GLU M 38 32.95 -46.26 -17.89
N HIS M 39 32.23 -45.48 -18.71
CA HIS M 39 32.37 -44.04 -18.61
C HIS M 39 31.83 -43.50 -17.28
N ILE M 40 30.79 -44.13 -16.73
CA ILE M 40 30.30 -43.73 -15.41
C ILE M 40 31.41 -43.87 -14.38
N HIS M 41 32.13 -44.99 -14.42
CA HIS M 41 33.22 -45.18 -13.47
C HIS M 41 34.33 -44.16 -13.68
N LEU M 42 34.59 -43.79 -14.93
CA LEU M 42 35.59 -42.75 -15.19
C LEU M 42 35.18 -41.42 -14.54
N GLU M 43 33.91 -41.05 -14.68
CA GLU M 43 33.44 -39.80 -14.07
C GLU M 43 33.53 -39.86 -12.55
N LEU M 44 33.19 -41.00 -11.96
CA LEU M 44 33.30 -41.14 -10.51
C LEU M 44 34.75 -40.99 -10.05
N ALA M 45 35.69 -41.56 -10.80
CA ALA M 45 37.10 -41.43 -10.44
C ALA M 45 37.54 -39.97 -10.50
N SER M 46 37.09 -39.23 -11.52
CA SER M 46 37.44 -37.81 -11.61
C SER M 46 36.89 -37.04 -10.41
N SER M 47 35.64 -37.32 -10.03
CA SER M 47 35.06 -36.67 -8.87
C SER M 47 35.85 -36.96 -7.61
N TYR M 48 36.28 -38.21 -7.44
CA TYR M 48 37.09 -38.56 -6.26
C TYR M 48 38.42 -37.83 -6.27
N HIS M 49 39.05 -37.71 -7.44
CA HIS M 49 40.37 -37.07 -7.48
C HIS M 49 40.30 -35.59 -7.18
N ALA M 50 39.17 -34.93 -7.49
CA ALA M 50 39.05 -33.53 -7.12
C ALA M 50 39.10 -33.32 -5.61
N TRP M 51 38.64 -34.31 -4.84
CA TRP M 51 38.63 -34.21 -3.38
C TRP M 51 40.05 -34.08 -2.82
N SER M 52 40.99 -34.81 -3.38
CA SER M 52 42.37 -34.76 -2.90
C SER M 52 42.97 -33.37 -3.09
N MET M 53 42.73 -32.75 -4.24
CA MET M 53 43.21 -31.39 -4.46
C MET M 53 42.56 -30.42 -3.48
N TRP M 54 41.25 -30.57 -3.26
CA TRP M 54 40.57 -29.71 -2.29
C TRP M 54 41.20 -29.83 -0.92
N ALA M 55 41.49 -31.06 -0.49
CA ALA M 55 42.09 -31.26 0.83
C ALA M 55 43.51 -30.72 0.88
N PHE M 56 44.26 -30.84 -0.22
CA PHE M 56 45.63 -30.36 -0.23
C PHE M 56 45.69 -28.84 -0.09
N TYR M 57 44.82 -28.12 -0.79
CA TYR M 57 44.95 -26.68 -0.78
C TYR M 57 44.30 -26.02 0.44
N ALA M 58 43.66 -26.80 1.32
CA ALA M 58 43.05 -26.26 2.53
C ALA M 58 43.93 -26.42 3.76
N ARG M 59 45.15 -26.93 3.61
CA ARG M 59 46.05 -27.07 4.75
C ARG M 59 46.42 -25.70 5.31
N ASP M 60 46.73 -25.67 6.60
CA ASP M 60 47.04 -24.40 7.25
C ASP M 60 48.34 -23.80 6.75
N CYS M 61 49.18 -24.59 6.09
CA CYS M 61 50.41 -24.08 5.50
C CYS M 61 50.26 -23.72 4.02
N LYS M 62 49.07 -23.91 3.45
CA LYS M 62 48.80 -23.51 2.07
C LYS M 62 47.78 -22.39 2.01
N ALA M 63 46.57 -22.61 2.53
CA ALA M 63 45.54 -21.60 2.69
C ALA M 63 45.29 -20.82 1.40
N ALA M 64 44.86 -21.52 0.36
CA ALA M 64 44.51 -20.93 -0.92
C ALA M 64 43.01 -21.07 -1.12
N VAL M 65 42.27 -19.99 -0.89
CA VAL M 65 40.82 -20.07 -0.86
C VAL M 65 40.26 -20.30 -2.27
N GLY M 66 40.83 -19.64 -3.29
CA GLY M 66 40.30 -19.77 -4.63
C GLY M 66 40.40 -21.19 -5.17
N MET M 67 41.56 -21.82 -4.99
CA MET M 67 41.72 -23.19 -5.44
C MET M 67 40.79 -24.14 -4.70
N THR M 68 40.58 -23.89 -3.40
CA THR M 68 39.66 -24.70 -2.62
C THR M 68 38.25 -24.63 -3.20
N ARG M 69 37.76 -23.41 -3.47
CA ARG M 69 36.43 -23.26 -4.03
C ARG M 69 36.32 -23.93 -5.40
N LEU M 70 37.33 -23.75 -6.24
CA LEU M 70 37.29 -24.33 -7.58
C LEU M 70 37.25 -25.85 -7.53
N CYS M 71 38.07 -26.46 -6.67
CA CYS M 71 38.11 -27.91 -6.58
C CYS M 71 36.80 -28.48 -6.04
N GLU M 72 36.22 -27.81 -5.03
CA GLU M 72 34.93 -28.25 -4.51
C GLU M 72 33.85 -28.23 -5.61
N TRP M 73 33.81 -27.13 -6.36
CA TRP M 73 32.85 -27.02 -7.45
C TRP M 73 33.05 -28.12 -8.48
N ALA M 74 34.30 -28.40 -8.84
CA ALA M 74 34.58 -29.42 -9.84
C ALA M 74 34.14 -30.80 -9.37
N SER M 75 34.38 -31.12 -8.10
CA SER M 75 33.97 -32.43 -7.60
C SER M 75 32.45 -32.59 -7.66
N HIS M 76 31.72 -31.55 -7.26
CA HIS M 76 30.26 -31.64 -7.32
C HIS M 76 29.77 -31.79 -8.77
N VAL M 77 30.38 -31.06 -9.70
CA VAL M 77 29.98 -31.16 -11.10
C VAL M 77 30.19 -32.56 -11.64
N SER M 78 31.35 -33.16 -11.33
CA SER M 78 31.61 -34.52 -11.80
C SER M 78 30.63 -35.53 -11.23
N ALA M 79 30.31 -35.40 -9.93
CA ALA M 79 29.33 -36.31 -9.33
C ALA M 79 27.97 -36.19 -10.03
N GLN M 80 27.54 -34.95 -10.33
CA GLN M 80 26.28 -34.77 -11.02
C GLN M 80 26.30 -35.41 -12.41
N ARG M 81 27.43 -35.29 -13.12
CA ARG M 81 27.53 -35.89 -14.45
C ARG M 81 27.39 -37.42 -14.38
N ALA M 82 28.06 -38.04 -13.39
CA ALA M 82 27.94 -39.49 -13.25
C ALA M 82 26.50 -39.89 -12.96
N ARG M 83 25.83 -39.13 -12.08
CA ARG M 83 24.42 -39.42 -11.79
C ARG M 83 23.56 -39.31 -13.04
N ARG M 84 23.81 -38.30 -13.86
CA ARG M 84 23.02 -38.11 -15.08
C ARG M 84 23.20 -39.28 -16.05
N MET M 85 24.44 -39.74 -16.24
CA MET M 85 24.64 -40.87 -17.14
C MET M 85 23.98 -42.14 -16.63
N ALA M 86 24.07 -42.38 -15.31
CA ALA M 86 23.39 -43.55 -14.75
C ALA M 86 21.88 -43.46 -14.94
N ALA M 87 21.31 -42.27 -14.75
CA ALA M 87 19.88 -42.09 -14.95
C ALA M 87 19.49 -42.36 -16.40
N TYR M 88 20.31 -41.92 -17.35
CA TYR M 88 19.99 -42.19 -18.75
C TYR M 88 20.02 -43.69 -19.02
N VAL M 89 21.00 -44.41 -18.48
CA VAL M 89 21.04 -45.85 -18.69
C VAL M 89 19.79 -46.50 -18.12
N LEU M 90 19.36 -46.08 -16.92
CA LEU M 90 18.17 -46.67 -16.32
C LEU M 90 16.91 -46.34 -17.10
N THR M 91 16.85 -45.16 -17.71
CA THR M 91 15.64 -44.78 -18.47
C THR M 91 15.43 -45.69 -19.68
N ARG M 92 16.51 -46.10 -20.34
CA ARG M 92 16.40 -46.95 -21.51
C ARG M 92 16.14 -48.41 -21.17
N GLY M 93 16.14 -48.77 -19.89
CA GLY M 93 15.81 -50.12 -19.47
C GLY M 93 16.98 -51.01 -19.11
N GLY M 94 18.19 -50.46 -18.94
CA GLY M 94 19.34 -51.25 -18.60
C GLY M 94 19.60 -51.33 -17.10
N HIS M 95 20.71 -51.97 -16.77
CA HIS M 95 21.16 -52.11 -15.38
C HIS M 95 22.53 -51.45 -15.23
N VAL M 96 22.83 -51.00 -14.02
CA VAL M 96 24.11 -50.38 -13.70
C VAL M 96 24.78 -51.22 -12.62
N ASP M 97 26.00 -51.67 -12.89
CA ASP M 97 26.79 -52.44 -11.93
C ASP M 97 28.01 -51.62 -11.53
N TYR M 98 28.22 -51.48 -10.23
CA TYR M 98 29.27 -50.64 -9.69
C TYR M 98 30.46 -51.49 -9.24
N LYS M 99 31.66 -50.94 -9.40
CA LYS M 99 32.87 -51.63 -9.03
C LYS M 99 33.79 -50.67 -8.30
N GLU M 100 35.04 -51.08 -8.15
CA GLU M 100 36.01 -50.42 -7.29
C GLU M 100 36.48 -49.10 -7.88
N ILE M 101 36.73 -48.13 -7.00
CA ILE M 101 37.18 -46.79 -7.37
C ILE M 101 38.64 -46.65 -6.94
N PRO M 102 39.58 -46.47 -7.86
CA PRO M 102 40.99 -46.40 -7.47
C PRO M 102 41.36 -45.08 -6.81
N ALA M 103 42.45 -45.12 -6.05
CA ALA M 103 42.96 -43.95 -5.37
C ALA M 103 43.76 -43.07 -6.33
N PRO M 104 43.76 -41.75 -6.11
CA PRO M 104 44.60 -40.87 -6.93
C PRO M 104 46.08 -41.14 -6.71
N LYS M 105 46.87 -40.92 -7.76
CA LYS M 105 48.29 -41.27 -7.71
C LYS M 105 49.10 -40.20 -7.00
N LYS M 106 49.10 -38.97 -7.52
CA LYS M 106 49.85 -37.88 -6.92
C LYS M 106 48.91 -37.02 -6.08
N GLN M 107 49.37 -36.63 -4.90
CA GLN M 107 48.58 -35.83 -3.98
C GLN M 107 49.32 -34.56 -3.57
N GLY M 108 50.19 -34.05 -4.42
CA GLY M 108 50.89 -32.81 -4.16
C GLY M 108 51.25 -32.12 -5.45
N TRP M 109 51.30 -30.79 -5.40
CA TRP M 109 51.60 -29.99 -6.58
C TRP M 109 52.52 -28.84 -6.20
N ASP M 110 53.51 -28.58 -7.06
CA ASP M 110 54.50 -27.56 -6.76
C ASP M 110 53.91 -26.16 -6.85
N ASN M 111 53.09 -25.90 -7.87
CA ASN M 111 52.46 -24.60 -8.04
C ASN M 111 51.12 -24.80 -8.75
N PHE M 112 50.43 -23.69 -8.98
CA PHE M 112 49.09 -23.76 -9.58
C PHE M 112 49.14 -24.27 -11.01
N GLU M 113 50.23 -24.01 -11.73
CA GLU M 113 50.32 -24.41 -13.13
C GLU M 113 50.22 -25.92 -13.28
N ASP M 114 50.87 -26.68 -12.39
CA ASP M 114 50.81 -28.13 -12.47
C ASP M 114 49.39 -28.63 -12.28
N ALA M 115 48.67 -28.07 -11.30
CA ALA M 115 47.29 -28.49 -11.07
C ALA M 115 46.41 -28.20 -12.27
N PHE M 116 46.55 -27.00 -12.86
CA PHE M 116 45.74 -26.66 -14.02
C PHE M 116 46.07 -27.57 -15.21
N SER M 117 47.34 -27.89 -15.40
CA SER M 117 47.72 -28.81 -16.47
C SER M 117 47.11 -30.20 -16.26
N HIS M 118 47.14 -30.67 -15.01
CA HIS M 118 46.52 -31.96 -14.69
C HIS M 118 45.03 -31.96 -15.05
N CYS M 119 44.33 -30.89 -14.68
CA CYS M 119 42.91 -30.81 -14.98
C CYS M 119 42.65 -30.78 -16.49
N VAL M 120 43.49 -30.05 -17.23
CA VAL M 120 43.31 -29.97 -18.69
C VAL M 120 43.50 -31.36 -19.32
N ALA M 121 44.52 -32.09 -18.88
CA ALA M 121 44.75 -33.43 -19.41
C ALA M 121 43.57 -34.35 -19.11
N ASN M 122 43.02 -34.25 -17.90
CA ASN M 122 41.85 -35.07 -17.56
C ASN M 122 40.66 -34.75 -18.47
N LYS M 123 40.45 -33.46 -18.75
CA LYS M 123 39.36 -33.08 -19.64
C LYS M 123 39.55 -33.67 -21.03
N LYS M 124 40.78 -33.65 -21.53
CA LYS M 124 41.04 -34.23 -22.84
C LYS M 124 40.73 -35.72 -22.86
N ARG M 125 41.12 -36.44 -21.81
CA ARG M 125 40.81 -37.86 -21.74
C ARG M 125 39.31 -38.12 -21.74
N ILE M 126 38.56 -37.31 -20.97
CA ILE M 126 37.11 -37.48 -20.93
C ILE M 126 36.50 -37.26 -22.32
N LEU M 127 36.98 -36.23 -23.03
CA LEU M 127 36.44 -35.95 -24.36
C LEU M 127 36.71 -37.10 -25.32
N THR M 128 37.91 -37.69 -25.25
CA THR M 128 38.22 -38.82 -26.12
C THR M 128 37.28 -39.99 -25.85
N SER M 129 37.04 -40.29 -24.57
CA SER M 129 36.12 -41.38 -24.23
C SER M 129 34.71 -41.11 -24.76
N LEU M 130 34.23 -39.87 -24.61
CA LEU M 130 32.89 -39.55 -25.09
C LEU M 130 32.80 -39.67 -26.61
N GLN M 131 33.84 -39.26 -27.32
CA GLN M 131 33.83 -39.40 -28.77
C GLN M 131 33.77 -40.87 -29.19
N SER M 132 34.51 -41.73 -28.48
CA SER M 132 34.43 -43.16 -28.77
C SER M 132 33.01 -43.69 -28.54
N LEU M 133 32.37 -43.26 -27.45
CA LEU M 133 31.00 -43.68 -27.19
C LEU M 133 30.06 -43.25 -28.33
N TYR M 134 30.19 -42.00 -28.77
CA TYR M 134 29.34 -41.51 -29.85
C TYR M 134 29.56 -42.32 -31.12
N GLN M 135 30.81 -42.64 -31.44
CA GLN M 135 31.08 -43.46 -32.61
C GLN M 135 30.44 -44.83 -32.49
N CYS M 136 30.49 -45.41 -31.29
CA CYS M 136 29.91 -46.74 -31.10
C CYS M 136 28.40 -46.74 -31.32
N CYS M 137 27.69 -45.73 -30.79
CA CYS M 137 26.24 -45.76 -30.80
C CYS M 137 25.61 -45.01 -31.97
N GLN M 138 26.41 -44.50 -32.90
CA GLN M 138 25.88 -43.61 -33.92
C GLN M 138 25.04 -44.34 -34.97
N SER M 139 25.42 -45.56 -35.32
CA SER M 139 24.79 -46.23 -36.45
C SER M 139 23.33 -46.58 -36.19
N LYS M 140 23.02 -47.10 -35.00
CA LYS M 140 21.68 -47.60 -34.71
C LYS M 140 20.82 -46.61 -33.94
N ASP M 141 21.26 -46.15 -32.78
CA ASP M 141 20.43 -45.36 -31.88
C ASP M 141 20.69 -43.87 -32.10
N ALA M 142 19.71 -43.17 -32.64
CA ALA M 142 19.84 -41.73 -32.85
C ALA M 142 19.69 -40.94 -31.56
N HIS M 143 18.75 -41.35 -30.70
CA HIS M 143 18.53 -40.64 -29.45
C HIS M 143 19.76 -40.72 -28.54
N CYS M 144 20.40 -41.89 -28.50
CA CYS M 144 21.59 -42.05 -27.66
C CYS M 144 22.73 -41.15 -28.14
N SER M 145 22.94 -41.08 -29.46
CA SER M 145 24.00 -40.22 -29.98
C SER M 145 23.70 -38.75 -29.72
N ASN M 146 22.43 -38.36 -29.87
CA ASN M 146 22.06 -36.98 -29.56
C ASN M 146 22.31 -36.66 -28.09
N PHE M 147 21.96 -37.60 -27.20
CA PHE M 147 22.22 -37.39 -25.77
C PHE M 147 23.71 -37.23 -25.51
N ILE M 148 24.54 -38.05 -26.15
CA ILE M 148 25.98 -37.96 -25.95
C ILE M 148 26.49 -36.60 -26.41
N GLN M 149 26.07 -36.15 -27.59
CA GLN M 149 26.66 -34.94 -28.14
C GLN M 149 26.07 -33.67 -27.55
N THR M 150 24.91 -33.73 -26.88
CA THR M 150 24.35 -32.53 -26.27
C THR M 150 24.58 -32.47 -24.76
N ASP M 151 24.20 -33.52 -24.02
CA ASP M 151 24.17 -33.45 -22.57
C ASP M 151 25.49 -33.79 -21.90
N MET M 152 26.52 -34.20 -22.65
CA MET M 152 27.78 -34.58 -22.03
C MET M 152 28.99 -33.83 -22.54
N MET M 153 29.01 -33.38 -23.80
CA MET M 153 30.19 -32.77 -24.38
C MET M 153 30.30 -31.28 -24.12
N ASP M 154 29.16 -30.58 -24.06
CA ASP M 154 29.16 -29.12 -23.95
C ASP M 154 29.87 -28.64 -22.69
N GLU M 155 29.58 -29.29 -21.55
CA GLU M 155 30.22 -28.94 -20.29
C GLU M 155 31.73 -29.08 -20.40
N VAL M 156 32.18 -30.19 -21.00
CA VAL M 156 33.61 -30.44 -21.11
C VAL M 156 34.29 -29.38 -21.96
N ILE M 157 33.67 -29.00 -23.08
CA ILE M 157 34.26 -27.99 -23.95
C ILE M 157 34.39 -26.66 -23.21
N ALA M 158 33.32 -26.24 -22.53
CA ALA M 158 33.34 -24.96 -21.82
C ALA M 158 34.38 -24.96 -20.71
N TRP M 159 34.44 -26.05 -19.92
CA TRP M 159 35.40 -26.12 -18.84
C TRP M 159 36.83 -26.12 -19.36
N ASN M 160 37.07 -26.80 -20.48
CA ASN M 160 38.41 -26.80 -21.07
C ASN M 160 38.83 -25.40 -21.48
N LYS M 161 37.92 -24.64 -22.09
CA LYS M 161 38.27 -23.27 -22.46
C LYS M 161 38.59 -22.43 -21.23
N PHE M 162 37.77 -22.54 -20.18
CA PHE M 162 38.01 -21.75 -18.97
C PHE M 162 39.36 -22.09 -18.34
N LEU M 163 39.68 -23.39 -18.23
CA LEU M 163 40.93 -23.79 -17.61
C LEU M 163 42.13 -23.35 -18.45
N SER M 164 42.02 -23.42 -19.78
CA SER M 164 43.12 -22.97 -20.62
C SER M 164 43.36 -21.47 -20.46
N ASP M 165 42.29 -20.68 -20.36
CA ASP M 165 42.46 -19.25 -20.13
C ASP M 165 43.16 -18.98 -18.80
N CYS M 166 42.74 -19.69 -17.74
CA CYS M 166 43.38 -19.51 -16.45
C CYS M 166 44.86 -19.88 -16.51
N LEU M 167 45.19 -20.98 -17.21
CA LEU M 167 46.58 -21.40 -17.32
C LEU M 167 47.42 -20.38 -18.05
N SER M 168 46.90 -19.80 -19.13
CA SER M 168 47.65 -18.77 -19.85
C SER M 168 47.89 -17.56 -18.97
N ASN M 169 46.86 -17.13 -18.22
CA ASN M 169 47.05 -15.99 -17.33
C ASN M 169 48.11 -16.28 -16.28
N LEU M 170 48.08 -17.49 -15.69
CA LEU M 170 49.06 -17.84 -14.68
C LEU M 170 50.47 -17.86 -15.25
N HIS M 171 50.64 -18.41 -16.45
CA HIS M 171 51.96 -18.44 -17.07
C HIS M 171 52.48 -17.04 -17.32
N CYS M 172 51.59 -16.14 -17.76
CA CYS M 172 52.02 -14.76 -17.98
C CYS M 172 52.41 -14.07 -16.68
N ILE M 173 51.64 -14.31 -15.61
CA ILE M 173 51.86 -13.57 -14.36
C ILE M 173 53.21 -13.93 -13.74
N GLY M 174 53.53 -15.21 -13.66
CA GLY M 174 54.74 -15.67 -13.04
C GLY M 174 54.46 -16.63 -11.91
N SER M 175 55.50 -16.92 -11.13
CA SER M 175 55.37 -17.86 -10.03
C SER M 175 56.09 -17.42 -8.76
N GLN M 176 56.54 -16.17 -8.68
CA GLN M 176 57.24 -15.68 -7.50
C GLN M 176 56.65 -14.35 -7.08
N GLY M 177 56.80 -14.04 -5.79
CA GLY M 177 56.26 -12.81 -5.24
C GLY M 177 54.82 -12.94 -4.81
N MET M 178 54.06 -11.87 -4.94
CA MET M 178 52.66 -11.87 -4.53
C MET M 178 51.68 -11.97 -5.69
N GLY M 179 52.15 -12.26 -6.90
CA GLY M 179 51.28 -12.47 -8.03
C GLY M 179 50.30 -13.60 -7.86
N PRO M 180 50.78 -14.78 -7.45
CA PRO M 180 49.86 -15.89 -7.18
C PRO M 180 48.81 -15.58 -6.12
N TRP M 181 49.17 -14.80 -5.09
CA TRP M 181 48.21 -14.45 -4.05
C TRP M 181 47.06 -13.61 -4.63
N VAL M 182 47.41 -12.60 -5.43
CA VAL M 182 46.39 -11.77 -6.06
C VAL M 182 45.52 -12.58 -7.00
N PHE M 183 46.14 -13.48 -7.77
CA PHE M 183 45.39 -14.35 -8.66
C PHE M 183 44.42 -15.22 -7.89
N ASP M 184 44.86 -15.77 -6.76
CA ASP M 184 44.00 -16.62 -5.95
C ASP M 184 42.81 -15.85 -5.40
N ARG M 185 43.04 -14.63 -4.94
CA ARG M 185 41.92 -13.82 -4.44
C ARG M 185 40.91 -13.54 -5.55
N TRP M 186 41.40 -13.17 -6.72
CA TRP M 186 40.51 -12.94 -7.86
C TRP M 186 39.73 -14.19 -8.23
N LEU M 187 40.40 -15.34 -8.23
CA LEU M 187 39.73 -16.58 -8.59
C LEU M 187 38.63 -16.93 -7.60
N ALA M 188 38.89 -16.73 -6.31
CA ALA M 188 37.84 -16.95 -5.32
C ALA M 188 36.66 -16.02 -5.56
N ARG M 189 36.93 -14.75 -5.87
CA ARG M 189 35.84 -13.81 -6.12
C ARG M 189 34.98 -14.26 -7.31
N ILE M 190 35.61 -14.69 -8.40
CA ILE M 190 34.82 -15.02 -9.58
C ILE M 190 34.11 -16.35 -9.43
N VAL M 191 34.71 -17.32 -8.71
CA VAL M 191 34.05 -18.61 -8.53
C VAL M 191 32.85 -18.47 -7.61
N MET M 192 33.00 -17.71 -6.52
CA MET M 192 31.93 -17.61 -5.53
C MET M 192 30.68 -16.92 -6.08
N SER M 193 30.80 -16.18 -7.18
CA SER M 193 29.65 -15.52 -7.77
C SER M 193 28.72 -16.46 -8.51
N LYS M 194 29.11 -17.72 -8.68
CA LYS M 194 28.35 -18.68 -9.44
C LYS M 194 27.91 -19.89 -8.64
N PHE M 195 28.73 -20.38 -7.72
CA PHE M 195 28.47 -21.63 -7.02
C PHE M 195 28.48 -21.42 -5.52
N LYS M 196 27.54 -22.09 -4.85
CA LYS M 196 27.43 -22.08 -3.39
C LYS M 196 26.72 -23.36 -2.97
N HIS M 197 27.44 -24.27 -2.34
CA HIS M 197 26.84 -25.54 -1.98
C HIS M 197 25.96 -25.39 -0.75
N PRO M 198 24.66 -25.69 -0.83
CA PRO M 198 23.82 -25.60 0.36
C PRO M 198 24.04 -26.79 1.28
N LYS M 199 23.63 -26.61 2.53
CA LYS M 199 23.74 -27.66 3.52
C LYS M 199 22.69 -28.75 3.26
N ILE M 200 23.05 -29.97 3.60
CA ILE M 200 22.14 -31.12 3.49
C ILE M 200 21.43 -31.28 4.83
N PRO M 201 20.10 -31.21 4.86
CA PRO M 201 19.39 -31.42 6.13
C PRO M 201 19.48 -32.87 6.58
N SER M 202 19.34 -33.07 7.89
CA SER M 202 19.48 -34.39 8.49
C SER M 202 18.56 -34.48 9.70
N LEU M 203 18.77 -35.52 10.51
CA LEU M 203 18.00 -35.74 11.72
C LEU M 203 18.90 -35.57 12.95
N SER M 204 18.28 -35.23 14.07
CA SER M 204 19.01 -35.00 15.32
C SER M 204 18.11 -35.32 16.49
N THR M 205 18.66 -35.21 17.70
CA THR M 205 17.91 -35.46 18.93
C THR M 205 17.50 -34.17 19.64
N SER M 206 17.64 -33.02 18.99
CA SER M 206 17.16 -31.78 19.56
C SER M 206 15.65 -31.79 19.68
N ASP M 207 15.13 -31.22 20.77
CA ASP M 207 13.70 -31.22 21.07
C ASP M 207 13.15 -32.64 21.08
N LEU M 208 13.73 -33.46 21.96
CA LEU M 208 13.34 -34.86 22.02
C LEU M 208 11.88 -35.04 22.42
N GLU M 209 11.41 -34.21 23.36
CA GLU M 209 10.04 -34.34 23.86
C GLU M 209 8.99 -33.98 22.82
N SER M 210 9.37 -33.35 21.71
CA SER M 210 8.41 -32.95 20.70
C SER M 210 8.21 -33.99 19.61
N ASN M 211 9.25 -34.76 19.27
CA ASN M 211 9.18 -35.78 18.23
C ASN M 211 9.42 -37.13 18.90
N ILE M 212 8.36 -37.72 19.45
CA ILE M 212 8.53 -38.86 20.34
C ILE M 212 8.88 -40.13 19.56
N PRO M 213 8.06 -40.61 18.60
CA PRO M 213 8.50 -41.77 17.82
C PRO M 213 9.71 -41.40 16.98
N ASN M 214 9.56 -40.38 16.14
CA ASN M 214 10.64 -39.75 15.40
C ASN M 214 10.06 -38.51 14.72
N GLU M 215 10.92 -37.74 14.09
CA GLU M 215 10.50 -36.45 13.53
C GLU M 215 9.66 -36.61 12.27
N LEU M 216 9.98 -37.58 11.42
CA LEU M 216 9.35 -37.66 10.11
C LEU M 216 7.93 -38.22 10.17
N PHE M 217 7.64 -39.10 11.12
CA PHE M 217 6.40 -39.88 11.08
C PHE M 217 5.14 -39.01 11.15
N ASP M 218 5.24 -37.78 11.63
CA ASP M 218 4.06 -36.93 11.74
C ASP M 218 3.97 -35.89 10.63
N ALA M 219 4.80 -36.00 9.59
CA ALA M 219 4.84 -34.99 8.54
C ALA M 219 3.46 -34.70 7.97
N GLU M 220 2.72 -35.75 7.62
CA GLU M 220 1.38 -35.57 7.06
C GLU M 220 0.52 -34.71 7.99
N GLY M 221 0.53 -35.02 9.28
CA GLY M 221 -0.25 -34.24 10.22
C GLY M 221 0.10 -32.77 10.17
N ASP M 222 1.40 -32.46 10.11
CA ASP M 222 1.83 -31.07 10.02
C ASP M 222 1.14 -30.37 8.85
N MET M 223 1.09 -31.04 7.70
CA MET M 223 0.47 -30.43 6.53
C MET M 223 -0.95 -29.99 6.85
N VAL M 224 -1.73 -30.88 7.48
CA VAL M 224 -3.11 -30.54 7.82
C VAL M 224 -3.13 -29.27 8.66
N ARG M 225 -2.28 -29.24 9.69
CA ARG M 225 -2.22 -28.05 10.55
C ARG M 225 -1.99 -26.80 9.73
N ALA M 226 -1.05 -26.85 8.79
CA ALA M 226 -0.73 -25.66 8.01
C ALA M 226 -1.95 -25.18 7.24
N ILE M 227 -2.72 -26.12 6.68
CA ILE M 227 -3.89 -25.72 5.91
C ILE M 227 -4.89 -25.02 6.80
N LYS M 228 -4.99 -25.43 8.06
CA LYS M 228 -5.93 -24.77 8.96
C LYS M 228 -5.47 -23.37 9.35
N LYS M 229 -4.18 -23.08 9.24
CA LYS M 229 -3.70 -21.75 9.58
C LYS M 229 -4.02 -20.73 8.49
N LEU M 230 -3.90 -21.13 7.24
CA LEU M 230 -4.14 -20.22 6.12
C LEU M 230 -5.63 -19.93 5.94
N CYS N 22 -59.12 -17.37 -1.54
CA CYS N 22 -58.59 -16.80 -2.77
C CYS N 22 -59.63 -16.84 -3.88
N PRO N 23 -60.02 -15.68 -4.39
CA PRO N 23 -61.02 -15.65 -5.47
C PRO N 23 -60.40 -15.81 -6.85
N SER N 24 -59.14 -16.27 -6.90
CA SER N 24 -58.43 -16.39 -8.17
C SER N 24 -57.65 -17.69 -8.18
N ARG N 25 -58.07 -18.64 -9.02
CA ARG N 25 -57.32 -19.86 -9.27
C ARG N 25 -57.36 -20.25 -10.74
N HIS N 26 -57.60 -19.31 -11.63
CA HIS N 26 -57.87 -19.58 -13.04
C HIS N 26 -56.56 -19.72 -13.82
N ASN N 27 -56.67 -19.67 -15.15
CA ASN N 27 -55.56 -19.79 -16.11
C ASN N 27 -54.96 -21.18 -16.12
N PHE N 28 -54.36 -21.60 -15.01
CA PHE N 28 -53.69 -22.89 -14.96
C PHE N 28 -54.70 -24.03 -15.10
N ASP N 29 -54.35 -25.02 -15.91
CA ASP N 29 -55.23 -26.15 -16.14
C ASP N 29 -55.37 -26.99 -14.87
N PRO N 30 -56.59 -27.28 -14.42
CA PRO N 30 -56.74 -28.00 -13.14
C PRO N 30 -56.10 -29.37 -13.09
N GLU N 31 -56.13 -30.13 -14.19
CA GLU N 31 -55.51 -31.45 -14.19
C GLU N 31 -54.00 -31.34 -14.00
N CYS N 32 -53.37 -30.38 -14.68
CA CYS N 32 -51.94 -30.15 -14.48
C CYS N 32 -51.65 -29.76 -13.05
N GLU N 33 -52.51 -28.93 -12.45
CA GLU N 33 -52.31 -28.54 -11.06
C GLU N 33 -52.37 -29.76 -10.13
N LYS N 34 -53.34 -30.65 -10.35
CA LYS N 34 -53.45 -31.84 -9.52
C LYS N 34 -52.21 -32.72 -9.64
N ALA N 35 -51.75 -32.93 -10.88
CA ALA N 35 -50.56 -33.76 -11.08
C ALA N 35 -49.33 -33.12 -10.45
N PHE N 36 -49.20 -31.80 -10.54
CA PHE N 36 -48.08 -31.11 -9.92
C PHE N 36 -48.09 -31.29 -8.40
N VAL N 37 -49.27 -31.18 -7.78
CA VAL N 37 -49.36 -31.36 -6.33
C VAL N 37 -48.97 -32.79 -5.95
N GLU N 38 -49.41 -33.77 -6.74
CA GLU N 38 -49.01 -35.15 -6.49
C GLU N 38 -47.50 -35.31 -6.53
N HIS N 39 -46.85 -34.73 -7.54
CA HIS N 39 -45.40 -34.85 -7.61
C HIS N 39 -44.70 -34.12 -6.46
N ILE N 40 -45.28 -33.00 -5.99
CA ILE N 40 -44.73 -32.32 -4.83
C ILE N 40 -44.71 -33.25 -3.63
N HIS N 41 -45.81 -33.97 -3.42
CA HIS N 41 -45.86 -34.90 -2.29
C HIS N 41 -44.85 -36.03 -2.46
N LEU N 42 -44.64 -36.48 -3.70
CA LEU N 42 -43.62 -37.51 -3.93
C LEU N 42 -42.23 -37.00 -3.53
N GLU N 43 -41.90 -35.77 -3.91
CA GLU N 43 -40.59 -35.21 -3.55
C GLU N 43 -40.45 -35.07 -2.03
N LEU N 44 -41.52 -34.64 -1.36
CA LEU N 44 -41.47 -34.53 0.10
C LEU N 44 -41.23 -35.88 0.75
N ALA N 45 -41.88 -36.93 0.23
CA ALA N 45 -41.67 -38.27 0.78
C ALA N 45 -40.22 -38.72 0.60
N SER N 46 -39.63 -38.43 -0.56
CA SER N 46 -38.23 -38.79 -0.78
C SER N 46 -37.31 -38.06 0.21
N SER N 47 -37.57 -36.77 0.43
CA SER N 47 -36.79 -36.01 1.40
C SER N 47 -36.91 -36.60 2.78
N TYR N 48 -38.12 -37.00 3.18
CA TYR N 48 -38.29 -37.62 4.50
C TYR N 48 -37.55 -38.94 4.60
N HIS N 49 -37.56 -39.74 3.53
CA HIS N 49 -36.91 -41.05 3.62
C HIS N 49 -35.40 -40.93 3.70
N ALA N 50 -34.81 -39.86 3.14
CA ALA N 50 -33.37 -39.68 3.31
C ALA N 50 -32.97 -39.50 4.77
N TRP N 51 -33.87 -38.93 5.58
CA TRP N 51 -33.58 -38.70 7.00
C TRP N 51 -33.35 -40.01 7.74
N SER N 52 -34.13 -41.03 7.43
CA SER N 52 -33.99 -42.32 8.11
C SER N 52 -32.62 -42.94 7.84
N MET N 53 -32.16 -42.88 6.59
CA MET N 53 -30.83 -43.39 6.27
C MET N 53 -29.75 -42.59 7.01
N TRP N 54 -29.90 -41.26 7.04
CA TRP N 54 -28.94 -40.44 7.78
C TRP N 54 -28.87 -40.85 9.24
N ALA N 55 -30.03 -41.08 9.86
CA ALA N 55 -30.05 -41.47 11.27
C ALA N 55 -29.48 -42.87 11.47
N PHE N 56 -29.73 -43.77 10.52
CA PHE N 56 -29.22 -45.13 10.65
C PHE N 56 -27.70 -45.17 10.61
N TYR N 57 -27.09 -44.41 9.69
CA TYR N 57 -25.65 -44.54 9.54
C TYR N 57 -24.86 -43.71 10.55
N ALA N 58 -25.53 -42.95 11.41
CA ALA N 58 -24.86 -42.16 12.44
C ALA N 58 -24.84 -42.83 13.80
N ARG N 59 -25.34 -44.07 13.90
CA ARG N 59 -25.32 -44.78 15.17
C ARG N 59 -23.88 -45.05 15.60
N ASP N 60 -23.67 -45.16 16.91
CA ASP N 60 -22.33 -45.37 17.43
C ASP N 60 -21.77 -46.73 17.06
N CYS N 61 -22.62 -47.67 16.64
CA CYS N 61 -22.16 -48.97 16.19
C CYS N 61 -22.00 -49.05 14.67
N LYS N 62 -22.29 -47.96 13.95
CA LYS N 62 -22.08 -47.90 12.50
C LYS N 62 -20.99 -46.91 12.14
N ALA N 63 -21.17 -45.63 12.50
CA ALA N 63 -20.16 -44.58 12.37
C ALA N 63 -19.55 -44.54 10.97
N ALA N 64 -20.40 -44.27 9.98
CA ALA N 64 -19.98 -44.13 8.59
C ALA N 64 -20.17 -42.68 8.19
N VAL N 65 -19.09 -41.91 8.15
CA VAL N 65 -19.19 -40.47 7.97
C VAL N 65 -19.61 -40.13 6.54
N GLY N 66 -19.08 -40.85 5.54
CA GLY N 66 -19.39 -40.53 4.16
C GLY N 66 -20.86 -40.71 3.84
N MET N 67 -21.45 -41.83 4.27
CA MET N 67 -22.86 -42.07 4.03
C MET N 67 -23.72 -41.03 4.73
N THR N 68 -23.32 -40.63 5.94
CA THR N 68 -24.03 -39.59 6.67
C THR N 68 -24.07 -38.29 5.88
N ARG N 69 -22.90 -37.85 5.38
CA ARG N 69 -22.85 -36.62 4.61
C ARG N 69 -23.70 -36.72 3.34
N LEU N 70 -23.60 -37.85 2.65
CA LEU N 70 -24.35 -38.01 1.40
C LEU N 70 -25.85 -37.96 1.65
N CYS N 71 -26.33 -38.65 2.69
CA CYS N 71 -27.76 -38.67 2.97
C CYS N 71 -28.27 -37.30 3.38
N GLU N 72 -27.50 -36.57 4.19
CA GLU N 72 -27.89 -35.21 4.56
C GLU N 72 -28.03 -34.32 3.31
N TRP N 73 -27.04 -34.39 2.43
CA TRP N 73 -27.09 -33.60 1.20
C TRP N 73 -28.30 -33.97 0.36
N ALA N 74 -28.60 -35.26 0.24
CA ALA N 74 -29.74 -35.69 -0.57
C ALA N 74 -31.05 -35.18 0.00
N SER N 75 -31.21 -35.22 1.33
CA SER N 75 -32.45 -34.74 1.92
C SER N 75 -32.64 -33.25 1.65
N HIS N 76 -31.58 -32.46 1.80
CA HIS N 76 -31.71 -31.03 1.53
C HIS N 76 -32.05 -30.77 0.06
N VAL N 77 -31.43 -31.52 -0.86
CA VAL N 77 -31.71 -31.33 -2.28
C VAL N 77 -33.17 -31.63 -2.59
N SER N 78 -33.70 -32.72 -2.04
CA SER N 78 -35.11 -33.06 -2.29
C SER N 78 -36.05 -32.00 -1.74
N ALA N 79 -35.76 -31.48 -0.54
CA ALA N 79 -36.61 -30.42 0.02
C ALA N 79 -36.61 -29.19 -0.89
N GLN N 80 -35.43 -28.81 -1.40
CA GLN N 80 -35.36 -27.67 -2.30
C GLN N 80 -36.17 -27.90 -3.57
N ARG N 81 -36.12 -29.12 -4.11
CA ARG N 81 -36.89 -29.43 -5.32
C ARG N 81 -38.39 -29.28 -5.08
N ALA N 82 -38.86 -29.79 -3.93
CA ALA N 82 -40.29 -29.65 -3.62
C ALA N 82 -40.67 -28.18 -3.50
N ARG N 83 -39.83 -27.38 -2.84
CA ARG N 83 -40.11 -25.95 -2.73
C ARG N 83 -40.18 -25.29 -4.10
N ARG N 84 -39.27 -25.66 -5.01
CA ARG N 84 -39.26 -25.07 -6.34
C ARG N 84 -40.53 -25.39 -7.11
N MET N 85 -40.99 -26.65 -7.05
CA MET N 85 -42.22 -26.99 -7.76
C MET N 85 -43.43 -26.26 -7.19
N ALA N 86 -43.50 -26.14 -5.86
CA ALA N 86 -44.60 -25.39 -5.26
C ALA N 86 -44.57 -23.93 -5.69
N ALA N 87 -43.37 -23.33 -5.74
CA ALA N 87 -43.24 -21.95 -6.18
C ALA N 87 -43.70 -21.79 -7.62
N TYR N 88 -43.38 -22.75 -8.49
CA TYR N 88 -43.83 -22.65 -9.87
C TYR N 88 -45.36 -22.71 -9.94
N VAL N 89 -45.98 -23.60 -9.16
CA VAL N 89 -47.43 -23.67 -9.18
C VAL N 89 -48.03 -22.34 -8.73
N LEU N 90 -47.47 -21.74 -7.67
CA LEU N 90 -47.99 -20.47 -7.19
C LEU N 90 -47.80 -19.35 -8.19
N THR N 91 -46.71 -19.37 -8.95
CA THR N 91 -46.45 -18.30 -9.92
C THR N 91 -47.51 -18.28 -11.02
N ARG N 92 -47.97 -19.45 -11.46
CA ARG N 92 -48.97 -19.52 -12.51
C ARG N 92 -50.39 -19.21 -12.02
N GLY N 93 -50.58 -19.01 -10.73
CA GLY N 93 -51.87 -18.62 -10.19
C GLY N 93 -52.69 -19.73 -9.55
N GLY N 94 -52.09 -20.89 -9.27
CA GLY N 94 -52.80 -21.98 -8.65
C GLY N 94 -52.69 -22.00 -7.13
N HIS N 95 -53.26 -23.05 -6.55
CA HIS N 95 -53.21 -23.29 -5.11
C HIS N 95 -52.51 -24.61 -4.84
N VAL N 96 -51.90 -24.72 -3.67
CA VAL N 96 -51.23 -25.94 -3.23
C VAL N 96 -51.91 -26.43 -1.97
N ASP N 97 -52.36 -27.68 -1.99
CA ASP N 97 -52.98 -28.31 -0.83
C ASP N 97 -52.10 -29.45 -0.36
N TYR N 98 -51.79 -29.46 0.93
CA TYR N 98 -50.87 -30.42 1.51
C TYR N 98 -51.63 -31.52 2.24
N LYS N 99 -51.08 -32.73 2.20
CA LYS N 99 -51.69 -33.88 2.83
C LYS N 99 -50.62 -34.68 3.57
N GLU N 100 -50.99 -35.88 3.96
CA GLU N 100 -50.20 -36.71 4.86
C GLU N 100 -48.96 -37.27 4.18
N ILE N 101 -47.89 -37.37 4.96
CA ILE N 101 -46.60 -37.88 4.49
C ILE N 101 -46.37 -39.25 5.12
N PRO N 102 -46.29 -40.32 4.33
CA PRO N 102 -46.14 -41.66 4.93
C PRO N 102 -44.74 -41.92 5.46
N ALA N 103 -44.66 -42.88 6.38
CA ALA N 103 -43.40 -43.28 6.97
C ALA N 103 -42.64 -44.22 6.03
N PRO N 104 -41.31 -44.19 6.08
CA PRO N 104 -40.52 -45.14 5.29
C PRO N 104 -40.72 -46.57 5.77
N LYS N 105 -40.63 -47.51 4.83
CA LYS N 105 -40.94 -48.91 5.14
C LYS N 105 -39.77 -49.60 5.82
N LYS N 106 -38.62 -49.68 5.15
CA LYS N 106 -37.45 -50.33 5.71
C LYS N 106 -36.51 -49.27 6.28
N GLN N 107 -35.96 -49.55 7.46
CA GLN N 107 -35.06 -48.62 8.14
C GLN N 107 -33.74 -49.29 8.49
N GLY N 108 -33.33 -50.28 7.72
CA GLY N 108 -32.04 -50.93 7.93
C GLY N 108 -31.52 -51.48 6.63
N TRP N 109 -30.20 -51.52 6.51
CA TRP N 109 -29.55 -52.00 5.29
C TRP N 109 -28.34 -52.85 5.66
N ASP N 110 -28.17 -53.96 4.94
CA ASP N 110 -27.10 -54.89 5.25
C ASP N 110 -25.73 -54.33 4.88
N ASN N 111 -25.63 -53.67 3.73
CA ASN N 111 -24.37 -53.07 3.30
C ASN N 111 -24.69 -51.87 2.42
N PHE N 112 -23.63 -51.21 1.95
CA PHE N 112 -23.81 -49.99 1.17
C PHE N 112 -24.49 -50.25 -0.16
N GLU N 113 -24.30 -51.44 -0.73
CA GLU N 113 -24.87 -51.74 -2.04
C GLU N 113 -26.40 -51.67 -2.00
N ASP N 114 -27.02 -52.18 -0.94
CA ASP N 114 -28.47 -52.13 -0.83
C ASP N 114 -28.97 -50.69 -0.80
N ALA N 115 -28.31 -49.83 -0.03
CA ALA N 115 -28.72 -48.43 0.04
C ALA N 115 -28.60 -47.75 -1.30
N PHE N 116 -27.48 -47.98 -2.02
CA PHE N 116 -27.31 -47.35 -3.32
C PHE N 116 -28.36 -47.86 -4.32
N SER N 117 -28.68 -49.16 -4.27
CA SER N 117 -29.72 -49.69 -5.14
C SER N 117 -31.08 -49.06 -4.84
N HIS N 118 -31.38 -48.89 -3.56
CA HIS N 118 -32.64 -48.23 -3.18
C HIS N 118 -32.71 -46.82 -3.75
N CYS N 119 -31.62 -46.07 -3.63
CA CYS N 119 -31.60 -44.70 -4.16
C CYS N 119 -31.78 -44.69 -5.68
N VAL N 120 -31.13 -45.62 -6.37
CA VAL N 120 -31.24 -45.67 -7.83
C VAL N 120 -32.69 -45.96 -8.25
N ALA N 121 -33.34 -46.89 -7.57
CA ALA N 121 -34.73 -47.20 -7.88
C ALA N 121 -35.63 -45.99 -7.65
N ASN N 122 -35.39 -45.26 -6.56
CA ASN N 122 -36.18 -44.06 -6.30
C ASN N 122 -36.00 -43.04 -7.41
N LYS N 123 -34.77 -42.85 -7.88
CA LYS N 123 -34.52 -41.91 -8.97
C LYS N 123 -35.28 -42.32 -10.23
N LYS N 124 -35.30 -43.61 -10.53
CA LYS N 124 -36.03 -44.07 -11.70
C LYS N 124 -37.53 -43.76 -11.57
N ARG N 125 -38.10 -43.99 -10.39
CA ARG N 125 -39.50 -43.68 -10.18
C ARG N 125 -39.79 -42.19 -10.38
N ILE N 126 -38.91 -41.34 -9.85
CA ILE N 126 -39.09 -39.89 -10.01
C ILE N 126 -39.06 -39.51 -11.49
N LEU N 127 -38.13 -40.08 -12.24
CA LEU N 127 -38.03 -39.76 -13.66
C LEU N 127 -39.29 -40.18 -14.42
N THR N 128 -39.83 -41.35 -14.09
CA THR N 128 -41.06 -41.78 -14.75
C THR N 128 -42.21 -40.82 -14.48
N SER N 129 -42.35 -40.38 -13.22
CA SER N 129 -43.40 -39.42 -12.89
C SER N 129 -43.23 -38.11 -13.66
N LEU N 130 -41.99 -37.62 -13.74
CA LEU N 130 -41.76 -36.37 -14.46
C LEU N 130 -42.08 -36.50 -15.95
N GLN N 131 -41.74 -37.64 -16.53
CA GLN N 131 -42.07 -37.86 -17.94
C GLN N 131 -43.57 -37.86 -18.17
N SER N 132 -44.33 -38.49 -17.26
CA SER N 132 -45.78 -38.45 -17.36
C SER N 132 -46.31 -37.01 -17.28
N LEU N 133 -45.75 -36.21 -16.37
CA LEU N 133 -46.16 -34.82 -16.27
C LEU N 133 -45.91 -34.07 -17.59
N TYR N 134 -44.72 -34.26 -18.16
CA TYR N 134 -44.38 -33.59 -19.41
C TYR N 134 -45.35 -34.00 -20.52
N GLN N 135 -45.68 -35.28 -20.60
CA GLN N 135 -46.63 -35.73 -21.60
C GLN N 135 -47.99 -35.08 -21.40
N CYS N 136 -48.41 -34.94 -20.14
CA CYS N 136 -49.72 -34.34 -19.87
C CYS N 136 -49.78 -32.89 -20.32
N CYS N 137 -48.73 -32.12 -20.04
CA CYS N 137 -48.79 -30.67 -20.26
C CYS N 137 -48.20 -30.23 -21.60
N GLN N 138 -47.80 -31.16 -22.46
CA GLN N 138 -47.05 -30.79 -23.66
C GLN N 138 -47.93 -30.12 -24.72
N SER N 139 -49.18 -30.55 -24.84
CA SER N 139 -50.00 -30.11 -25.97
C SER N 139 -50.35 -28.62 -25.88
N LYS N 140 -50.71 -28.14 -24.70
CA LYS N 140 -51.20 -26.77 -24.55
C LYS N 140 -50.13 -25.80 -24.06
N ASP N 141 -49.52 -26.06 -22.91
CA ASP N 141 -48.64 -25.09 -22.26
C ASP N 141 -47.19 -25.38 -22.63
N ALA N 142 -46.58 -24.50 -23.40
CA ALA N 142 -45.18 -24.66 -23.77
C ALA N 142 -44.23 -24.32 -22.63
N HIS N 143 -44.55 -23.26 -21.88
CA HIS N 143 -43.68 -22.85 -20.78
C HIS N 143 -43.63 -23.92 -19.69
N CYS N 144 -44.77 -24.54 -19.40
CA CYS N 144 -44.79 -25.60 -18.38
C CYS N 144 -43.94 -26.79 -18.79
N SER N 145 -44.03 -27.21 -20.06
CA SER N 145 -43.23 -28.33 -20.52
C SER N 145 -41.75 -27.99 -20.50
N ASN N 146 -41.40 -26.76 -20.89
CA ASN N 146 -40.00 -26.35 -20.82
C ASN N 146 -39.49 -26.37 -19.38
N PHE N 147 -40.31 -25.89 -18.44
CA PHE N 147 -39.92 -25.92 -17.03
C PHE N 147 -39.70 -27.35 -16.57
N ILE N 148 -40.58 -28.27 -16.97
CA ILE N 148 -40.43 -29.67 -16.56
C ILE N 148 -39.13 -30.25 -17.11
N GLN N 149 -38.85 -30.01 -18.39
CA GLN N 149 -37.70 -30.67 -19.00
C GLN N 149 -36.38 -30.00 -18.67
N THR N 150 -36.38 -28.76 -18.18
CA THR N 150 -35.12 -28.11 -17.82
C THR N 150 -34.87 -28.09 -16.31
N ASP N 151 -35.82 -27.62 -15.52
CA ASP N 151 -35.57 -27.35 -14.11
C ASP N 151 -35.79 -28.56 -13.21
N MET N 152 -36.28 -29.69 -13.73
CA MET N 152 -36.55 -30.84 -12.89
C MET N 152 -35.84 -32.12 -13.30
N MET N 153 -35.56 -32.33 -14.59
CA MET N 153 -35.00 -33.59 -15.05
C MET N 153 -33.49 -33.65 -14.98
N ASP N 154 -32.81 -32.51 -15.18
CA ASP N 154 -31.35 -32.50 -15.26
C ASP N 154 -30.70 -33.01 -13.98
N GLU N 155 -31.21 -32.54 -12.82
CA GLU N 155 -30.68 -32.99 -11.54
C GLU N 155 -30.81 -34.50 -11.39
N VAL N 156 -31.97 -35.04 -11.77
CA VAL N 156 -32.20 -36.47 -11.63
C VAL N 156 -31.25 -37.26 -12.49
N ILE N 157 -31.03 -36.82 -13.73
CA ILE N 157 -30.13 -37.54 -14.63
C ILE N 157 -28.71 -37.55 -14.05
N ALA N 158 -28.23 -36.39 -13.60
CA ALA N 158 -26.87 -36.30 -13.07
C ALA N 158 -26.71 -37.16 -11.82
N TRP N 159 -27.68 -37.10 -10.90
CA TRP N 159 -27.60 -37.88 -9.68
C TRP N 159 -27.64 -39.37 -9.98
N ASN N 160 -28.45 -39.79 -10.95
CA ASN N 160 -28.50 -41.20 -11.32
C ASN N 160 -27.15 -41.67 -11.84
N LYS N 161 -26.49 -40.88 -12.68
CA LYS N 161 -25.17 -41.27 -13.17
C LYS N 161 -24.18 -41.40 -12.02
N PHE N 162 -24.17 -40.43 -11.10
CA PHE N 162 -23.23 -40.48 -9.98
C PHE N 162 -23.46 -41.72 -9.12
N LEU N 163 -24.73 -42.01 -8.79
CA LEU N 163 -25.02 -43.16 -7.94
C LEU N 163 -24.67 -44.47 -8.64
N SER N 164 -24.91 -44.56 -9.94
CA SER N 164 -24.55 -45.78 -10.67
C SER N 164 -23.03 -46.00 -10.66
N ASP N 165 -22.26 -44.92 -10.83
CA ASP N 165 -20.81 -45.05 -10.77
C ASP N 165 -20.35 -45.54 -9.39
N CYS N 166 -20.93 -44.96 -8.33
CA CYS N 166 -20.58 -45.40 -6.99
C CYS N 166 -20.93 -46.87 -6.77
N LEU N 167 -22.09 -47.30 -7.26
CA LEU N 167 -22.50 -48.69 -7.10
C LEU N 167 -21.56 -49.64 -7.82
N SER N 168 -21.14 -49.29 -9.04
CA SER N 168 -20.20 -50.13 -9.76
C SER N 168 -18.87 -50.24 -9.02
N ASN N 169 -18.38 -49.12 -8.50
CA ASN N 169 -17.13 -49.16 -7.75
C ASN N 169 -17.26 -50.04 -6.51
N LEU N 170 -18.38 -49.92 -5.79
CA LEU N 170 -18.58 -50.74 -4.60
C LEU N 170 -18.64 -52.22 -4.94
N HIS N 171 -19.34 -52.57 -6.02
CA HIS N 171 -19.43 -53.97 -6.42
C HIS N 171 -18.05 -54.52 -6.77
N CYS N 172 -17.24 -53.71 -7.45
CA CYS N 172 -15.89 -54.17 -7.78
C CYS N 172 -15.03 -54.34 -6.54
N ILE N 173 -15.15 -53.43 -5.57
CA ILE N 173 -14.26 -53.45 -4.41
C ILE N 173 -14.50 -54.69 -3.56
N GLY N 174 -15.75 -55.00 -3.26
CA GLY N 174 -16.11 -56.10 -2.41
C GLY N 174 -16.92 -55.65 -1.22
N SER N 175 -17.09 -56.56 -0.25
CA SER N 175 -17.88 -56.26 0.92
C SER N 175 -17.27 -56.77 2.22
N GLN N 176 -16.01 -57.20 2.21
CA GLN N 176 -15.36 -57.72 3.40
C GLN N 176 -14.00 -57.07 3.55
N GLY N 177 -13.53 -57.02 4.80
CA GLY N 177 -12.25 -56.40 5.09
C GLY N 177 -12.35 -54.92 5.31
N MET N 178 -11.32 -54.17 4.93
CA MET N 178 -11.29 -52.73 5.12
C MET N 178 -11.56 -51.94 3.85
N GLY N 179 -11.99 -52.59 2.78
CA GLY N 179 -12.36 -51.90 1.56
C GLY N 179 -13.48 -50.90 1.73
N PRO N 180 -14.59 -51.32 2.36
CA PRO N 180 -15.67 -50.36 2.62
C PRO N 180 -15.25 -49.18 3.46
N TRP N 181 -14.34 -49.37 4.42
CA TRP N 181 -13.88 -48.25 5.25
C TRP N 181 -13.15 -47.22 4.40
N VAL N 182 -12.24 -47.67 3.54
CA VAL N 182 -11.51 -46.77 2.66
C VAL N 182 -12.46 -46.06 1.71
N PHE N 183 -13.43 -46.79 1.16
CA PHE N 183 -14.42 -46.18 0.29
C PHE N 183 -15.21 -45.10 1.01
N ASP N 184 -15.61 -45.37 2.25
CA ASP N 184 -16.36 -44.39 3.03
C ASP N 184 -15.55 -43.13 3.28
N ARG N 185 -14.27 -43.28 3.62
CA ARG N 185 -13.43 -42.11 3.83
C ARG N 185 -13.31 -41.28 2.56
N TRP N 186 -13.09 -41.94 1.43
CA TRP N 186 -13.02 -41.23 0.15
C TRP N 186 -14.32 -40.52 -0.17
N LEU N 187 -15.45 -41.18 0.08
CA LEU N 187 -16.74 -40.58 -0.21
C LEU N 187 -16.98 -39.33 0.64
N ALA N 188 -16.61 -39.39 1.92
CA ALA N 188 -16.73 -38.21 2.75
C ALA N 188 -15.87 -37.07 2.21
N ARG N 189 -14.64 -37.39 1.78
CA ARG N 189 -13.76 -36.35 1.25
C ARG N 189 -14.37 -35.68 0.03
N ILE N 190 -14.92 -36.48 -0.89
CA ILE N 190 -15.42 -35.87 -2.14
C ILE N 190 -16.74 -35.16 -1.92
N VAL N 191 -17.58 -35.63 -0.99
CA VAL N 191 -18.85 -34.96 -0.75
C VAL N 191 -18.63 -33.62 -0.05
N MET N 192 -17.73 -33.59 0.94
CA MET N 192 -17.54 -32.35 1.70
C MET N 192 -16.96 -31.23 0.87
N SER N 193 -16.36 -31.53 -0.28
CA SER N 193 -15.79 -30.49 -1.14
C SER N 193 -16.85 -29.69 -1.87
N LYS N 194 -18.11 -30.10 -1.81
CA LYS N 194 -19.18 -29.45 -2.55
C LYS N 194 -20.28 -28.90 -1.66
N PHE N 195 -20.63 -29.59 -0.58
CA PHE N 195 -21.78 -29.21 0.24
C PHE N 195 -21.37 -29.02 1.69
N LYS N 196 -21.93 -28.00 2.31
CA LYS N 196 -21.70 -27.69 3.72
C LYS N 196 -22.90 -26.91 4.22
N HIS N 197 -23.73 -27.52 5.06
CA HIS N 197 -24.97 -26.86 5.47
C HIS N 197 -24.70 -25.81 6.52
N PRO N 198 -25.04 -24.54 6.27
CA PRO N 198 -24.84 -23.50 7.29
C PRO N 198 -25.90 -23.58 8.37
N LYS N 199 -25.58 -22.98 9.51
CA LYS N 199 -26.50 -22.92 10.62
C LYS N 199 -27.63 -21.94 10.35
N ILE N 200 -28.80 -22.22 10.91
CA ILE N 200 -29.96 -21.35 10.80
C ILE N 200 -29.96 -20.44 12.04
N PRO N 201 -29.92 -19.12 11.86
CA PRO N 201 -29.99 -18.22 13.02
C PRO N 201 -31.37 -18.24 13.66
N SER N 202 -31.40 -17.90 14.95
CA SER N 202 -32.63 -17.95 15.73
C SER N 202 -32.59 -16.85 16.79
N LEU N 203 -33.50 -16.94 17.75
CA LEU N 203 -33.59 -15.99 18.85
C LEU N 203 -33.24 -16.69 20.16
N SER N 204 -32.77 -15.90 21.13
CA SER N 204 -32.37 -16.44 22.42
C SER N 204 -32.55 -15.35 23.48
N THR N 205 -32.29 -15.72 24.73
CA THR N 205 -32.39 -14.79 25.86
C THR N 205 -31.03 -14.28 26.32
N SER N 206 -29.96 -14.52 25.56
CA SER N 206 -28.67 -13.96 25.89
C SER N 206 -28.70 -12.44 25.78
N ASP N 207 -28.01 -11.76 26.69
CA ASP N 207 -27.99 -10.30 26.77
C ASP N 207 -29.41 -9.75 26.87
N LEU N 208 -30.10 -10.19 27.93
CA LEU N 208 -31.49 -9.80 28.11
C LEU N 208 -31.64 -8.30 28.31
N GLU N 209 -30.72 -7.69 29.05
CA GLU N 209 -30.81 -6.26 29.34
C GLU N 209 -30.61 -5.38 28.12
N SER N 210 -30.11 -5.93 27.01
CA SER N 210 -29.87 -5.13 25.82
C SER N 210 -31.04 -5.10 24.86
N ASN N 211 -31.82 -6.18 24.78
CA ASN N 211 -32.97 -6.28 23.89
C ASN N 211 -34.22 -6.41 24.75
N ILE N 212 -34.76 -5.28 25.21
CA ILE N 212 -35.77 -5.31 26.25
C ILE N 212 -37.12 -5.77 25.70
N PRO N 213 -37.74 -5.11 24.70
CA PRO N 213 -38.97 -5.66 24.15
C PRO N 213 -38.69 -6.99 23.47
N ASN N 214 -37.79 -6.97 22.49
CA ASN N 214 -37.23 -8.15 21.85
C ASN N 214 -36.11 -7.68 20.94
N GLU N 215 -35.41 -8.63 20.34
CA GLU N 215 -34.21 -8.30 19.57
C GLU N 215 -34.54 -7.65 18.23
N LEU N 216 -35.61 -8.11 17.57
CA LEU N 216 -35.87 -7.68 16.19
C LEU N 216 -36.43 -6.27 16.11
N PHE N 217 -37.19 -5.83 17.12
CA PHE N 217 -37.99 -4.62 16.98
C PHE N 217 -37.16 -3.37 16.75
N ASP N 218 -35.88 -3.38 17.07
CA ASP N 218 -35.04 -2.20 16.89
C ASP N 218 -34.14 -2.30 15.65
N ALA N 219 -34.38 -3.27 14.77
CA ALA N 219 -33.51 -3.48 13.62
C ALA N 219 -33.32 -2.20 12.82
N GLU N 220 -34.42 -1.52 12.50
CA GLU N 220 -34.33 -0.28 11.73
C GLU N 220 -33.39 0.71 12.39
N GLY N 221 -33.54 0.89 13.70
CA GLY N 221 -32.67 1.81 14.42
C GLY N 221 -31.20 1.46 14.23
N ASP N 222 -30.87 0.16 14.32
CA ASP N 222 -29.50 -0.27 14.12
C ASP N 222 -28.96 0.24 12.79
N MET N 223 -29.77 0.12 11.74
CA MET N 223 -29.32 0.55 10.42
C MET N 223 -28.88 2.01 10.47
N VAL N 224 -29.68 2.86 11.10
CA VAL N 224 -29.33 4.28 11.18
C VAL N 224 -27.97 4.43 11.85
N ARG N 225 -27.79 3.75 12.99
CA ARG N 225 -26.51 3.79 13.68
C ARG N 225 -25.37 3.44 12.74
N ALA N 226 -25.54 2.36 11.97
CA ALA N 226 -24.46 1.92 11.09
C ALA N 226 -24.11 3.01 10.09
N ILE N 227 -25.12 3.68 9.54
CA ILE N 227 -24.85 4.72 8.54
C ILE N 227 -24.04 5.84 9.17
N LYS N 228 -24.29 6.14 10.45
CA LYS N 228 -23.55 7.21 11.10
C LYS N 228 -22.10 6.81 11.37
N LYS N 229 -21.80 5.51 11.41
CA LYS N 229 -20.42 5.11 11.65
C LYS N 229 -19.56 5.27 10.40
N LEU N 230 -20.10 4.96 9.24
CA LEU N 230 -19.35 5.03 7.99
C LEU N 230 -19.12 6.47 7.56
N CYS O 22 53.98 -29.61 2.86
CA CYS O 22 53.59 -28.87 4.06
C CYS O 22 54.60 -29.08 5.18
N PRO O 23 55.24 -28.00 5.62
CA PRO O 23 56.23 -28.13 6.70
C PRO O 23 55.60 -28.07 8.08
N SER O 24 54.28 -28.25 8.16
CA SER O 24 53.56 -28.15 9.43
C SER O 24 52.51 -29.25 9.50
N ARG O 25 52.72 -30.21 10.40
CA ARG O 25 51.73 -31.23 10.71
C ARG O 25 51.69 -31.54 12.20
N HIS O 26 52.14 -30.62 13.05
CA HIS O 26 52.35 -30.86 14.46
C HIS O 26 51.05 -30.68 15.24
N ASN O 27 51.18 -30.57 16.57
CA ASN O 27 50.08 -30.40 17.52
C ASN O 27 49.18 -31.62 17.61
N PHE O 28 48.50 -31.96 16.52
CA PHE O 28 47.57 -33.08 16.54
C PHE O 28 48.31 -34.40 16.74
N ASP O 29 47.76 -35.24 17.61
CA ASP O 29 48.38 -36.53 17.91
C ASP O 29 48.32 -37.44 16.69
N PRO O 30 49.45 -38.02 16.26
CA PRO O 30 49.43 -38.82 15.02
C PRO O 30 48.51 -40.02 15.05
N GLU O 31 48.38 -40.70 16.18
CA GLU O 31 47.49 -41.86 16.26
C GLU O 31 46.04 -41.44 16.05
N CYS O 32 45.64 -40.33 16.67
CA CYS O 32 44.29 -39.81 16.45
C CYS O 32 44.08 -39.44 15.00
N GLU O 33 45.10 -38.86 14.36
CA GLU O 33 44.99 -38.51 12.94
C GLU O 33 44.77 -39.76 12.09
N LYS O 34 45.52 -40.82 12.36
CA LYS O 34 45.37 -42.05 11.60
C LYS O 34 43.97 -42.64 11.78
N ALA O 35 43.48 -42.67 13.01
CA ALA O 35 42.14 -43.21 13.25
C ALA O 35 41.07 -42.36 12.57
N PHE O 36 41.24 -41.04 12.59
CA PHE O 36 40.29 -40.16 11.93
C PHE O 36 40.25 -40.42 10.42
N VAL O 37 41.42 -40.60 9.80
CA VAL O 37 41.46 -40.88 8.37
C VAL O 37 40.77 -42.21 8.06
N GLU O 38 40.99 -43.22 8.91
CA GLU O 38 40.30 -44.49 8.73
C GLU O 38 38.78 -44.32 8.77
N HIS O 39 38.28 -43.55 9.74
CA HIS O 39 36.84 -43.35 9.80
C HIS O 39 36.32 -42.56 8.62
N ILE O 40 37.11 -41.62 8.10
CA ILE O 40 36.72 -40.90 6.89
C ILE O 40 36.49 -41.87 5.74
N HIS O 41 37.41 -42.82 5.58
CA HIS O 41 37.25 -43.80 4.51
C HIS O 41 36.02 -44.68 4.74
N LEU O 42 35.73 -45.00 5.99
CA LEU O 42 34.51 -45.76 6.28
C LEU O 42 33.27 -45.00 5.84
N GLU O 43 33.20 -43.70 6.15
CA GLU O 43 32.05 -42.89 5.75
C GLU O 43 31.93 -42.81 4.23
N LEU O 44 33.06 -42.66 3.54
CA LEU O 44 33.03 -42.62 2.08
C LEU O 44 32.50 -43.93 1.50
N ALA O 45 32.91 -45.06 2.08
CA ALA O 45 32.41 -46.35 1.61
C ALA O 45 30.90 -46.46 1.80
N SER O 46 30.40 -45.99 2.94
CA SER O 46 28.95 -46.03 3.17
C SER O 46 28.21 -45.17 2.13
N SER O 47 28.74 -43.98 1.85
CA SER O 47 28.14 -43.13 0.83
C SER O 47 28.11 -43.81 -0.53
N TYR O 48 29.20 -44.48 -0.89
CA TYR O 48 29.24 -45.19 -2.16
C TYR O 48 28.22 -46.32 -2.20
N HIS O 49 28.07 -47.05 -1.10
CA HIS O 49 27.15 -48.19 -1.09
C HIS O 49 25.70 -47.75 -1.21
N ALA O 50 25.36 -46.55 -0.71
CA ALA O 50 23.99 -46.07 -0.89
C ALA O 50 23.63 -45.89 -2.37
N TRP O 51 24.63 -45.57 -3.20
CA TRP O 51 24.39 -45.37 -4.63
C TRP O 51 23.87 -46.64 -5.30
N SER O 52 24.43 -47.78 -4.92
CA SER O 52 23.99 -49.04 -5.54
C SER O 52 22.53 -49.34 -5.24
N MET O 53 22.10 -49.11 -4.00
CA MET O 53 20.69 -49.30 -3.66
C MET O 53 19.81 -48.33 -4.45
N TRP O 54 20.24 -47.07 -4.56
CA TRP O 54 19.48 -46.11 -5.34
C TRP O 54 19.31 -46.57 -6.77
N ALA O 55 20.39 -47.08 -7.38
CA ALA O 55 20.31 -47.54 -8.76
C ALA O 55 19.45 -48.79 -8.89
N PHE O 56 19.50 -49.67 -7.88
CA PHE O 56 18.72 -50.90 -7.95
C PHE O 56 17.22 -50.60 -7.90
N TYR O 57 16.80 -49.69 -7.04
CA TYR O 57 15.37 -49.49 -6.89
C TYR O 57 14.76 -48.56 -7.96
N ALA O 58 15.58 -48.01 -8.85
CA ALA O 58 15.09 -47.16 -9.92
C ALA O 58 14.91 -47.89 -11.24
N ARG O 59 15.13 -49.20 -11.28
CA ARG O 59 14.96 -49.96 -12.50
C ARG O 59 13.48 -49.94 -12.93
N ASP O 60 13.25 -50.08 -14.24
CA ASP O 60 11.90 -50.02 -14.74
C ASP O 60 11.05 -51.21 -14.30
N CYS O 61 11.68 -52.28 -13.82
CA CYS O 61 10.96 -53.42 -13.30
C CYS O 61 10.80 -53.38 -11.78
N LYS O 62 11.31 -52.34 -11.12
CA LYS O 62 11.13 -52.16 -9.69
C LYS O 62 10.29 -50.93 -9.39
N ALA O 63 10.74 -49.75 -9.81
CA ALA O 63 9.98 -48.50 -9.75
C ALA O 63 9.40 -48.25 -8.36
N ALA O 64 10.29 -48.12 -7.37
CA ALA O 64 9.92 -47.81 -6.00
C ALA O 64 10.43 -46.42 -5.68
N VAL O 65 9.53 -45.43 -5.69
CA VAL O 65 9.94 -44.04 -5.59
C VAL O 65 10.44 -43.72 -4.18
N GLY O 66 9.77 -44.25 -3.15
CA GLY O 66 10.15 -43.93 -1.78
C GLY O 66 11.55 -44.41 -1.44
N MET O 67 11.88 -45.65 -1.80
CA MET O 67 13.21 -46.17 -1.54
C MET O 67 14.27 -45.38 -2.30
N THR O 68 13.96 -44.97 -3.53
CA THR O 68 14.87 -44.16 -4.31
C THR O 68 15.19 -42.85 -3.59
N ARG O 69 14.15 -42.14 -3.13
CA ARG O 69 14.37 -40.89 -2.42
C ARG O 69 15.19 -41.10 -1.15
N LEU O 70 14.84 -42.14 -0.39
CA LEU O 70 15.55 -42.39 0.86
C LEU O 70 17.03 -42.68 0.63
N CYS O 71 17.34 -43.51 -0.38
CA CYS O 71 18.73 -43.86 -0.64
C CYS O 71 19.53 -42.65 -1.13
N GLU O 72 18.92 -41.82 -1.98
CA GLU O 72 19.60 -40.60 -2.41
C GLU O 72 19.93 -39.69 -1.23
N TRP O 73 18.96 -39.50 -0.35
CA TRP O 73 19.18 -38.68 0.83
C TRP O 73 20.29 -39.25 1.70
N ALA O 74 20.31 -40.56 1.90
CA ALA O 74 21.33 -41.18 2.73
C ALA O 74 22.72 -41.00 2.15
N SER O 75 22.85 -41.15 0.84
CA SER O 75 24.17 -40.98 0.22
C SER O 75 24.68 -39.55 0.40
N HIS O 76 23.81 -38.57 0.20
CA HIS O 76 24.25 -37.18 0.39
C HIS O 76 24.64 -36.92 1.85
N VAL O 77 23.88 -37.46 2.80
CA VAL O 77 24.21 -37.27 4.21
C VAL O 77 25.57 -37.85 4.55
N SER O 78 25.85 -39.06 4.06
CA SER O 78 27.15 -39.68 4.33
C SER O 78 28.30 -38.89 3.74
N ALA O 79 28.12 -38.38 2.50
CA ALA O 79 29.17 -37.57 1.91
C ALA O 79 29.44 -36.31 2.73
N GLN O 80 28.37 -35.66 3.21
CA GLN O 80 28.57 -34.48 4.05
C GLN O 80 29.31 -34.82 5.34
N ARG O 81 29.00 -35.96 5.94
CA ARG O 81 29.69 -36.36 7.17
C ARG O 81 31.19 -36.56 6.93
N ALA O 82 31.53 -37.22 5.82
CA ALA O 82 32.95 -37.40 5.51
C ALA O 82 33.65 -36.07 5.31
N ARG O 83 32.99 -35.14 4.60
CA ARG O 83 33.57 -33.81 4.41
C ARG O 83 33.79 -33.10 5.75
N ARG O 84 32.83 -33.22 6.66
CA ARG O 84 32.95 -32.57 7.96
C ARG O 84 34.13 -33.11 8.76
N MET O 85 34.31 -34.44 8.77
CA MET O 85 35.44 -35.00 9.51
C MET O 85 36.77 -34.58 8.90
N ALA O 86 36.86 -34.55 7.57
CA ALA O 86 38.09 -34.09 6.93
C ALA O 86 38.38 -32.63 7.28
N ALA O 87 37.34 -31.80 7.30
CA ALA O 87 37.52 -30.40 7.66
C ALA O 87 38.01 -30.26 9.09
N TYR O 88 37.49 -31.07 10.00
CA TYR O 88 37.96 -31.00 11.38
C TYR O 88 39.44 -31.38 11.47
N VAL O 89 39.85 -32.43 10.74
CA VAL O 89 41.25 -32.81 10.77
C VAL O 89 42.12 -31.67 10.25
N LEU O 90 41.69 -31.02 9.16
CA LEU O 90 42.48 -29.93 8.61
C LEU O 90 42.54 -28.73 9.54
N THR O 91 41.47 -28.47 10.30
CA THR O 91 41.46 -27.33 11.21
C THR O 91 42.50 -27.47 12.31
N ARG O 92 42.71 -28.69 12.80
CA ARG O 92 43.68 -28.91 13.87
C ARG O 92 45.12 -28.94 13.38
N GLY O 93 45.34 -28.86 12.08
CA GLY O 93 46.68 -28.79 11.53
C GLY O 93 47.24 -30.08 10.95
N GLY O 94 46.40 -31.10 10.73
CA GLY O 94 46.86 -32.35 10.18
C GLY O 94 46.74 -32.43 8.68
N HIS O 95 47.06 -33.61 8.15
CA HIS O 95 46.96 -33.91 6.72
C HIS O 95 45.98 -35.07 6.52
N VAL O 96 45.36 -35.10 5.35
CA VAL O 96 44.43 -36.17 4.98
C VAL O 96 44.98 -36.87 3.75
N ASP O 97 45.16 -38.18 3.84
CA ASP O 97 45.62 -39.00 2.73
C ASP O 97 44.51 -39.95 2.31
N TYR O 98 44.19 -39.96 1.02
CA TYR O 98 43.09 -40.73 0.49
C TYR O 98 43.59 -42.01 -0.17
N LYS O 99 42.78 -43.06 -0.06
CA LYS O 99 43.14 -44.35 -0.63
C LYS O 99 41.91 -44.94 -1.33
N GLU O 100 42.01 -46.21 -1.65
CA GLU O 100 41.06 -46.90 -2.50
C GLU O 100 39.73 -47.14 -1.80
N ILE O 101 38.65 -47.05 -2.58
CA ILE O 101 37.29 -47.24 -2.09
C ILE O 101 36.76 -48.57 -2.65
N PRO O 102 36.46 -49.55 -1.80
CA PRO O 102 36.02 -50.85 -2.32
C PRO O 102 34.60 -50.83 -2.84
N ALA O 103 34.31 -51.80 -3.71
CA ALA O 103 32.99 -51.95 -4.29
C ALA O 103 32.04 -52.65 -3.30
N PRO O 104 30.75 -52.34 -3.37
CA PRO O 104 29.78 -53.05 -2.52
C PRO O 104 29.67 -54.51 -2.92
N LYS O 105 29.38 -55.36 -1.93
CA LYS O 105 29.37 -56.80 -2.16
C LYS O 105 28.08 -57.26 -2.82
N LYS O 106 26.95 -57.06 -2.15
CA LYS O 106 25.66 -57.47 -2.67
C LYS O 106 24.97 -56.26 -3.30
N GLN O 107 24.36 -56.48 -4.47
CA GLN O 107 23.68 -55.42 -5.21
C GLN O 107 22.24 -55.81 -5.54
N GLY O 108 21.63 -56.64 -4.71
CA GLY O 108 20.24 -57.01 -4.89
C GLY O 108 19.61 -57.36 -3.56
N TRP O 109 18.31 -57.11 -3.45
CA TRP O 109 17.59 -57.37 -2.21
C TRP O 109 16.22 -57.96 -2.53
N ASP O 110 15.82 -58.96 -1.76
CA ASP O 110 14.57 -59.66 -2.02
C ASP O 110 13.36 -58.79 -1.70
N ASN O 111 13.41 -58.06 -0.58
CA ASN O 111 12.31 -57.19 -0.19
C ASN O 111 12.88 -56.03 0.62
N PHE O 112 12.00 -55.13 1.05
CA PHE O 112 12.43 -53.93 1.76
C PHE O 112 13.06 -54.27 3.11
N GLU O 113 12.62 -55.36 3.74
CA GLU O 113 13.12 -55.70 5.07
C GLU O 113 14.62 -55.96 5.04
N ASP O 114 15.11 -56.65 4.01
CA ASP O 114 16.54 -56.92 3.91
C ASP O 114 17.34 -55.63 3.80
N ALA O 115 16.87 -54.69 2.97
CA ALA O 115 17.58 -53.42 2.82
C ALA O 115 17.61 -52.65 4.13
N PHE O 116 16.48 -52.60 4.85
CA PHE O 116 16.46 -51.88 6.12
C PHE O 116 17.37 -52.54 7.15
N SER O 117 17.41 -53.88 7.17
CA SER O 117 18.31 -54.57 8.08
C SER O 117 19.77 -54.27 7.75
N HIS O 118 20.11 -54.24 6.46
CA HIS O 118 21.47 -53.88 6.05
C HIS O 118 21.85 -52.49 6.55
N CYS O 119 20.95 -51.53 6.38
CA CYS O 119 21.22 -50.17 6.83
C CYS O 119 21.41 -50.11 8.35
N VAL O 120 20.57 -50.84 9.09
CA VAL O 120 20.68 -50.83 10.55
C VAL O 120 22.03 -51.40 10.99
N ALA O 121 22.47 -52.49 10.37
CA ALA O 121 23.76 -53.08 10.71
C ALA O 121 24.90 -52.10 10.41
N ASN O 122 24.82 -51.40 9.28
CA ASN O 122 25.85 -50.42 8.96
C ASN O 122 25.90 -49.32 10.01
N LYS O 123 24.73 -48.84 10.46
CA LYS O 123 24.70 -47.82 11.49
C LYS O 123 25.37 -48.30 12.78
N LYS O 124 25.10 -49.55 13.16
CA LYS O 124 25.74 -50.09 14.37
C LYS O 124 27.26 -50.12 14.23
N ARG O 125 27.76 -50.53 13.05
CA ARG O 125 29.20 -50.54 12.84
C ARG O 125 29.79 -49.15 12.96
N ILE O 126 29.12 -48.15 12.37
CA ILE O 126 29.61 -46.78 12.45
C ILE O 126 29.68 -46.31 13.90
N LEU O 127 28.64 -46.63 14.68
CA LEU O 127 28.62 -46.21 16.09
C LEU O 127 29.76 -46.85 16.87
N THR O 128 30.05 -48.13 16.61
CA THR O 128 31.16 -48.78 17.30
C THR O 128 32.48 -48.10 16.98
N SER O 129 32.70 -47.78 15.70
CA SER O 129 33.94 -47.09 15.33
C SER O 129 34.06 -45.73 16.02
N LEU O 130 32.96 -44.98 16.07
CA LEU O 130 33.01 -43.67 16.71
C LEU O 130 33.29 -43.79 18.21
N GLN O 131 32.72 -44.79 18.86
CA GLN O 131 33.00 -44.99 20.28
C GLN O 131 34.47 -45.31 20.51
N SER O 132 35.07 -46.13 19.64
CA SER O 132 36.50 -46.41 19.75
C SER O 132 37.32 -45.12 19.60
N LEU O 133 36.95 -44.27 18.64
CA LEU O 133 37.65 -43.01 18.46
C LEU O 133 37.57 -42.15 19.74
N TYR O 134 36.37 -42.05 20.31
CA TYR O 134 36.20 -41.25 21.52
C TYR O 134 37.06 -41.80 22.66
N GLN O 135 37.10 -43.12 22.81
CA GLN O 135 37.94 -43.70 23.84
C GLN O 135 39.41 -43.38 23.61
N CYS O 136 39.85 -43.40 22.35
CA CYS O 136 41.24 -43.11 22.05
C CYS O 136 41.62 -41.68 22.42
N CYS O 137 40.76 -40.72 22.09
CA CYS O 137 41.13 -39.31 22.23
C CYS O 137 40.67 -38.68 23.54
N GLN O 138 40.08 -39.45 24.45
CA GLN O 138 39.44 -38.86 25.62
C GLN O 138 40.44 -38.34 26.64
N SER O 139 41.57 -39.02 26.80
CA SER O 139 42.47 -38.71 27.90
C SER O 139 43.13 -37.34 27.74
N LYS O 140 43.58 -37.01 26.53
CA LYS O 140 44.35 -35.79 26.32
C LYS O 140 43.52 -34.64 25.76
N ASP O 141 42.86 -34.83 24.63
CA ASP O 141 42.21 -33.73 23.92
C ASP O 141 40.73 -33.68 24.28
N ALA O 142 40.33 -32.64 25.01
CA ALA O 142 38.93 -32.48 25.38
C ALA O 142 38.07 -32.00 24.22
N HIS O 143 38.60 -31.08 23.41
CA HIS O 143 37.84 -30.55 22.28
C HIS O 143 37.55 -31.65 21.25
N CYS O 144 38.53 -32.52 21.01
CA CYS O 144 38.32 -33.61 20.05
C CYS O 144 37.23 -34.56 20.52
N SER O 145 37.24 -34.92 21.81
CA SER O 145 36.21 -35.82 22.33
C SER O 145 34.84 -35.17 22.28
N ASN O 146 34.77 -33.87 22.60
CA ASN O 146 33.49 -33.17 22.50
C ASN O 146 32.98 -33.16 21.06
N PHE O 147 33.88 -32.92 20.10
CA PHE O 147 33.48 -32.94 18.69
C PHE O 147 32.95 -34.32 18.31
N ILE O 148 33.62 -35.38 18.76
CA ILE O 148 33.16 -36.73 18.43
C ILE O 148 31.78 -36.99 19.00
N GLN O 149 31.56 -36.62 20.27
CA GLN O 149 30.30 -36.98 20.90
C GLN O 149 29.15 -36.06 20.53
N THR O 150 29.42 -34.88 19.97
CA THR O 150 28.33 -34.00 19.57
C THR O 150 28.07 -34.01 18.06
N ASP O 151 29.10 -33.79 17.25
CA ASP O 151 28.90 -33.56 15.82
C ASP O 151 28.85 -34.84 14.99
N MET O 152 29.09 -36.01 15.58
CA MET O 152 29.10 -37.24 14.80
C MET O 152 28.14 -38.31 15.28
N MET O 153 27.82 -38.38 16.58
CA MET O 153 27.01 -39.47 17.11
C MET O 153 25.52 -39.20 17.03
N ASP O 154 25.10 -37.94 17.16
CA ASP O 154 23.68 -37.61 17.23
C ASP O 154 22.93 -38.04 15.98
N GLU O 155 23.51 -37.75 14.81
CA GLU O 155 22.90 -38.14 13.54
C GLU O 155 22.70 -39.65 13.49
N VAL O 156 23.72 -40.40 13.90
CA VAL O 156 23.64 -41.86 13.84
C VAL O 156 22.54 -42.37 14.74
N ILE O 157 22.42 -41.84 15.95
CA ILE O 157 21.39 -42.29 16.88
C ILE O 157 20.00 -42.02 16.30
N ALA O 158 19.78 -40.82 15.78
CA ALA O 158 18.47 -40.47 15.23
C ALA O 158 18.12 -41.34 14.03
N TRP O 159 19.08 -41.54 13.12
CA TRP O 159 18.82 -42.35 11.94
C TRP O 159 18.54 -43.80 12.33
N ASN O 160 19.24 -44.32 13.32
CA ASN O 160 19.00 -45.69 13.77
C ASN O 160 17.57 -45.83 14.31
N LYS O 161 17.11 -44.87 15.10
CA LYS O 161 15.74 -44.94 15.60
C LYS O 161 14.73 -44.91 14.45
N PHE O 162 14.94 -44.01 13.48
CA PHE O 162 14.00 -43.92 12.36
C PHE O 162 13.95 -45.23 11.56
N LEU O 163 15.11 -45.81 11.26
CA LEU O 163 15.16 -47.03 10.49
C LEU O 163 14.53 -48.20 11.25
N SER O 164 14.75 -48.27 12.56
CA SER O 164 14.13 -49.33 13.35
C SER O 164 12.62 -49.22 13.34
N ASP O 165 12.09 -47.99 13.45
CA ASP O 165 10.64 -47.81 13.38
C ASP O 165 10.09 -48.27 12.03
N CYS O 166 10.77 -47.89 10.94
CA CYS O 166 10.33 -48.31 9.62
C CYS O 166 10.35 -49.83 9.49
N LEU O 167 11.40 -50.48 10.02
CA LEU O 167 11.50 -51.93 9.94
C LEU O 167 10.37 -52.61 10.70
N SER O 168 10.05 -52.11 11.89
CA SER O 168 8.95 -52.69 12.66
C SER O 168 7.63 -52.55 11.91
N ASN O 169 7.38 -51.38 11.34
CA ASN O 169 6.15 -51.19 10.57
C ASN O 169 6.08 -52.15 9.39
N LEU O 170 7.20 -52.31 8.68
CA LEU O 170 7.21 -53.22 7.53
C LEU O 170 6.95 -54.66 7.96
N HIS O 171 7.57 -55.09 9.05
CA HIS O 171 7.35 -56.45 9.53
C HIS O 171 5.89 -56.67 9.91
N CYS O 172 5.27 -55.67 10.54
CA CYS O 172 3.85 -55.81 10.89
C CYS O 172 2.98 -55.86 9.64
N ILE O 173 3.28 -55.04 8.63
CA ILE O 173 2.40 -54.94 7.47
C ILE O 173 2.36 -56.25 6.68
N GLY O 174 3.52 -56.83 6.41
CA GLY O 174 3.62 -58.03 5.63
C GLY O 174 4.51 -57.83 4.41
N SER O 175 4.47 -58.81 3.51
CA SER O 175 5.31 -58.75 2.32
C SER O 175 4.59 -59.19 1.05
N GLN O 176 3.27 -59.34 1.07
CA GLN O 176 2.51 -59.77 -0.09
C GLN O 176 1.32 -58.85 -0.29
N GLY O 177 0.86 -58.77 -1.54
CA GLY O 177 -0.26 -57.91 -1.87
C GLY O 177 0.17 -56.50 -2.17
N MET O 178 -0.68 -55.53 -1.84
CA MET O 178 -0.40 -54.13 -2.11
C MET O 178 0.05 -53.35 -0.88
N GLY O 179 0.33 -54.02 0.23
CA GLY O 179 0.85 -53.36 1.41
C GLY O 179 2.16 -52.63 1.19
N PRO O 180 3.15 -53.31 0.59
CA PRO O 180 4.41 -52.63 0.28
C PRO O 180 4.24 -51.42 -0.63
N TRP O 181 3.31 -51.47 -1.58
CA TRP O 181 3.10 -50.33 -2.47
C TRP O 181 2.61 -49.11 -1.69
N VAL O 182 1.63 -49.32 -0.81
CA VAL O 182 1.11 -48.22 0.02
C VAL O 182 2.21 -47.69 0.93
N PHE O 183 3.00 -48.59 1.52
CA PHE O 183 4.10 -48.15 2.37
C PHE O 183 5.11 -47.31 1.59
N ASP O 184 5.42 -47.73 0.37
CA ASP O 184 6.38 -46.98 -0.45
C ASP O 184 5.85 -45.59 -0.78
N ARG O 185 4.56 -45.48 -1.12
CA ARG O 185 3.99 -44.16 -1.40
C ARG O 185 4.06 -43.26 -0.18
N TRP O 186 3.71 -43.79 0.99
CA TRP O 186 3.80 -43.02 2.23
C TRP O 186 5.23 -42.59 2.51
N LEU O 187 6.19 -43.49 2.31
CA LEU O 187 7.58 -43.17 2.57
C LEU O 187 8.08 -42.06 1.67
N ALA O 188 7.70 -42.10 0.39
CA ALA O 188 8.06 -41.01 -0.52
C ALA O 188 7.47 -39.69 -0.04
N ARG O 189 6.20 -39.71 0.39
CA ARG O 189 5.58 -38.49 0.86
C ARG O 189 6.32 -37.90 2.06
N ILE O 190 6.70 -38.74 3.02
CA ILE O 190 7.32 -38.19 4.22
C ILE O 190 8.76 -37.78 3.98
N VAL O 191 9.48 -38.48 3.10
CA VAL O 191 10.87 -38.10 2.82
C VAL O 191 10.92 -36.80 2.04
N MET O 192 10.05 -36.64 1.04
CA MET O 192 10.10 -35.47 0.18
C MET O 192 9.79 -34.17 0.94
N SER O 193 9.15 -34.26 2.10
CA SER O 193 8.82 -33.07 2.88
C SER O 193 10.04 -32.48 3.58
N LYS O 194 11.18 -33.15 3.56
CA LYS O 194 12.36 -32.72 4.27
C LYS O 194 13.56 -32.46 3.37
N PHE O 195 13.74 -33.26 2.32
CA PHE O 195 14.94 -33.19 1.50
C PHE O 195 14.59 -32.97 0.04
N LYS O 196 15.40 -32.13 -0.61
CA LYS O 196 15.27 -31.84 -2.04
C LYS O 196 16.63 -31.39 -2.54
N HIS O 197 17.29 -32.21 -3.34
CA HIS O 197 18.63 -31.86 -3.79
C HIS O 197 18.56 -30.83 -4.91
N PRO O 198 19.16 -29.65 -4.74
CA PRO O 198 19.16 -28.67 -5.82
C PRO O 198 20.16 -29.03 -6.90
N LYS O 199 19.96 -28.45 -8.07
CA LYS O 199 20.86 -28.66 -9.19
C LYS O 199 22.18 -27.92 -8.95
N ILE O 200 23.25 -28.49 -9.48
CA ILE O 200 24.58 -27.88 -9.43
C ILE O 200 24.78 -27.06 -10.70
N PRO O 201 25.01 -25.76 -10.61
CA PRO O 201 25.27 -24.96 -11.80
C PRO O 201 26.60 -25.32 -12.45
N SER O 202 26.70 -25.07 -13.75
CA SER O 202 27.88 -25.42 -14.51
C SER O 202 28.07 -24.40 -15.63
N LEU O 203 28.95 -24.74 -16.58
CA LEU O 203 29.22 -23.89 -17.73
C LEU O 203 28.72 -24.57 -19.00
N SER O 204 28.43 -23.75 -20.01
CA SER O 204 27.92 -24.26 -21.28
C SER O 204 28.33 -23.30 -22.40
N THR O 205 27.98 -23.67 -23.63
CA THR O 205 28.27 -22.85 -24.80
C THR O 205 27.05 -22.09 -25.30
N SER O 206 25.96 -22.05 -24.53
CA SER O 206 24.82 -21.24 -24.90
C SER O 206 25.18 -19.76 -24.87
N ASP O 207 24.64 -19.00 -25.82
CA ASP O 207 24.94 -17.58 -25.98
C ASP O 207 26.44 -17.35 -26.11
N LEU O 208 27.02 -17.99 -27.13
CA LEU O 208 28.46 -17.92 -27.33
C LEU O 208 28.93 -16.50 -27.61
N GLU O 209 28.15 -15.74 -28.39
CA GLU O 209 28.55 -14.39 -28.76
C GLU O 209 28.55 -13.42 -27.59
N SER O 210 27.96 -13.79 -26.45
CA SER O 210 27.89 -12.89 -25.31
C SER O 210 29.05 -13.06 -24.34
N ASN O 211 29.58 -14.27 -24.20
CA ASN O 211 30.69 -14.57 -23.30
C ASN O 211 31.87 -15.02 -24.15
N ILE O 212 32.64 -14.06 -24.66
CA ILE O 212 33.62 -14.36 -25.70
C ILE O 212 34.84 -15.08 -25.12
N PRO O 213 35.59 -14.51 -24.15
CA PRO O 213 36.68 -15.28 -23.56
C PRO O 213 36.13 -16.48 -22.81
N ASN O 214 35.26 -16.21 -21.85
CA ASN O 214 34.46 -17.21 -21.14
C ASN O 214 33.47 -16.45 -20.26
N GLU O 215 32.58 -17.19 -19.62
CA GLU O 215 31.49 -16.57 -18.87
C GLU O 215 31.96 -15.94 -17.56
N LEU O 216 32.91 -16.57 -16.87
CA LEU O 216 33.26 -16.13 -15.53
C LEU O 216 34.12 -14.88 -15.51
N PHE O 217 34.95 -14.67 -16.54
CA PHE O 217 36.00 -13.66 -16.46
C PHE O 217 35.45 -12.25 -16.31
N ASP O 218 34.19 -12.00 -16.64
CA ASP O 218 33.63 -10.66 -16.52
C ASP O 218 32.75 -10.48 -15.30
N ALA O 219 32.77 -11.44 -14.36
CA ALA O 219 31.88 -11.39 -13.20
C ALA O 219 31.97 -10.06 -12.48
N GLU O 220 33.20 -9.61 -12.18
CA GLU O 220 33.39 -8.34 -11.49
C GLU O 220 32.68 -7.21 -12.21
N GLY O 221 32.86 -7.14 -13.53
CA GLY O 221 32.20 -6.10 -14.29
C GLY O 221 30.69 -6.11 -14.10
N ASP O 222 30.09 -7.31 -14.12
CA ASP O 222 28.65 -7.42 -13.91
C ASP O 222 28.25 -6.74 -12.61
N MET O 223 29.02 -6.97 -11.55
CA MET O 223 28.68 -6.37 -10.25
C MET O 223 28.57 -4.87 -10.39
N VAL O 224 29.53 -4.24 -11.05
CA VAL O 224 29.49 -2.79 -11.22
C VAL O 224 28.20 -2.38 -11.91
N ARG O 225 27.86 -3.07 -13.01
CA ARG O 225 26.62 -2.79 -13.71
C ARG O 225 25.44 -2.84 -12.75
N ALA O 226 25.37 -3.89 -11.92
CA ALA O 226 24.23 -4.03 -11.03
C ALA O 226 24.13 -2.83 -10.09
N ILE O 227 25.27 -2.37 -9.57
CA ILE O 227 25.23 -1.24 -8.64
C ILE O 227 24.67 -0.01 -9.34
N LYS O 228 24.98 0.16 -10.62
CA LYS O 228 24.48 1.32 -11.34
C LYS O 228 22.98 1.24 -11.59
N LYS O 229 22.40 0.03 -11.57
CA LYS O 229 20.97 -0.08 -11.79
C LYS O 229 20.17 0.33 -10.56
N LEU O 230 20.64 -0.03 -9.38
CA LEU O 230 19.93 0.28 -8.14
C LEU O 230 20.02 1.76 -7.79
N CYS P 22 7.19 -56.50 23.56
CA CYS P 22 8.29 -56.01 22.73
C CYS P 22 9.45 -57.00 22.71
N PRO P 23 9.77 -57.52 21.54
CA PRO P 23 10.88 -58.48 21.43
C PRO P 23 12.23 -57.81 21.28
N SER P 24 12.31 -56.51 21.58
CA SER P 24 13.54 -55.75 21.40
C SER P 24 13.72 -54.82 22.59
N ARG P 25 14.73 -55.09 23.42
CA ARG P 25 15.14 -54.19 24.49
C ARG P 25 16.66 -54.14 24.62
N HIS P 26 17.39 -54.48 23.57
CA HIS P 26 18.83 -54.67 23.63
C HIS P 26 19.57 -53.34 23.49
N ASN P 27 20.87 -53.42 23.23
CA ASN P 27 21.78 -52.27 23.04
C ASN P 27 22.00 -51.51 24.34
N PHE P 28 20.94 -50.89 24.87
CA PHE P 28 21.07 -50.07 26.06
C PHE P 28 21.44 -50.93 27.27
N ASP P 29 22.39 -50.44 28.06
CA ASP P 29 22.85 -51.17 29.24
C ASP P 29 21.74 -51.24 30.29
N PRO P 30 21.40 -52.43 30.79
CA PRO P 30 20.26 -52.53 31.73
C PRO P 30 20.41 -51.72 33.01
N GLU P 31 21.62 -51.63 33.56
CA GLU P 31 21.81 -50.85 34.79
C GLU P 31 21.54 -49.38 34.54
N CYS P 32 22.02 -48.85 33.41
CA CYS P 32 21.72 -47.47 33.05
C CYS P 32 20.22 -47.26 32.88
N GLU P 33 19.54 -48.24 32.27
CA GLU P 33 18.09 -48.12 32.10
C GLU P 33 17.39 -48.06 33.46
N LYS P 34 17.79 -48.90 34.40
CA LYS P 34 17.17 -48.90 35.72
C LYS P 34 17.40 -47.55 36.42
N ALA P 35 18.61 -47.03 36.36
CA ALA P 35 18.89 -45.75 37.00
C ALA P 35 18.10 -44.62 36.34
N PHE P 36 17.97 -44.66 35.02
CA PHE P 36 17.20 -43.64 34.32
C PHE P 36 15.73 -43.67 34.75
N VAL P 37 15.16 -44.87 34.89
CA VAL P 37 13.76 -44.98 35.32
C VAL P 37 13.60 -44.43 36.74
N GLU P 38 14.56 -44.72 37.62
CA GLU P 38 14.52 -44.17 38.96
C GLU P 38 14.52 -42.65 38.94
N HIS P 39 15.39 -42.04 38.12
CA HIS P 39 15.40 -40.59 38.06
C HIS P 39 14.12 -40.02 37.46
N ILE P 40 13.51 -40.74 36.51
CA ILE P 40 12.22 -40.31 35.98
C ILE P 40 11.19 -40.21 37.09
N HIS P 41 11.16 -41.22 37.96
CA HIS P 41 10.20 -41.19 39.06
C HIS P 41 10.50 -40.04 40.03
N LEU P 42 11.79 -39.75 40.23
CA LEU P 42 12.14 -38.60 41.08
C LEU P 42 11.59 -37.29 40.49
N GLU P 43 11.75 -37.10 39.19
CA GLU P 43 11.23 -35.89 38.55
C GLU P 43 9.71 -35.81 38.65
N LEU P 44 9.03 -36.94 38.47
CA LEU P 44 7.57 -36.95 38.60
C LEU P 44 7.15 -36.56 40.01
N ALA P 45 7.86 -37.06 41.02
CA ALA P 45 7.53 -36.70 42.40
C ALA P 45 7.71 -35.21 42.64
N SER P 46 8.78 -34.62 42.09
CA SER P 46 8.98 -33.18 42.24
C SER P 46 7.84 -32.39 41.59
N SER P 47 7.43 -32.81 40.39
CA SER P 47 6.32 -32.16 39.73
C SER P 47 5.04 -32.24 40.56
N TYR P 48 4.78 -33.40 41.16
CA TYR P 48 3.61 -33.54 42.00
C TYR P 48 3.68 -32.64 43.22
N HIS P 49 4.85 -32.53 43.83
CA HIS P 49 4.97 -31.72 45.05
C HIS P 49 4.79 -30.24 44.77
N ALA P 50 5.14 -29.77 43.56
CA ALA P 50 4.88 -28.37 43.25
C ALA P 50 3.38 -28.03 43.28
N TRP P 51 2.54 -29.02 42.96
CA TRP P 51 1.08 -28.80 42.94
C TRP P 51 0.56 -28.43 44.32
N SER P 52 1.08 -29.07 45.36
CA SER P 52 0.60 -28.79 46.72
C SER P 52 0.91 -27.35 47.12
N MET P 53 2.11 -26.87 46.80
CA MET P 53 2.44 -25.48 47.09
C MET P 53 1.54 -24.53 46.31
N TRP P 54 1.29 -24.84 45.03
CA TRP P 54 0.39 -24.01 44.24
C TRP P 54 -0.99 -23.93 44.88
N ALA P 55 -1.51 -25.07 45.34
CA ALA P 55 -2.83 -25.07 45.97
C ALA P 55 -2.82 -24.34 47.30
N PHE P 56 -1.72 -24.45 48.05
CA PHE P 56 -1.66 -23.79 49.35
C PHE P 56 -1.67 -22.27 49.20
N TYR P 57 -0.93 -21.74 48.24
CA TYR P 57 -0.83 -20.29 48.17
C TYR P 57 -2.01 -19.63 47.44
N ALA P 58 -2.94 -20.42 46.92
CA ALA P 58 -4.11 -19.87 46.24
C ALA P 58 -5.34 -19.81 47.13
N ARG P 59 -5.22 -20.15 48.41
CA ARG P 59 -6.36 -20.09 49.32
C ARG P 59 -6.81 -18.63 49.50
N ASP P 60 -8.09 -18.45 49.80
CA ASP P 60 -8.62 -17.11 49.94
C ASP P 60 -8.06 -16.38 51.14
N CYS P 61 -7.45 -17.10 52.08
CA CYS P 61 -6.82 -16.47 53.23
C CYS P 61 -5.31 -16.26 53.03
N LYS P 62 -4.77 -16.65 51.88
CA LYS P 62 -3.37 -16.41 51.55
C LYS P 62 -3.24 -15.45 50.39
N ALA P 63 -3.78 -15.79 49.22
CA ALA P 63 -3.87 -14.92 48.06
C ALA P 63 -2.53 -14.28 47.71
N ALA P 64 -1.55 -15.12 47.38
CA ALA P 64 -0.23 -14.68 46.95
C ALA P 64 -0.07 -15.04 45.49
N VAL P 65 -0.21 -14.06 44.61
CA VAL P 65 -0.26 -14.33 43.17
C VAL P 65 1.11 -14.75 42.65
N GLY P 66 2.19 -14.11 43.12
CA GLY P 66 3.51 -14.42 42.61
C GLY P 66 3.93 -15.85 42.91
N MET P 67 3.72 -16.30 44.14
CA MET P 67 4.06 -17.67 44.50
C MET P 67 3.23 -18.67 43.70
N THR P 68 1.96 -18.35 43.46
CA THR P 68 1.10 -19.22 42.65
C THR P 68 1.67 -19.38 41.25
N ARG P 69 2.03 -18.26 40.60
CA ARG P 69 2.59 -18.34 39.26
C ARG P 69 3.89 -19.14 39.24
N LEU P 70 4.76 -18.88 40.22
CA LEU P 70 6.05 -19.56 40.25
C LEU P 70 5.87 -21.07 40.42
N CYS P 71 4.98 -21.49 41.32
CA CYS P 71 4.78 -22.91 41.56
C CYS P 71 4.17 -23.60 40.34
N GLU P 72 3.22 -22.94 39.67
CA GLU P 72 2.65 -23.51 38.46
C GLU P 72 3.73 -23.72 37.39
N TRP P 73 4.57 -22.71 37.19
CA TRP P 73 5.65 -22.81 36.22
C TRP P 73 6.60 -23.95 36.57
N ALA P 74 6.94 -24.09 37.85
CA ALA P 74 7.86 -25.14 38.27
C ALA P 74 7.28 -26.53 38.01
N SER P 75 6.00 -26.71 38.30
CA SER P 75 5.39 -28.02 38.07
C SER P 75 5.42 -28.38 36.59
N HIS P 76 5.09 -27.43 35.72
CA HIS P 76 5.12 -27.72 34.29
C HIS P 76 6.55 -28.05 33.82
N VAL P 77 7.54 -27.32 34.33
CA VAL P 77 8.92 -27.58 33.94
C VAL P 77 9.35 -28.99 34.35
N SER P 78 9.01 -29.40 35.57
CA SER P 78 9.38 -30.75 36.02
C SER P 78 8.71 -31.82 35.19
N ALA P 79 7.42 -31.63 34.85
CA ALA P 79 6.75 -32.62 34.00
C ALA P 79 7.43 -32.74 32.65
N GLN P 80 7.81 -31.60 32.05
CA GLN P 80 8.51 -31.65 30.77
C GLN P 80 9.84 -32.39 30.88
N ARG P 81 10.57 -32.18 31.98
CA ARG P 81 11.85 -32.87 32.16
C ARG P 81 11.66 -34.38 32.23
N ALA P 82 10.64 -34.82 32.98
CA ALA P 82 10.37 -36.26 33.06
C ALA P 82 10.04 -36.83 31.69
N ARG P 83 9.22 -36.10 30.92
CA ARG P 83 8.88 -36.56 29.57
C ARG P 83 10.13 -36.67 28.69
N ARG P 84 11.04 -35.70 28.80
CA ARG P 84 12.25 -35.72 27.99
C ARG P 84 13.13 -36.93 28.33
N MET P 85 13.29 -37.23 29.62
CA MET P 85 14.11 -38.39 29.97
C MET P 85 13.48 -39.69 29.49
N ALA P 86 12.16 -39.81 29.61
CA ALA P 86 11.49 -41.01 29.11
C ALA P 86 11.67 -41.15 27.60
N ALA P 87 11.57 -40.03 26.87
CA ALA P 87 11.77 -40.06 25.43
C ALA P 87 13.19 -40.50 25.08
N TYR P 88 14.18 -40.03 25.83
CA TYR P 88 15.54 -40.46 25.55
C TYR P 88 15.70 -41.96 25.78
N VAL P 89 15.11 -42.49 26.85
CA VAL P 89 15.21 -43.92 27.09
C VAL P 89 14.57 -44.69 25.94
N LEU P 90 13.41 -44.23 25.46
CA LEU P 90 12.74 -44.93 24.36
C LEU P 90 13.54 -44.84 23.06
N THR P 91 14.24 -43.73 22.84
CA THR P 91 15.01 -43.58 21.60
C THR P 91 16.14 -44.60 21.51
N ARG P 92 16.77 -44.91 22.63
CA ARG P 92 17.87 -45.87 22.64
C ARG P 92 17.42 -47.32 22.58
N GLY P 93 16.11 -47.57 22.63
CA GLY P 93 15.59 -48.91 22.49
C GLY P 93 15.17 -49.61 23.77
N GLY P 94 15.05 -48.88 24.89
CA GLY P 94 14.67 -49.48 26.14
C GLY P 94 13.18 -49.41 26.41
N HIS P 95 12.80 -49.85 27.60
CA HIS P 95 11.41 -49.82 28.07
C HIS P 95 11.33 -48.97 29.33
N VAL P 96 10.16 -48.38 29.56
CA VAL P 96 9.90 -47.58 30.75
C VAL P 96 8.77 -48.23 31.53
N ASP P 97 9.02 -48.53 32.80
CA ASP P 97 8.01 -49.10 33.69
C ASP P 97 7.69 -48.10 34.78
N TYR P 98 6.41 -47.82 34.97
CA TYR P 98 5.95 -46.81 35.90
C TYR P 98 5.45 -47.45 37.19
N LYS P 99 5.67 -46.75 38.31
CA LYS P 99 5.26 -47.24 39.60
C LYS P 99 4.62 -46.10 40.39
N GLU P 100 4.45 -46.33 41.68
CA GLU P 100 3.66 -45.47 42.55
C GLU P 100 4.36 -44.15 42.84
N ILE P 101 3.56 -43.10 42.95
CA ILE P 101 4.05 -41.74 43.21
C ILE P 101 3.64 -41.37 44.64
N PRO P 102 4.59 -41.13 45.54
CA PRO P 102 4.22 -40.84 46.94
C PRO P 102 3.67 -39.44 47.12
N ALA P 103 2.92 -39.27 48.20
CA ALA P 103 2.34 -37.99 48.55
C ALA P 103 3.38 -37.08 49.22
N PRO P 104 3.26 -35.77 49.05
CA PRO P 104 4.17 -34.85 49.76
C PRO P 104 3.94 -34.89 51.26
N LYS P 105 5.02 -34.66 52.01
CA LYS P 105 4.95 -34.80 53.46
C LYS P 105 4.33 -33.58 54.12
N LYS P 106 4.96 -32.41 53.96
CA LYS P 106 4.46 -31.18 54.55
C LYS P 106 3.69 -30.40 53.50
N GLN P 107 2.54 -29.85 53.91
CA GLN P 107 1.67 -29.09 53.01
C GLN P 107 1.36 -27.70 53.57
N GLY P 108 2.28 -27.16 54.37
CA GLY P 108 2.12 -25.81 54.89
C GLY P 108 3.47 -25.18 55.15
N TRP P 109 3.53 -23.86 55.02
CA TRP P 109 4.77 -23.13 55.20
C TRP P 109 4.50 -21.84 55.96
N ASP P 110 5.38 -21.52 56.90
CA ASP P 110 5.17 -20.34 57.75
C ASP P 110 5.37 -19.05 56.97
N ASN P 111 6.40 -18.99 56.12
CA ASN P 111 6.66 -17.81 55.32
C ASN P 111 7.35 -18.24 54.02
N PHE P 112 7.65 -17.26 53.18
CA PHE P 112 8.23 -17.55 51.87
C PHE P 112 9.62 -18.18 51.98
N GLU P 113 10.36 -17.82 53.03
CA GLU P 113 11.73 -18.32 53.17
C GLU P 113 11.75 -19.84 53.28
N ASP P 114 10.82 -20.42 54.03
CA ASP P 114 10.78 -21.87 54.17
C ASP P 114 10.53 -22.55 52.83
N ALA P 115 9.59 -22.02 52.03
CA ALA P 115 9.31 -22.60 50.73
C ALA P 115 10.52 -22.52 49.82
N PHE P 116 11.21 -21.37 49.79
CA PHE P 116 12.38 -21.24 48.94
C PHE P 116 13.50 -22.19 49.39
N SER P 117 13.68 -22.35 50.70
CA SER P 117 14.68 -23.29 51.19
C SER P 117 14.34 -24.72 50.78
N HIS P 118 13.06 -25.08 50.87
CA HIS P 118 12.64 -26.42 50.43
C HIS P 118 12.97 -26.65 48.96
N CYS P 119 12.68 -25.66 48.12
CA CYS P 119 12.97 -25.80 46.70
C CYS P 119 14.48 -25.93 46.44
N VAL P 120 15.29 -25.15 47.17
CA VAL P 120 16.74 -25.21 46.98
C VAL P 120 17.26 -26.61 47.36
N ALA P 121 16.78 -27.16 48.46
CA ALA P 121 17.20 -28.49 48.87
C ALA P 121 16.82 -29.54 47.83
N ASN P 122 15.61 -29.42 47.28
CA ASN P 122 15.20 -30.36 46.24
C ASN P 122 16.11 -30.27 45.01
N LYS P 123 16.49 -29.06 44.62
CA LYS P 123 17.39 -28.90 43.49
C LYS P 123 18.74 -29.57 43.76
N LYS P 124 19.25 -29.42 44.98
CA LYS P 124 20.52 -30.06 45.31
C LYS P 124 20.42 -31.58 45.20
N ARG P 125 19.31 -32.15 45.69
CA ARG P 125 19.12 -33.59 45.58
C ARG P 125 19.08 -34.05 44.13
N ILE P 126 18.38 -33.30 43.27
CA ILE P 126 18.30 -33.65 41.86
C ILE P 126 19.69 -33.63 41.23
N LEU P 127 20.49 -32.61 41.56
CA LEU P 127 21.83 -32.51 40.99
C LEU P 127 22.70 -33.69 41.42
N THR P 128 22.60 -34.10 42.68
CA THR P 128 23.38 -35.25 43.14
C THR P 128 23.01 -36.51 42.37
N SER P 129 21.70 -36.73 42.17
CA SER P 129 21.27 -37.90 41.41
C SER P 129 21.80 -37.87 39.98
N LEU P 130 21.74 -36.70 39.34
CA LEU P 130 22.23 -36.61 37.96
C LEU P 130 23.73 -36.86 37.88
N GLN P 131 24.49 -36.37 38.86
CA GLN P 131 25.93 -36.63 38.87
C GLN P 131 26.22 -38.12 39.01
N SER P 132 25.46 -38.82 39.86
CA SER P 132 25.63 -40.26 39.98
C SER P 132 25.34 -40.96 38.64
N LEU P 133 24.28 -40.53 37.95
CA LEU P 133 23.97 -41.11 36.65
C LEU P 133 25.14 -40.91 35.66
N TYR P 134 25.67 -39.69 35.62
CA TYR P 134 26.78 -39.41 34.71
C TYR P 134 27.98 -40.29 35.04
N GLN P 135 28.29 -40.45 36.32
CA GLN P 135 29.39 -41.32 36.70
C GLN P 135 29.16 -42.75 36.25
N CYS P 136 27.91 -43.22 36.38
CA CYS P 136 27.61 -44.60 35.98
C CYS P 136 27.81 -44.82 34.49
N CYS P 137 27.36 -43.88 33.65
CA CYS P 137 27.34 -44.11 32.21
C CYS P 137 28.56 -43.55 31.49
N GLN P 138 29.54 -43.01 32.21
CA GLN P 138 30.63 -42.28 31.56
C GLN P 138 31.60 -43.21 30.83
N SER P 139 31.86 -44.39 31.37
CA SER P 139 32.93 -45.22 30.84
C SER P 139 32.62 -45.75 29.44
N LYS P 140 31.39 -46.21 29.21
CA LYS P 140 31.04 -46.86 27.95
C LYS P 140 30.35 -45.93 26.96
N ASP P 141 29.23 -45.33 27.33
CA ASP P 141 28.39 -44.59 26.40
C ASP P 141 28.72 -43.10 26.46
N ALA P 142 29.32 -42.58 25.39
CA ALA P 142 29.64 -41.16 25.32
C ALA P 142 28.41 -40.30 25.07
N HIS P 143 27.51 -40.76 24.20
CA HIS P 143 26.32 -39.98 23.88
C HIS P 143 25.42 -39.83 25.11
N CYS P 144 25.29 -40.89 25.90
CA CYS P 144 24.46 -40.82 27.11
C CYS P 144 25.02 -39.81 28.11
N SER P 145 26.34 -39.82 28.31
CA SER P 145 26.95 -38.88 29.25
C SER P 145 26.81 -37.45 28.74
N ASN P 146 26.97 -37.24 27.43
CA ASN P 146 26.77 -35.90 26.88
C ASN P 146 25.32 -35.44 27.08
N PHE P 147 24.36 -36.34 26.87
CA PHE P 147 22.96 -35.98 27.09
C PHE P 147 22.73 -35.60 28.55
N ILE P 148 23.31 -36.35 29.48
CA ILE P 148 23.13 -36.05 30.90
C ILE P 148 23.71 -34.67 31.22
N GLN P 149 24.92 -34.39 30.74
CA GLN P 149 25.57 -33.15 31.16
C GLN P 149 25.07 -31.93 30.40
N THR P 150 24.39 -32.09 29.26
CA THR P 150 23.87 -30.93 28.55
C THR P 150 22.37 -30.72 28.76
N ASP P 151 21.55 -31.74 28.53
CA ASP P 151 20.10 -31.57 28.50
C ASP P 151 19.43 -31.67 29.85
N MET P 152 20.15 -32.00 30.92
CA MET P 152 19.52 -32.15 32.22
C MET P 152 20.10 -31.28 33.32
N MET P 153 21.40 -30.94 33.27
CA MET P 153 22.04 -30.22 34.37
C MET P 153 21.90 -28.71 34.27
N ASP P 154 21.88 -28.17 33.04
CA ASP P 154 21.88 -26.73 32.85
C ASP P 154 20.68 -26.06 33.49
N GLU P 155 19.49 -26.65 33.28
CA GLU P 155 18.27 -26.10 33.87
C GLU P 155 18.39 -26.05 35.39
N VAL P 156 18.90 -27.13 35.99
CA VAL P 156 19.00 -27.19 37.44
C VAL P 156 19.94 -26.12 37.96
N ILE P 157 21.08 -25.92 37.30
CA ILE P 157 22.04 -24.92 37.74
C ILE P 157 21.41 -23.52 37.68
N ALA P 158 20.75 -23.21 36.56
CA ALA P 158 20.14 -21.88 36.42
C ALA P 158 19.05 -21.65 37.45
N TRP P 159 18.18 -22.65 37.66
CA TRP P 159 17.10 -22.50 38.62
C TRP P 159 17.65 -22.35 40.04
N ASN P 160 18.71 -23.08 40.37
CA ASN P 160 19.31 -22.95 41.70
C ASN P 160 19.83 -21.54 41.92
N LYS P 161 20.50 -20.96 40.91
CA LYS P 161 20.98 -19.58 41.07
C LYS P 161 19.82 -18.62 41.28
N PHE P 162 18.76 -18.75 40.48
CA PHE P 162 17.62 -17.84 40.61
C PHE P 162 16.98 -17.94 42.00
N LEU P 163 16.77 -19.17 42.49
CA LEU P 163 16.14 -19.35 43.78
C LEU P 163 17.02 -18.82 44.91
N SER P 164 18.33 -19.01 44.81
CA SER P 164 19.23 -18.48 45.83
C SER P 164 19.18 -16.96 45.87
N ASP P 165 19.15 -16.31 44.70
CA ASP P 165 19.03 -14.86 44.67
C ASP P 165 17.73 -14.39 45.33
N CYS P 166 16.62 -15.06 45.01
CA CYS P 166 15.35 -14.69 45.63
C CYS P 166 15.40 -14.87 47.14
N LEU P 167 16.02 -15.96 47.61
CA LEU P 167 16.11 -16.21 49.05
C LEU P 167 16.93 -15.13 49.76
N SER P 168 18.05 -14.73 49.16
CA SER P 168 18.86 -13.66 49.76
C SER P 168 18.08 -12.36 49.83
N ASN P 169 17.36 -12.02 48.76
CA ASN P 169 16.56 -10.79 48.77
C ASN P 169 15.49 -10.85 49.87
N LEU P 170 14.82 -12.00 50.01
CA LEU P 170 13.79 -12.13 51.03
C LEU P 170 14.38 -12.00 52.43
N HIS P 171 15.53 -12.62 52.66
CA HIS P 171 16.15 -12.53 53.98
C HIS P 171 16.53 -11.10 54.31
N CYS P 172 17.03 -10.35 53.31
CA CYS P 172 17.36 -8.95 53.55
C CYS P 172 16.10 -8.12 53.83
N ILE P 173 15.01 -8.39 53.11
CA ILE P 173 13.82 -7.54 53.22
C ILE P 173 13.21 -7.65 54.61
N GLY P 174 13.03 -8.86 55.10
CA GLY P 174 12.40 -9.10 56.39
C GLY P 174 11.21 -10.01 56.25
N SER P 175 10.41 -10.06 57.31
CA SER P 175 9.23 -10.93 57.32
C SER P 175 8.00 -10.28 57.95
N GLN P 176 8.01 -8.98 58.22
CA GLN P 176 6.90 -8.31 58.85
C GLN P 176 6.56 -7.03 58.09
N GLY P 177 5.31 -6.62 58.19
CA GLY P 177 4.85 -5.44 57.49
C GLY P 177 4.39 -5.74 56.08
N MET P 178 4.59 -4.80 55.17
CA MET P 178 4.18 -4.96 53.78
C MET P 178 5.33 -5.29 52.85
N GLY P 179 6.51 -5.62 53.37
CA GLY P 179 7.63 -6.01 52.55
C GLY P 179 7.36 -7.25 51.71
N PRO P 180 6.92 -8.34 52.35
CA PRO P 180 6.61 -9.56 51.58
C PRO P 180 5.56 -9.34 50.50
N TRP P 181 4.57 -8.49 50.76
CA TRP P 181 3.50 -8.24 49.79
C TRP P 181 4.04 -7.55 48.54
N VAL P 182 4.89 -6.53 48.74
CA VAL P 182 5.51 -5.84 47.62
C VAL P 182 6.41 -6.80 46.84
N PHE P 183 7.17 -7.62 47.57
CA PHE P 183 7.99 -8.64 46.92
C PHE P 183 7.12 -9.57 46.09
N ASP P 184 5.96 -9.96 46.60
CA ASP P 184 5.08 -10.86 45.86
C ASP P 184 4.59 -10.22 44.57
N ARG P 185 4.21 -8.93 44.61
CA ARG P 185 3.83 -8.29 43.35
C ARG P 185 4.98 -8.33 42.35
N TRP P 186 6.18 -7.97 42.80
CA TRP P 186 7.32 -7.93 41.90
C TRP P 186 7.59 -9.32 41.30
N LEU P 187 7.50 -10.36 42.12
CA LEU P 187 7.72 -11.72 41.63
C LEU P 187 6.70 -12.10 40.58
N ALA P 188 5.43 -11.75 40.82
CA ALA P 188 4.40 -12.04 39.82
C ALA P 188 4.71 -11.34 38.50
N ARG P 189 5.12 -10.07 38.58
CA ARG P 189 5.43 -9.32 37.37
C ARG P 189 6.56 -9.96 36.59
N ILE P 190 7.64 -10.37 37.28
CA ILE P 190 8.77 -10.90 36.53
C ILE P 190 8.50 -12.31 36.03
N VAL P 191 7.71 -13.11 36.74
CA VAL P 191 7.41 -14.46 36.26
C VAL P 191 6.49 -14.40 35.05
N MET P 192 5.47 -13.54 35.09
CA MET P 192 4.48 -13.49 34.02
C MET P 192 5.08 -13.03 32.69
N SER P 193 6.23 -12.37 32.70
CA SER P 193 6.86 -11.92 31.48
C SER P 193 7.51 -13.05 30.68
N LYS P 194 7.58 -14.24 31.25
CA LYS P 194 8.26 -15.36 30.61
C LYS P 194 7.35 -16.54 30.34
N PHE P 195 6.40 -16.84 31.23
CA PHE P 195 5.61 -18.05 31.15
C PHE P 195 4.12 -17.72 31.12
N LYS P 196 3.39 -18.46 30.30
CA LYS P 196 1.94 -18.34 30.18
C LYS P 196 1.41 -19.67 29.65
N HIS P 197 0.72 -20.42 30.49
CA HIS P 197 0.26 -21.73 30.07
C HIS P 197 -0.98 -21.60 29.18
N PRO P 198 -0.94 -22.08 27.94
CA PRO P 198 -2.13 -22.01 27.09
C PRO P 198 -3.14 -23.08 27.47
N LYS P 199 -4.37 -22.85 27.05
CA LYS P 199 -5.44 -23.80 27.29
C LYS P 199 -5.27 -25.04 26.40
N ILE P 200 -5.71 -26.17 26.93
CA ILE P 200 -5.71 -27.43 26.18
C ILE P 200 -7.06 -27.58 25.50
N PRO P 201 -7.12 -27.68 24.18
CA PRO P 201 -8.39 -27.90 23.50
C PRO P 201 -8.97 -29.27 23.79
N SER P 202 -10.29 -29.38 23.68
CA SER P 202 -10.98 -30.62 24.00
C SER P 202 -12.21 -30.74 23.10
N LEU P 203 -13.10 -31.67 23.45
CA LEU P 203 -14.33 -31.90 22.72
C LEU P 203 -15.53 -31.50 23.59
N SER P 204 -16.63 -31.16 22.93
CA SER P 204 -17.84 -30.73 23.63
C SER P 204 -19.05 -31.08 22.77
N THR P 205 -20.25 -30.80 23.30
CA THR P 205 -21.49 -31.05 22.60
C THR P 205 -22.10 -29.77 22.02
N SER P 206 -21.36 -28.66 22.00
CA SER P 206 -21.84 -27.46 21.36
C SER P 206 -21.97 -27.67 19.85
N ASP P 207 -23.02 -27.09 19.27
CA ASP P 207 -23.34 -27.26 17.85
C ASP P 207 -23.47 -28.73 17.49
N LEU P 208 -24.40 -29.39 18.18
CA LEU P 208 -24.58 -30.83 17.99
C LEU P 208 -25.01 -31.16 16.57
N GLU P 209 -25.88 -30.34 15.99
CA GLU P 209 -26.41 -30.61 14.65
C GLU P 209 -25.36 -30.49 13.56
N SER P 210 -24.19 -29.90 13.85
CA SER P 210 -23.17 -29.72 12.85
C SER P 210 -22.17 -30.86 12.79
N ASN P 211 -21.88 -31.50 13.93
CA ASN P 211 -20.92 -32.61 14.00
C ASN P 211 -21.70 -33.85 14.42
N ILE P 212 -22.31 -34.54 13.45
CA ILE P 212 -23.28 -35.57 13.78
C ILE P 212 -22.60 -36.84 14.29
N PRO P 213 -21.70 -37.50 13.54
CA PRO P 213 -21.00 -38.65 14.13
C PRO P 213 -20.12 -38.19 15.29
N ASN P 214 -19.22 -37.27 14.99
CA ASN P 214 -18.41 -36.55 15.98
C ASN P 214 -17.64 -35.47 15.23
N GLU P 215 -16.93 -34.64 15.98
CA GLU P 215 -16.28 -33.47 15.39
C GLU P 215 -15.05 -33.84 14.58
N LEU P 216 -14.27 -34.83 15.02
CA LEU P 216 -12.99 -35.10 14.40
C LEU P 216 -13.10 -35.83 13.07
N PHE P 217 -14.13 -36.66 12.90
CA PHE P 217 -14.15 -37.60 11.79
C PHE P 217 -14.17 -36.92 10.43
N ASP P 218 -14.55 -35.65 10.35
CA ASP P 218 -14.60 -34.96 9.06
C ASP P 218 -13.42 -34.03 8.84
N ALA P 219 -12.38 -34.12 9.67
CA ALA P 219 -11.25 -33.20 9.58
C ALA P 219 -10.68 -33.14 8.17
N GLU P 220 -10.42 -34.31 7.58
CA GLU P 220 -9.87 -34.35 6.23
C GLU P 220 -10.73 -33.56 5.26
N GLY P 221 -12.05 -33.76 5.32
CA GLY P 221 -12.94 -33.03 4.45
C GLY P 221 -12.77 -31.52 4.58
N ASP P 222 -12.66 -31.05 5.84
CA ASP P 222 -12.47 -29.62 6.06
C ASP P 222 -11.26 -29.11 5.28
N MET P 223 -10.17 -29.88 5.31
CA MET P 223 -8.96 -29.44 4.61
C MET P 223 -9.27 -29.19 3.15
N VAL P 224 -9.98 -30.11 2.50
CA VAL P 224 -10.32 -29.93 1.09
C VAL P 224 -11.08 -28.62 0.90
N ARG P 225 -12.09 -28.39 1.74
CA ARG P 225 -12.84 -27.14 1.67
C ARG P 225 -11.90 -25.94 1.72
N ALA P 226 -10.96 -25.96 2.67
CA ALA P 226 -10.08 -24.81 2.82
C ALA P 226 -9.28 -24.56 1.54
N ILE P 227 -8.80 -25.64 0.91
CA ILE P 227 -8.01 -25.47 -0.30
C ILE P 227 -8.85 -24.81 -1.38
N LYS P 228 -10.15 -25.14 -1.44
CA LYS P 228 -11.00 -24.55 -2.45
C LYS P 228 -11.27 -23.07 -2.19
N LYS P 229 -11.11 -22.61 -0.95
CA LYS P 229 -11.34 -21.20 -0.67
C LYS P 229 -10.18 -20.33 -1.13
N LEU P 230 -8.96 -20.80 -0.96
CA LEU P 230 -7.77 -20.03 -1.33
C LEU P 230 -7.61 -19.97 -2.84
N CYS Q 22 -0.56 -25.31 -56.20
CA CYS Q 22 0.72 -24.78 -55.75
C CYS Q 22 1.82 -25.06 -56.77
N PRO Q 23 2.41 -24.00 -57.32
CA PRO Q 23 3.48 -24.19 -58.31
C PRO Q 23 4.85 -24.38 -57.68
N SER Q 24 4.89 -24.67 -56.38
CA SER Q 24 6.14 -24.79 -55.66
C SER Q 24 6.05 -25.97 -54.70
N ARG Q 25 6.82 -27.03 -54.99
CA ARG Q 25 6.97 -28.16 -54.08
C ARG Q 25 8.41 -28.67 -54.06
N HIS Q 26 9.38 -27.84 -54.43
CA HIS Q 26 10.75 -28.26 -54.66
C HIS Q 26 11.53 -28.29 -53.35
N ASN Q 27 12.86 -28.35 -53.47
CA ASN Q 27 13.81 -28.40 -52.35
C ASN Q 27 13.73 -29.69 -51.57
N PHE Q 28 12.59 -29.93 -50.92
CA PHE Q 28 12.45 -31.11 -50.07
C PHE Q 28 12.48 -32.39 -50.92
N ASP Q 29 13.22 -33.38 -50.44
CA ASP Q 29 13.35 -34.64 -51.16
C ASP Q 29 12.01 -35.38 -51.18
N PRO Q 30 11.52 -35.80 -52.35
CA PRO Q 30 10.18 -36.42 -52.40
C PRO Q 30 10.03 -37.69 -51.58
N GLU Q 31 11.07 -38.53 -51.50
CA GLU Q 31 10.97 -39.75 -50.70
C GLU Q 31 10.81 -39.42 -49.23
N CYS Q 32 11.57 -38.44 -48.73
CA CYS Q 32 11.41 -38.01 -47.35
C CYS Q 32 10.01 -37.46 -47.11
N GLU Q 33 9.47 -36.72 -48.08
CA GLU Q 33 8.12 -36.19 -47.94
C GLU Q 33 7.10 -37.33 -47.83
N LYS Q 34 7.23 -38.35 -48.66
CA LYS Q 34 6.31 -39.48 -48.62
C LYS Q 34 6.39 -40.19 -47.26
N ALA Q 35 7.60 -40.43 -46.78
CA ALA Q 35 7.74 -41.10 -45.49
C ALA Q 35 7.18 -40.26 -44.36
N PHE Q 36 7.38 -38.94 -44.41
CA PHE Q 36 6.83 -38.06 -43.39
C PHE Q 36 5.30 -38.11 -43.38
N VAL Q 37 4.68 -38.12 -44.56
CA VAL Q 37 3.22 -38.19 -44.62
C VAL Q 37 2.72 -39.52 -44.04
N GLU Q 38 3.43 -40.61 -44.34
CA GLU Q 38 3.07 -41.89 -43.76
C GLU Q 38 3.12 -41.86 -42.24
N HIS Q 39 4.18 -41.27 -41.67
CA HIS Q 39 4.25 -41.20 -40.22
C HIS Q 39 3.18 -40.29 -39.63
N ILE Q 40 2.80 -39.23 -40.36
CA ILE Q 40 1.70 -38.38 -39.90
C ILE Q 40 0.43 -39.21 -39.76
N HIS Q 41 0.15 -40.05 -40.75
CA HIS Q 41 -1.05 -40.88 -40.67
C HIS Q 41 -0.96 -41.88 -39.52
N LEU Q 42 0.24 -42.39 -39.25
CA LEU Q 42 0.40 -43.28 -38.10
C LEU Q 42 0.06 -42.57 -36.78
N GLU Q 43 0.54 -41.33 -36.62
CA GLU Q 43 0.24 -40.57 -35.41
C GLU Q 43 -1.26 -40.30 -35.29
N LEU Q 44 -1.91 -39.96 -36.40
CA LEU Q 44 -3.35 -39.72 -36.37
C LEU Q 44 -4.10 -40.98 -35.95
N ALA Q 45 -3.68 -42.15 -36.45
CA ALA Q 45 -4.33 -43.39 -36.05
C ALA Q 45 -4.17 -43.65 -34.56
N SER Q 46 -2.98 -43.38 -34.01
CA SER Q 46 -2.78 -43.56 -32.58
C SER Q 46 -3.70 -42.64 -31.77
N SER Q 47 -3.81 -41.38 -32.20
CA SER Q 47 -4.71 -40.45 -31.53
C SER Q 47 -6.15 -40.93 -31.56
N TYR Q 48 -6.59 -41.46 -32.71
CA TYR Q 48 -7.94 -41.99 -32.80
C TYR Q 48 -8.15 -43.18 -31.87
N HIS Q 49 -7.16 -44.06 -31.78
CA HIS Q 49 -7.32 -45.26 -30.96
C HIS Q 49 -7.38 -44.93 -29.48
N ALA Q 50 -6.73 -43.84 -29.04
CA ALA Q 50 -6.87 -43.45 -27.64
C ALA Q 50 -8.31 -43.10 -27.27
N TRP Q 51 -9.08 -42.59 -28.23
CA TRP Q 51 -10.47 -42.21 -27.98
C TRP Q 51 -11.31 -43.42 -27.57
N SER Q 52 -11.09 -44.56 -28.20
CA SER Q 52 -11.88 -45.75 -27.88
C SER Q 52 -11.63 -46.20 -26.45
N MET Q 53 -10.38 -46.18 -26.00
CA MET Q 53 -10.09 -46.53 -24.61
C MET Q 53 -10.75 -45.53 -23.65
N TRP Q 54 -10.68 -44.24 -23.98
CA TRP Q 54 -11.33 -43.24 -23.15
C TRP Q 54 -12.82 -43.52 -23.02
N ALA Q 55 -13.47 -43.85 -24.14
CA ALA Q 55 -14.91 -44.12 -24.10
C ALA Q 55 -15.21 -45.41 -23.34
N PHE Q 56 -14.33 -46.41 -23.46
CA PHE Q 56 -14.57 -47.67 -22.78
C PHE Q 56 -14.50 -47.51 -21.26
N TYR Q 57 -13.53 -46.76 -20.77
CA TYR Q 57 -13.37 -46.69 -19.32
C TYR Q 57 -14.31 -45.68 -18.65
N ALA Q 58 -15.11 -44.96 -19.42
CA ALA Q 58 -16.06 -44.00 -18.86
C ALA Q 58 -17.47 -44.56 -18.75
N ARG Q 59 -17.68 -45.83 -19.07
CA ARG Q 59 -19.00 -46.43 -18.96
C ARG Q 59 -19.44 -46.47 -17.49
N ASP Q 60 -20.76 -46.44 -17.27
CA ASP Q 60 -21.27 -46.43 -15.92
C ASP Q 60 -21.00 -47.72 -15.17
N CYS Q 61 -20.67 -48.80 -15.89
CA CYS Q 61 -20.31 -50.06 -15.26
C CYS Q 61 -18.81 -50.24 -15.09
N LYS Q 62 -18.00 -49.26 -15.52
CA LYS Q 62 -16.56 -49.29 -15.32
C LYS Q 62 -16.11 -48.19 -14.38
N ALA Q 63 -16.36 -46.92 -14.73
CA ALA Q 63 -16.14 -45.76 -13.88
C ALA Q 63 -14.73 -45.75 -13.28
N ALA Q 64 -13.73 -45.68 -14.15
CA ALA Q 64 -12.33 -45.59 -13.76
C ALA Q 64 -11.81 -44.22 -14.15
N VAL Q 65 -11.71 -43.32 -13.18
CA VAL Q 65 -11.41 -41.92 -13.48
C VAL Q 65 -9.96 -41.76 -13.94
N GLY Q 66 -9.02 -42.48 -13.32
CA GLY Q 66 -7.62 -42.32 -13.68
C GLY Q 66 -7.33 -42.73 -15.11
N MET Q 67 -7.85 -43.88 -15.53
CA MET Q 67 -7.65 -44.32 -16.90
C MET Q 67 -8.28 -43.35 -17.89
N THR Q 68 -9.45 -42.80 -17.55
CA THR Q 68 -10.10 -41.82 -18.40
C THR Q 68 -9.21 -40.61 -18.61
N ARG Q 69 -8.67 -40.05 -17.51
CA ARG Q 69 -7.80 -38.89 -17.63
C ARG Q 69 -6.55 -39.21 -18.46
N LEU Q 70 -5.94 -40.37 -18.21
CA LEU Q 70 -4.73 -40.73 -18.93
C LEU Q 70 -4.98 -40.87 -20.42
N CYS Q 71 -6.09 -41.52 -20.80
CA CYS Q 71 -6.38 -41.72 -22.21
C CYS Q 71 -6.68 -40.40 -22.92
N GLU Q 72 -7.42 -39.51 -22.25
CA GLU Q 72 -7.68 -38.20 -22.82
C GLU Q 72 -6.38 -37.43 -23.08
N TRP Q 73 -5.49 -37.44 -22.09
CA TRP Q 73 -4.21 -36.77 -22.24
C TRP Q 73 -3.41 -37.36 -23.40
N ALA Q 74 -3.39 -38.68 -23.52
CA ALA Q 74 -2.64 -39.33 -24.59
C ALA Q 74 -3.18 -38.96 -25.96
N SER Q 75 -4.50 -38.92 -26.11
CA SER Q 75 -5.07 -38.56 -27.40
C SER Q 75 -4.69 -37.13 -27.80
N HIS Q 76 -4.76 -36.20 -26.85
CA HIS Q 76 -4.38 -34.82 -27.17
C HIS Q 76 -2.90 -34.74 -27.55
N VAL Q 77 -2.04 -35.46 -26.83
CA VAL Q 77 -0.61 -35.44 -27.14
C VAL Q 77 -0.34 -35.95 -28.55
N SER Q 78 -0.99 -37.06 -28.92
CA SER Q 78 -0.78 -37.60 -30.27
C SER Q 78 -1.25 -36.64 -31.35
N ALA Q 79 -2.41 -35.99 -31.13
CA ALA Q 79 -2.87 -35.02 -32.11
C ALA Q 79 -1.88 -33.87 -32.28
N GLN Q 80 -1.33 -33.38 -31.16
CA GLN Q 80 -0.34 -32.31 -31.26
C GLN Q 80 0.90 -32.76 -32.03
N ARG Q 81 1.34 -34.00 -31.81
CA ARG Q 81 2.51 -34.50 -32.53
C ARG Q 81 2.26 -34.55 -34.04
N ALA Q 82 1.08 -35.02 -34.44
CA ALA Q 82 0.76 -35.05 -35.87
C ALA Q 82 0.75 -33.64 -36.45
N ARG Q 83 0.17 -32.69 -35.72
CA ARG Q 83 0.17 -31.30 -36.19
C ARG Q 83 1.59 -30.76 -36.35
N ARG Q 84 2.47 -31.09 -35.40
CA ARG Q 84 3.85 -30.60 -35.47
C ARG Q 84 4.58 -31.16 -36.69
N MET Q 85 4.41 -32.46 -36.98
CA MET Q 85 5.08 -33.02 -38.15
C MET Q 85 4.55 -32.41 -39.44
N ALA Q 86 3.24 -32.20 -39.53
CA ALA Q 86 2.68 -31.56 -40.72
C ALA Q 86 3.23 -30.15 -40.89
N ALA Q 87 3.34 -29.40 -39.78
CA ALA Q 87 3.89 -28.06 -39.85
C ALA Q 87 5.34 -28.08 -40.33
N TYR Q 88 6.13 -29.05 -39.87
CA TYR Q 88 7.50 -29.13 -40.34
C TYR Q 88 7.56 -29.40 -41.84
N VAL Q 89 6.70 -30.29 -42.33
CA VAL Q 89 6.69 -30.57 -43.76
C VAL Q 89 6.34 -29.30 -44.54
N LEU Q 90 5.35 -28.54 -44.06
CA LEU Q 90 4.96 -27.32 -44.76
C LEU Q 90 6.05 -26.27 -44.71
N THR Q 91 6.82 -26.20 -43.63
CA THR Q 91 7.88 -25.19 -43.52
C THR Q 91 8.96 -25.40 -44.57
N ARG Q 92 9.29 -26.65 -44.88
CA ARG Q 92 10.32 -26.95 -45.86
C ARG Q 92 9.85 -26.79 -47.30
N GLY Q 93 8.57 -26.52 -47.52
CA GLY Q 93 8.06 -26.27 -48.85
C GLY Q 93 7.32 -27.41 -49.51
N GLY Q 94 6.95 -28.46 -48.75
CA GLY Q 94 6.24 -29.59 -49.32
C GLY Q 94 4.74 -29.47 -49.20
N HIS Q 95 4.06 -30.53 -49.62
CA HIS Q 95 2.60 -30.64 -49.54
C HIS Q 95 2.24 -31.84 -48.67
N VAL Q 96 1.06 -31.76 -48.04
CA VAL Q 96 0.54 -32.84 -47.21
C VAL Q 96 -0.77 -33.32 -47.81
N ASP Q 97 -0.85 -34.61 -48.10
CA ASP Q 97 -2.06 -35.23 -48.62
C ASP Q 97 -2.62 -36.20 -47.59
N TYR Q 98 -3.90 -36.06 -47.28
CA TYR Q 98 -4.54 -36.83 -46.24
C TYR Q 98 -5.36 -37.97 -46.84
N LYS Q 99 -5.41 -39.09 -46.13
CA LYS Q 99 -6.15 -40.25 -46.58
C LYS Q 99 -6.93 -40.84 -45.41
N GLU Q 100 -7.42 -42.05 -45.61
CA GLU Q 100 -8.37 -42.68 -44.72
C GLU Q 100 -7.73 -43.12 -43.41
N ILE Q 101 -8.50 -43.01 -42.33
CA ILE Q 101 -8.06 -43.38 -40.99
C ILE Q 101 -8.79 -44.65 -40.57
N PRO Q 102 -8.09 -45.76 -40.35
CA PRO Q 102 -8.79 -47.01 -40.02
C PRO Q 102 -9.32 -47.03 -38.60
N ALA Q 103 -10.31 -47.90 -38.39
CA ALA Q 103 -10.92 -48.07 -37.08
C ALA Q 103 -10.05 -48.97 -36.20
N PRO Q 104 -10.09 -48.76 -34.88
CA PRO Q 104 -9.36 -49.66 -33.97
C PRO Q 104 -9.96 -51.05 -33.98
N LYS Q 105 -9.09 -52.05 -33.76
CA LYS Q 105 -9.52 -53.44 -33.87
C LYS Q 105 -10.25 -53.91 -32.62
N LYS Q 106 -9.57 -53.89 -31.48
CA LYS Q 106 -10.16 -54.32 -30.22
C LYS Q 106 -10.62 -53.10 -29.44
N GLN Q 107 -11.82 -53.21 -28.85
CA GLN Q 107 -12.41 -52.12 -28.09
C GLN Q 107 -12.82 -52.57 -26.69
N GLY Q 108 -12.11 -53.55 -26.15
CA GLY Q 108 -12.35 -54.00 -24.78
C GLY Q 108 -11.10 -54.59 -24.19
N TRP Q 109 -10.97 -54.45 -22.87
CA TRP Q 109 -9.78 -54.93 -22.17
C TRP Q 109 -10.20 -55.59 -20.86
N ASP Q 110 -9.57 -56.71 -20.54
CA ASP Q 110 -9.94 -57.46 -19.35
C ASP Q 110 -9.52 -56.75 -18.07
N ASN Q 111 -8.31 -56.18 -18.06
CA ASN Q 111 -7.82 -55.45 -16.90
C ASN Q 111 -6.85 -54.37 -17.37
N PHE Q 112 -6.32 -53.62 -16.42
CA PHE Q 112 -5.45 -52.50 -16.76
C PHE Q 112 -4.15 -52.96 -17.40
N GLU Q 113 -3.68 -54.16 -17.05
CA GLU Q 113 -2.40 -54.64 -17.58
C GLU Q 113 -2.45 -54.77 -19.10
N ASP Q 114 -3.56 -55.27 -19.64
CA ASP Q 114 -3.68 -55.41 -21.09
C ASP Q 114 -3.60 -54.06 -21.78
N ALA Q 115 -4.29 -53.05 -21.24
CA ALA Q 115 -4.26 -51.73 -21.84
C ALA Q 115 -2.86 -51.14 -21.81
N PHE Q 116 -2.15 -51.28 -20.68
CA PHE Q 116 -0.80 -50.74 -20.60
C PHE Q 116 0.14 -51.46 -21.56
N SER Q 117 -0.02 -52.79 -21.70
CA SER Q 117 0.80 -53.52 -22.66
C SER Q 117 0.54 -53.06 -24.09
N HIS Q 118 -0.74 -52.83 -24.42
CA HIS Q 118 -1.08 -52.31 -25.75
C HIS Q 118 -0.40 -50.98 -26.02
N CYS Q 119 -0.44 -50.08 -25.04
CA CYS Q 119 0.19 -48.77 -25.21
C CYS Q 119 1.71 -48.91 -25.38
N VAL Q 120 2.34 -49.80 -24.61
CA VAL Q 120 3.78 -49.98 -24.72
C VAL Q 120 4.16 -50.49 -26.12
N ALA Q 121 3.40 -51.45 -26.63
CA ALA Q 121 3.67 -51.97 -27.97
C ALA Q 121 3.52 -50.88 -29.02
N ASN Q 122 2.50 -50.04 -28.89
CA ASN Q 122 2.32 -48.94 -29.83
C ASN Q 122 3.51 -47.99 -29.79
N LYS Q 123 4.01 -47.68 -28.60
CA LYS Q 123 5.18 -46.81 -28.48
C LYS Q 123 6.39 -47.41 -29.18
N LYS Q 124 6.59 -48.72 -29.02
CA LYS Q 124 7.72 -49.36 -29.69
C LYS Q 124 7.60 -49.25 -31.21
N ARG Q 125 6.39 -49.46 -31.74
CA ARG Q 125 6.19 -49.32 -33.18
C ARG Q 125 6.50 -47.91 -33.67
N ILE Q 126 6.05 -46.91 -32.91
CA ILE Q 126 6.32 -45.52 -33.29
C ILE Q 126 7.82 -45.25 -33.31
N LEU Q 127 8.54 -45.75 -32.31
CA LEU Q 127 9.99 -45.54 -32.26
C LEU Q 127 10.69 -46.18 -33.45
N THR Q 128 10.27 -47.38 -33.83
CA THR Q 128 10.87 -48.03 -34.99
C THR Q 128 10.67 -47.21 -36.25
N SER Q 129 9.45 -46.70 -36.45
CA SER Q 129 9.18 -45.87 -37.62
C SER Q 129 10.05 -44.62 -37.63
N LEU Q 130 10.19 -43.97 -36.48
CA LEU Q 130 11.01 -42.76 -36.42
C LEU Q 130 12.47 -43.06 -36.71
N GLN Q 131 12.98 -44.18 -36.22
CA GLN Q 131 14.36 -44.56 -36.52
C GLN Q 131 14.57 -44.78 -38.01
N SER Q 132 13.60 -45.43 -38.67
CA SER Q 132 13.69 -45.60 -40.12
C SER Q 132 13.72 -44.24 -40.84
N LEU Q 133 12.88 -43.30 -40.39
CA LEU Q 133 12.89 -41.97 -40.99
C LEU Q 133 14.26 -41.30 -40.84
N TYR Q 134 14.83 -41.38 -39.64
CA TYR Q 134 16.13 -40.77 -39.40
C TYR Q 134 17.20 -41.40 -40.30
N GLN Q 135 17.17 -42.72 -40.45
CA GLN Q 135 18.12 -43.37 -41.33
C GLN Q 135 17.96 -42.90 -42.77
N CYS Q 136 16.71 -42.72 -43.20
CA CYS Q 136 16.47 -42.28 -44.58
C CYS Q 136 17.03 -40.88 -44.84
N CYS Q 137 16.83 -39.96 -43.90
CA CYS Q 137 17.17 -38.56 -44.16
C CYS Q 137 18.54 -38.15 -43.64
N GLN Q 138 19.33 -39.08 -43.12
CA GLN Q 138 20.56 -38.72 -42.43
C GLN Q 138 21.66 -38.26 -43.39
N SER Q 139 21.74 -38.87 -44.57
CA SER Q 139 22.88 -38.63 -45.44
C SER Q 139 22.91 -37.20 -45.99
N LYS Q 140 21.76 -36.68 -46.42
CA LYS Q 140 21.73 -35.38 -47.08
C LYS Q 140 21.33 -34.24 -46.16
N ASP Q 141 20.17 -34.32 -45.52
CA ASP Q 141 19.61 -33.19 -44.78
C ASP Q 141 19.95 -33.31 -43.30
N ALA Q 142 20.82 -32.42 -42.82
CA ALA Q 142 21.19 -32.42 -41.41
C ALA Q 142 20.09 -31.86 -40.52
N HIS Q 143 19.42 -30.79 -40.97
CA HIS Q 143 18.36 -30.18 -40.17
C HIS Q 143 17.20 -31.14 -39.97
N CYS Q 144 16.84 -31.89 -41.01
CA CYS Q 144 15.74 -32.85 -40.89
C CYS Q 144 16.07 -33.95 -39.89
N SER Q 145 17.29 -34.47 -39.92
CA SER Q 145 17.67 -35.52 -38.98
C SER Q 145 17.70 -34.98 -37.55
N ASN Q 146 18.19 -33.75 -37.37
CA ASN Q 146 18.17 -33.14 -36.05
C ASN Q 146 16.74 -32.97 -35.54
N PHE Q 147 15.83 -32.54 -36.42
CA PHE Q 147 14.43 -32.40 -36.03
C PHE Q 147 13.86 -33.75 -35.60
N ILE Q 148 14.17 -34.81 -36.35
CA ILE Q 148 13.65 -36.13 -36.02
C ILE Q 148 14.17 -36.57 -34.65
N GLN Q 149 15.48 -36.41 -34.41
CA GLN Q 149 16.04 -36.95 -33.18
C GLN Q 149 15.78 -36.08 -31.96
N THR Q 150 15.39 -34.81 -32.13
CA THR Q 150 15.10 -33.97 -30.97
C THR Q 150 13.60 -33.80 -30.72
N ASP Q 151 12.83 -33.39 -31.72
CA ASP Q 151 11.45 -32.98 -31.51
C ASP Q 151 10.45 -34.14 -31.57
N MET Q 152 10.88 -35.36 -31.89
CA MET Q 152 9.94 -36.47 -32.01
C MET Q 152 10.26 -37.66 -31.13
N MET Q 153 11.53 -37.94 -30.82
CA MET Q 153 11.90 -39.14 -30.10
C MET Q 153 11.84 -38.99 -28.59
N ASP Q 154 12.14 -37.79 -28.07
CA ASP Q 154 12.23 -37.59 -26.63
C ASP Q 154 10.93 -37.90 -25.92
N GLU Q 155 9.82 -37.41 -26.48
CA GLU Q 155 8.50 -37.68 -25.90
C GLU Q 155 8.24 -39.18 -25.82
N VAL Q 156 8.55 -39.89 -26.90
CA VAL Q 156 8.29 -41.33 -26.93
C VAL Q 156 9.10 -42.05 -25.88
N ILE Q 157 10.37 -41.69 -25.72
CA ILE Q 157 11.22 -42.35 -24.73
C ILE Q 157 10.66 -42.12 -23.32
N ALA Q 158 10.31 -40.87 -23.01
CA ALA Q 158 9.80 -40.56 -21.67
C ALA Q 158 8.49 -41.28 -21.40
N TRP Q 159 7.57 -41.28 -22.37
CA TRP Q 159 6.29 -41.94 -22.18
C TRP Q 159 6.47 -43.44 -22.01
N ASN Q 160 7.40 -44.04 -22.76
CA ASN Q 160 7.65 -45.47 -22.62
C ASN Q 160 8.15 -45.80 -21.22
N LYS Q 161 9.06 -45.00 -20.67
CA LYS Q 161 9.53 -45.24 -19.31
C LYS Q 161 8.38 -45.14 -18.31
N PHE Q 162 7.54 -44.10 -18.44
CA PHE Q 162 6.44 -43.94 -17.49
C PHE Q 162 5.47 -45.12 -17.55
N LEU Q 163 5.11 -45.56 -18.77
CA LEU Q 163 4.17 -46.66 -18.90
C LEU Q 163 4.76 -47.96 -18.37
N SER Q 164 6.05 -48.19 -18.60
CA SER Q 164 6.68 -49.40 -18.08
C SER Q 164 6.67 -49.41 -16.55
N ASP Q 165 6.94 -48.26 -15.92
CA ASP Q 165 6.88 -48.19 -14.47
C ASP Q 165 5.48 -48.49 -13.95
N CYS Q 166 4.45 -47.92 -14.60
CA CYS Q 166 3.08 -48.19 -14.19
C CYS Q 166 2.75 -49.67 -14.34
N LEU Q 167 3.19 -50.30 -15.43
CA LEU Q 167 2.92 -51.71 -15.65
C LEU Q 167 3.57 -52.58 -14.59
N SER Q 168 4.82 -52.27 -14.22
CA SER Q 168 5.48 -53.04 -13.17
C SER Q 168 4.75 -52.90 -11.85
N ASN Q 169 4.33 -51.68 -11.51
CA ASN Q 169 3.58 -51.49 -10.26
C ASN Q 169 2.28 -52.29 -10.27
N LEU Q 170 1.57 -52.26 -11.40
CA LEU Q 170 0.30 -53.00 -11.48
C LEU Q 170 0.53 -54.50 -11.34
N HIS Q 171 1.57 -55.02 -11.99
CA HIS Q 171 1.85 -56.45 -11.88
C HIS Q 171 2.18 -56.84 -10.45
N CYS Q 172 2.93 -55.99 -9.75
CA CYS Q 172 3.24 -56.28 -8.35
C CYS Q 172 1.99 -56.23 -7.48
N ILE Q 173 1.10 -55.26 -7.72
CA ILE Q 173 -0.05 -55.07 -6.83
C ILE Q 173 -1.00 -56.26 -6.90
N GLY Q 174 -1.34 -56.71 -8.10
CA GLY Q 174 -2.28 -57.78 -8.31
C GLY Q 174 -3.44 -57.35 -9.17
N SER Q 175 -4.47 -58.19 -9.21
CA SER Q 175 -5.63 -57.91 -10.04
C SER Q 175 -6.96 -58.22 -9.36
N GLN Q 176 -6.97 -58.48 -8.05
CA GLN Q 176 -8.19 -58.81 -7.34
C GLN Q 176 -8.27 -57.97 -6.07
N GLY Q 177 -9.51 -57.75 -5.62
CA GLY Q 177 -9.74 -56.95 -4.43
C GLY Q 177 -9.84 -55.47 -4.74
N MET Q 178 -9.39 -54.63 -3.81
CA MET Q 178 -9.46 -53.19 -3.98
C MET Q 178 -8.13 -52.55 -4.36
N GLY Q 179 -7.12 -53.33 -4.70
CA GLY Q 179 -5.85 -52.80 -5.16
C GLY Q 179 -5.95 -51.95 -6.41
N PRO Q 180 -6.63 -52.47 -7.45
CA PRO Q 180 -6.83 -51.65 -8.65
C PRO Q 180 -7.57 -50.35 -8.39
N TRP Q 181 -8.52 -50.34 -7.47
CA TRP Q 181 -9.25 -49.10 -7.16
C TRP Q 181 -8.32 -48.05 -6.57
N VAL Q 182 -7.49 -48.45 -5.62
CA VAL Q 182 -6.53 -47.53 -5.02
C VAL Q 182 -5.54 -47.03 -6.05
N PHE Q 183 -5.06 -47.94 -6.92
CA PHE Q 183 -4.15 -47.53 -7.98
C PHE Q 183 -4.80 -46.52 -8.91
N ASP Q 184 -6.06 -46.74 -9.27
CA ASP Q 184 -6.76 -45.81 -10.15
C ASP Q 184 -6.90 -44.44 -9.52
N ARG Q 185 -7.24 -44.38 -8.23
CA ARG Q 185 -7.35 -43.10 -7.55
C ARG Q 185 -6.01 -42.37 -7.55
N TRP Q 186 -4.93 -43.08 -7.24
CA TRP Q 186 -3.61 -42.47 -7.27
C TRP Q 186 -3.24 -41.98 -8.66
N LEU Q 187 -3.56 -42.75 -9.68
CA LEU Q 187 -3.24 -42.37 -11.05
C LEU Q 187 -3.97 -41.10 -11.45
N ALA Q 188 -5.26 -41.00 -11.08
CA ALA Q 188 -5.99 -39.78 -11.35
C ALA Q 188 -5.35 -38.58 -10.66
N ARG Q 189 -4.94 -38.76 -9.40
CA ARG Q 189 -4.32 -37.66 -8.67
C ARG Q 189 -3.05 -37.19 -9.36
N ILE Q 190 -2.20 -38.13 -9.80
CA ILE Q 190 -0.92 -37.69 -10.38
C ILE Q 190 -1.10 -37.14 -11.78
N VAL Q 191 -2.07 -37.65 -12.55
CA VAL Q 191 -2.28 -37.15 -13.90
C VAL Q 191 -2.86 -35.73 -13.86
N MET Q 192 -3.84 -35.50 -12.98
CA MET Q 192 -4.49 -34.19 -12.96
C MET Q 192 -3.56 -33.07 -12.53
N SER Q 193 -2.43 -33.38 -11.90
CA SER Q 193 -1.49 -32.34 -11.48
C SER Q 193 -0.71 -31.76 -12.64
N LYS Q 194 -0.82 -32.33 -13.83
CA LYS Q 194 -0.04 -31.90 -14.98
C LYS Q 194 -0.90 -31.43 -16.15
N PHE Q 195 -2.03 -32.07 -16.40
CA PHE Q 195 -2.83 -31.79 -17.58
C PHE Q 195 -4.26 -31.43 -17.20
N LYS Q 196 -4.81 -30.44 -17.90
CA LYS Q 196 -6.18 -29.99 -17.71
C LYS Q 196 -6.63 -29.35 -19.01
N HIS Q 197 -7.53 -29.99 -19.74
CA HIS Q 197 -7.90 -29.48 -21.06
C HIS Q 197 -8.86 -28.31 -20.94
N PRO Q 198 -8.51 -27.13 -21.45
CA PRO Q 198 -9.44 -26.00 -21.39
C PRO Q 198 -10.54 -26.13 -22.43
N LYS Q 199 -11.62 -25.40 -22.20
CA LYS Q 199 -12.73 -25.37 -23.12
C LYS Q 199 -12.39 -24.58 -24.37
N ILE Q 200 -12.99 -24.98 -25.49
CA ILE Q 200 -12.83 -24.28 -26.75
C ILE Q 200 -13.99 -23.28 -26.88
N PRO Q 201 -13.71 -21.99 -27.02
CA PRO Q 201 -14.79 -21.02 -27.21
C PRO Q 201 -15.45 -21.17 -28.57
N SER Q 202 -16.71 -20.74 -28.65
CA SER Q 202 -17.50 -20.89 -29.86
C SER Q 202 -18.47 -19.72 -29.97
N LEU Q 203 -19.44 -19.85 -30.86
CA LEU Q 203 -20.47 -18.83 -31.08
C LEU Q 203 -21.83 -19.37 -30.63
N SER Q 204 -22.72 -18.44 -30.27
CA SER Q 204 -24.06 -18.82 -29.81
C SER Q 204 -25.02 -17.69 -30.14
N THR Q 205 -26.29 -17.91 -29.82
CA THR Q 205 -27.34 -16.92 -30.05
C THR Q 205 -27.75 -16.19 -28.76
N SER Q 206 -26.99 -16.34 -27.68
CA SER Q 206 -27.26 -15.59 -26.48
C SER Q 206 -27.03 -14.10 -26.71
N ASP Q 207 -27.87 -13.27 -26.12
CA ASP Q 207 -27.84 -11.82 -26.30
C ASP Q 207 -27.91 -11.46 -27.78
N LEU Q 208 -29.01 -11.90 -28.41
CA LEU Q 208 -29.18 -11.69 -29.84
C LEU Q 208 -29.25 -10.21 -30.19
N GLU Q 209 -29.93 -9.42 -29.36
CA GLU Q 209 -30.11 -8.00 -29.64
C GLU Q 209 -28.82 -7.20 -29.56
N SER Q 210 -27.75 -7.76 -29.00
CA SER Q 210 -26.50 -7.04 -28.87
C SER Q 210 -25.55 -7.25 -30.03
N ASN Q 211 -25.57 -8.42 -30.66
CA ASN Q 211 -24.70 -8.75 -31.79
C ASN Q 211 -25.59 -8.98 -33.00
N ILE Q 212 -25.96 -7.90 -33.69
CA ILE Q 212 -27.01 -7.99 -34.69
C ILE Q 212 -26.52 -8.67 -35.96
N PRO Q 213 -25.48 -8.18 -36.67
CA PRO Q 213 -24.98 -8.94 -37.82
C PRO Q 213 -24.41 -10.27 -37.36
N ASN Q 214 -23.43 -10.20 -36.47
CA ASN Q 214 -22.87 -11.35 -35.76
C ASN Q 214 -21.91 -10.80 -34.71
N GLU Q 215 -21.39 -11.69 -33.88
CA GLU Q 215 -20.58 -11.26 -32.74
C GLU Q 215 -19.19 -10.78 -33.16
N LEU Q 216 -18.58 -11.43 -34.16
CA LEU Q 216 -17.19 -11.15 -34.46
C LEU Q 216 -16.98 -9.84 -35.22
N PHE Q 217 -17.97 -9.44 -36.04
CA PHE Q 217 -17.75 -8.36 -36.99
C PHE Q 217 -17.40 -7.03 -36.34
N ASP Q 218 -17.71 -6.84 -35.06
CA ASP Q 218 -17.42 -5.57 -34.39
C ASP Q 218 -16.18 -5.64 -33.50
N ALA Q 219 -15.39 -6.71 -33.60
CA ALA Q 219 -14.25 -6.89 -32.71
C ALA Q 219 -13.35 -5.67 -32.69
N GLU Q 220 -12.98 -5.17 -33.88
CA GLU Q 220 -12.12 -4.00 -33.96
C GLU Q 220 -12.69 -2.84 -33.17
N GLY Q 221 -13.98 -2.57 -33.34
CA GLY Q 221 -14.61 -1.49 -32.59
C GLY Q 221 -14.44 -1.65 -31.09
N ASP Q 222 -14.63 -2.88 -30.59
CA ASP Q 222 -14.44 -3.14 -29.17
C ASP Q 222 -13.08 -2.67 -28.71
N MET Q 223 -12.04 -2.99 -29.50
CA MET Q 223 -10.69 -2.60 -29.11
C MET Q 223 -10.61 -1.10 -28.88
N VAL Q 224 -11.17 -0.31 -29.79
CA VAL Q 224 -11.15 1.14 -29.63
C VAL Q 224 -11.79 1.53 -28.31
N ARG Q 225 -12.97 0.97 -28.03
CA ARG Q 225 -13.65 1.24 -26.77
C ARG Q 225 -12.72 0.97 -25.59
N ALA Q 226 -12.04 -0.18 -25.61
CA ALA Q 226 -11.19 -0.53 -24.49
C ALA Q 226 -10.10 0.51 -24.28
N ILE Q 227 -9.51 0.99 -25.38
CA ILE Q 227 -8.43 1.97 -25.26
C ILE Q 227 -8.96 3.24 -24.60
N LYS Q 228 -10.21 3.61 -24.89
CA LYS Q 228 -10.76 4.81 -24.30
C LYS Q 228 -11.04 4.64 -22.82
N LYS Q 229 -11.19 3.40 -22.34
CA LYS Q 229 -11.44 3.21 -20.91
C LYS Q 229 -10.17 3.38 -20.09
N LEU Q 230 -9.05 2.91 -20.58
CA LEU Q 230 -7.79 2.98 -19.85
C LEU Q 230 -7.25 4.40 -19.82
N CYS R 22 30.09 -11.98 52.44
CA CYS R 22 29.23 -13.05 51.94
C CYS R 22 29.34 -14.29 52.81
N PRO R 23 28.24 -14.70 53.43
CA PRO R 23 28.27 -15.89 54.28
C PRO R 23 28.06 -17.18 53.49
N SER R 24 28.21 -17.11 52.17
CA SER R 24 27.97 -18.28 51.32
C SER R 24 29.04 -18.34 50.24
N ARG R 25 29.91 -19.34 50.32
CA ARG R 25 30.88 -19.63 49.26
C ARG R 25 31.03 -21.13 49.05
N HIS R 26 30.04 -21.92 49.42
CA HIS R 26 30.14 -23.38 49.47
C HIS R 26 29.86 -23.98 48.09
N ASN R 27 29.63 -25.29 48.07
CA ASN R 27 29.33 -26.09 46.88
C ASN R 27 30.53 -26.20 45.94
N PHE R 28 30.97 -25.07 45.38
CA PHE R 28 32.06 -25.09 44.42
C PHE R 28 33.37 -25.51 45.09
N ASP R 29 34.11 -26.38 44.42
CA ASP R 29 35.37 -26.88 44.96
C ASP R 29 36.40 -25.75 45.03
N PRO R 30 37.04 -25.51 46.17
CA PRO R 30 37.96 -24.36 46.28
C PRO R 30 39.14 -24.40 45.32
N GLU R 31 39.70 -25.58 45.05
CA GLU R 31 40.83 -25.65 44.12
C GLU R 31 40.40 -25.25 42.72
N CYS R 32 39.23 -25.70 42.28
CA CYS R 32 38.71 -25.28 40.98
C CYS R 32 38.49 -23.78 40.94
N GLU R 33 37.99 -23.21 42.05
CA GLU R 33 37.78 -21.77 42.11
C GLU R 33 39.10 -21.02 41.95
N LYS R 34 40.15 -21.48 42.64
CA LYS R 34 41.45 -20.83 42.55
C LYS R 34 41.99 -20.89 41.11
N ALA R 35 41.89 -22.06 40.49
CA ALA R 35 42.38 -22.19 39.12
C ALA R 35 41.58 -21.32 38.16
N PHE R 36 40.27 -21.23 38.35
CA PHE R 36 39.44 -20.38 37.51
C PHE R 36 39.85 -18.91 37.64
N VAL R 37 40.12 -18.45 38.87
CA VAL R 37 40.54 -17.06 39.06
C VAL R 37 41.88 -16.81 38.37
N GLU R 38 42.80 -17.77 38.46
CA GLU R 38 44.07 -17.63 37.77
C GLU R 38 43.87 -17.48 36.26
N HIS R 39 43.00 -18.31 35.67
CA HIS R 39 42.77 -18.20 34.24
C HIS R 39 42.09 -16.87 33.88
N ILE R 40 41.23 -16.36 34.75
CA ILE R 40 40.62 -15.05 34.52
C ILE R 40 41.70 -13.99 34.40
N HIS R 41 42.68 -14.03 35.30
CA HIS R 41 43.75 -13.04 35.24
C HIS R 41 44.58 -13.21 33.97
N LEU R 42 44.77 -14.45 33.52
CA LEU R 42 45.49 -14.66 32.26
C LEU R 42 44.75 -14.01 31.10
N GLU R 43 43.43 -14.18 31.04
CA GLU R 43 42.64 -13.57 29.96
C GLU R 43 42.71 -12.05 30.02
N LEU R 44 42.65 -11.48 31.22
CA LEU R 44 42.75 -10.03 31.36
C LEU R 44 44.10 -9.53 30.86
N ALA R 45 45.18 -10.26 31.17
CA ALA R 45 46.50 -9.86 30.69
C ALA R 45 46.57 -9.89 29.17
N SER R 46 45.98 -10.91 28.55
CA SER R 46 45.96 -10.97 27.09
C SER R 46 45.20 -9.77 26.49
N SER R 47 44.06 -9.44 27.09
CA SER R 47 43.30 -8.28 26.63
C SER R 47 44.11 -7.01 26.74
N TYR R 48 44.83 -6.84 27.84
CA TYR R 48 45.67 -5.65 28.00
C TYR R 48 46.78 -5.61 26.96
N HIS R 49 47.39 -6.76 26.67
CA HIS R 49 48.51 -6.75 25.72
C HIS R 49 48.06 -6.43 24.31
N ALA R 50 46.81 -6.77 23.94
CA ALA R 50 46.33 -6.38 22.62
C ALA R 50 46.29 -4.86 22.44
N TRP R 51 46.08 -4.13 23.53
CA TRP R 51 46.01 -2.66 23.46
C TRP R 51 47.33 -2.06 22.99
N SER R 52 48.44 -2.61 23.47
CA SER R 52 49.75 -2.08 23.07
C SER R 52 49.99 -2.23 21.57
N MET R 53 49.63 -3.39 21.01
CA MET R 53 49.77 -3.57 19.57
C MET R 53 48.86 -2.60 18.81
N TRP R 54 47.63 -2.42 19.29
CA TRP R 54 46.73 -1.47 18.65
C TRP R 54 47.34 -0.07 18.63
N ALA R 55 47.92 0.35 19.76
CA ALA R 55 48.52 1.68 19.83
C ALA R 55 49.76 1.78 18.95
N PHE R 56 50.54 0.70 18.86
CA PHE R 56 51.75 0.74 18.05
C PHE R 56 51.42 0.90 16.57
N TYR R 57 50.42 0.18 16.08
CA TYR R 57 50.18 0.22 14.65
C TYR R 57 49.36 1.42 14.19
N ALA R 58 48.91 2.27 15.12
CA ALA R 58 48.16 3.47 14.78
C ALA R 58 49.02 4.72 14.74
N ARG R 59 50.33 4.61 14.92
CA ARG R 59 51.20 5.77 14.86
C ARG R 59 51.20 6.35 13.45
N ASP R 60 51.46 7.66 13.37
CA ASP R 60 51.44 8.33 12.08
C ASP R 60 52.56 7.88 11.16
N CYS R 61 53.59 7.23 11.70
CA CYS R 61 54.66 6.69 10.89
C CYS R 61 54.46 5.21 10.56
N LYS R 62 53.37 4.60 11.02
CA LYS R 62 53.05 3.21 10.68
C LYS R 62 51.78 3.14 9.84
N ALA R 63 50.65 3.62 10.37
CA ALA R 63 49.40 3.76 9.65
C ALA R 63 49.00 2.48 8.93
N ALA R 64 48.78 1.42 9.70
CA ALA R 64 48.33 0.13 9.18
C ALA R 64 46.92 -0.11 9.69
N VAL R 65 45.93 0.11 8.83
CA VAL R 65 44.53 0.09 9.26
C VAL R 65 44.09 -1.33 9.61
N GLY R 66 44.50 -2.33 8.81
CA GLY R 66 44.05 -3.69 9.04
C GLY R 66 44.52 -4.24 10.38
N MET R 67 45.80 -4.03 10.71
CA MET R 67 46.31 -4.50 11.98
C MET R 67 45.62 -3.79 13.15
N THR R 68 45.33 -2.50 12.99
CA THR R 68 44.61 -1.76 14.01
C THR R 68 43.25 -2.38 14.29
N ARG R 69 42.48 -2.64 13.22
CA ARG R 69 41.16 -3.24 13.39
C ARG R 69 41.26 -4.62 14.05
N LEU R 70 42.21 -5.43 13.59
CA LEU R 70 42.35 -6.78 14.15
C LEU R 70 42.69 -6.75 15.63
N CYS R 71 43.62 -5.87 16.03
CA CYS R 71 44.02 -5.80 17.43
C CYS R 71 42.88 -5.30 18.31
N GLU R 72 42.12 -4.31 17.83
CA GLU R 72 40.97 -3.83 18.59
C GLU R 72 39.95 -4.96 18.81
N TRP R 73 39.65 -5.70 17.75
CA TRP R 73 38.72 -6.81 17.86
C TRP R 73 39.22 -7.85 18.85
N ALA R 74 40.51 -8.18 18.80
CA ALA R 74 41.06 -9.18 19.70
C ALA R 74 40.96 -8.75 21.16
N SER R 75 41.24 -7.47 21.43
CA SER R 75 41.16 -7.00 22.81
C SER R 75 39.72 -7.11 23.34
N HIS R 76 38.75 -6.71 22.53
CA HIS R 76 37.36 -6.82 22.98
C HIS R 76 36.96 -8.28 23.22
N VAL R 77 37.40 -9.19 22.34
CA VAL R 77 37.07 -10.60 22.51
C VAL R 77 37.64 -11.15 23.80
N SER R 78 38.89 -10.81 24.11
CA SER R 78 39.50 -11.30 25.35
C SER R 78 38.79 -10.76 26.57
N ALA R 79 38.41 -9.47 26.55
CA ALA R 79 37.68 -8.92 27.69
C ALA R 79 36.35 -9.65 27.90
N GLN R 80 35.63 -9.95 26.80
CA GLN R 80 34.38 -10.67 26.93
C GLN R 80 34.60 -12.07 27.51
N ARG R 81 35.68 -12.74 27.11
CA ARG R 81 35.96 -14.07 27.64
C ARG R 81 36.20 -14.03 29.15
N ALA R 82 36.98 -13.03 29.60
CA ALA R 82 37.22 -12.91 31.04
C ALA R 82 35.92 -12.66 31.79
N ARG R 83 35.06 -11.80 31.24
CA ARG R 83 33.76 -11.55 31.88
C ARG R 83 32.93 -12.83 31.96
N ARG R 84 32.94 -13.63 30.90
CA ARG R 84 32.16 -14.86 30.90
C ARG R 84 32.65 -15.84 31.96
N MET R 85 33.97 -16.01 32.10
CA MET R 85 34.47 -16.92 33.12
C MET R 85 34.13 -16.44 34.52
N ALA R 86 34.24 -15.12 34.77
CA ALA R 86 33.87 -14.59 36.07
C ALA R 86 32.39 -14.83 36.36
N ALA R 87 31.53 -14.64 35.35
CA ALA R 87 30.11 -14.88 35.52
C ALA R 87 29.84 -16.34 35.85
N TYR R 88 30.55 -17.26 35.21
CA TYR R 88 30.34 -18.67 35.53
C TYR R 88 30.75 -18.97 36.97
N VAL R 89 31.86 -18.40 37.43
CA VAL R 89 32.26 -18.63 38.81
C VAL R 89 31.20 -18.10 39.76
N LEU R 90 30.65 -16.91 39.48
CA LEU R 90 29.63 -16.35 40.36
C LEU R 90 28.35 -17.17 40.34
N THR R 91 28.01 -17.77 39.21
CA THR R 91 26.77 -18.55 39.12
C THR R 91 26.82 -19.78 40.03
N ARG R 92 27.98 -20.42 40.14
CA ARG R 92 28.12 -21.60 40.97
C ARG R 92 28.22 -21.28 42.46
N GLY R 93 28.28 -20.01 42.83
CA GLY R 93 28.28 -19.62 44.23
C GLY R 93 29.63 -19.24 44.81
N GLY R 94 30.65 -19.02 43.97
CA GLY R 94 31.96 -18.66 44.46
C GLY R 94 32.19 -17.15 44.51
N HIS R 95 33.42 -16.79 44.85
CA HIS R 95 33.86 -15.40 44.91
C HIS R 95 35.01 -15.20 43.93
N VAL R 96 35.15 -13.97 43.44
CA VAL R 96 36.24 -13.60 42.53
C VAL R 96 37.06 -12.52 43.20
N ASP R 97 38.37 -12.76 43.33
CA ASP R 97 39.30 -11.79 43.89
C ASP R 97 40.26 -11.34 42.81
N TYR R 98 40.40 -10.03 42.64
CA TYR R 98 41.20 -9.45 41.58
C TYR R 98 42.55 -8.98 42.12
N LYS R 99 43.57 -9.10 41.28
CA LYS R 99 44.91 -8.70 41.66
C LYS R 99 45.55 -7.93 40.50
N GLU R 100 46.85 -7.75 40.60
CA GLU R 100 47.60 -6.86 39.73
C GLU R 100 47.75 -7.41 38.32
N ILE R 101 47.72 -6.51 37.35
CA ILE R 101 47.84 -6.86 35.93
C ILE R 101 49.20 -6.38 35.44
N PRO R 102 50.09 -7.27 35.01
CA PRO R 102 51.43 -6.84 34.60
C PRO R 102 51.44 -6.15 33.25
N ALA R 103 52.48 -5.35 33.03
CA ALA R 103 52.67 -4.65 31.78
C ALA R 103 53.25 -5.57 30.71
N PRO R 104 52.92 -5.33 29.44
CA PRO R 104 53.53 -6.12 28.36
C PRO R 104 55.02 -5.86 28.25
N LYS R 105 55.76 -6.89 27.83
CA LYS R 105 57.22 -6.79 27.81
C LYS R 105 57.72 -6.05 26.59
N LYS R 106 57.44 -6.55 25.39
CA LYS R 106 57.87 -5.92 24.16
C LYS R 106 56.72 -5.10 23.58
N GLN R 107 57.05 -3.90 23.10
CA GLN R 107 56.06 -2.99 22.54
C GLN R 107 56.45 -2.54 21.14
N GLY R 108 57.19 -3.37 20.42
CA GLY R 108 57.54 -3.06 19.04
C GLY R 108 57.76 -4.33 18.26
N TRP R 109 57.47 -4.27 16.96
CA TRP R 109 57.59 -5.43 16.09
C TRP R 109 58.19 -5.00 14.76
N ASP R 110 59.10 -5.83 14.24
CA ASP R 110 59.80 -5.49 13.01
C ASP R 110 58.88 -5.59 11.80
N ASN R 111 58.05 -6.62 11.74
CA ASN R 111 57.12 -6.79 10.63
C ASN R 111 55.90 -7.55 11.14
N PHE R 112 54.95 -7.79 10.24
CA PHE R 112 53.69 -8.42 10.62
C PHE R 112 53.90 -9.86 11.08
N GLU R 113 54.91 -10.54 10.54
CA GLU R 113 55.13 -11.94 10.88
C GLU R 113 55.42 -12.11 12.36
N ASP R 114 56.21 -11.22 12.95
CA ASP R 114 56.52 -11.31 14.37
C ASP R 114 55.26 -11.17 15.21
N ALA R 115 54.39 -10.21 14.87
CA ALA R 115 53.16 -10.02 15.62
C ALA R 115 52.27 -11.25 15.53
N PHE R 116 52.12 -11.82 14.33
CA PHE R 116 51.28 -13.00 14.18
C PHE R 116 51.85 -14.19 14.95
N SER R 117 53.17 -14.34 14.95
CA SER R 117 53.79 -15.41 15.72
C SER R 117 53.55 -15.23 17.22
N HIS R 118 53.65 -14.00 17.70
CA HIS R 118 53.37 -13.71 19.10
C HIS R 118 51.94 -14.11 19.46
N CYS R 119 50.99 -13.75 18.62
CA CYS R 119 49.59 -14.09 18.88
C CYS R 119 49.38 -15.61 18.89
N VAL R 120 50.02 -16.32 17.96
CA VAL R 120 49.87 -17.77 17.90
C VAL R 120 50.41 -18.42 19.17
N ALA R 121 51.57 -17.96 19.65
CA ALA R 121 52.14 -18.50 20.87
C ALA R 121 51.22 -18.25 22.06
N ASN R 122 50.63 -17.05 22.13
CA ASN R 122 49.70 -16.76 23.22
C ASN R 122 48.49 -17.69 23.18
N LYS R 123 47.97 -17.96 21.99
CA LYS R 123 46.84 -18.88 21.87
C LYS R 123 47.21 -20.27 22.37
N LYS R 124 48.41 -20.74 22.02
CA LYS R 124 48.84 -22.05 22.50
C LYS R 124 48.91 -22.09 24.03
N ARG R 125 49.44 -21.04 24.65
CA ARG R 125 49.50 -20.99 26.10
C ARG R 125 48.10 -21.04 26.72
N ILE R 126 47.15 -20.29 26.15
CA ILE R 126 45.79 -20.29 26.66
C ILE R 126 45.19 -21.69 26.58
N LEU R 127 45.41 -22.37 25.45
CA LEU R 127 44.85 -23.72 25.28
C LEU R 127 45.43 -24.69 26.31
N THR R 128 46.73 -24.59 26.58
CA THR R 128 47.33 -25.46 27.59
C THR R 128 46.71 -25.24 28.96
N SER R 129 46.52 -23.97 29.33
CA SER R 129 45.89 -23.67 30.62
C SER R 129 44.47 -24.24 30.70
N LEU R 130 43.70 -24.08 29.63
CA LEU R 130 42.33 -24.60 29.64
C LEU R 130 42.31 -26.12 29.75
N GLN R 131 43.23 -26.79 29.08
CA GLN R 131 43.30 -28.25 29.19
C GLN R 131 43.61 -28.68 30.62
N SER R 132 44.53 -27.97 31.28
CA SER R 132 44.82 -28.28 32.68
C SER R 132 43.57 -28.09 33.55
N LEU R 133 42.81 -27.02 33.32
CA LEU R 133 41.58 -26.81 34.06
C LEU R 133 40.60 -27.97 33.87
N TYR R 134 40.42 -28.39 32.61
CA TYR R 134 39.51 -29.49 32.32
C TYR R 134 39.95 -30.76 33.03
N GLN R 135 41.25 -31.05 33.02
CA GLN R 135 41.74 -32.22 33.73
C GLN R 135 41.46 -32.13 35.22
N CYS R 136 41.62 -30.94 35.80
CA CYS R 136 41.38 -30.78 37.22
C CYS R 136 39.93 -31.04 37.60
N CYS R 137 38.98 -30.53 36.81
CA CYS R 137 37.58 -30.58 37.20
C CYS R 137 36.82 -31.76 36.61
N GLN R 138 37.49 -32.66 35.90
CA GLN R 138 36.78 -33.69 35.14
C GLN R 138 36.17 -34.76 36.04
N SER R 139 36.85 -35.12 37.12
CA SER R 139 36.44 -36.28 37.90
C SER R 139 35.11 -36.06 38.61
N LYS R 140 34.91 -34.89 39.20
CA LYS R 140 33.73 -34.64 40.03
C LYS R 140 32.63 -33.89 39.30
N ASP R 141 32.91 -32.71 38.77
CA ASP R 141 31.88 -31.83 38.23
C ASP R 141 31.77 -32.02 36.72
N ALA R 142 30.66 -32.58 36.27
CA ALA R 142 30.43 -32.77 34.84
C ALA R 142 30.07 -31.47 34.14
N HIS R 143 29.23 -30.65 34.79
CA HIS R 143 28.81 -29.39 34.17
C HIS R 143 30.00 -28.45 33.97
N CYS R 144 30.90 -28.40 34.94
CA CYS R 144 32.08 -27.54 34.82
C CYS R 144 32.97 -27.97 33.65
N SER R 145 33.19 -29.28 33.51
CA SER R 145 34.02 -29.76 32.40
C SER R 145 33.35 -29.49 31.06
N ASN R 146 32.03 -29.67 30.99
CA ASN R 146 31.32 -29.36 29.75
C ASN R 146 31.44 -27.87 29.42
N PHE R 147 31.32 -27.00 30.42
CA PHE R 147 31.48 -25.57 30.19
C PHE R 147 32.87 -25.26 29.66
N ILE R 148 33.90 -25.89 30.24
CA ILE R 148 35.26 -25.64 29.79
C ILE R 148 35.44 -26.07 28.35
N GLN R 149 34.95 -27.26 28.00
CA GLN R 149 35.23 -27.78 26.66
C GLN R 149 34.32 -27.19 25.59
N THR R 150 33.21 -26.55 25.95
CA THR R 150 32.35 -25.94 24.94
C THR R 150 32.51 -24.42 24.86
N ASP R 151 32.39 -23.71 25.97
CA ASP R 151 32.31 -22.27 25.95
C ASP R 151 33.65 -21.56 25.96
N MET R 152 34.77 -22.28 26.09
CA MET R 152 36.07 -21.64 26.16
C MET R 152 37.07 -22.10 25.11
N MET R 153 37.00 -23.35 24.65
CA MET R 153 38.01 -23.89 23.76
C MET R 153 37.74 -23.61 22.29
N ASP R 154 36.45 -23.57 21.90
CA ASP R 154 36.10 -23.44 20.49
C ASP R 154 36.63 -22.16 19.87
N GLU R 155 36.48 -21.03 20.59
CA GLU R 155 36.98 -19.75 20.12
C GLU R 155 38.49 -19.81 19.88
N VAL R 156 39.21 -20.42 20.83
CA VAL R 156 40.66 -20.49 20.71
C VAL R 156 41.07 -21.30 19.50
N ILE R 157 40.41 -22.43 19.27
CA ILE R 157 40.75 -23.28 18.12
C ILE R 157 40.52 -22.52 16.82
N ALA R 158 39.37 -21.86 16.69
CA ALA R 158 39.05 -21.14 15.46
C ALA R 158 40.03 -19.99 15.23
N TRP R 159 40.34 -19.22 16.28
CA TRP R 159 41.26 -18.11 16.13
C TRP R 159 42.66 -18.59 15.77
N ASN R 160 43.09 -19.71 16.33
CA ASN R 160 44.40 -20.26 16.00
C ASN R 160 44.46 -20.64 14.52
N LYS R 161 43.41 -21.27 14.00
CA LYS R 161 43.42 -21.61 12.58
C LYS R 161 43.49 -20.36 11.71
N PHE R 162 42.70 -19.34 12.05
CA PHE R 162 42.70 -18.11 11.25
C PHE R 162 44.08 -17.45 11.25
N LEU R 163 44.70 -17.34 12.43
CA LEU R 163 46.00 -16.69 12.53
C LEU R 163 47.08 -17.49 11.79
N SER R 164 47.02 -18.82 11.85
CA SER R 164 47.99 -19.63 11.12
C SER R 164 47.85 -19.43 9.62
N ASP R 165 46.61 -19.36 9.12
CA ASP R 165 46.41 -19.11 7.69
C ASP R 165 46.99 -17.76 7.29
N CYS R 166 46.73 -16.72 8.10
CA CYS R 166 47.27 -15.41 7.79
C CYS R 166 48.81 -15.42 7.78
N LEU R 167 49.41 -16.13 8.75
CA LEU R 167 50.87 -16.20 8.81
C LEU R 167 51.45 -16.90 7.59
N SER R 168 50.83 -17.99 7.15
CA SER R 168 51.31 -18.67 5.95
C SER R 168 51.22 -17.77 4.73
N ASN R 169 50.10 -17.05 4.58
CA ASN R 169 49.97 -16.14 3.45
C ASN R 169 51.05 -15.06 3.49
N LEU R 170 51.30 -14.49 4.68
CA LEU R 170 52.32 -13.45 4.79
C LEU R 170 53.70 -13.98 4.45
N HIS R 171 54.03 -15.18 4.92
CA HIS R 171 55.33 -15.75 4.61
C HIS R 171 55.49 -15.98 3.12
N CYS R 172 54.42 -16.43 2.46
CA CYS R 172 54.50 -16.62 1.01
C CYS R 172 54.67 -15.30 0.28
N ILE R 173 53.96 -14.25 0.72
CA ILE R 173 53.95 -13.00 -0.02
C ILE R 173 55.33 -12.34 -0.01
N GLY R 174 55.96 -12.27 1.16
CA GLY R 174 57.23 -11.62 1.31
C GLY R 174 57.17 -10.51 2.33
N SER R 175 58.23 -9.69 2.37
CA SER R 175 58.31 -8.62 3.35
C SER R 175 58.86 -7.32 2.76
N GLN R 176 58.98 -7.21 1.45
CA GLN R 176 59.52 -6.00 0.81
C GLN R 176 58.60 -5.58 -0.33
N GLY R 177 58.63 -4.29 -0.63
CA GLY R 177 57.80 -3.74 -1.68
C GLY R 177 56.42 -3.36 -1.18
N MET R 178 55.42 -3.49 -2.04
CA MET R 178 54.05 -3.12 -1.69
C MET R 178 53.16 -4.31 -1.36
N GLY R 179 53.72 -5.51 -1.22
CA GLY R 179 52.96 -6.67 -0.83
C GLY R 179 52.28 -6.54 0.52
N PRO R 180 53.03 -6.13 1.55
CA PRO R 180 52.41 -5.90 2.86
C PRO R 180 51.29 -4.87 2.83
N TRP R 181 51.42 -3.83 2.01
CA TRP R 181 50.37 -2.81 1.94
C TRP R 181 49.07 -3.41 1.39
N VAL R 182 49.18 -4.18 0.32
CA VAL R 182 47.99 -4.83 -0.26
C VAL R 182 47.38 -5.81 0.74
N PHE R 183 48.23 -6.57 1.43
CA PHE R 183 47.74 -7.50 2.44
C PHE R 183 46.99 -6.76 3.55
N ASP R 184 47.53 -5.63 4.00
CA ASP R 184 46.89 -4.86 5.06
C ASP R 184 45.53 -4.34 4.61
N ARG R 185 45.44 -3.85 3.37
CA ARG R 185 44.14 -3.37 2.88
C ARG R 185 43.12 -4.51 2.83
N TRP R 186 43.53 -5.66 2.33
CA TRP R 186 42.64 -6.82 2.30
C TRP R 186 42.21 -7.23 3.71
N LEU R 187 43.14 -7.23 4.65
CA LEU R 187 42.81 -7.62 6.02
C LEU R 187 41.81 -6.67 6.64
N ALA R 188 41.98 -5.37 6.41
CA ALA R 188 40.99 -4.41 6.91
C ALA R 188 39.62 -4.68 6.30
N ARG R 189 39.58 -4.96 4.99
CA ARG R 189 38.30 -5.23 4.35
C ARG R 189 37.61 -6.45 4.97
N ILE R 190 38.35 -7.53 5.21
CA ILE R 190 37.69 -8.73 5.70
C ILE R 190 37.34 -8.62 7.18
N VAL R 191 38.14 -7.90 7.97
CA VAL R 191 37.82 -7.76 9.39
C VAL R 191 36.59 -6.86 9.57
N MET R 192 36.52 -5.76 8.82
CA MET R 192 35.44 -4.80 9.01
C MET R 192 34.07 -5.39 8.64
N SER R 193 34.03 -6.47 7.88
CA SER R 193 32.77 -7.09 7.50
C SER R 193 32.12 -7.86 8.64
N LYS R 194 32.82 -8.04 9.76
CA LYS R 194 32.34 -8.84 10.86
C LYS R 194 32.19 -8.06 12.16
N PHE R 195 33.09 -7.12 12.44
CA PHE R 195 33.12 -6.45 13.72
C PHE R 195 33.05 -4.94 13.55
N LYS R 196 32.29 -4.31 14.45
CA LYS R 196 32.14 -2.86 14.50
C LYS R 196 31.76 -2.47 15.92
N HIS R 197 32.67 -1.84 16.64
CA HIS R 197 32.39 -1.51 18.03
C HIS R 197 31.48 -0.30 18.12
N PRO R 198 30.30 -0.42 18.73
CA PRO R 198 29.42 0.74 18.88
C PRO R 198 29.91 1.66 19.99
N LYS R 199 29.44 2.90 19.94
CA LYS R 199 29.78 3.87 20.95
C LYS R 199 29.04 3.57 22.26
N ILE R 200 29.69 3.90 23.37
CA ILE R 200 29.09 3.75 24.70
C ILE R 200 28.41 5.07 25.06
N PRO R 201 27.11 5.06 25.32
CA PRO R 201 26.44 6.31 25.73
C PRO R 201 26.88 6.74 27.12
N SER R 202 26.76 8.05 27.37
CA SER R 202 27.20 8.63 28.62
C SER R 202 26.31 9.81 28.97
N LEU R 203 26.75 10.62 29.94
CA LEU R 203 26.03 11.80 30.37
C LEU R 203 26.82 13.06 30.00
N SER R 204 26.11 14.17 29.84
CA SER R 204 26.73 15.44 29.46
C SER R 204 25.91 16.58 30.02
N THR R 205 26.38 17.80 29.81
CA THR R 205 25.69 19.01 30.26
C THR R 205 24.95 19.72 29.12
N SER R 206 24.82 19.09 27.95
CA SER R 206 24.03 19.66 26.89
C SER R 206 22.56 19.74 27.28
N ASP R 207 21.90 20.81 26.88
CA ASP R 207 20.50 21.08 27.23
C ASP R 207 20.32 21.05 28.75
N LEU R 208 21.06 21.93 29.42
CA LEU R 208 21.04 21.97 30.87
C LEU R 208 19.66 22.32 31.41
N GLU R 209 18.97 23.26 30.75
CA GLU R 209 17.67 23.71 31.22
C GLU R 209 16.59 22.65 31.12
N SER R 210 16.83 21.56 30.39
CA SER R 210 15.82 20.53 30.22
C SER R 210 15.91 19.42 31.25
N ASN R 211 17.12 19.10 31.73
CA ASN R 211 17.34 18.05 32.72
C ASN R 211 17.89 18.71 33.98
N ILE R 212 17.00 19.22 34.83
CA ILE R 212 17.42 20.10 35.91
C ILE R 212 18.09 19.31 37.04
N PRO R 213 17.44 18.32 37.69
CA PRO R 213 18.17 17.54 38.68
C PRO R 213 19.28 16.74 38.01
N ASN R 214 18.90 15.91 37.04
CA ASN R 214 19.81 15.21 36.15
C ASN R 214 18.95 14.53 35.08
N GLU R 215 19.61 13.93 34.11
CA GLU R 215 18.90 13.38 32.95
C GLU R 215 18.16 12.09 33.29
N LEU R 216 18.73 11.24 34.14
CA LEU R 216 18.17 9.91 34.34
C LEU R 216 16.93 9.92 35.23
N PHE R 217 16.84 10.86 36.18
CA PHE R 217 15.84 10.77 37.23
C PHE R 217 14.41 10.81 36.72
N ASP R 218 14.17 11.30 35.51
CA ASP R 218 12.83 11.40 34.98
C ASP R 218 12.51 10.30 33.97
N ALA R 219 13.36 9.27 33.86
CA ALA R 219 13.18 8.24 32.85
C ALA R 219 11.78 7.64 32.90
N GLU R 220 11.34 7.25 34.09
CA GLU R 220 10.01 6.65 34.24
C GLU R 220 8.94 7.57 33.64
N GLY R 221 9.00 8.86 33.96
CA GLY R 221 8.02 9.79 33.42
C GLY R 221 8.00 9.76 31.91
N ASP R 222 9.18 9.74 31.29
CA ASP R 222 9.25 9.68 29.83
C ASP R 222 8.44 8.51 29.30
N MET R 223 8.59 7.34 29.94
CA MET R 223 7.87 6.16 29.48
C MET R 223 6.38 6.44 29.42
N VAL R 224 5.82 7.03 30.48
CA VAL R 224 4.40 7.33 30.50
C VAL R 224 4.04 8.20 29.29
N ARG R 225 4.83 9.26 29.07
CA ARG R 225 4.57 10.13 27.92
C ARG R 225 4.50 9.34 26.64
N ALA R 226 5.46 8.42 26.43
CA ALA R 226 5.48 7.67 25.18
C ALA R 226 4.20 6.87 25.01
N ILE R 227 3.70 6.27 26.10
CA ILE R 227 2.49 5.47 25.99
C ILE R 227 1.32 6.34 25.57
N LYS R 228 1.29 7.60 26.03
CA LYS R 228 0.20 8.47 25.64
C LYS R 228 0.28 8.89 24.17
N LYS R 229 1.47 8.83 23.57
CA LYS R 229 1.59 9.20 22.17
C LYS R 229 1.05 8.11 21.24
N LEU R 230 1.30 6.86 21.57
CA LEU R 230 0.87 5.74 20.73
C LEU R 230 -0.64 5.53 20.81
N CYS S 22 50.68 -16.58 -30.92
CA CYS S 22 50.03 -17.63 -30.15
C CYS S 22 50.72 -18.97 -30.36
N PRO S 23 51.26 -19.55 -29.29
CA PRO S 23 51.94 -20.84 -29.42
C PRO S 23 50.99 -22.02 -29.32
N SER S 24 49.69 -21.76 -29.46
CA SER S 24 48.68 -22.82 -29.31
C SER S 24 47.62 -22.64 -30.38
N ARG S 25 47.57 -23.58 -31.34
CA ARG S 25 46.50 -23.64 -32.32
C ARG S 25 46.08 -25.08 -32.60
N HIS S 26 46.33 -25.99 -31.67
CA HIS S 26 46.18 -27.43 -31.90
C HIS S 26 44.73 -27.85 -31.66
N ASN S 27 44.53 -29.17 -31.54
CA ASN S 27 43.24 -29.81 -31.32
C ASN S 27 42.31 -29.70 -32.52
N PHE S 28 41.91 -28.48 -32.86
CA PHE S 28 40.97 -28.27 -33.95
C PHE S 28 41.60 -28.67 -35.29
N ASP S 29 40.82 -29.38 -36.10
CA ASP S 29 41.31 -29.85 -37.39
C ASP S 29 41.53 -28.66 -38.33
N PRO S 30 42.71 -28.53 -38.94
CA PRO S 30 42.98 -27.34 -39.77
C PRO S 30 42.04 -27.15 -40.95
N GLU S 31 41.62 -28.23 -41.60
CA GLU S 31 40.70 -28.09 -42.73
C GLU S 31 39.36 -27.53 -42.28
N CYS S 32 38.85 -28.01 -41.15
CA CYS S 32 37.62 -27.46 -40.59
C CYS S 32 37.78 -25.99 -40.25
N GLU S 33 38.95 -25.62 -39.71
CA GLU S 33 39.20 -24.22 -39.39
C GLU S 33 39.16 -23.35 -40.64
N LYS S 34 39.79 -23.81 -41.72
CA LYS S 34 39.80 -23.05 -42.96
C LYS S 34 38.39 -22.87 -43.51
N ALA S 35 37.60 -23.96 -43.50
CA ALA S 35 36.23 -23.86 -44.01
C ALA S 35 35.39 -22.93 -43.14
N PHE S 36 35.58 -22.97 -41.82
CA PHE S 36 34.86 -22.08 -40.93
C PHE S 36 35.18 -20.62 -41.22
N VAL S 37 36.47 -20.31 -41.45
CA VAL S 37 36.86 -18.93 -41.75
C VAL S 37 36.22 -18.49 -43.07
N GLU S 38 36.19 -19.37 -44.07
CA GLU S 38 35.54 -19.04 -45.32
C GLU S 38 34.06 -18.70 -45.11
N HIS S 39 33.36 -19.51 -44.32
CA HIS S 39 31.95 -19.22 -44.08
C HIS S 39 31.76 -17.92 -43.29
N ILE S 40 32.69 -17.60 -42.39
CA ILE S 40 32.63 -16.33 -41.68
C ILE S 40 32.67 -15.17 -42.67
N HIS S 41 33.57 -15.26 -43.64
CA HIS S 41 33.65 -14.19 -44.64
C HIS S 41 32.38 -14.11 -45.48
N LEU S 42 31.77 -15.26 -45.77
CA LEU S 42 30.50 -15.24 -46.50
C LEU S 42 29.43 -14.50 -45.71
N GLU S 43 29.33 -14.76 -44.41
CA GLU S 43 28.34 -14.08 -43.58
C GLU S 43 28.61 -12.58 -43.52
N LEU S 44 29.87 -12.19 -43.42
CA LEU S 44 30.21 -10.77 -43.40
C LEU S 44 29.80 -10.09 -44.70
N ALA S 45 30.02 -10.77 -45.84
CA ALA S 45 29.62 -10.20 -47.12
C ALA S 45 28.10 -10.02 -47.19
N SER S 46 27.34 -10.99 -46.69
CA SER S 46 25.88 -10.85 -46.68
C SER S 46 25.45 -9.65 -45.83
N SER S 47 26.07 -9.49 -44.65
CA SER S 47 25.76 -8.35 -43.81
C SER S 47 26.05 -7.04 -44.51
N TYR S 48 27.18 -6.96 -45.22
CA TYR S 48 27.51 -5.74 -45.96
C TYR S 48 26.50 -5.47 -47.06
N HIS S 49 26.06 -6.52 -47.76
CA HIS S 49 25.14 -6.29 -48.87
C HIS S 49 23.77 -5.83 -48.40
N ALA S 50 23.35 -6.21 -47.19
CA ALA S 50 22.09 -5.68 -46.68
C ALA S 50 22.11 -4.16 -46.52
N TRP S 51 23.29 -3.60 -46.24
CA TRP S 51 23.42 -2.15 -46.05
C TRP S 51 23.06 -1.39 -47.32
N SER S 52 23.46 -1.90 -48.48
CA SER S 52 23.16 -1.23 -49.74
C SER S 52 21.66 -1.15 -49.99
N MET S 53 20.94 -2.24 -49.73
CA MET S 53 19.49 -2.22 -49.88
C MET S 53 18.86 -1.23 -48.90
N TRP S 54 19.34 -1.21 -47.65
CA TRP S 54 18.82 -0.25 -46.68
C TRP S 54 19.01 1.17 -47.17
N ALA S 55 20.18 1.48 -47.72
CA ALA S 55 20.44 2.84 -48.21
C ALA S 55 19.60 3.16 -49.43
N PHE S 56 19.38 2.16 -50.30
CA PHE S 56 18.59 2.40 -51.50
C PHE S 56 17.15 2.74 -51.17
N TYR S 57 16.55 2.02 -50.23
CA TYR S 57 15.13 2.23 -49.99
C TYR S 57 14.84 3.42 -49.07
N ALA S 58 15.87 4.09 -48.56
CA ALA S 58 15.69 5.26 -47.71
C ALA S 58 15.82 6.58 -48.46
N ARG S 59 16.00 6.54 -49.78
CA ARG S 59 16.11 7.76 -50.56
C ARG S 59 14.80 8.53 -50.51
N ASP S 60 14.89 9.86 -50.66
CA ASP S 60 13.71 10.69 -50.59
C ASP S 60 12.75 10.46 -51.74
N CYS S 61 13.20 9.83 -52.82
CA CYS S 61 12.35 9.49 -53.93
C CYS S 61 11.81 8.06 -53.86
N LYS S 62 12.18 7.30 -52.82
CA LYS S 62 11.65 5.96 -52.61
C LYS S 62 10.79 5.90 -51.35
N ALA S 63 11.37 6.21 -50.18
CA ALA S 63 10.66 6.35 -48.92
C ALA S 63 9.76 5.15 -48.63
N ALA S 64 10.38 3.98 -48.50
CA ALA S 64 9.69 2.75 -48.15
C ALA S 64 10.14 2.32 -46.77
N VAL S 65 9.30 2.57 -45.76
CA VAL S 65 9.71 2.39 -44.37
C VAL S 65 9.86 0.90 -44.04
N GLY S 66 8.94 0.06 -44.54
CA GLY S 66 8.98 -1.35 -44.20
C GLY S 66 10.23 -2.05 -44.71
N MET S 67 10.60 -1.78 -45.96
CA MET S 67 11.81 -2.37 -46.51
C MET S 67 13.05 -1.89 -45.77
N THR S 68 13.06 -0.61 -45.37
CA THR S 68 14.17 -0.08 -44.60
C THR S 68 14.34 -0.84 -43.29
N ARG S 69 13.24 -1.02 -42.54
CA ARG S 69 13.31 -1.73 -41.28
C ARG S 69 13.78 -3.18 -41.49
N LEU S 70 13.23 -3.84 -42.50
CA LEU S 70 13.59 -5.24 -42.75
C LEU S 70 15.07 -5.38 -43.08
N CYS S 71 15.60 -4.49 -43.94
CA CYS S 71 17.00 -4.59 -44.33
C CYS S 71 17.93 -4.30 -43.15
N GLU S 72 17.58 -3.32 -42.32
CA GLU S 72 18.38 -3.04 -41.13
C GLU S 72 18.43 -4.27 -40.20
N TRP S 73 17.28 -4.88 -39.97
CA TRP S 73 17.22 -6.07 -39.13
C TRP S 73 18.07 -7.19 -39.71
N ALA S 74 17.99 -7.40 -41.02
CA ALA S 74 18.76 -8.47 -41.65
C ALA S 74 20.25 -8.25 -41.51
N SER S 75 20.71 -7.00 -41.70
CA SER S 75 22.14 -6.73 -41.57
C SER S 75 22.63 -7.03 -40.15
N HIS S 76 21.86 -6.60 -39.15
CA HIS S 76 22.28 -6.88 -37.77
C HIS S 76 22.31 -8.39 -37.49
N VAL S 77 21.32 -9.13 -38.00
CA VAL S 77 21.29 -10.57 -37.78
C VAL S 77 22.51 -11.24 -38.39
N SER S 78 22.87 -10.85 -39.62
CA SER S 78 24.04 -11.45 -40.27
C SER S 78 25.32 -11.15 -39.51
N ALA S 79 25.47 -9.90 -39.03
CA ALA S 79 26.66 -9.57 -38.25
C ALA S 79 26.75 -10.43 -36.99
N GLN S 80 25.62 -10.63 -36.30
CA GLN S 80 25.63 -11.46 -35.11
C GLN S 80 26.02 -12.90 -35.44
N ARG S 81 25.54 -13.42 -36.57
CA ARG S 81 25.89 -14.79 -36.95
C ARG S 81 27.39 -14.93 -37.20
N ALA S 82 27.99 -13.95 -37.89
CA ALA S 82 29.43 -14.00 -38.12
C ALA S 82 30.19 -13.97 -36.80
N ARG S 83 29.76 -13.11 -35.87
CA ARG S 83 30.41 -13.06 -34.56
C ARG S 83 30.31 -14.39 -33.83
N ARG S 84 29.15 -15.04 -33.91
CA ARG S 84 28.97 -16.32 -33.23
C ARG S 84 29.89 -17.40 -33.80
N MET S 85 30.02 -17.47 -35.13
CA MET S 85 30.92 -18.47 -35.70
C MET S 85 32.37 -18.21 -35.32
N ALA S 86 32.79 -16.94 -35.33
CA ALA S 86 34.15 -16.62 -34.91
C ALA S 86 34.39 -17.01 -33.45
N ALA S 87 33.40 -16.76 -32.59
CA ALA S 87 33.52 -17.14 -31.19
C ALA S 87 33.65 -18.64 -31.03
N TYR S 88 32.89 -19.41 -31.82
CA TYR S 88 33.01 -20.86 -31.73
C TYR S 88 34.41 -21.31 -32.15
N VAL S 89 34.95 -20.73 -33.22
CA VAL S 89 36.29 -21.11 -33.63
C VAL S 89 37.30 -20.81 -32.53
N LEU S 90 37.18 -19.64 -31.89
CA LEU S 90 38.11 -19.29 -30.83
C LEU S 90 37.96 -20.19 -29.61
N THR S 91 36.75 -20.66 -29.31
CA THR S 91 36.55 -21.52 -28.15
C THR S 91 37.28 -22.85 -28.30
N ARG S 92 37.32 -23.40 -29.51
CA ARG S 92 37.99 -24.67 -29.74
C ARG S 92 39.50 -24.55 -29.82
N GLY S 93 40.04 -23.34 -29.77
CA GLY S 93 41.48 -23.15 -29.74
C GLY S 93 42.12 -22.74 -31.05
N GLY S 94 41.34 -22.33 -32.06
CA GLY S 94 41.88 -21.93 -33.33
C GLY S 94 42.14 -20.44 -33.44
N HIS S 95 42.55 -20.03 -34.63
CA HIS S 95 42.79 -18.63 -34.96
C HIS S 95 41.86 -18.21 -36.09
N VAL S 96 41.55 -16.91 -36.14
CA VAL S 96 40.71 -16.34 -37.18
C VAL S 96 41.53 -15.29 -37.92
N ASP S 97 41.64 -15.44 -39.24
CA ASP S 97 42.34 -14.49 -40.09
C ASP S 97 41.34 -13.82 -41.01
N TYR S 98 41.35 -12.49 -41.04
CA TYR S 98 40.39 -11.71 -41.79
C TYR S 98 41.01 -11.21 -43.10
N LYS S 99 40.17 -11.13 -44.13
CA LYS S 99 40.61 -10.68 -45.43
C LYS S 99 39.59 -9.71 -46.01
N GLU S 100 39.72 -9.44 -47.29
CA GLU S 100 38.99 -8.38 -47.97
C GLU S 100 37.52 -8.73 -48.16
N ILE S 101 36.68 -7.71 -48.06
CA ILE S 101 35.23 -7.85 -48.21
C ILE S 101 34.82 -7.20 -49.53
N PRO S 102 34.28 -7.95 -50.48
CA PRO S 102 33.95 -7.36 -51.79
C PRO S 102 32.71 -6.49 -51.74
N ALA S 103 32.61 -5.60 -52.72
CA ALA S 103 31.47 -4.71 -52.85
C ALA S 103 30.29 -5.43 -53.50
N PRO S 104 29.06 -5.05 -53.16
CA PRO S 104 27.89 -5.63 -53.83
C PRO S 104 27.84 -5.24 -55.30
N LYS S 105 27.29 -6.14 -56.11
CA LYS S 105 27.30 -5.93 -57.56
C LYS S 105 26.20 -4.98 -58.00
N LYS S 106 24.94 -5.34 -57.76
CA LYS S 106 23.81 -4.51 -58.14
C LYS S 106 23.33 -3.71 -56.93
N GLN S 107 23.03 -2.44 -57.16
CA GLN S 107 22.59 -1.55 -56.10
C GLN S 107 21.26 -0.88 -56.45
N GLY S 108 20.44 -1.53 -57.25
CA GLY S 108 19.12 -1.02 -57.59
C GLY S 108 18.18 -2.15 -57.90
N TRP S 109 16.90 -1.93 -57.61
CA TRP S 109 15.88 -2.95 -57.83
C TRP S 109 14.63 -2.30 -58.39
N ASP S 110 14.02 -2.97 -59.37
CA ASP S 110 12.85 -2.41 -60.04
C ASP S 110 11.62 -2.41 -59.13
N ASN S 111 11.41 -3.50 -58.38
CA ASN S 111 10.28 -3.59 -57.47
C ASN S 111 10.67 -4.50 -56.31
N PHE S 112 9.73 -4.69 -55.39
CA PHE S 112 10.01 -5.47 -54.19
C PHE S 112 10.27 -6.94 -54.51
N GLU S 113 9.65 -7.45 -55.58
CA GLU S 113 9.80 -8.87 -55.90
C GLU S 113 11.26 -9.21 -56.21
N ASP S 114 11.96 -8.35 -56.93
CA ASP S 114 13.36 -8.61 -57.23
C ASP S 114 14.21 -8.69 -55.97
N ALA S 115 13.99 -7.76 -55.03
CA ALA S 115 14.74 -7.78 -53.78
C ALA S 115 14.47 -9.04 -52.99
N PHE S 116 13.20 -9.46 -52.90
CA PHE S 116 12.89 -10.67 -52.15
C PHE S 116 13.49 -11.90 -52.82
N SER S 117 13.48 -11.95 -54.16
CA SER S 117 14.11 -13.06 -54.85
C SER S 117 15.62 -13.11 -54.59
N HIS S 118 16.27 -11.94 -54.60
CA HIS S 118 17.69 -11.88 -54.29
C HIS S 118 17.98 -12.43 -52.90
N CYS S 119 17.17 -12.04 -51.92
CA CYS S 119 17.37 -12.52 -50.56
C CYS S 119 17.17 -14.04 -50.47
N VAL S 120 16.16 -14.56 -51.16
CA VAL S 120 15.90 -16.00 -51.13
C VAL S 120 17.08 -16.77 -51.72
N ALA S 121 17.63 -16.29 -52.84
CA ALA S 121 18.78 -16.94 -53.45
C ALA S 121 19.98 -16.93 -52.51
N ASN S 122 20.20 -15.81 -51.83
CA ASN S 122 21.31 -15.74 -50.88
C ASN S 122 21.13 -16.76 -49.76
N LYS S 123 19.91 -16.90 -49.25
CA LYS S 123 19.65 -17.88 -48.20
C LYS S 123 19.96 -19.29 -48.68
N LYS S 124 19.57 -19.61 -49.91
CA LYS S 124 19.87 -20.93 -50.44
C LYS S 124 21.38 -21.18 -50.51
N ARG S 125 22.14 -20.18 -50.96
CA ARG S 125 23.59 -20.33 -51.01
C ARG S 125 24.17 -20.58 -49.63
N ILE S 126 23.70 -19.83 -48.63
CA ILE S 126 24.19 -20.01 -47.26
C ILE S 126 23.91 -21.43 -46.77
N LEU S 127 22.71 -21.93 -47.05
CA LEU S 127 22.35 -23.28 -46.61
C LEU S 127 23.24 -24.33 -47.26
N THR S 128 23.54 -24.17 -48.54
CA THR S 128 24.43 -25.12 -49.21
C THR S 128 25.81 -25.13 -48.57
N SER S 129 26.35 -23.95 -48.28
CA SER S 129 27.66 -23.88 -47.63
C SER S 129 27.64 -24.56 -46.27
N LEU S 130 26.59 -24.33 -45.48
CA LEU S 130 26.51 -24.95 -44.16
C LEU S 130 26.42 -26.47 -44.26
N GLN S 131 25.67 -26.97 -45.24
CA GLN S 131 25.59 -28.41 -45.42
C GLN S 131 26.94 -29.01 -45.77
N SER S 132 27.71 -28.33 -46.62
CA SER S 132 29.06 -28.79 -46.93
C SER S 132 29.93 -28.83 -45.67
N LEU S 133 29.83 -27.80 -44.83
CA LEU S 133 30.59 -27.79 -43.59
C LEU S 133 30.22 -28.99 -42.70
N TYR S 134 28.92 -29.25 -42.56
CA TYR S 134 28.48 -30.37 -41.74
C TYR S 134 29.01 -31.69 -42.28
N GLN S 135 28.98 -31.86 -43.60
CA GLN S 135 29.52 -33.07 -44.18
C GLN S 135 31.01 -33.22 -43.90
N CYS S 136 31.75 -32.10 -43.96
CA CYS S 136 33.18 -32.16 -43.71
C CYS S 136 33.49 -32.59 -42.28
N CYS S 137 32.77 -32.05 -41.30
CA CYS S 137 33.14 -32.26 -39.90
C CYS S 137 32.38 -33.41 -39.23
N GLN S 138 31.56 -34.15 -39.98
CA GLN S 138 30.66 -35.12 -39.35
C GLN S 138 31.40 -36.35 -38.84
N SER S 139 32.43 -36.79 -39.54
CA SER S 139 33.04 -38.08 -39.23
C SER S 139 33.76 -38.07 -37.88
N LYS S 140 34.50 -37.01 -37.58
CA LYS S 140 35.35 -36.97 -36.39
C LYS S 140 34.71 -36.22 -35.23
N ASP S 141 34.35 -34.96 -35.43
CA ASP S 141 33.92 -34.09 -34.32
C ASP S 141 32.40 -34.09 -34.23
N ALA S 142 31.87 -34.67 -33.16
CA ALA S 142 30.42 -34.68 -32.96
C ALA S 142 29.90 -33.33 -32.49
N HIS S 143 30.64 -32.67 -31.59
CA HIS S 143 30.20 -31.38 -31.07
C HIS S 143 30.14 -30.33 -32.17
N CYS S 144 31.12 -30.34 -33.07
CA CYS S 144 31.12 -29.38 -34.18
C CYS S 144 29.92 -29.57 -35.09
N SER S 145 29.60 -30.82 -35.43
CA SER S 145 28.46 -31.09 -36.29
C SER S 145 27.15 -30.69 -35.60
N ASN S 146 27.04 -30.97 -34.30
CA ASN S 146 25.85 -30.54 -33.57
C ASN S 146 25.72 -29.02 -33.57
N PHE S 147 26.84 -28.31 -33.37
CA PHE S 147 26.80 -26.85 -33.42
C PHE S 147 26.34 -26.36 -34.78
N ILE S 148 26.84 -26.98 -35.86
CA ILE S 148 26.44 -26.56 -37.20
C ILE S 148 24.95 -26.78 -37.41
N GLN S 149 24.44 -27.94 -37.02
CA GLN S 149 23.05 -28.25 -37.33
C GLN S 149 22.06 -27.59 -36.39
N THR S 150 22.49 -27.10 -35.22
CA THR S 150 21.56 -26.43 -34.32
C THR S 150 21.69 -24.91 -34.36
N ASP S 151 22.89 -24.37 -34.18
CA ASP S 151 23.06 -22.94 -33.97
C ASP S 151 23.18 -22.14 -35.26
N MET S 152 23.23 -22.78 -36.43
CA MET S 152 23.40 -22.05 -37.68
C MET S 152 22.31 -22.28 -38.71
N MET S 153 21.69 -23.46 -38.75
CA MET S 153 20.74 -23.79 -39.80
C MET S 153 19.32 -23.33 -39.50
N ASP S 154 18.92 -23.34 -38.22
CA ASP S 154 17.54 -23.05 -37.86
C ASP S 154 17.11 -21.66 -38.29
N GLU S 155 17.97 -20.66 -38.04
CA GLU S 155 17.68 -19.29 -38.44
C GLU S 155 17.46 -19.20 -39.95
N VAL S 156 18.32 -19.87 -40.72
CA VAL S 156 18.21 -19.80 -42.17
C VAL S 156 16.91 -20.41 -42.64
N ILE S 157 16.51 -21.55 -42.08
CA ILE S 157 15.26 -22.20 -42.48
C ILE S 157 14.08 -21.29 -42.20
N ALA S 158 14.04 -20.71 -40.98
CA ALA S 158 12.91 -19.86 -40.62
C ALA S 158 12.84 -18.62 -41.51
N TRP S 159 13.99 -17.97 -41.75
CA TRP S 159 14.00 -16.78 -42.57
C TRP S 159 13.59 -17.10 -44.01
N ASN S 160 14.01 -18.24 -44.53
CA ASN S 160 13.62 -18.63 -45.88
C ASN S 160 12.10 -18.80 -45.98
N LYS S 161 11.49 -19.44 -44.98
CA LYS S 161 10.04 -19.58 -45.01
C LYS S 161 9.34 -18.22 -44.98
N PHE S 162 9.81 -17.32 -44.11
CA PHE S 162 9.18 -16.00 -44.02
C PHE S 162 9.30 -15.24 -45.34
N LEU S 163 10.48 -15.24 -45.95
CA LEU S 163 10.68 -14.51 -47.19
C LEU S 163 9.85 -15.11 -48.33
N SER S 164 9.74 -16.44 -48.37
CA SER S 164 8.92 -17.06 -49.41
C SER S 164 7.45 -16.67 -49.26
N ASP S 165 6.95 -16.63 -48.01
CA ASP S 165 5.58 -16.21 -47.80
C ASP S 165 5.36 -14.78 -48.26
N CYS S 166 6.30 -13.88 -47.92
CA CYS S 166 6.18 -12.49 -48.37
C CYS S 166 6.19 -12.40 -49.89
N LEU S 167 7.05 -13.17 -50.55
CA LEU S 167 7.13 -13.14 -52.00
C LEU S 167 5.83 -13.61 -52.65
N SER S 168 5.24 -14.68 -52.12
CA SER S 168 3.96 -15.15 -52.66
C SER S 168 2.87 -14.10 -52.49
N ASN S 169 2.82 -13.46 -51.32
CA ASN S 169 1.83 -12.42 -51.11
C ASN S 169 2.01 -11.26 -52.09
N LEU S 170 3.27 -10.85 -52.31
CA LEU S 170 3.54 -9.76 -53.23
C LEU S 170 3.14 -10.12 -54.65
N HIS S 171 3.45 -11.35 -55.08
CA HIS S 171 3.09 -11.77 -56.42
C HIS S 171 1.58 -11.77 -56.60
N CYS S 172 0.84 -12.21 -55.58
CA CYS S 172 -0.61 -12.19 -55.68
C CYS S 172 -1.15 -10.75 -55.73
N ILE S 173 -0.57 -9.85 -54.94
CA ILE S 173 -1.12 -8.50 -54.83
C ILE S 173 -1.01 -7.76 -56.16
N GLY S 174 0.16 -7.80 -56.78
CA GLY S 174 0.41 -7.07 -58.02
C GLY S 174 1.58 -6.14 -57.87
N SER S 175 1.72 -5.25 -58.86
CA SER S 175 2.83 -4.30 -58.85
C SER S 175 2.43 -2.89 -59.29
N GLN S 176 1.14 -2.58 -59.38
CA GLN S 176 0.69 -1.28 -59.82
C GLN S 176 -0.39 -0.76 -58.87
N GLY S 177 -0.50 0.55 -58.80
CA GLY S 177 -1.47 1.18 -57.92
C GLY S 177 -0.93 1.38 -56.52
N MET S 178 -1.81 1.28 -55.52
CA MET S 178 -1.42 1.47 -54.14
C MET S 178 -1.27 0.17 -53.36
N GLY S 179 -1.28 -0.98 -54.03
CA GLY S 179 -1.09 -2.25 -53.38
C GLY S 179 0.25 -2.37 -52.68
N PRO S 180 1.35 -2.10 -53.40
CA PRO S 180 2.67 -2.17 -52.76
C PRO S 180 2.82 -1.24 -51.57
N TRP S 181 2.20 -0.05 -51.62
CA TRP S 181 2.30 0.91 -50.53
C TRP S 181 1.63 0.39 -49.26
N VAL S 182 0.43 -0.18 -49.42
CA VAL S 182 -0.27 -0.77 -48.28
C VAL S 182 0.52 -1.94 -47.72
N PHE S 183 1.06 -2.77 -48.62
CA PHE S 183 1.92 -3.87 -48.18
C PHE S 183 3.11 -3.36 -47.39
N ASP S 184 3.70 -2.24 -47.83
CA ASP S 184 4.85 -1.68 -47.12
C ASP S 184 4.47 -1.22 -45.72
N ARG S 185 3.31 -0.57 -45.56
CA ARG S 185 2.90 -0.21 -44.21
C ARG S 185 2.77 -1.45 -43.33
N TRP S 186 2.10 -2.48 -43.85
CA TRP S 186 1.89 -3.69 -43.07
C TRP S 186 3.22 -4.33 -42.67
N LEU S 187 4.17 -4.37 -43.61
CA LEU S 187 5.47 -4.95 -43.31
C LEU S 187 6.18 -4.17 -42.22
N ALA S 188 6.12 -2.84 -42.29
CA ALA S 188 6.74 -2.03 -41.24
C ALA S 188 6.11 -2.34 -39.88
N ARG S 189 4.79 -2.44 -39.84
CA ARG S 189 4.11 -2.72 -38.58
C ARG S 189 4.54 -4.06 -38.00
N ILE S 190 4.62 -5.10 -38.83
CA ILE S 190 4.93 -6.41 -38.28
C ILE S 190 6.42 -6.52 -37.92
N VAL S 191 7.30 -5.84 -38.65
CA VAL S 191 8.73 -5.92 -38.31
C VAL S 191 9.00 -5.16 -37.01
N MET S 192 8.39 -3.98 -36.85
CA MET S 192 8.69 -3.14 -35.69
C MET S 192 8.23 -3.78 -34.39
N SER S 193 7.32 -4.75 -34.43
CA SER S 193 6.86 -5.41 -33.22
C SER S 193 7.87 -6.38 -32.64
N LYS S 194 8.96 -6.65 -33.35
CA LYS S 194 9.94 -7.63 -32.93
C LYS S 194 11.33 -7.04 -32.72
N PHE S 195 11.75 -6.08 -33.54
CA PHE S 195 13.11 -5.60 -33.52
C PHE S 195 13.15 -4.09 -33.32
N LYS S 196 14.11 -3.65 -32.52
CA LYS S 196 14.35 -2.23 -32.25
C LYS S 196 15.81 -2.07 -31.83
N HIS S 197 16.62 -1.47 -32.69
CA HIS S 197 18.04 -1.37 -32.39
C HIS S 197 18.29 -0.25 -31.38
N PRO S 198 18.85 -0.55 -30.22
CA PRO S 198 19.15 0.51 -29.25
C PRO S 198 20.38 1.30 -29.66
N LYS S 199 20.50 2.49 -29.10
CA LYS S 199 21.63 3.35 -29.35
C LYS S 199 22.88 2.81 -28.64
N ILE S 200 24.03 3.04 -29.25
CA ILE S 200 25.32 2.66 -28.68
C ILE S 200 25.85 3.85 -27.89
N PRO S 201 26.09 3.71 -26.59
CA PRO S 201 26.66 4.83 -25.82
C PRO S 201 28.10 5.10 -26.22
N SER S 202 28.53 6.35 -26.00
CA SER S 202 29.85 6.79 -26.40
C SER S 202 30.34 7.84 -25.41
N LEU S 203 31.42 8.54 -25.78
CA LEU S 203 32.00 9.59 -24.97
C LEU S 203 31.81 10.94 -25.66
N SER S 204 31.80 12.00 -24.85
CA SER S 204 31.60 13.36 -25.37
C SER S 204 32.30 14.34 -24.45
N THR S 205 32.26 15.62 -24.83
CA THR S 205 32.86 16.69 -24.04
C THR S 205 31.82 17.49 -23.26
N SER S 206 30.58 17.01 -23.17
CA SER S 206 29.59 17.67 -22.34
C SER S 206 29.97 17.57 -20.87
N ASP S 207 29.71 18.63 -20.12
CA ASP S 207 30.09 18.73 -18.71
C ASP S 207 31.58 18.49 -18.53
N LEU S 208 32.37 19.33 -19.19
CA LEU S 208 33.82 19.16 -19.17
C LEU S 208 34.38 19.33 -17.76
N GLU S 209 33.85 20.28 -17.00
CA GLU S 209 34.36 20.57 -15.67
C GLU S 209 34.10 19.45 -14.68
N SER S 210 33.24 18.48 -15.00
CA SER S 210 32.92 17.41 -14.09
C SER S 210 33.79 16.18 -14.27
N ASN S 211 34.24 15.90 -15.49
CA ASN S 211 35.08 14.74 -15.80
C ASN S 211 36.42 15.26 -16.29
N ILE S 212 37.32 15.58 -15.36
CA ILE S 212 38.51 16.34 -15.71
C ILE S 212 39.53 15.46 -16.44
N PRO S 213 40.03 14.34 -15.87
CA PRO S 213 40.92 13.49 -16.67
C PRO S 213 40.16 12.89 -17.83
N ASN S 214 39.09 12.17 -17.52
CA ASN S 214 38.11 11.67 -18.48
C ASN S 214 36.96 11.08 -17.69
N GLU S 215 35.92 10.67 -18.39
CA GLU S 215 34.69 10.23 -17.72
C GLU S 215 34.84 8.85 -17.08
N LEU S 216 35.57 7.94 -17.73
CA LEU S 216 35.59 6.55 -17.27
C LEU S 216 36.45 6.34 -16.04
N PHE S 217 37.52 7.13 -15.88
CA PHE S 217 38.55 6.82 -14.89
C PHE S 217 38.02 6.81 -13.46
N ASP S 218 36.89 7.45 -13.19
CA ASP S 218 36.35 7.49 -11.83
C ASP S 218 35.20 6.52 -11.61
N ALA S 219 34.96 5.60 -12.54
CA ALA S 219 33.81 4.71 -12.45
C ALA S 219 33.76 3.99 -11.11
N GLU S 220 34.89 3.41 -10.69
CA GLU S 220 34.93 2.71 -9.41
C GLU S 220 34.46 3.60 -8.27
N GLY S 221 34.96 4.83 -8.23
CA GLY S 221 34.54 5.75 -7.19
C GLY S 221 33.04 5.94 -7.16
N ASP S 222 32.43 6.09 -8.35
CA ASP S 222 30.98 6.24 -8.42
C ASP S 222 30.28 5.10 -7.70
N MET S 223 30.76 3.87 -7.93
CA MET S 223 30.13 2.71 -7.30
C MET S 223 30.10 2.88 -5.79
N VAL S 224 31.21 3.29 -5.20
CA VAL S 224 31.26 3.49 -3.75
C VAL S 224 30.19 4.48 -3.33
N ARG S 225 30.12 5.62 -4.03
CA ARG S 225 29.09 6.61 -3.74
C ARG S 225 27.71 5.98 -3.73
N ALA S 226 27.41 5.18 -4.76
CA ALA S 226 26.08 4.59 -4.86
C ALA S 226 25.79 3.73 -3.64
N ILE S 227 26.77 2.94 -3.20
CA ILE S 227 26.54 2.07 -2.05
C ILE S 227 26.21 2.90 -0.82
N LYS S 228 26.83 4.07 -0.68
CA LYS S 228 26.56 4.90 0.48
C LYS S 228 25.17 5.51 0.42
N LYS S 229 24.57 5.62 -0.76
CA LYS S 229 23.23 6.19 -0.84
C LYS S 229 22.16 5.20 -0.39
N LEU S 230 22.32 3.94 -0.73
CA LEU S 230 21.32 2.92 -0.39
C LEU S 230 21.37 2.58 1.09
N CYS T 22 -32.28 -8.09 -51.88
CA CYS T 22 -31.67 -9.29 -51.31
C CYS T 22 -32.06 -10.53 -52.11
N PRO T 23 -31.07 -11.20 -52.70
CA PRO T 23 -31.36 -12.41 -53.48
C PRO T 23 -31.44 -13.66 -52.63
N SER T 24 -31.56 -13.49 -51.31
CA SER T 24 -31.57 -14.63 -50.39
C SER T 24 -32.62 -14.40 -49.32
N ARG T 25 -33.69 -15.20 -49.35
CA ARG T 25 -34.69 -15.21 -48.28
C ARG T 25 -35.16 -16.63 -47.99
N HIS T 26 -34.36 -17.63 -48.31
CA HIS T 26 -34.78 -19.03 -48.27
C HIS T 26 -34.63 -19.60 -46.86
N ASN T 27 -34.68 -20.93 -46.77
CA ASN T 27 -34.56 -21.70 -45.52
C ASN T 27 -35.75 -21.50 -44.60
N PHE T 28 -35.93 -20.28 -44.10
CA PHE T 28 -36.99 -20.00 -43.15
C PHE T 28 -38.36 -20.16 -43.81
N ASP T 29 -39.27 -20.82 -43.09
CA ASP T 29 -40.61 -21.06 -43.61
C ASP T 29 -41.38 -19.74 -43.74
N PRO T 30 -41.96 -19.44 -44.91
CA PRO T 30 -42.60 -18.13 -45.08
C PRO T 30 -43.76 -17.85 -44.13
N GLU T 31 -44.56 -18.86 -43.80
CA GLU T 31 -45.67 -18.64 -42.87
C GLU T 31 -45.16 -18.26 -41.49
N CYS T 32 -44.11 -18.93 -41.02
CA CYS T 32 -43.50 -18.56 -39.75
C CYS T 32 -42.96 -17.14 -39.79
N GLU T 33 -42.36 -16.76 -40.92
CA GLU T 33 -41.85 -15.40 -41.05
C GLU T 33 -42.98 -14.38 -40.96
N LYS T 34 -44.10 -14.63 -41.62
CA LYS T 34 -45.22 -13.71 -41.57
C LYS T 34 -45.76 -13.58 -40.14
N ALA T 35 -45.91 -14.71 -39.45
CA ALA T 35 -46.41 -14.65 -38.08
C ALA T 35 -45.44 -13.92 -37.17
N PHE T 36 -44.14 -14.13 -37.36
CA PHE T 36 -43.14 -13.43 -36.56
C PHE T 36 -43.22 -11.92 -36.77
N VAL T 37 -43.39 -11.48 -38.02
CA VAL T 37 -43.50 -10.05 -38.30
C VAL T 37 -44.76 -9.48 -37.63
N GLU T 38 -45.86 -10.21 -37.68
CA GLU T 38 -47.07 -9.77 -36.99
C GLU T 38 -46.83 -9.58 -35.50
N HIS T 39 -46.16 -10.54 -34.86
CA HIS T 39 -45.90 -10.40 -33.44
C HIS T 39 -44.95 -9.24 -33.14
N ILE T 40 -44.00 -8.98 -34.05
CA ILE T 40 -43.12 -7.82 -33.88
C ILE T 40 -43.94 -6.54 -33.82
N HIS T 41 -44.91 -6.42 -34.73
CA HIS T 41 -45.75 -5.22 -34.72
C HIS T 41 -46.59 -5.13 -33.45
N LEU T 42 -47.04 -6.28 -32.94
CA LEU T 42 -47.78 -6.26 -31.67
C LEU T 42 -46.90 -5.72 -30.53
N GLU T 43 -45.65 -6.17 -30.46
CA GLU T 43 -44.75 -5.69 -29.42
C GLU T 43 -44.49 -4.19 -29.56
N LEU T 44 -44.31 -3.72 -30.80
CA LEU T 44 -44.10 -2.29 -31.02
C LEU T 44 -45.31 -1.48 -30.55
N ALA T 45 -46.52 -1.98 -30.83
CA ALA T 45 -47.72 -1.27 -30.38
C ALA T 45 -47.78 -1.20 -28.86
N SER T 46 -47.42 -2.29 -28.18
CA SER T 46 -47.41 -2.27 -26.71
C SER T 46 -46.41 -1.24 -26.18
N SER T 47 -45.22 -1.19 -26.79
CA SER T 47 -44.23 -0.20 -26.39
C SER T 47 -44.74 1.21 -26.57
N TYR T 48 -45.42 1.47 -27.69
CA TYR T 48 -45.98 2.80 -27.92
C TYR T 48 -47.05 3.14 -26.89
N HIS T 49 -47.89 2.17 -26.54
CA HIS T 49 -48.97 2.47 -25.60
C HIS T 49 -48.46 2.76 -24.20
N ALA T 50 -47.31 2.18 -23.81
CA ALA T 50 -46.75 2.53 -22.51
C ALA T 50 -46.39 4.01 -22.41
N TRP T 51 -46.02 4.62 -23.54
CA TRP T 51 -45.64 6.04 -23.56
C TRP T 51 -46.80 6.93 -23.13
N SER T 52 -48.00 6.62 -23.57
CA SER T 52 -49.16 7.43 -23.22
C SER T 52 -49.42 7.42 -21.72
N MET T 53 -49.32 6.25 -21.09
CA MET T 53 -49.48 6.18 -19.64
C MET T 53 -48.38 6.97 -18.93
N TRP T 54 -47.14 6.85 -19.41
CA TRP T 54 -46.06 7.63 -18.82
C TRP T 54 -46.35 9.12 -18.89
N ALA T 55 -46.83 9.59 -20.04
CA ALA T 55 -47.13 11.02 -20.18
C ALA T 55 -48.31 11.43 -19.32
N PHE T 56 -49.30 10.55 -19.18
CA PHE T 56 -50.47 10.89 -18.38
C PHE T 56 -50.11 11.06 -16.91
N TYR T 57 -49.29 10.17 -16.37
CA TYR T 57 -49.04 10.24 -14.94
C TYR T 57 -47.97 11.26 -14.55
N ALA T 58 -47.36 11.94 -15.52
CA ALA T 58 -46.36 12.96 -15.25
C ALA T 58 -46.93 14.37 -15.27
N ARG T 59 -48.24 14.53 -15.46
CA ARG T 59 -48.84 15.86 -15.47
C ARG T 59 -48.70 16.50 -14.10
N ASP T 60 -48.67 17.84 -14.09
CA ASP T 60 -48.50 18.56 -12.84
C ASP T 60 -49.68 18.41 -11.90
N CYS T 61 -50.83 17.97 -12.42
CA CYS T 61 -51.99 17.72 -11.58
C CYS T 61 -52.12 16.26 -11.16
N LYS T 62 -51.19 15.40 -11.59
CA LYS T 62 -51.16 14.00 -11.17
C LYS T 62 -49.94 13.70 -10.32
N ALA T 63 -48.74 13.89 -10.87
CA ALA T 63 -47.47 13.80 -10.15
C ALA T 63 -47.36 12.50 -9.35
N ALA T 64 -47.38 11.38 -10.06
CA ALA T 64 -47.21 10.06 -9.47
C ALA T 64 -45.89 9.49 -9.96
N VAL T 65 -44.87 9.53 -9.10
CA VAL T 65 -43.52 9.19 -9.53
C VAL T 65 -43.39 7.69 -9.79
N GLY T 66 -44.01 6.86 -8.94
CA GLY T 66 -43.87 5.42 -9.09
C GLY T 66 -44.44 4.91 -10.40
N MET T 67 -45.65 5.37 -10.75
CA MET T 67 -46.26 4.95 -12.00
C MET T 67 -45.44 5.42 -13.19
N THR T 68 -44.87 6.63 -13.10
CA THR T 68 -44.02 7.14 -14.16
C THR T 68 -42.83 6.23 -14.39
N ARG T 69 -42.12 5.86 -13.31
CA ARG T 69 -40.97 4.99 -13.44
C ARG T 69 -41.37 3.63 -14.01
N LEU T 70 -42.47 3.07 -13.54
CA LEU T 70 -42.90 1.75 -14.00
C LEU T 70 -43.23 1.78 -15.49
N CYS T 71 -43.95 2.81 -15.95
CA CYS T 71 -44.34 2.88 -17.35
C CYS T 71 -43.12 3.08 -18.25
N GLU T 72 -42.16 3.91 -17.82
CA GLU T 72 -40.94 4.09 -18.60
C GLU T 72 -40.19 2.75 -18.75
N TRP T 73 -40.05 2.02 -17.65
CA TRP T 73 -39.38 0.73 -17.69
C TRP T 73 -40.10 -0.23 -18.62
N ALA T 74 -41.43 -0.27 -18.56
CA ALA T 74 -42.19 -1.17 -19.41
C ALA T 74 -42.01 -0.85 -20.89
N SER T 75 -42.01 0.43 -21.24
CA SER T 75 -41.83 0.80 -22.64
C SER T 75 -40.46 0.35 -23.15
N HIS T 76 -39.42 0.57 -22.36
CA HIS T 76 -38.09 0.14 -22.79
C HIS T 76 -38.02 -1.38 -22.95
N VAL T 77 -38.63 -2.12 -22.02
CA VAL T 77 -38.62 -3.57 -22.11
C VAL T 77 -39.30 -4.06 -23.38
N SER T 78 -40.46 -3.48 -23.70
CA SER T 78 -41.16 -3.89 -24.92
C SER T 78 -40.36 -3.59 -26.17
N ALA T 79 -39.71 -2.41 -26.22
CA ALA T 79 -38.88 -2.09 -27.38
C ALA T 79 -37.75 -3.11 -27.54
N GLN T 80 -37.10 -3.49 -26.42
CA GLN T 80 -36.04 -4.47 -26.50
C GLN T 80 -36.56 -5.82 -27.01
N ARG T 81 -37.75 -6.22 -26.57
CA ARG T 81 -38.31 -7.49 -27.03
C ARG T 81 -38.56 -7.48 -28.54
N ALA T 82 -39.10 -6.36 -29.05
CA ALA T 82 -39.32 -6.27 -30.50
C ALA T 82 -38.00 -6.35 -31.25
N ARG T 83 -36.97 -5.67 -30.75
CA ARG T 83 -35.65 -5.74 -31.39
C ARG T 83 -35.12 -7.17 -31.40
N ARG T 84 -35.30 -7.89 -30.30
CA ARG T 84 -34.80 -9.26 -30.22
C ARG T 84 -35.49 -10.17 -31.23
N MET T 85 -36.82 -10.05 -31.36
CA MET T 85 -37.51 -10.89 -32.34
C MET T 85 -37.09 -10.57 -33.76
N ALA T 86 -36.91 -9.28 -34.08
CA ALA T 86 -36.44 -8.92 -35.41
C ALA T 86 -35.05 -9.48 -35.68
N ALA T 87 -34.17 -9.43 -34.67
CA ALA T 87 -32.83 -9.98 -34.82
C ALA T 87 -32.88 -11.48 -35.07
N TYR T 88 -33.77 -12.19 -34.38
CA TYR T 88 -33.88 -13.62 -34.62
C TYR T 88 -34.34 -13.90 -36.04
N VAL T 89 -35.31 -13.14 -36.54
CA VAL T 89 -35.76 -13.35 -37.91
C VAL T 89 -34.61 -13.12 -38.88
N LEU T 90 -33.82 -12.06 -38.67
CA LEU T 90 -32.71 -11.79 -39.57
C LEU T 90 -31.63 -12.86 -39.50
N THR T 91 -31.41 -13.45 -38.33
CA THR T 91 -30.38 -14.48 -38.19
C THR T 91 -30.70 -15.71 -39.03
N ARG T 92 -31.97 -16.09 -39.11
CA ARG T 92 -32.37 -17.26 -39.88
C ARG T 92 -32.41 -17.01 -41.38
N GLY T 93 -32.19 -15.78 -41.82
CA GLY T 93 -32.12 -15.48 -43.24
C GLY T 93 -33.36 -14.85 -43.85
N GLY T 94 -34.31 -14.37 -43.03
CA GLY T 94 -35.51 -13.76 -43.55
C GLY T 94 -35.41 -12.24 -43.68
N HIS T 95 -36.53 -11.65 -44.05
CA HIS T 95 -36.66 -10.20 -44.18
C HIS T 95 -37.74 -9.70 -43.23
N VAL T 96 -37.61 -8.44 -42.81
CA VAL T 96 -38.58 -7.80 -41.93
C VAL T 96 -39.15 -6.60 -42.66
N ASP T 97 -40.48 -6.56 -42.78
CA ASP T 97 -41.18 -5.44 -43.41
C ASP T 97 -42.02 -4.74 -42.36
N TYR T 98 -41.87 -3.42 -42.26
CA TYR T 98 -42.52 -2.63 -41.24
C TYR T 98 -43.74 -1.91 -41.81
N LYS T 99 -44.76 -1.75 -40.97
CA LYS T 99 -45.98 -1.10 -41.38
C LYS T 99 -46.43 -0.14 -40.28
N GLU T 100 -47.66 0.31 -40.39
CA GLU T 100 -48.20 1.39 -39.58
C GLU T 100 -48.45 0.96 -38.14
N ILE T 101 -48.23 1.88 -37.22
CA ILE T 101 -48.41 1.65 -35.78
C ILE T 101 -49.63 2.44 -35.33
N PRO T 102 -50.69 1.79 -34.85
CA PRO T 102 -51.90 2.52 -34.48
C PRO T 102 -51.75 3.27 -33.16
N ALA T 103 -52.60 4.28 -33.00
CA ALA T 103 -52.62 5.08 -31.79
C ALA T 103 -53.38 4.36 -30.67
N PRO T 104 -53.00 4.60 -29.42
CA PRO T 104 -53.77 4.02 -28.30
C PRO T 104 -55.16 4.61 -28.22
N LYS T 105 -56.10 3.79 -27.74
CA LYS T 105 -57.51 4.19 -27.74
C LYS T 105 -57.83 5.09 -26.56
N LYS T 106 -57.65 4.61 -25.34
CA LYS T 106 -57.93 5.39 -24.14
C LYS T 106 -56.63 5.97 -23.60
N GLN T 107 -56.68 7.24 -23.19
CA GLN T 107 -55.51 7.94 -22.68
C GLN T 107 -55.79 8.54 -21.31
N GLY T 108 -56.69 7.94 -20.55
CA GLY T 108 -56.96 8.39 -19.19
C GLY T 108 -57.44 7.24 -18.34
N TRP T 109 -57.14 7.31 -17.05
CA TRP T 109 -57.50 6.25 -16.12
C TRP T 109 -57.99 6.87 -14.81
N ASP T 110 -59.05 6.29 -14.26
CA ASP T 110 -59.65 6.84 -13.05
C ASP T 110 -58.77 6.62 -11.83
N ASN T 111 -58.18 5.43 -11.70
CA ASN T 111 -57.30 5.12 -10.58
C ASN T 111 -56.27 4.09 -11.04
N PHE T 112 -55.39 3.71 -10.12
CA PHE T 112 -54.31 2.80 -10.47
C PHE T 112 -54.82 1.41 -10.84
N GLU T 113 -55.96 1.00 -10.27
CA GLU T 113 -56.47 -0.34 -10.53
C GLU T 113 -56.80 -0.53 -12.01
N ASP T 114 -57.39 0.49 -12.64
CA ASP T 114 -57.71 0.38 -14.06
C ASP T 114 -56.46 0.20 -14.91
N ALA T 115 -55.41 0.97 -14.61
CA ALA T 115 -54.16 0.84 -15.36
C ALA T 115 -53.56 -0.54 -15.20
N PHE T 116 -53.53 -1.06 -13.96
CA PHE T 116 -52.96 -2.38 -13.75
C PHE T 116 -53.78 -3.46 -14.45
N SER T 117 -55.12 -3.32 -14.45
CA SER T 117 -55.95 -4.28 -15.16
C SER T 117 -55.68 -4.24 -16.67
N HIS T 118 -55.52 -3.04 -17.21
CA HIS T 118 -55.18 -2.90 -18.63
C HIS T 118 -53.88 -3.62 -18.96
N CYS T 119 -52.86 -3.42 -18.13
CA CYS T 119 -51.58 -4.07 -18.37
C CYS T 119 -51.70 -5.60 -18.29
N VAL T 120 -52.47 -6.10 -17.33
CA VAL T 120 -52.64 -7.55 -17.18
C VAL T 120 -53.32 -8.13 -18.43
N ALA T 121 -54.35 -7.46 -18.93
CA ALA T 121 -55.03 -7.93 -20.13
C ALA T 121 -54.08 -7.95 -21.33
N ASN T 122 -53.25 -6.92 -21.46
CA ASN T 122 -52.29 -6.89 -22.55
C ASN T 122 -51.32 -8.06 -22.46
N LYS T 123 -50.85 -8.37 -21.25
CA LYS T 123 -49.95 -9.50 -21.07
C LYS T 123 -50.61 -10.81 -21.49
N LYS T 124 -51.88 -10.98 -21.14
CA LYS T 124 -52.58 -12.19 -21.54
C LYS T 124 -52.67 -12.31 -23.06
N ARG T 125 -52.96 -11.20 -23.74
CA ARG T 125 -53.02 -11.22 -25.19
C ARG T 125 -51.68 -11.61 -25.81
N ILE T 126 -50.59 -11.05 -25.26
CA ILE T 126 -49.26 -11.37 -25.77
C ILE T 126 -48.97 -12.87 -25.60
N LEU T 127 -49.32 -13.42 -24.44
CA LEU T 127 -49.07 -14.84 -24.20
C LEU T 127 -49.85 -15.72 -25.18
N THR T 128 -51.10 -15.36 -25.46
CA THR T 128 -51.88 -16.13 -26.42
C THR T 128 -51.23 -16.12 -27.79
N SER T 129 -50.77 -14.95 -28.24
CA SER T 129 -50.10 -14.86 -29.54
C SER T 129 -48.85 -15.73 -29.57
N LEU T 130 -48.05 -15.68 -28.51
CA LEU T 130 -46.83 -16.48 -28.48
C LEU T 130 -47.13 -17.98 -28.51
N GLN T 131 -48.18 -18.40 -27.81
CA GLN T 131 -48.55 -19.81 -27.84
C GLN T 131 -48.97 -20.24 -29.24
N SER T 132 -49.71 -19.39 -29.95
CA SER T 132 -50.06 -19.70 -31.33
C SER T 132 -48.81 -19.84 -32.20
N LEU T 133 -47.84 -18.95 -32.02
CA LEU T 133 -46.60 -19.04 -32.77
C LEU T 133 -45.89 -20.38 -32.50
N TYR T 134 -45.80 -20.76 -31.23
CA TYR T 134 -45.14 -22.01 -30.87
C TYR T 134 -45.85 -23.19 -31.51
N GLN T 135 -47.18 -23.19 -31.50
CA GLN T 135 -47.92 -24.26 -32.13
C GLN T 135 -47.64 -24.33 -33.63
N CYS T 136 -47.54 -23.16 -34.26
CA CYS T 136 -47.28 -23.14 -35.71
C CYS T 136 -45.92 -23.73 -36.05
N CYS T 137 -44.89 -23.39 -35.29
CA CYS T 137 -43.53 -23.76 -35.67
C CYS T 137 -43.03 -25.04 -35.01
N GLN T 138 -43.87 -25.73 -34.25
CA GLN T 138 -43.40 -26.85 -33.44
C GLN T 138 -43.04 -28.08 -34.27
N SER T 139 -43.79 -28.34 -35.33
CA SER T 139 -43.65 -29.60 -36.04
C SER T 139 -42.30 -29.72 -36.76
N LYS T 140 -41.86 -28.65 -37.42
CA LYS T 140 -40.66 -28.71 -38.25
C LYS T 140 -39.41 -28.17 -37.55
N ASP T 141 -39.44 -26.93 -37.09
CA ASP T 141 -38.24 -26.26 -36.59
C ASP T 141 -38.16 -26.39 -35.08
N ALA T 142 -37.19 -27.16 -34.59
CA ALA T 142 -37.01 -27.31 -33.15
C ALA T 142 -36.36 -26.08 -32.52
N HIS T 143 -35.38 -25.50 -33.21
CA HIS T 143 -34.69 -24.33 -32.66
C HIS T 143 -35.64 -23.14 -32.52
N CYS T 144 -36.52 -22.95 -33.50
CA CYS T 144 -37.48 -21.85 -33.42
C CYS T 144 -38.43 -22.01 -32.25
N SER T 145 -38.94 -23.23 -32.03
CA SER T 145 -39.84 -23.46 -30.91
C SER T 145 -39.12 -23.27 -29.58
N ASN T 146 -37.87 -23.73 -29.49
CA ASN T 146 -37.10 -23.51 -28.27
C ASN T 146 -36.90 -22.01 -28.01
N PHE T 147 -36.59 -21.25 -29.06
CA PHE T 147 -36.44 -19.80 -28.91
C PHE T 147 -37.73 -19.18 -28.41
N ILE T 148 -38.87 -19.60 -28.96
CA ILE T 148 -40.15 -19.03 -28.54
C ILE T 148 -40.40 -19.34 -27.07
N GLN T 149 -40.18 -20.58 -26.65
CA GLN T 149 -40.55 -20.95 -25.29
C GLN T 149 -39.54 -20.51 -24.25
N THR T 150 -38.31 -20.15 -24.64
CA THR T 150 -37.34 -19.69 -23.65
C THR T 150 -37.17 -18.17 -23.66
N ASP T 151 -36.91 -17.56 -24.81
CA ASP T 151 -36.50 -16.17 -24.87
C ASP T 151 -37.67 -15.19 -24.92
N MET T 152 -38.92 -15.66 -25.02
CA MET T 152 -40.05 -14.75 -25.14
C MET T 152 -41.12 -14.93 -24.07
N MET T 153 -41.32 -16.14 -23.54
CA MET T 153 -42.42 -16.40 -22.62
C MET T 153 -42.08 -16.10 -21.17
N ASP T 154 -40.82 -16.32 -20.77
CA ASP T 154 -40.43 -16.19 -19.37
C ASP T 154 -40.67 -14.79 -18.83
N GLU T 155 -40.28 -13.77 -19.62
CA GLU T 155 -40.50 -12.38 -19.21
C GLU T 155 -41.98 -12.11 -18.98
N VAL T 156 -42.82 -12.59 -19.90
CA VAL T 156 -44.25 -12.34 -19.79
C VAL T 156 -44.82 -12.98 -18.54
N ILE T 157 -44.42 -14.21 -18.23
CA ILE T 157 -44.93 -14.90 -17.05
C ILE T 157 -44.53 -14.13 -15.78
N ALA T 158 -43.26 -13.73 -15.69
CA ALA T 158 -42.79 -13.03 -14.50
C ALA T 158 -43.50 -11.69 -14.34
N TRP T 159 -43.64 -10.93 -15.43
CA TRP T 159 -44.29 -9.64 -15.35
C TRP T 159 -45.76 -9.79 -14.97
N ASN T 160 -46.43 -10.82 -15.48
CA ASN T 160 -47.82 -11.04 -15.12
C ASN T 160 -47.96 -11.32 -13.63
N LYS T 161 -47.08 -12.14 -13.06
CA LYS T 161 -47.14 -12.39 -11.62
C LYS T 161 -46.93 -11.10 -10.83
N PHE T 162 -45.94 -10.30 -11.22
CA PHE T 162 -45.67 -9.06 -10.48
C PHE T 162 -46.87 -8.11 -10.53
N LEU T 163 -47.47 -7.94 -11.72
CA LEU T 163 -48.60 -7.03 -11.86
C LEU T 163 -49.81 -7.53 -11.08
N SER T 164 -50.04 -8.85 -11.07
CA SER T 164 -51.16 -9.39 -10.31
C SER T 164 -50.98 -9.14 -8.81
N ASP T 165 -49.74 -9.31 -8.31
CA ASP T 165 -49.49 -9.03 -6.91
C ASP T 165 -49.76 -7.56 -6.57
N CYS T 166 -49.29 -6.65 -7.44
CA CYS T 166 -49.53 -5.24 -7.21
C CYS T 166 -51.03 -4.93 -7.21
N LEU T 167 -51.78 -5.53 -8.14
CA LEU T 167 -53.22 -5.30 -8.21
C LEU T 167 -53.93 -5.78 -6.96
N SER T 168 -53.55 -6.95 -6.44
CA SER T 168 -54.17 -7.45 -5.22
C SER T 168 -53.88 -6.52 -4.05
N ASN T 169 -52.64 -6.05 -3.94
CA ASN T 169 -52.30 -5.13 -2.86
C ASN T 169 -53.11 -3.84 -2.96
N LEU T 170 -53.24 -3.30 -4.18
CA LEU T 170 -54.01 -2.07 -4.36
C LEU T 170 -55.48 -2.28 -3.99
N HIS T 171 -56.06 -3.40 -4.40
CA HIS T 171 -57.46 -3.66 -4.07
C HIS T 171 -57.65 -3.76 -2.56
N CYS T 172 -56.70 -4.40 -1.87
CA CYS T 172 -56.81 -4.49 -0.42
C CYS T 172 -56.67 -3.12 0.24
N ILE T 173 -55.76 -2.28 -0.25
CA ILE T 173 -55.49 -1.01 0.42
C ILE T 173 -56.69 -0.08 0.36
N GLY T 174 -57.30 0.07 -0.81
CA GLY T 174 -58.40 0.97 -1.02
C GLY T 174 -58.10 1.98 -2.09
N SER T 175 -58.97 3.00 -2.19
CA SER T 175 -58.81 4.01 -3.21
C SER T 175 -59.07 5.43 -2.71
N GLN T 176 -59.15 5.64 -1.39
CA GLN T 176 -59.41 6.96 -0.84
C GLN T 176 -58.42 7.23 0.28
N GLY T 177 -58.17 8.52 0.51
CA GLY T 177 -57.23 8.93 1.53
C GLY T 177 -55.81 8.98 1.03
N MET T 178 -54.85 8.68 1.89
CA MET T 178 -53.44 8.73 1.53
C MET T 178 -52.83 7.35 1.28
N GLY T 179 -53.64 6.30 1.20
CA GLY T 179 -53.14 4.98 0.88
C GLY T 179 -52.46 4.89 -0.47
N PRO T 180 -53.11 5.39 -1.53
CA PRO T 180 -52.46 5.41 -2.84
C PRO T 180 -51.15 6.18 -2.87
N TRP T 181 -51.04 7.26 -2.11
CA TRP T 181 -49.80 8.04 -2.08
C TRP T 181 -48.66 7.20 -1.50
N VAL T 182 -48.92 6.53 -0.38
CA VAL T 182 -47.90 5.67 0.23
C VAL T 182 -47.52 4.53 -0.70
N PHE T 183 -48.53 3.93 -1.36
CA PHE T 183 -48.25 2.87 -2.31
C PHE T 183 -47.37 3.36 -3.45
N ASP T 184 -47.66 4.56 -3.96
CA ASP T 184 -46.87 5.11 -5.05
C ASP T 184 -45.42 5.35 -4.64
N ARG T 185 -45.22 5.88 -3.43
CA ARG T 185 -43.85 6.09 -2.95
C ARG T 185 -43.10 4.76 -2.84
N TRP T 186 -43.74 3.75 -2.28
CA TRP T 186 -43.12 2.43 -2.18
C TRP T 186 -42.79 1.86 -3.55
N LEU T 187 -43.71 2.02 -4.51
CA LEU T 187 -43.49 1.48 -5.84
C LEU T 187 -42.31 2.16 -6.52
N ALA T 188 -42.18 3.48 -6.36
CA ALA T 188 -41.01 4.17 -6.90
C ALA T 188 -39.73 3.65 -6.27
N ARG T 189 -39.74 3.43 -4.95
CA ARG T 189 -38.55 2.93 -4.29
C ARG T 189 -38.14 1.56 -4.83
N ILE T 190 -39.10 0.65 -5.02
CA ILE T 190 -38.73 -0.69 -5.44
C ILE T 190 -38.36 -0.74 -6.91
N VAL T 191 -38.99 0.09 -7.75
CA VAL T 191 -38.65 0.08 -9.18
C VAL T 191 -37.27 0.68 -9.40
N MET T 192 -36.96 1.78 -8.71
CA MET T 192 -35.69 2.47 -8.94
C MET T 192 -34.48 1.63 -8.54
N SER T 193 -34.67 0.61 -7.71
CA SER T 193 -33.56 -0.25 -7.30
C SER T 193 -33.11 -1.20 -8.38
N LYS T 194 -33.84 -1.29 -9.49
CA LYS T 194 -33.55 -2.23 -10.55
C LYS T 194 -33.24 -1.58 -11.89
N PHE T 195 -33.92 -0.49 -12.23
CA PHE T 195 -33.82 0.11 -13.55
C PHE T 195 -33.42 1.57 -13.46
N LYS T 196 -32.55 1.97 -14.39
CA LYS T 196 -32.08 3.35 -14.51
C LYS T 196 -31.64 3.57 -15.95
N HIS T 197 -32.39 4.34 -16.71
CA HIS T 197 -32.06 4.53 -18.11
C HIS T 197 -30.91 5.50 -18.27
N PRO T 198 -29.79 5.09 -18.86
CA PRO T 198 -28.68 6.03 -19.07
C PRO T 198 -28.97 6.97 -20.23
N LYS T 199 -28.24 8.07 -20.25
CA LYS T 199 -28.36 9.04 -21.31
C LYS T 199 -27.72 8.51 -22.60
N ILE T 200 -28.28 8.92 -23.73
CA ILE T 200 -27.75 8.57 -25.04
C ILE T 200 -26.80 9.68 -25.48
N PRO T 201 -25.53 9.38 -25.73
CA PRO T 201 -24.61 10.43 -26.20
C PRO T 201 -24.95 10.87 -27.61
N SER T 202 -24.55 12.10 -27.94
CA SER T 202 -24.87 12.70 -29.22
C SER T 202 -23.75 13.64 -29.63
N LEU T 203 -24.01 14.46 -30.64
CA LEU T 203 -23.05 15.44 -31.14
C LEU T 203 -23.55 16.85 -30.84
N SER T 204 -22.61 17.79 -30.74
CA SER T 204 -22.95 19.18 -30.44
C SER T 204 -21.89 20.09 -31.06
N THR T 205 -22.09 21.39 -30.91
CA THR T 205 -21.16 22.39 -31.42
C THR T 205 -20.28 22.99 -30.32
N SER T 206 -20.28 22.41 -29.12
CA SER T 206 -19.38 22.87 -28.09
C SER T 206 -17.93 22.59 -28.47
N ASP T 207 -17.05 23.52 -28.13
CA ASP T 207 -15.63 23.46 -28.49
C ASP T 207 -15.46 23.31 -30.00
N LEU T 208 -16.00 24.29 -30.72
CA LEU T 208 -15.98 24.24 -32.18
C LEU T 208 -14.56 24.26 -32.72
N GLU T 209 -13.69 25.06 -32.11
CA GLU T 209 -12.32 25.20 -32.60
C GLU T 209 -11.49 23.93 -32.43
N SER T 210 -11.96 22.96 -31.64
CA SER T 210 -11.20 21.75 -31.41
C SER T 210 -11.53 20.63 -32.38
N ASN T 211 -12.78 20.55 -32.85
CA ASN T 211 -13.23 19.52 -33.78
C ASN T 211 -13.63 20.21 -35.08
N ILE T 212 -12.66 20.47 -35.95
CA ILE T 212 -12.89 21.36 -37.08
C ILE T 212 -13.72 20.67 -38.16
N PRO T 213 -13.30 19.53 -38.75
CA PRO T 213 -14.19 18.87 -39.71
C PRO T 213 -15.44 18.37 -39.00
N ASN T 214 -15.24 17.53 -37.99
CA ASN T 214 -16.27 17.10 -37.06
C ASN T 214 -15.58 16.31 -35.95
N GLU T 215 -16.34 15.92 -34.95
CA GLU T 215 -15.76 15.29 -33.76
C GLU T 215 -15.31 13.86 -34.02
N LEU T 216 -16.06 13.10 -34.82
CA LEU T 216 -15.80 11.67 -34.94
C LEU T 216 -14.60 11.37 -35.83
N PHE T 217 -14.32 12.21 -36.83
CA PHE T 217 -13.37 11.85 -37.87
C PHE T 217 -11.96 11.61 -37.35
N ASP T 218 -11.61 12.11 -36.17
CA ASP T 218 -10.27 11.92 -35.64
C ASP T 218 -10.20 10.84 -34.56
N ALA T 219 -11.25 10.04 -34.40
CA ALA T 219 -11.29 9.05 -33.33
C ALA T 219 -10.06 8.16 -33.34
N GLU T 220 -9.71 7.62 -34.51
CA GLU T 220 -8.54 6.75 -34.61
C GLU T 220 -7.30 7.44 -34.06
N GLY T 221 -7.08 8.69 -34.46
CA GLY T 221 -5.93 9.42 -33.97
C GLY T 221 -5.90 9.48 -32.45
N ASP T 222 -7.06 9.75 -31.83
CA ASP T 222 -7.12 9.79 -30.38
C ASP T 222 -6.57 8.50 -29.78
N MET T 223 -6.97 7.36 -30.35
CA MET T 223 -6.51 6.08 -29.82
C MET T 223 -4.99 6.05 -29.77
N VAL T 224 -4.33 6.46 -30.85
CA VAL T 224 -2.88 6.46 -30.88
C VAL T 224 -2.33 7.30 -29.73
N ARG T 225 -2.87 8.51 -29.57
CA ARG T 225 -2.46 9.37 -28.46
C ARG T 225 -2.56 8.63 -27.14
N ALA T 226 -3.69 7.96 -26.91
CA ALA T 226 -3.88 7.28 -25.63
C ALA T 226 -2.80 6.24 -25.41
N ILE T 227 -2.45 5.48 -26.45
CA ILE T 227 -1.44 4.45 -26.29
C ILE T 227 -0.11 5.07 -25.89
N LYS T 228 0.19 6.26 -26.41
CA LYS T 228 1.45 6.90 -26.08
C LYS T 228 1.47 7.40 -24.64
N LYS T 229 0.30 7.62 -24.03
CA LYS T 229 0.28 8.09 -22.65
C LYS T 229 0.58 6.96 -21.67
N LEU T 230 0.07 5.77 -21.92
CA LEU T 230 0.27 4.64 -21.02
C LEU T 230 1.69 4.11 -21.09
N CYS U 22 -52.87 -3.49 31.48
CA CYS U 22 -52.47 -4.70 30.77
C CYS U 22 -53.44 -5.85 31.06
N PRO U 23 -54.10 -6.35 30.03
CA PRO U 23 -55.04 -7.46 30.22
C PRO U 23 -54.36 -8.82 30.19
N SER U 24 -53.04 -8.84 30.32
CA SER U 24 -52.28 -10.09 30.24
C SER U 24 -51.20 -10.09 31.31
N ARG U 25 -51.35 -10.96 32.31
CA ARG U 25 -50.31 -11.20 33.30
C ARG U 25 -50.21 -12.68 33.66
N HIS U 26 -50.66 -13.56 32.79
CA HIS U 26 -50.82 -14.98 33.09
C HIS U 26 -49.50 -15.73 32.89
N ASN U 27 -49.59 -17.06 32.84
CA ASN U 27 -48.46 -17.98 32.65
C ASN U 27 -47.53 -18.00 33.86
N PHE U 28 -46.87 -16.88 34.14
CA PHE U 28 -45.90 -16.82 35.22
C PHE U 28 -46.59 -17.00 36.57
N ASP U 29 -45.98 -17.82 37.43
CA ASP U 29 -46.55 -18.09 38.74
C ASP U 29 -46.51 -16.83 39.61
N PRO U 30 -47.63 -16.42 40.21
CA PRO U 30 -47.63 -15.15 40.96
C PRO U 30 -46.67 -15.10 42.14
N GLU U 31 -46.48 -16.21 42.85
CA GLU U 31 -45.54 -16.21 43.98
C GLU U 31 -44.12 -15.98 43.50
N CYS U 32 -43.73 -16.62 42.40
CA CYS U 32 -42.41 -16.38 41.83
C CYS U 32 -42.26 -14.93 41.40
N GLU U 33 -43.32 -14.35 40.83
CA GLU U 33 -43.26 -12.95 40.43
C GLU U 33 -43.04 -12.04 41.64
N LYS U 34 -43.74 -12.30 42.74
CA LYS U 34 -43.58 -11.49 43.93
C LYS U 34 -42.16 -11.59 44.48
N ALA U 35 -41.62 -12.81 44.54
CA ALA U 35 -40.26 -12.98 45.04
C ALA U 35 -39.25 -12.31 44.13
N PHE U 36 -39.45 -12.38 42.82
CA PHE U 36 -38.55 -11.72 41.89
C PHE U 36 -38.56 -10.21 42.09
N VAL U 37 -39.74 -9.62 42.29
CA VAL U 37 -39.82 -8.17 42.52
C VAL U 37 -39.10 -7.80 43.81
N GLU U 38 -39.25 -8.61 44.86
CA GLU U 38 -38.53 -8.36 46.09
C GLU U 38 -37.03 -8.36 45.88
N HIS U 39 -36.51 -9.35 45.13
CA HIS U 39 -35.08 -9.38 44.88
C HIS U 39 -34.62 -8.20 44.03
N ILE U 40 -35.47 -7.74 43.10
CA ILE U 40 -35.13 -6.55 42.32
C ILE U 40 -34.92 -5.36 43.25
N HIS U 41 -35.81 -5.19 44.22
CA HIS U 41 -35.65 -4.08 45.15
C HIS U 41 -34.39 -4.23 45.99
N LEU U 42 -34.04 -5.47 46.35
CA LEU U 42 -32.79 -5.68 47.09
C LEU U 42 -31.58 -5.24 46.26
N GLU U 43 -31.56 -5.59 44.98
CA GLU U 43 -30.44 -5.18 44.12
C GLU U 43 -30.38 -3.66 43.98
N LEU U 44 -31.54 -3.01 43.84
CA LEU U 44 -31.56 -1.56 43.75
C LEU U 44 -31.00 -0.92 45.01
N ALA U 45 -31.36 -1.47 46.18
CA ALA U 45 -30.83 -0.93 47.44
C ALA U 45 -29.32 -1.07 47.50
N SER U 46 -28.79 -2.21 47.06
CA SER U 46 -27.33 -2.39 47.04
C SER U 46 -26.66 -1.36 46.14
N SER U 47 -27.23 -1.14 44.95
CA SER U 47 -26.69 -0.14 44.04
C SER U 47 -26.69 1.24 44.67
N TYR U 48 -27.77 1.60 45.37
CA TYR U 48 -27.82 2.90 46.04
C TYR U 48 -26.77 3.01 47.13
N HIS U 49 -26.56 1.93 47.89
CA HIS U 49 -25.60 2.02 48.99
C HIS U 49 -24.17 2.15 48.51
N ALA U 50 -23.85 1.62 47.31
CA ALA U 50 -22.51 1.83 46.79
C ALA U 50 -22.21 3.31 46.54
N TRP U 51 -23.24 4.10 46.23
CA TRP U 51 -23.05 5.53 45.96
C TRP U 51 -22.52 6.26 47.19
N SER U 52 -23.02 5.91 48.36
CA SER U 52 -22.57 6.57 49.59
C SER U 52 -21.09 6.34 49.84
N MET U 53 -20.63 5.10 49.65
CA MET U 53 -19.21 4.82 49.80
C MET U 53 -18.38 5.60 48.78
N TRP U 54 -18.85 5.65 47.53
CA TRP U 54 -18.15 6.42 46.51
C TRP U 54 -18.02 7.87 46.92
N ALA U 55 -19.10 8.46 47.44
CA ALA U 55 -19.05 9.86 47.85
C ALA U 55 -18.16 10.06 49.06
N PHE U 56 -18.15 9.09 49.98
CA PHE U 56 -17.32 9.22 51.18
C PHE U 56 -15.84 9.22 50.83
N TYR U 57 -15.41 8.34 49.93
CA TYR U 57 -13.99 8.22 49.69
C TYR U 57 -13.45 9.26 48.71
N ALA U 58 -14.32 10.12 48.16
CA ALA U 58 -13.89 11.17 47.25
C ALA U 58 -13.73 12.52 47.92
N ARG U 59 -13.91 12.60 49.24
CA ARG U 59 -13.75 13.86 49.95
C ARG U 59 -12.30 14.32 49.87
N ASP U 60 -12.10 15.64 49.95
CA ASP U 60 -10.77 16.20 49.83
C ASP U 60 -9.87 15.83 51.00
N CYS U 61 -10.46 15.37 52.11
CA CYS U 61 -9.68 14.92 53.24
C CYS U 61 -9.46 13.40 53.25
N LYS U 62 -9.99 12.69 52.26
CA LYS U 62 -9.76 11.25 52.12
C LYS U 62 -8.95 10.94 50.88
N ALA U 63 -9.45 11.30 49.69
CA ALA U 63 -8.74 11.22 48.43
C ALA U 63 -8.12 9.83 48.21
N ALA U 64 -8.98 8.82 48.14
CA ALA U 64 -8.57 7.45 47.87
C ALA U 64 -9.11 7.06 46.50
N VAL U 65 -8.25 7.06 45.49
CA VAL U 65 -8.71 6.89 44.11
C VAL U 65 -9.16 5.46 43.86
N GLY U 66 -8.44 4.47 44.41
CA GLY U 66 -8.79 3.08 44.15
C GLY U 66 -10.16 2.70 44.69
N MET U 67 -10.46 3.11 45.93
CA MET U 67 -11.76 2.83 46.50
C MET U 67 -12.87 3.52 45.72
N THR U 68 -12.61 4.75 45.25
CA THR U 68 -13.59 5.47 44.45
C THR U 68 -13.92 4.69 43.18
N ARG U 69 -12.88 4.24 42.45
CA ARG U 69 -13.12 3.48 41.23
C ARG U 69 -13.89 2.19 41.52
N LEU U 70 -13.49 1.48 42.57
CA LEU U 70 -14.14 0.21 42.89
C LEU U 70 -15.62 0.41 43.22
N CYS U 71 -15.94 1.43 44.02
CA CYS U 71 -17.32 1.67 44.41
C CYS U 71 -18.17 2.08 43.21
N GLU U 72 -17.62 2.92 42.33
CA GLU U 72 -18.35 3.30 41.12
C GLU U 72 -18.67 2.06 40.26
N TRP U 73 -17.68 1.20 40.07
CA TRP U 73 -17.89 -0.02 39.30
C TRP U 73 -18.95 -0.90 39.94
N ALA U 74 -18.92 -1.05 41.26
CA ALA U 74 -19.89 -1.89 41.94
C ALA U 74 -21.30 -1.35 41.78
N SER U 75 -21.47 -0.03 41.89
CA SER U 75 -22.81 0.53 41.74
C SER U 75 -23.37 0.27 40.34
N HIS U 76 -22.53 0.46 39.32
CA HIS U 76 -23.01 0.20 37.96
C HIS U 76 -23.37 -1.27 37.77
N VAL U 77 -22.56 -2.18 38.32
CA VAL U 77 -22.84 -3.60 38.18
C VAL U 77 -24.17 -3.96 38.82
N SER U 78 -24.43 -3.44 40.03
CA SER U 78 -25.70 -3.73 40.70
C SER U 78 -26.89 -3.20 39.92
N ALA U 79 -26.77 -1.98 39.36
CA ALA U 79 -27.87 -1.44 38.56
C ALA U 79 -28.15 -2.33 37.35
N GLN U 80 -27.09 -2.81 36.68
CA GLN U 80 -27.29 -3.68 35.54
C GLN U 80 -27.98 -4.98 35.95
N ARG U 81 -27.61 -5.53 37.10
CA ARG U 81 -28.25 -6.77 37.56
C ARG U 81 -29.75 -6.57 37.80
N ALA U 82 -30.11 -5.45 38.44
CA ALA U 82 -31.53 -5.17 38.66
C ALA U 82 -32.27 -5.05 37.34
N ARG U 83 -31.67 -4.36 36.36
CA ARG U 83 -32.30 -4.23 35.05
C ARG U 83 -32.50 -5.60 34.40
N ARG U 84 -31.50 -6.48 34.52
CA ARG U 84 -31.61 -7.80 33.91
C ARG U 84 -32.74 -8.62 34.53
N MET U 85 -32.87 -8.59 35.86
CA MET U 85 -33.96 -9.34 36.48
C MET U 85 -35.32 -8.80 36.08
N ALA U 86 -35.46 -7.47 36.01
CA ALA U 86 -36.72 -6.89 35.57
C ALA U 86 -37.04 -7.29 34.14
N ALA U 87 -36.03 -7.31 33.27
CA ALA U 87 -36.24 -7.73 31.89
C ALA U 87 -36.69 -9.18 31.82
N TYR U 88 -36.11 -10.04 32.65
CA TYR U 88 -36.55 -11.44 32.63
C TYR U 88 -38.00 -11.56 33.08
N VAL U 89 -38.40 -10.81 34.10
CA VAL U 89 -39.79 -10.87 34.54
C VAL U 89 -40.71 -10.42 33.41
N LEU U 90 -40.34 -9.34 32.71
CA LEU U 90 -41.19 -8.85 31.62
C LEU U 90 -41.25 -9.84 30.46
N THR U 91 -40.17 -10.57 30.20
CA THR U 91 -40.16 -11.51 29.08
C THR U 91 -41.16 -12.65 29.30
N ARG U 92 -41.31 -13.11 30.54
CA ARG U 92 -42.24 -14.19 30.83
C ARG U 92 -43.69 -13.74 30.90
N GLY U 93 -43.96 -12.45 30.78
CA GLY U 93 -45.32 -11.95 30.73
C GLY U 93 -45.85 -11.34 32.01
N GLY U 94 -44.99 -11.06 33.00
CA GLY U 94 -45.43 -10.48 34.25
C GLY U 94 -45.36 -8.96 34.27
N HIS U 95 -45.66 -8.41 35.43
CA HIS U 95 -45.59 -6.97 35.68
C HIS U 95 -44.59 -6.70 36.80
N VAL U 96 -44.00 -5.50 36.77
CA VAL U 96 -43.05 -5.06 37.79
C VAL U 96 -43.62 -3.83 38.46
N ASP U 97 -43.75 -3.88 39.78
CA ASP U 97 -44.23 -2.74 40.57
C ASP U 97 -43.10 -2.26 41.47
N TYR U 98 -42.83 -0.96 41.42
CA TYR U 98 -41.71 -0.37 42.13
C TYR U 98 -42.20 0.32 43.41
N LYS U 99 -41.35 0.28 44.44
CA LYS U 99 -41.68 0.89 45.71
C LYS U 99 -40.47 1.64 46.23
N GLU U 100 -40.53 2.01 47.50
CA GLU U 100 -39.59 2.92 48.12
C GLU U 100 -38.23 2.27 48.34
N ILE U 101 -37.18 3.08 48.19
CA ILE U 101 -35.80 2.64 48.35
C ILE U 101 -35.25 3.26 49.64
N PRO U 102 -34.88 2.46 50.64
CA PRO U 102 -34.42 3.04 51.91
C PRO U 102 -33.02 3.61 51.82
N ALA U 103 -32.73 4.52 52.75
CA ALA U 103 -31.42 5.15 52.84
C ALA U 103 -30.42 4.22 53.53
N PRO U 104 -29.14 4.31 53.18
CA PRO U 104 -28.12 3.53 53.89
C PRO U 104 -27.98 3.99 55.33
N LYS U 105 -27.63 3.04 56.20
CA LYS U 105 -27.59 3.32 57.64
C LYS U 105 -26.30 4.03 58.03
N LYS U 106 -25.15 3.39 57.81
CA LYS U 106 -23.87 3.98 58.16
C LYS U 106 -23.24 4.59 56.91
N GLN U 107 -22.66 5.78 57.06
CA GLN U 107 -22.05 6.49 55.96
C GLN U 107 -20.61 6.88 56.28
N GLY U 108 -19.94 6.11 57.13
CA GLY U 108 -18.54 6.34 57.44
C GLY U 108 -17.86 5.05 57.82
N TRP U 109 -16.57 4.97 57.53
CA TRP U 109 -15.79 3.77 57.80
C TRP U 109 -14.42 4.17 58.34
N ASP U 110 -13.97 3.43 59.36
CA ASP U 110 -12.70 3.76 60.00
C ASP U 110 -11.51 3.45 59.11
N ASN U 111 -11.54 2.30 58.42
CA ASN U 111 -10.46 1.92 57.52
C ASN U 111 -11.05 1.05 56.41
N PHE U 112 -10.18 0.61 55.50
CA PHE U 112 -10.62 -0.16 54.35
C PHE U 112 -11.19 -1.51 54.75
N GLU U 113 -10.70 -2.09 55.85
CA GLU U 113 -11.15 -3.42 56.25
C GLU U 113 -12.64 -3.42 56.56
N ASP U 114 -13.14 -2.39 57.23
CA ASP U 114 -14.56 -2.32 57.54
C ASP U 114 -15.41 -2.28 56.28
N ALA U 115 -15.00 -1.48 55.29
CA ALA U 115 -15.74 -1.40 54.04
C ALA U 115 -15.76 -2.74 53.33
N PHE U 116 -14.61 -3.42 53.26
CA PHE U 116 -14.57 -4.71 52.58
C PHE U 116 -15.42 -5.75 53.31
N SER U 117 -15.42 -5.72 54.65
CA SER U 117 -16.27 -6.63 55.41
C SER U 117 -17.75 -6.37 55.14
N HIS U 118 -18.12 -5.09 55.08
CA HIS U 118 -19.51 -4.74 54.75
C HIS U 118 -19.92 -5.29 53.39
N CYS U 119 -19.05 -5.13 52.40
CA CYS U 119 -19.36 -5.64 51.07
C CYS U 119 -19.49 -7.17 51.06
N VAL U 120 -18.61 -7.86 51.80
CA VAL U 120 -18.67 -9.32 51.84
C VAL U 120 -20.00 -9.78 52.47
N ALA U 121 -20.41 -9.13 53.55
CA ALA U 121 -21.67 -9.49 54.19
C ALA U 121 -22.85 -9.26 53.25
N ASN U 122 -22.83 -8.16 52.50
CA ASN U 122 -23.90 -7.91 51.54
C ASN U 122 -23.95 -9.00 50.47
N LYS U 123 -22.79 -9.43 49.99
CA LYS U 123 -22.75 -10.50 49.00
C LYS U 123 -23.36 -11.79 49.55
N LYS U 124 -23.05 -12.11 50.81
CA LYS U 124 -23.62 -13.31 51.41
C LYS U 124 -25.14 -13.22 51.48
N ARG U 125 -25.66 -12.05 51.87
CA ARG U 125 -27.11 -11.89 51.92
C ARG U 125 -27.75 -12.07 50.55
N ILE U 126 -27.13 -11.51 49.50
CA ILE U 126 -27.66 -11.65 48.16
C ILE U 126 -27.69 -13.13 47.74
N LEU U 127 -26.62 -13.86 48.06
CA LEU U 127 -26.57 -15.27 47.69
C LEU U 127 -27.67 -16.07 48.39
N THR U 128 -27.91 -15.78 49.67
CA THR U 128 -28.98 -16.47 50.39
C THR U 128 -30.33 -16.22 49.74
N SER U 129 -30.60 -14.97 49.38
CA SER U 129 -31.87 -14.65 48.72
C SER U 129 -32.01 -15.40 47.39
N LEU U 130 -30.94 -15.44 46.60
CA LEU U 130 -31.01 -16.13 45.32
C LEU U 130 -31.24 -17.63 45.50
N GLN U 131 -30.62 -18.23 46.51
CA GLN U 131 -30.84 -19.64 46.77
C GLN U 131 -32.30 -19.92 47.14
N SER U 132 -32.89 -19.03 47.96
CA SER U 132 -34.31 -19.18 48.28
C SER U 132 -35.18 -19.10 47.02
N LEU U 133 -34.86 -18.16 46.13
CA LEU U 133 -35.61 -18.06 44.88
C LEU U 133 -35.51 -19.36 44.06
N TYR U 134 -34.30 -19.90 43.95
CA TYR U 134 -34.11 -21.13 43.19
C TYR U 134 -34.92 -22.27 43.80
N GLN U 135 -34.91 -22.37 45.12
CA GLN U 135 -35.70 -23.41 45.78
C GLN U 135 -37.18 -23.24 45.49
N CYS U 136 -37.65 -21.99 45.48
CA CYS U 136 -39.08 -21.75 45.23
C CYS U 136 -39.49 -22.18 43.83
N CYS U 137 -38.67 -21.87 42.82
CA CYS U 137 -39.08 -22.07 41.43
C CYS U 137 -38.59 -23.39 40.83
N GLN U 138 -37.95 -24.24 41.62
CA GLN U 138 -37.29 -25.42 41.06
C GLN U 138 -38.28 -26.49 40.61
N SER U 139 -39.37 -26.66 41.33
CA SER U 139 -40.25 -27.80 41.09
C SER U 139 -40.96 -27.71 39.73
N LYS U 140 -41.46 -26.53 39.37
CA LYS U 140 -42.28 -26.38 38.18
C LYS U 140 -41.50 -25.85 36.98
N ASP U 141 -40.87 -24.68 37.10
CA ASP U 141 -40.28 -24.00 35.96
C ASP U 141 -38.79 -24.32 35.87
N ALA U 142 -38.40 -25.07 34.85
CA ALA U 142 -36.99 -25.40 34.65
C ALA U 142 -36.19 -24.22 34.11
N HIS U 143 -36.78 -23.47 33.17
CA HIS U 143 -36.07 -22.34 32.58
C HIS U 143 -35.78 -21.26 33.63
N CYS U 144 -36.74 -21.01 34.52
CA CYS U 144 -36.53 -20.01 35.57
C CYS U 144 -35.39 -20.41 36.50
N SER U 145 -35.35 -21.68 36.90
CA SER U 145 -34.28 -22.14 37.79
C SER U 145 -32.93 -22.07 37.09
N ASN U 146 -32.88 -22.44 35.80
CA ASN U 146 -31.64 -22.32 35.06
C ASN U 146 -31.18 -20.86 34.97
N PHE U 147 -32.11 -19.94 34.73
CA PHE U 147 -31.76 -18.52 34.70
C PHE U 147 -31.20 -18.07 36.03
N ILE U 148 -31.81 -18.51 37.14
CA ILE U 148 -31.34 -18.11 38.46
C ILE U 148 -29.92 -18.63 38.69
N GLN U 149 -29.67 -19.90 38.36
CA GLN U 149 -28.38 -20.48 38.71
C GLN U 149 -27.28 -20.11 37.73
N THR U 150 -27.60 -19.60 36.54
CA THR U 150 -26.55 -19.20 35.61
C THR U 150 -26.34 -17.68 35.56
N ASP U 151 -27.40 -16.91 35.35
CA ASP U 151 -27.26 -15.49 35.07
C ASP U 151 -27.20 -14.61 36.30
N MET U 152 -27.38 -15.16 37.50
CA MET U 152 -27.38 -14.34 38.70
C MET U 152 -26.36 -14.74 39.76
N MET U 153 -26.00 -16.03 39.86
CA MET U 153 -25.14 -16.50 40.94
C MET U 153 -23.66 -16.37 40.62
N ASP U 154 -23.28 -16.54 39.35
CA ASP U 154 -21.87 -16.58 38.98
C ASP U 154 -21.15 -15.29 39.33
N GLU U 155 -21.78 -14.14 39.02
CA GLU U 155 -21.19 -12.85 39.35
C GLU U 155 -20.95 -12.72 40.85
N VAL U 156 -21.93 -13.14 41.65
CA VAL U 156 -21.80 -13.03 43.09
C VAL U 156 -20.66 -13.87 43.61
N ILE U 157 -20.52 -15.10 43.11
CA ILE U 157 -19.45 -15.98 43.56
C ILE U 157 -18.08 -15.36 43.23
N ALA U 158 -17.93 -14.88 41.99
CA ALA U 158 -16.64 -14.31 41.58
C ALA U 158 -16.30 -13.06 42.40
N TRP U 159 -17.28 -12.18 42.60
CA TRP U 159 -17.04 -10.96 43.36
C TRP U 159 -16.70 -11.28 44.81
N ASN U 160 -17.36 -12.28 45.39
CA ASN U 160 -17.05 -12.67 46.76
C ASN U 160 -15.61 -13.15 46.88
N LYS U 161 -15.15 -13.97 45.92
CA LYS U 161 -13.76 -14.42 45.97
C LYS U 161 -12.79 -13.24 45.87
N PHE U 162 -13.05 -12.31 44.95
CA PHE U 162 -12.15 -11.17 44.78
C PHE U 162 -12.09 -10.32 46.06
N LEU U 163 -13.25 -10.04 46.66
CA LEU U 163 -13.28 -9.22 47.86
C LEU U 163 -12.59 -9.91 49.03
N SER U 164 -12.76 -11.23 49.15
CA SER U 164 -12.09 -11.96 50.23
C SER U 164 -10.58 -11.90 50.06
N ASP U 165 -10.09 -12.04 48.82
CA ASP U 165 -8.65 -11.93 48.60
C ASP U 165 -8.13 -10.56 48.98
N CYS U 166 -8.86 -9.51 48.58
CA CYS U 166 -8.44 -8.15 48.95
C CYS U 166 -8.42 -7.97 50.46
N LEU U 167 -9.43 -8.51 51.16
CA LEU U 167 -9.49 -8.38 52.61
C LEU U 167 -8.32 -9.08 53.29
N SER U 168 -7.97 -10.28 52.82
CA SER U 168 -6.82 -10.98 53.39
C SER U 168 -5.53 -10.20 53.18
N ASN U 169 -5.35 -9.66 51.97
CA ASN U 169 -4.15 -8.87 51.71
C ASN U 169 -4.08 -7.64 52.63
N LEU U 170 -5.22 -6.96 52.81
CA LEU U 170 -5.24 -5.79 53.67
C LEU U 170 -4.92 -6.14 55.11
N HIS U 171 -5.48 -7.25 55.60
CA HIS U 171 -5.22 -7.67 56.97
C HIS U 171 -3.74 -7.98 57.17
N CYS U 172 -3.12 -8.63 56.17
CA CYS U 172 -1.70 -8.92 56.27
C CYS U 172 -0.86 -7.63 56.25
N ILE U 173 -1.24 -6.67 55.41
CA ILE U 173 -0.41 -5.47 55.23
C ILE U 173 -0.35 -4.66 56.51
N GLY U 174 -1.49 -4.41 57.12
CA GLY U 174 -1.57 -3.58 58.32
C GLY U 174 -2.52 -2.42 58.12
N SER U 175 -2.45 -1.47 59.04
CA SER U 175 -3.33 -0.31 58.98
C SER U 175 -2.64 1.00 59.33
N GLN U 176 -1.31 1.03 59.43
CA GLN U 176 -0.58 2.23 59.79
C GLN U 176 0.57 2.45 58.82
N GLY U 177 0.97 3.70 58.68
CA GLY U 177 2.04 4.05 57.78
C GLY U 177 1.55 4.29 56.36
N MET U 178 2.38 3.95 55.38
CA MET U 178 2.03 4.14 53.98
C MET U 178 1.60 2.85 53.28
N GLY U 179 1.37 1.77 54.01
CA GLY U 179 0.90 0.54 53.43
C GLY U 179 -0.44 0.68 52.73
N PRO U 180 -1.45 1.21 53.42
CA PRO U 180 -2.76 1.40 52.78
C PRO U 180 -2.70 2.27 51.54
N TRP U 181 -1.85 3.29 51.53
CA TRP U 181 -1.74 4.20 50.39
C TRP U 181 -1.21 3.47 49.16
N VAL U 182 -0.15 2.66 49.35
CA VAL U 182 0.39 1.88 48.25
C VAL U 182 -0.63 0.87 47.75
N PHE U 183 -1.34 0.23 48.69
CA PHE U 183 -2.42 -0.68 48.31
C PHE U 183 -3.47 0.04 47.48
N ASP U 184 -3.81 1.27 47.86
CA ASP U 184 -4.81 2.03 47.11
C ASP U 184 -4.35 2.32 45.69
N ARG U 185 -3.07 2.69 45.50
CA ARG U 185 -2.61 2.88 44.13
C ARG U 185 -2.75 1.59 43.33
N TRP U 186 -2.32 0.47 43.91
CA TRP U 186 -2.37 -0.80 43.19
C TRP U 186 -3.82 -1.15 42.83
N LEU U 187 -4.75 -0.94 43.76
CA LEU U 187 -6.15 -1.23 43.49
C LEU U 187 -6.68 -0.38 42.35
N ALA U 188 -6.33 0.91 42.34
CA ALA U 188 -6.77 1.77 41.24
C ALA U 188 -6.23 1.26 39.91
N ARG U 189 -4.96 0.87 39.89
CA ARG U 189 -4.37 0.38 38.64
C ARG U 189 -5.08 -0.87 38.14
N ILE U 190 -5.37 -1.81 39.03
CA ILE U 190 -5.97 -3.05 38.54
C ILE U 190 -7.44 -2.86 38.19
N VAL U 191 -8.16 -1.97 38.87
CA VAL U 191 -9.56 -1.75 38.53
C VAL U 191 -9.67 -1.02 37.19
N MET U 192 -8.84 -0.02 36.97
CA MET U 192 -8.95 0.80 35.76
C MET U 192 -8.65 0.01 34.49
N SER U 193 -7.97 -1.13 34.59
CA SER U 193 -7.67 -1.94 33.43
C SER U 193 -8.87 -2.70 32.89
N LYS U 194 -9.98 -2.69 33.62
CA LYS U 194 -11.16 -3.46 33.24
C LYS U 194 -12.38 -2.60 32.99
N PHE U 195 -12.58 -1.53 33.75
CA PHE U 195 -13.81 -0.76 33.71
C PHE U 195 -13.52 0.71 33.41
N LYS U 196 -14.37 1.30 32.59
CA LYS U 196 -14.30 2.72 32.24
C LYS U 196 -15.69 3.17 31.80
N HIS U 197 -16.35 3.97 32.62
CA HIS U 197 -17.71 4.37 32.31
C HIS U 197 -17.72 5.45 31.24
N PRO U 198 -18.34 5.22 30.09
CA PRO U 198 -18.41 6.26 29.06
C PRO U 198 -19.44 7.32 29.42
N LYS U 199 -19.30 8.48 28.79
CA LYS U 199 -20.22 9.57 28.99
C LYS U 199 -21.56 9.27 28.30
N ILE U 200 -22.63 9.78 28.89
CA ILE U 200 -23.97 9.66 28.33
C ILE U 200 -24.24 10.89 27.47
N PRO U 201 -24.51 10.73 26.18
CA PRO U 201 -24.83 11.90 25.35
C PRO U 201 -26.17 12.50 25.73
N SER U 202 -26.32 13.80 25.43
CA SER U 202 -27.52 14.53 25.79
C SER U 202 -27.78 15.61 24.75
N LEU U 203 -28.67 16.54 25.08
CA LEU U 203 -29.02 17.65 24.20
C LEU U 203 -28.54 18.97 24.81
N SER U 204 -28.30 19.95 23.96
CA SER U 204 -27.82 21.26 24.40
C SER U 204 -28.29 22.32 23.42
N THR U 205 -27.98 23.57 23.73
CA THR U 205 -28.33 24.71 22.87
C THR U 205 -27.15 25.22 22.05
N SER U 206 -26.04 24.48 22.00
CA SER U 206 -24.94 24.86 21.15
C SER U 206 -25.34 24.76 19.68
N ASP U 207 -24.86 25.70 18.87
CA ASP U 207 -25.22 25.80 17.45
C ASP U 207 -26.73 25.87 17.28
N LEU U 208 -27.32 26.90 17.89
CA LEU U 208 -28.77 27.05 17.87
C LEU U 208 -29.29 27.26 16.45
N GLU U 209 -28.56 28.03 15.64
CA GLU U 209 -29.01 28.34 14.29
C GLU U 209 -29.01 27.14 13.36
N SER U 210 -28.37 26.03 13.75
CA SER U 210 -28.29 24.86 12.90
C SER U 210 -29.41 23.87 13.14
N ASN U 211 -29.90 23.75 14.38
CA ASN U 211 -30.97 22.82 14.74
C ASN U 211 -32.16 23.65 15.19
N ILE U 212 -32.98 24.11 14.24
CA ILE U 212 -33.98 25.12 14.54
C ILE U 212 -35.16 24.52 15.32
N PRO U 213 -35.89 23.51 14.81
CA PRO U 213 -36.94 22.92 15.64
C PRO U 213 -36.32 22.23 16.84
N ASN U 214 -35.43 21.28 16.58
CA ASN U 214 -34.58 20.64 17.57
C ASN U 214 -33.58 19.77 16.82
N GLU U 215 -32.65 19.18 17.55
CA GLU U 215 -31.55 18.45 16.92
C GLU U 215 -32.00 17.10 16.36
N LEU U 216 -32.90 16.41 17.04
CA LEU U 216 -33.23 15.03 16.66
C LEU U 216 -34.12 14.95 15.44
N PHE U 217 -34.99 15.94 15.23
CA PHE U 217 -36.06 15.80 14.25
C PHE U 217 -35.56 15.60 12.83
N ASP U 218 -34.33 15.96 12.53
CA ASP U 218 -33.80 15.82 11.17
C ASP U 218 -32.88 14.60 11.01
N ALA U 219 -32.85 13.71 12.00
CA ALA U 219 -31.92 12.58 11.96
C ALA U 219 -32.03 11.80 10.65
N GLU U 220 -33.27 11.46 10.27
CA GLU U 220 -33.46 10.71 9.03
C GLU U 220 -32.82 11.41 7.85
N GLY U 221 -33.04 12.72 7.74
CA GLY U 221 -32.44 13.47 6.65
C GLY U 221 -30.93 13.32 6.62
N ASP U 222 -30.29 13.41 7.80
CA ASP U 222 -28.85 13.24 7.87
C ASP U 222 -28.42 11.94 7.22
N MET U 223 -29.15 10.86 7.52
CA MET U 223 -28.79 9.55 6.96
C MET U 223 -28.73 9.64 5.44
N VAL U 224 -29.73 10.24 4.82
CA VAL U 224 -29.74 10.36 3.36
C VAL U 224 -28.49 11.08 2.89
N ARG U 225 -28.17 12.21 3.53
CA ARG U 225 -26.96 12.94 3.19
C ARG U 225 -25.74 12.02 3.23
N ALA U 226 -25.62 11.24 4.30
CA ALA U 226 -24.45 10.38 4.44
C ALA U 226 -24.36 9.41 3.27
N ILE U 227 -25.49 8.83 2.87
CA ILE U 227 -25.45 7.87 1.77
C ILE U 227 -24.96 8.53 0.50
N LYS U 228 -25.31 9.80 0.29
CA LYS U 228 -24.88 10.48 -0.91
C LYS U 228 -23.39 10.79 -0.88
N LYS U 229 -22.77 10.83 0.30
CA LYS U 229 -21.33 11.10 0.35
C LYS U 229 -20.51 9.88 -0.03
N LEU U 230 -20.93 8.70 0.38
CA LEU U 230 -20.19 7.47 0.09
C LEU U 230 -20.32 7.07 -1.37
N CYS V 22 -4.58 -21.67 57.52
CA CYS V 22 -5.72 -20.89 57.04
C CYS V 22 -6.84 -20.87 58.07
N PRO V 23 -7.19 -19.68 58.55
CA PRO V 23 -8.27 -19.59 59.55
C PRO V 23 -9.65 -19.51 58.91
N SER V 24 -9.75 -19.85 57.63
CA SER V 24 -11.01 -19.74 56.91
C SER V 24 -11.19 -20.97 56.02
N ARG V 25 -12.16 -21.82 56.36
CA ARG V 25 -12.56 -22.94 55.51
C ARG V 25 -14.07 -23.12 55.52
N HIS V 26 -14.83 -22.09 55.84
CA HIS V 26 -16.27 -22.18 56.09
C HIS V 26 -17.04 -22.11 54.77
N ASN V 27 -18.35 -21.89 54.88
CA ASN V 27 -19.30 -21.78 53.78
C ASN V 27 -19.50 -23.11 53.05
N PHE V 28 -18.45 -23.63 52.43
CA PHE V 28 -18.57 -24.85 51.65
C PHE V 28 -18.87 -26.04 52.57
N ASP V 29 -19.81 -26.88 52.13
CA ASP V 29 -20.20 -28.04 52.92
C ASP V 29 -19.06 -29.05 52.99
N PRO V 30 -18.67 -29.50 54.19
CA PRO V 30 -17.49 -30.39 54.28
C PRO V 30 -17.63 -31.71 53.53
N GLU V 31 -18.82 -32.30 53.50
CA GLU V 31 -18.99 -33.56 52.77
C GLU V 31 -18.77 -33.36 51.28
N CYS V 32 -19.31 -32.27 50.73
CA CYS V 32 -19.06 -31.95 49.32
C CYS V 32 -17.58 -31.74 49.06
N GLU V 33 -16.89 -31.07 49.99
CA GLU V 33 -15.45 -30.86 49.83
C GLU V 33 -14.70 -32.19 49.78
N LYS V 34 -15.05 -33.12 50.67
CA LYS V 34 -14.39 -34.41 50.70
C LYS V 34 -14.62 -35.17 49.39
N ALA V 35 -15.87 -35.17 48.91
CA ALA V 35 -16.16 -35.87 47.66
C ALA V 35 -15.43 -35.22 46.48
N PHE V 36 -15.35 -33.90 46.46
CA PHE V 36 -14.63 -33.21 45.40
C PHE V 36 -13.15 -33.59 45.40
N VAL V 37 -12.53 -33.67 46.58
CA VAL V 37 -11.12 -34.05 46.66
C VAL V 37 -10.94 -35.48 46.16
N GLU V 38 -11.85 -36.38 46.51
CA GLU V 38 -11.78 -37.74 46.00
C GLU V 38 -11.83 -37.78 44.47
N HIS V 39 -12.74 -37.01 43.88
CA HIS V 39 -12.82 -37.00 42.42
C HIS V 39 -11.56 -36.38 41.79
N ILE V 40 -10.96 -35.39 42.45
CA ILE V 40 -9.71 -34.83 41.96
C ILE V 40 -8.64 -35.92 41.87
N HIS V 41 -8.55 -36.74 42.91
CA HIS V 41 -7.56 -37.82 42.88
C HIS V 41 -7.87 -38.83 41.79
N LEU V 42 -9.15 -39.09 41.54
CA LEU V 42 -9.51 -39.99 40.44
C LEU V 42 -9.03 -39.43 39.10
N GLU V 43 -9.23 -38.14 38.86
CA GLU V 43 -8.78 -37.53 37.61
C GLU V 43 -7.26 -37.59 37.48
N LEU V 44 -6.55 -37.34 38.58
CA LEU V 44 -5.09 -37.42 38.55
C LEU V 44 -4.63 -38.83 38.19
N ALA V 45 -5.29 -39.85 38.76
CA ALA V 45 -4.93 -41.23 38.44
C ALA V 45 -5.15 -41.53 36.96
N SER V 46 -6.25 -41.04 36.39
CA SER V 46 -6.50 -41.26 34.97
C SER V 46 -5.40 -40.59 34.11
N SER V 47 -5.02 -39.37 34.48
CA SER V 47 -3.95 -38.69 33.76
C SER V 47 -2.66 -39.47 33.83
N TYR V 48 -2.33 -40.02 35.00
CA TYR V 48 -1.11 -40.82 35.13
C TYR V 48 -1.18 -42.08 34.28
N HIS V 49 -2.35 -42.73 34.23
CA HIS V 49 -2.43 -43.98 33.47
C HIS V 49 -2.32 -43.75 31.97
N ALA V 50 -2.72 -42.57 31.47
CA ALA V 50 -2.51 -42.30 30.06
C ALA V 50 -1.03 -42.29 29.67
N TRP V 51 -0.17 -41.91 30.61
CA TRP V 51 1.28 -41.85 30.35
C TRP V 51 1.84 -43.23 30.01
N SER V 52 1.38 -44.26 30.71
CA SER V 52 1.87 -45.61 30.46
C SER V 52 1.54 -46.08 29.05
N MET V 53 0.32 -45.81 28.59
CA MET V 53 -0.05 -46.16 27.23
C MET V 53 0.80 -45.39 26.22
N TRP V 54 1.01 -44.10 26.47
CA TRP V 54 1.86 -43.31 25.58
C TRP V 54 3.25 -43.91 25.48
N ALA V 55 3.82 -44.31 26.62
CA ALA V 55 5.17 -44.89 26.61
C ALA V 55 5.18 -46.25 25.92
N PHE V 56 4.11 -47.03 26.10
CA PHE V 56 4.07 -48.35 25.48
C PHE V 56 4.04 -48.26 23.96
N TYR V 57 3.24 -47.35 23.42
CA TYR V 57 3.09 -47.33 21.97
C TYR V 57 4.21 -46.59 21.25
N ALA V 58 5.16 -46.01 21.98
CA ALA V 58 6.29 -45.31 21.38
C ALA V 58 7.55 -46.17 21.30
N ARG V 59 7.48 -47.44 21.70
CA ARG V 59 8.64 -48.31 21.63
C ARG V 59 9.04 -48.52 20.17
N ASP V 60 10.33 -48.79 19.96
CA ASP V 60 10.83 -48.97 18.60
C ASP V 60 10.29 -50.21 17.93
N CYS V 61 9.73 -51.15 18.70
CA CYS V 61 9.11 -52.33 18.14
C CYS V 61 7.60 -52.19 17.97
N LYS V 62 7.03 -51.04 18.34
CA LYS V 62 5.61 -50.77 18.14
C LYS V 62 5.40 -49.65 17.14
N ALA V 63 5.93 -48.45 17.42
CA ALA V 63 5.95 -47.32 16.50
C ALA V 63 4.58 -47.04 15.90
N ALA V 64 3.62 -46.71 16.76
CA ALA V 64 2.27 -46.34 16.35
C ALA V 64 2.07 -44.87 16.66
N VAL V 65 2.15 -44.02 15.64
CA VAL V 65 2.16 -42.58 15.85
C VAL V 65 0.79 -42.09 16.31
N GLY V 66 -0.29 -42.62 15.72
CA GLY V 66 -1.62 -42.14 16.05
C GLY V 66 -1.98 -42.39 17.50
N MET V 67 -1.72 -43.61 18.00
CA MET V 67 -2.00 -43.92 19.38
C MET V 67 -1.17 -43.06 20.33
N THR V 68 0.09 -42.79 19.96
CA THR V 68 0.94 -41.93 20.76
C THR V 68 0.33 -40.54 20.90
N ARG V 69 -0.08 -39.94 19.77
CA ARG V 69 -0.68 -38.62 19.82
C ARG V 69 -1.96 -38.61 20.66
N LEU V 70 -2.81 -39.62 20.46
CA LEU V 70 -4.07 -39.68 21.19
C LEU V 70 -3.84 -39.78 22.70
N CYS V 71 -2.90 -40.63 23.12
CA CYS V 71 -2.65 -40.81 24.54
C CYS V 71 -2.06 -39.55 25.17
N GLU V 72 -1.15 -38.88 24.45
CA GLU V 72 -0.60 -37.62 24.95
C GLU V 72 -1.71 -36.58 25.16
N TRP V 73 -2.59 -36.45 24.17
CA TRP V 73 -3.70 -35.51 24.28
C TRP V 73 -4.60 -35.85 25.46
N ALA V 74 -4.90 -37.13 25.65
CA ALA V 74 -5.77 -37.54 26.75
C ALA V 74 -5.15 -37.22 28.11
N SER V 75 -3.85 -37.46 28.26
CA SER V 75 -3.20 -37.16 29.53
C SER V 75 -3.27 -35.66 29.85
N HIS V 76 -3.01 -34.83 28.85
CA HIS V 76 -3.08 -33.38 29.10
C HIS V 76 -4.51 -32.95 29.46
N VAL V 77 -5.51 -33.52 28.78
CA VAL V 77 -6.89 -33.17 29.07
C VAL V 77 -7.26 -33.53 30.50
N SER V 78 -6.86 -34.73 30.95
CA SER V 78 -7.17 -35.14 32.32
C SER V 78 -6.50 -34.25 33.34
N ALA V 79 -5.23 -33.87 33.10
CA ALA V 79 -4.55 -32.97 34.03
C ALA V 79 -5.28 -31.63 34.13
N GLN V 80 -5.73 -31.09 32.98
CA GLN V 80 -6.46 -29.83 33.01
C GLN V 80 -7.76 -29.96 33.79
N ARG V 81 -8.46 -31.09 33.64
CA ARG V 81 -9.71 -31.28 34.38
C ARG V 81 -9.47 -31.29 35.89
N ALA V 82 -8.41 -31.99 36.32
CA ALA V 82 -8.09 -32.01 37.75
C ALA V 82 -7.78 -30.61 38.26
N ARG V 83 -7.01 -29.84 37.48
CA ARG V 83 -6.71 -28.46 37.88
C ARG V 83 -7.98 -27.62 38.00
N ARG V 84 -8.91 -27.80 37.06
CA ARG V 84 -10.15 -27.03 37.10
C ARG V 84 -10.98 -27.35 38.34
N MET V 85 -11.09 -28.63 38.70
CA MET V 85 -11.86 -28.97 39.89
C MET V 85 -11.21 -28.42 41.16
N ALA V 86 -9.87 -28.49 41.24
CA ALA V 86 -9.19 -27.92 42.40
C ALA V 86 -9.41 -26.41 42.48
N ALA V 87 -9.37 -25.73 41.33
CA ALA V 87 -9.62 -24.29 41.32
C ALA V 87 -11.03 -23.97 41.79
N TYR V 88 -12.01 -24.77 41.39
CA TYR V 88 -13.37 -24.53 41.85
C TYR V 88 -13.47 -24.70 43.36
N VAL V 89 -12.83 -25.73 43.91
CA VAL V 89 -12.87 -25.92 45.35
C VAL V 89 -12.25 -24.72 46.06
N LEU V 90 -11.12 -24.22 45.55
CA LEU V 90 -10.47 -23.08 46.18
C LEU V 90 -11.31 -21.81 46.07
N THR V 91 -12.05 -21.64 44.98
CA THR V 91 -12.87 -20.44 44.81
C THR V 91 -13.97 -20.35 45.86
N ARG V 92 -14.56 -21.48 46.24
CA ARG V 92 -15.62 -21.49 47.23
C ARG V 92 -15.12 -21.36 48.66
N GLY V 93 -13.81 -21.36 48.86
CA GLY V 93 -13.24 -21.15 50.19
C GLY V 93 -12.76 -22.39 50.91
N GLY V 94 -12.63 -23.53 50.22
CA GLY V 94 -12.19 -24.75 50.85
C GLY V 94 -10.68 -24.97 50.74
N HIS V 95 -10.26 -26.13 51.21
CA HIS V 95 -8.86 -26.55 51.15
C HIS V 95 -8.77 -27.84 50.35
N VAL V 96 -7.61 -28.06 49.73
CA VAL V 96 -7.34 -29.27 48.96
C VAL V 96 -6.16 -29.98 49.60
N ASP V 97 -6.35 -31.25 49.95
CA ASP V 97 -5.30 -32.08 50.52
C ASP V 97 -4.97 -33.20 49.55
N TYR V 98 -3.69 -33.36 49.24
CA TYR V 98 -3.24 -34.31 48.24
C TYR V 98 -2.68 -35.56 48.92
N LYS V 99 -2.88 -36.71 48.26
CA LYS V 99 -2.41 -37.97 48.79
C LYS V 99 -1.78 -38.78 47.66
N GLU V 100 -1.56 -40.05 47.92
CA GLU V 100 -0.77 -40.93 47.07
C GLU V 100 -1.50 -41.29 45.79
N ILE V 101 -0.74 -41.41 44.71
CA ILE V 101 -1.26 -41.74 43.39
C ILE V 101 -0.81 -43.17 43.05
N PRO V 102 -1.74 -44.11 42.88
CA PRO V 102 -1.33 -45.50 42.63
C PRO V 102 -0.82 -45.72 41.21
N ALA V 103 -0.04 -46.78 41.05
CA ALA V 103 0.50 -47.16 39.77
C ALA V 103 -0.54 -47.89 38.93
N PRO V 104 -0.47 -47.77 37.60
CA PRO V 104 -1.38 -48.54 36.74
C PRO V 104 -1.10 -50.03 36.83
N LYS V 105 -2.16 -50.82 36.66
CA LYS V 105 -2.04 -52.27 36.85
C LYS V 105 -1.45 -52.95 35.63
N LYS V 106 -2.11 -52.85 34.48
CA LYS V 106 -1.63 -53.47 33.26
C LYS V 106 -0.91 -52.43 32.41
N GLN V 107 0.22 -52.82 31.84
CA GLN V 107 1.03 -51.92 31.02
C GLN V 107 1.31 -52.52 29.65
N GLY V 108 0.41 -53.37 29.16
CA GLY V 108 0.55 -53.93 27.82
C GLY V 108 -0.81 -54.26 27.25
N TRP V 109 -0.92 -54.18 25.93
CA TRP V 109 -2.18 -54.43 25.25
C TRP V 109 -1.91 -55.23 23.98
N ASP V 110 -2.78 -56.21 23.72
CA ASP V 110 -2.59 -57.09 22.57
C ASP V 110 -2.85 -56.37 21.26
N ASN V 111 -3.91 -55.55 21.21
CA ASN V 111 -4.24 -54.81 20.00
C ASN V 111 -4.95 -53.52 20.41
N PHE V 112 -5.31 -52.72 19.41
CA PHE V 112 -5.92 -51.42 19.68
C PHE V 112 -7.28 -51.55 20.35
N GLU V 113 -8.01 -52.64 20.06
CA GLU V 113 -9.35 -52.80 20.61
C GLU V 113 -9.33 -52.86 22.13
N ASP V 114 -8.35 -53.56 22.71
CA ASP V 114 -8.25 -53.64 24.16
C ASP V 114 -8.03 -52.26 24.78
N ALA V 115 -7.14 -51.46 24.18
CA ALA V 115 -6.88 -50.13 24.71
C ALA V 115 -8.12 -49.26 24.64
N PHE V 116 -8.85 -49.30 23.51
CA PHE V 116 -10.05 -48.49 23.39
C PHE V 116 -11.12 -48.94 24.39
N SER V 117 -11.25 -50.26 24.60
CA SER V 117 -12.20 -50.74 25.60
C SER V 117 -11.84 -50.27 27.00
N HIS V 118 -10.54 -50.30 27.33
CA HIS V 118 -10.09 -49.80 28.63
C HIS V 118 -10.47 -48.33 28.81
N CYS V 119 -10.24 -47.52 27.79
CA CYS V 119 -10.57 -46.10 27.88
C CYS V 119 -12.08 -45.89 28.05
N VAL V 120 -12.89 -46.67 27.33
CA VAL V 120 -14.34 -46.53 27.43
C VAL V 120 -14.81 -46.87 28.85
N ALA V 121 -14.27 -47.94 29.43
CA ALA V 121 -14.64 -48.31 30.79
C ALA V 121 -14.25 -47.22 31.78
N ASN V 122 -13.07 -46.63 31.61
CA ASN V 122 -12.66 -45.54 32.50
C ASN V 122 -13.62 -44.36 32.40
N LYS V 123 -14.04 -44.02 31.18
CA LYS V 123 -14.99 -42.92 31.01
C LYS V 123 -16.30 -43.21 31.73
N LYS V 124 -16.78 -44.45 31.64
CA LYS V 124 -18.01 -44.80 32.34
C LYS V 124 -17.86 -44.63 33.85
N ARG V 125 -16.72 -45.06 34.40
CA ARG V 125 -16.49 -44.90 35.83
C ARG V 125 -16.49 -43.43 36.23
N ILE V 126 -15.84 -42.59 35.43
CA ILE V 126 -15.80 -41.15 35.73
C ILE V 126 -17.22 -40.56 35.73
N LEU V 127 -18.03 -40.96 34.75
CA LEU V 127 -19.39 -40.44 34.68
C LEU V 127 -20.21 -40.85 35.89
N THR V 128 -20.06 -42.09 36.35
CA THR V 128 -20.78 -42.53 37.54
C THR V 128 -20.39 -41.70 38.76
N SER V 129 -19.09 -41.46 38.93
CA SER V 129 -18.64 -40.64 40.06
C SER V 129 -19.23 -39.23 39.99
N LEU V 130 -19.22 -38.63 38.80
CA LEU V 130 -19.76 -37.28 38.67
C LEU V 130 -21.26 -37.23 38.97
N GLN V 131 -21.99 -38.25 38.55
CA GLN V 131 -23.42 -38.30 38.85
C GLN V 131 -23.66 -38.39 40.35
N SER V 132 -22.85 -39.19 41.06
CA SER V 132 -22.97 -39.26 42.51
C SER V 132 -22.70 -37.89 43.15
N LEU V 133 -21.69 -37.18 42.66
CA LEU V 133 -21.40 -35.85 43.18
C LEU V 133 -22.60 -34.91 42.99
N TYR V 134 -23.18 -34.93 41.79
CA TYR V 134 -24.32 -34.07 41.50
C TYR V 134 -25.49 -34.40 42.43
N GLN V 135 -25.74 -35.68 42.66
CA GLN V 135 -26.81 -36.06 43.57
C GLN V 135 -26.54 -35.56 44.98
N CYS V 136 -25.28 -35.63 45.42
CA CYS V 136 -24.94 -35.17 46.76
C CYS V 136 -25.19 -33.68 46.94
N CYS V 137 -24.80 -32.88 45.95
CA CYS V 137 -24.82 -31.42 46.13
C CYS V 137 -26.08 -30.75 45.58
N GLN V 138 -27.05 -31.53 45.11
CA GLN V 138 -28.18 -30.94 44.39
C GLN V 138 -29.15 -30.20 45.32
N SER V 139 -29.35 -30.71 46.53
CA SER V 139 -30.41 -30.19 47.38
C SER V 139 -30.13 -28.76 47.84
N LYS V 140 -28.89 -28.47 48.24
CA LYS V 140 -28.57 -27.18 48.84
C LYS V 140 -27.94 -26.20 47.86
N ASP V 141 -26.83 -26.57 47.23
CA ASP V 141 -26.04 -25.63 46.43
C ASP V 141 -26.43 -25.75 44.96
N ALA V 142 -27.07 -24.72 44.43
CA ALA V 142 -27.44 -24.72 43.02
C ALA V 142 -26.25 -24.46 42.10
N HIS V 143 -25.36 -23.54 42.50
CA HIS V 143 -24.21 -23.22 41.68
C HIS V 143 -23.27 -24.42 41.54
N CYS V 144 -23.08 -25.17 42.62
CA CYS V 144 -22.22 -26.35 42.56
C CYS V 144 -22.78 -27.40 41.61
N SER V 145 -24.09 -27.65 41.67
CA SER V 145 -24.69 -28.64 40.78
C SER V 145 -24.61 -28.18 39.33
N ASN V 146 -24.83 -26.89 39.08
CA ASN V 146 -24.69 -26.38 37.72
C ASN V 146 -23.25 -26.55 37.22
N PHE V 147 -22.27 -26.27 38.07
CA PHE V 147 -20.87 -26.46 37.68
C PHE V 147 -20.61 -27.92 37.34
N ILE V 148 -21.14 -28.85 38.15
CA ILE V 148 -20.92 -30.27 37.88
C ILE V 148 -21.53 -30.66 36.55
N GLN V 149 -22.76 -30.23 36.28
CA GLN V 149 -23.44 -30.70 35.08
C GLN V 149 -23.00 -29.98 33.82
N THR V 150 -22.35 -28.82 33.92
CA THR V 150 -21.89 -28.13 32.72
C THR V 150 -20.39 -28.30 32.47
N ASP V 151 -19.55 -28.02 33.45
CA ASP V 151 -18.12 -27.93 33.23
C ASP V 151 -17.39 -29.26 33.35
N MET V 152 -18.07 -30.34 33.74
CA MET V 152 -17.39 -31.62 33.93
C MET V 152 -17.96 -32.77 33.11
N MET V 153 -19.27 -32.77 32.82
CA MET V 153 -19.89 -33.91 32.16
C MET V 153 -19.81 -33.86 30.64
N ASP V 154 -19.85 -32.66 30.06
CA ASP V 154 -19.90 -32.52 28.61
C ASP V 154 -18.70 -33.15 27.92
N GLU V 155 -17.50 -32.88 28.45
CA GLU V 155 -16.28 -33.45 27.90
C GLU V 155 -16.34 -34.97 27.91
N VAL V 156 -16.80 -35.55 29.02
CA VAL V 156 -16.86 -37.00 29.14
C VAL V 156 -17.81 -37.58 28.12
N ILE V 157 -18.98 -36.97 27.94
CA ILE V 157 -19.96 -37.48 26.97
C ILE V 157 -19.37 -37.46 25.56
N ALA V 158 -18.76 -36.34 25.18
CA ALA V 158 -18.20 -36.21 23.84
C ALA V 158 -17.08 -37.22 23.61
N TRP V 159 -16.17 -37.36 24.58
CA TRP V 159 -15.07 -38.29 24.44
C TRP V 159 -15.57 -39.73 24.35
N ASN V 160 -16.60 -40.07 25.12
CA ASN V 160 -17.16 -41.42 25.07
C ASN V 160 -17.72 -41.70 23.67
N LYS V 161 -18.44 -40.76 23.09
CA LYS V 161 -18.96 -40.97 21.74
C LYS V 161 -17.82 -41.17 20.73
N PHE V 162 -16.78 -40.34 20.82
CA PHE V 162 -15.67 -40.47 19.87
C PHE V 162 -14.98 -41.83 20.00
N LEU V 163 -14.71 -42.26 21.23
CA LEU V 163 -14.04 -43.53 21.44
C LEU V 163 -14.89 -44.71 20.98
N SER V 164 -16.21 -44.64 21.21
CA SER V 164 -17.08 -45.71 20.74
C SER V 164 -17.09 -45.80 19.23
N ASP V 165 -17.10 -44.65 18.54
CA ASP V 165 -17.04 -44.68 17.08
C ASP V 165 -15.74 -45.31 16.60
N CYS V 166 -14.61 -44.93 17.22
CA CYS V 166 -13.34 -45.52 16.83
C CYS V 166 -13.32 -47.03 17.06
N LEU V 167 -13.89 -47.48 18.19
CA LEU V 167 -13.93 -48.91 18.48
C LEU V 167 -14.76 -49.67 17.46
N SER V 168 -15.91 -49.12 17.08
CA SER V 168 -16.73 -49.79 16.07
C SER V 168 -15.99 -49.88 14.74
N ASN V 169 -15.32 -48.81 14.33
CA ASN V 169 -14.56 -48.85 13.09
C ASN V 169 -13.46 -49.90 13.15
N LEU V 170 -12.74 -49.97 14.28
CA LEU V 170 -11.68 -50.96 14.41
C LEU V 170 -12.22 -52.38 14.35
N HIS V 171 -13.34 -52.63 15.02
CA HIS V 171 -13.93 -53.97 14.99
C HIS V 171 -14.33 -54.36 13.58
N CYS V 172 -14.89 -53.40 12.83
CA CYS V 172 -15.26 -53.70 11.44
C CYS V 172 -14.04 -53.97 10.58
N ILE V 173 -12.96 -53.21 10.77
CA ILE V 173 -11.81 -53.32 9.88
C ILE V 173 -11.13 -54.67 10.02
N GLY V 174 -10.90 -55.12 11.25
CA GLY V 174 -10.21 -56.35 11.51
C GLY V 174 -8.97 -56.13 12.36
N SER V 175 -8.14 -57.18 12.46
CA SER V 175 -6.95 -57.10 13.29
C SER V 175 -5.73 -57.74 12.62
N GLN V 176 -5.78 -58.06 11.34
CA GLN V 176 -4.66 -58.69 10.65
C GLN V 176 -4.41 -57.96 9.34
N GLY V 177 -3.16 -58.03 8.88
CA GLY V 177 -2.77 -57.37 7.65
C GLY V 177 -2.35 -55.94 7.88
N MET V 178 -2.61 -55.07 6.90
CA MET V 178 -2.23 -53.67 6.99
C MET V 178 -3.39 -52.74 7.33
N GLY V 179 -4.54 -53.28 7.70
CA GLY V 179 -5.66 -52.46 8.12
C GLY V 179 -5.37 -51.58 9.32
N PRO V 180 -4.82 -52.16 10.39
CA PRO V 180 -4.44 -51.35 11.55
C PRO V 180 -3.44 -50.25 11.22
N TRP V 181 -2.51 -50.50 10.31
CA TRP V 181 -1.53 -49.48 9.94
C TRP V 181 -2.22 -48.27 9.29
N VAL V 182 -3.12 -48.54 8.35
CA VAL V 182 -3.87 -47.46 7.68
C VAL V 182 -4.72 -46.71 8.69
N PHE V 183 -5.37 -47.45 9.61
CA PHE V 183 -6.17 -46.80 10.64
C PHE V 183 -5.31 -45.89 11.52
N ASP V 184 -4.12 -46.36 11.89
CA ASP V 184 -3.23 -45.56 12.73
C ASP V 184 -2.80 -44.28 12.02
N ARG V 185 -2.48 -44.38 10.73
CA ARG V 185 -2.09 -43.18 9.98
C ARG V 185 -3.24 -42.18 9.93
N TRP V 186 -4.45 -42.66 9.66
CA TRP V 186 -5.62 -41.78 9.64
C TRP V 186 -5.85 -41.14 11.00
N LEU V 187 -5.71 -41.92 12.07
CA LEU V 187 -5.93 -41.38 13.41
C LEU V 187 -4.93 -40.29 13.75
N ALA V 188 -3.66 -40.49 13.38
CA ALA V 188 -2.67 -39.44 13.58
C ALA V 188 -3.04 -38.18 12.81
N ARG V 189 -3.49 -38.34 11.57
CA ARG V 189 -3.87 -37.17 10.78
C ARG V 189 -5.01 -36.40 11.44
N ILE V 190 -6.03 -37.09 11.92
CA ILE V 190 -7.18 -36.37 12.46
C ILE V 190 -6.89 -35.79 13.84
N VAL V 191 -6.05 -36.45 14.65
CA VAL V 191 -5.74 -35.92 15.97
C VAL V 191 -4.85 -34.69 15.85
N MET V 192 -3.85 -34.73 14.96
CA MET V 192 -2.90 -33.63 14.85
C MET V 192 -3.55 -32.34 14.36
N SER V 193 -4.73 -32.42 13.74
CA SER V 193 -5.41 -31.22 13.26
C SER V 193 -6.05 -30.41 14.38
N LYS V 194 -6.07 -30.93 15.60
CA LYS V 194 -6.73 -30.28 16.72
C LYS V 194 -5.80 -29.94 17.86
N PHE V 195 -4.81 -30.78 18.16
CA PHE V 195 -3.98 -30.62 19.33
C PHE V 195 -2.51 -30.57 18.96
N LYS V 196 -1.79 -29.68 19.64
CA LYS V 196 -0.34 -29.52 19.47
C LYS V 196 0.22 -28.94 20.76
N HIS V 197 0.96 -29.72 21.52
CA HIS V 197 1.46 -29.23 22.80
C HIS V 197 2.65 -28.31 22.60
N PRO V 198 2.58 -27.06 23.02
CA PRO V 198 3.74 -26.17 22.89
C PRO V 198 4.80 -26.48 23.93
N LYS V 199 6.01 -26.03 23.65
CA LYS V 199 7.11 -26.20 24.57
C LYS V 199 6.96 -25.27 25.78
N ILE V 200 7.45 -25.74 26.92
CA ILE V 200 7.46 -24.95 28.15
C ILE V 200 8.79 -24.22 28.23
N PRO V 201 8.80 -22.89 28.29
CA PRO V 201 10.07 -22.17 28.43
C PRO V 201 10.68 -22.39 29.80
N SER V 202 12.01 -22.23 29.86
CA SER V 202 12.75 -22.48 31.08
C SER V 202 13.96 -21.54 31.13
N LEU V 203 14.89 -21.83 32.04
CA LEU V 203 16.10 -21.05 32.20
C LEU V 203 17.31 -21.89 31.79
N SER V 204 18.38 -21.20 31.39
CA SER V 204 19.60 -21.88 30.95
C SER V 204 20.79 -20.97 31.22
N THR V 205 21.98 -21.48 30.93
CA THR V 205 23.22 -20.72 31.11
C THR V 205 23.77 -20.18 29.79
N SER V 206 22.99 -20.22 28.71
CA SER V 206 23.41 -19.61 27.47
C SER V 206 23.50 -18.10 27.62
N ASP V 207 24.51 -17.50 26.98
CA ASP V 207 24.79 -16.07 27.09
C ASP V 207 24.95 -15.65 28.54
N LEU V 208 25.93 -16.28 29.20
CA LEU V 208 26.14 -16.04 30.62
C LEU V 208 26.54 -14.59 30.89
N GLU V 209 27.37 -14.01 30.02
CA GLU V 209 27.85 -12.65 30.22
C GLU V 209 26.77 -11.60 30.09
N SER V 210 25.59 -11.95 29.56
CA SER V 210 24.53 -10.98 29.37
C SER V 210 23.56 -10.92 30.54
N ASN V 211 23.33 -12.03 31.23
CA ASN V 211 22.42 -12.10 32.38
C ASN V 211 23.24 -12.44 33.61
N ILE V 212 23.84 -11.44 34.24
CA ILE V 212 24.86 -11.69 35.24
C ILE V 212 24.24 -12.18 36.55
N PRO V 213 23.33 -11.44 37.22
CA PRO V 213 22.69 -12.01 38.41
C PRO V 213 21.84 -13.20 38.02
N ASN V 214 20.89 -12.97 37.12
CA ASN V 214 20.10 -14.01 36.47
C ASN V 214 19.27 -13.33 35.39
N GLU V 215 18.56 -14.13 34.61
CA GLU V 215 17.86 -13.60 33.44
C GLU V 215 16.61 -12.81 33.82
N LEU V 216 15.88 -13.25 34.85
CA LEU V 216 14.57 -12.66 35.14
C LEU V 216 14.67 -11.30 35.82
N PHE V 217 15.73 -11.07 36.61
CA PHE V 217 15.75 -9.92 37.51
C PHE V 217 15.69 -8.59 36.78
N ASP V 218 16.03 -8.54 35.50
CA ASP V 218 16.01 -7.28 34.76
C ASP V 218 14.79 -7.13 33.86
N ALA V 219 13.79 -8.00 34.01
CA ALA V 219 12.63 -7.98 33.13
C ALA V 219 12.01 -6.59 33.04
N GLU V 220 11.77 -5.96 34.20
CA GLU V 220 11.18 -4.63 34.20
C GLU V 220 11.98 -3.66 33.35
N GLY V 221 13.30 -3.67 33.51
CA GLY V 221 14.14 -2.80 32.72
C GLY V 221 13.93 -3.00 31.22
N ASP V 222 13.84 -4.27 30.80
CA ASP V 222 13.60 -4.55 29.39
C ASP V 222 12.36 -3.83 28.89
N MET V 223 11.29 -3.87 29.69
CA MET V 223 10.05 -3.22 29.28
C MET V 223 10.30 -1.76 28.96
N VAL V 224 11.02 -1.06 29.83
CA VAL V 224 11.31 0.35 29.59
C VAL V 224 12.01 0.52 28.24
N ARG V 225 13.05 -0.30 28.01
CA ARG V 225 13.76 -0.25 26.74
C ARG V 225 12.78 -0.38 25.58
N ALA V 226 11.87 -1.35 25.66
CA ALA V 226 10.95 -1.57 24.55
C ALA V 226 10.12 -0.33 24.28
N ILE V 227 9.65 0.32 25.35
CA ILE V 227 8.81 1.51 25.16
C ILE V 227 9.60 2.60 24.44
N LYS V 228 10.90 2.69 24.72
CA LYS V 228 11.69 3.72 24.06
C LYS V 228 11.93 3.41 22.59
N LYS V 229 11.80 2.14 22.18
CA LYS V 229 12.00 1.82 20.77
C LYS V 229 10.79 2.22 19.93
N LEU V 230 9.59 2.02 20.45
CA LEU V 230 8.37 2.33 19.70
C LEU V 230 8.15 3.83 19.59
N CYS W 22 -27.92 -52.90 14.86
CA CYS W 22 -27.04 -52.34 15.88
C CYS W 22 -27.09 -53.16 17.16
N PRO W 23 -25.95 -53.73 17.55
CA PRO W 23 -25.91 -54.53 18.77
C PRO W 23 -25.69 -53.70 20.02
N SER W 24 -25.88 -52.38 19.92
CA SER W 24 -25.63 -51.48 21.04
C SER W 24 -26.74 -50.43 21.09
N ARG W 25 -27.57 -50.50 22.13
CA ARG W 25 -28.57 -49.47 22.41
C ARG W 25 -28.68 -49.20 23.91
N HIS W 26 -27.65 -49.52 24.69
CA HIS W 26 -27.71 -49.51 26.14
C HIS W 26 -27.45 -48.10 26.68
N ASN W 27 -27.18 -48.03 27.98
CA ASN W 27 -26.90 -46.79 28.73
C ASN W 27 -28.13 -45.90 28.84
N PHE W 28 -28.61 -45.39 27.71
CA PHE W 28 -29.74 -44.46 27.73
C PHE W 28 -31.01 -45.17 28.21
N ASP W 29 -31.74 -44.49 29.09
CA ASP W 29 -32.97 -45.05 29.64
C ASP W 29 -34.03 -45.19 28.56
N PRO W 30 -34.64 -46.36 28.38
CA PRO W 30 -35.59 -46.54 27.27
C PRO W 30 -36.80 -45.62 27.31
N GLU W 31 -37.33 -45.32 28.49
CA GLU W 31 -38.48 -44.43 28.58
C GLU W 31 -38.12 -43.03 28.10
N CYS W 32 -36.95 -42.53 28.50
CA CYS W 32 -36.48 -41.24 28.02
C CYS W 32 -36.31 -41.25 26.51
N GLU W 33 -35.79 -42.36 25.96
CA GLU W 33 -35.63 -42.46 24.52
C GLU W 33 -36.99 -42.38 23.81
N LYS W 34 -37.99 -43.08 24.33
CA LYS W 34 -39.31 -43.06 23.72
C LYS W 34 -39.90 -41.64 23.75
N ALA W 35 -39.78 -40.97 24.89
CA ALA W 35 -40.32 -39.61 24.99
C ALA W 35 -39.58 -38.66 24.05
N PHE W 36 -38.26 -38.82 23.93
CA PHE W 36 -37.49 -37.98 23.02
C PHE W 36 -37.94 -38.17 21.57
N VAL W 37 -38.18 -39.43 21.17
CA VAL W 37 -38.64 -39.69 19.80
C VAL W 37 -40.01 -39.05 19.56
N GLU W 38 -40.90 -39.14 20.56
CA GLU W 38 -42.19 -38.48 20.44
C GLU W 38 -42.05 -36.99 20.23
N HIS W 39 -41.18 -36.34 21.01
CA HIS W 39 -41.00 -34.90 20.83
C HIS W 39 -40.37 -34.57 19.48
N ILE W 40 -39.50 -35.44 18.97
CA ILE W 40 -38.94 -35.23 17.64
C ILE W 40 -40.06 -35.18 16.60
N HIS W 41 -41.00 -36.11 16.71
CA HIS W 41 -42.11 -36.12 15.76
C HIS W 41 -42.98 -34.87 15.90
N LEU W 42 -43.14 -34.39 17.13
CA LEU W 42 -43.89 -33.14 17.33
C LEU W 42 -43.21 -31.97 16.61
N GLU W 43 -41.89 -31.87 16.73
CA GLU W 43 -41.16 -30.79 16.06
C GLU W 43 -41.28 -30.91 14.54
N LEU W 44 -41.19 -32.13 14.02
CA LEU W 44 -41.34 -32.33 12.58
C LEU W 44 -42.72 -31.89 12.10
N ALA W 45 -43.76 -32.21 12.88
CA ALA W 45 -45.11 -31.79 12.50
C ALA W 45 -45.22 -30.27 12.48
N SER W 46 -44.62 -29.59 13.46
CA SER W 46 -44.66 -28.13 13.46
C SER W 46 -43.96 -27.55 12.23
N SER W 47 -42.80 -28.12 11.88
CA SER W 47 -42.10 -27.68 10.68
C SER W 47 -42.94 -27.86 9.43
N TYR W 48 -43.64 -29.00 9.33
CA TYR W 48 -44.51 -29.23 8.18
C TYR W 48 -45.65 -28.23 8.13
N HIS W 49 -46.23 -27.91 9.28
CA HIS W 49 -47.38 -27.00 9.29
C HIS W 49 -46.99 -25.58 8.91
N ALA W 50 -45.74 -25.17 9.19
CA ALA W 50 -45.32 -23.85 8.74
C ALA W 50 -45.34 -23.72 7.21
N TRP W 51 -45.11 -24.83 6.51
CA TRP W 51 -45.09 -24.81 5.04
C TRP W 51 -46.45 -24.41 4.47
N SER W 52 -47.52 -24.89 5.07
CA SER W 52 -48.86 -24.57 4.56
C SER W 52 -49.14 -23.07 4.68
N MET W 53 -48.77 -22.46 5.80
CA MET W 53 -48.94 -21.02 5.94
C MET W 53 -48.10 -20.26 4.91
N TRP W 54 -46.86 -20.71 4.70
CA TRP W 54 -46.01 -20.07 3.70
C TRP W 54 -46.66 -20.13 2.33
N ALA W 55 -47.22 -21.29 1.97
CA ALA W 55 -47.86 -21.43 0.65
C ALA W 55 -49.13 -20.59 0.56
N PHE W 56 -49.87 -20.49 1.67
CA PHE W 56 -51.11 -19.72 1.64
C PHE W 56 -50.84 -18.24 1.42
N TYR W 57 -49.83 -17.69 2.08
CA TYR W 57 -49.64 -16.25 1.99
C TYR W 57 -48.88 -15.82 0.73
N ALA W 58 -48.43 -16.76 -0.09
CA ALA W 58 -47.72 -16.44 -1.33
C ALA W 58 -48.62 -16.47 -2.55
N ARG W 59 -49.93 -16.70 -2.38
CA ARG W 59 -50.84 -16.71 -3.52
C ARG W 59 -50.91 -15.32 -4.16
N ASP W 60 -51.21 -15.29 -5.46
CA ASP W 60 -51.25 -14.03 -6.17
C ASP W 60 -52.38 -13.13 -5.71
N CYS W 61 -53.37 -13.69 -5.01
CA CYS W 61 -54.45 -12.89 -4.46
C CYS W 61 -54.22 -12.49 -3.00
N LYS W 62 -53.10 -12.90 -2.41
CA LYS W 62 -52.74 -12.50 -1.05
C LYS W 62 -51.50 -11.62 -1.05
N ALA W 63 -50.37 -12.13 -1.55
CA ALA W 63 -49.14 -11.37 -1.76
C ALA W 63 -48.73 -10.59 -0.52
N ALA W 64 -48.45 -11.31 0.56
CA ALA W 64 -47.98 -10.73 1.81
C ALA W 64 -46.54 -11.19 2.02
N VAL W 65 -45.59 -10.30 1.75
CA VAL W 65 -44.18 -10.70 1.73
C VAL W 65 -43.68 -10.96 3.15
N GLY W 66 -44.08 -10.15 4.13
CA GLY W 66 -43.59 -10.31 5.48
C GLY W 66 -43.99 -11.64 6.09
N MET W 67 -45.26 -12.02 5.94
CA MET W 67 -45.72 -13.29 6.47
C MET W 67 -45.01 -14.46 5.79
N THR W 68 -44.76 -14.33 4.48
CA THR W 68 -44.04 -15.37 3.75
C THR W 68 -42.65 -15.57 4.33
N ARG W 69 -41.91 -14.47 4.53
CA ARG W 69 -40.57 -14.58 5.10
C ARG W 69 -40.60 -15.18 6.50
N LEU W 70 -41.54 -14.74 7.32
CA LEU W 70 -41.62 -15.24 8.70
C LEU W 70 -41.90 -16.74 8.73
N CYS W 71 -42.85 -17.20 7.90
CA CYS W 71 -43.20 -18.61 7.89
C CYS W 71 -42.05 -19.48 7.39
N GLU W 72 -41.34 -19.01 6.35
CA GLU W 72 -40.18 -19.74 5.87
C GLU W 72 -39.12 -19.89 6.96
N TRP W 73 -38.83 -18.79 7.66
CA TRP W 73 -37.86 -18.83 8.74
C TRP W 73 -38.29 -19.80 9.83
N ALA W 74 -39.57 -19.78 10.20
CA ALA W 74 -40.06 -20.66 11.25
C ALA W 74 -39.93 -22.13 10.86
N SER W 75 -40.24 -22.46 9.62
CA SER W 75 -40.12 -23.85 9.20
C SER W 75 -38.67 -24.33 9.27
N HIS W 76 -37.74 -23.50 8.81
CA HIS W 76 -36.33 -23.90 8.89
C HIS W 76 -35.88 -24.07 10.34
N VAL W 77 -36.31 -23.17 11.23
CA VAL W 77 -35.93 -23.28 12.63
C VAL W 77 -36.44 -24.57 13.25
N SER W 78 -37.70 -24.93 12.96
CA SER W 78 -38.25 -26.17 13.51
C SER W 78 -37.52 -27.39 13.00
N ALA W 79 -37.17 -27.41 11.70
CA ALA W 79 -36.42 -28.54 11.17
C ALA W 79 -35.07 -28.68 11.86
N GLN W 80 -34.38 -27.55 12.08
CA GLN W 80 -33.10 -27.61 12.78
C GLN W 80 -33.26 -28.15 14.20
N ARG W 81 -34.32 -27.75 14.89
CA ARG W 81 -34.54 -28.24 16.25
C ARG W 81 -34.74 -29.76 16.27
N ALA W 82 -35.53 -30.27 15.32
CA ALA W 82 -35.73 -31.72 15.25
C ALA W 82 -34.41 -32.43 14.99
N ARG W 83 -33.60 -31.90 14.08
CA ARG W 83 -32.29 -32.50 13.81
C ARG W 83 -31.41 -32.51 15.06
N ARG W 84 -31.44 -31.42 15.83
CA ARG W 84 -30.62 -31.34 17.03
C ARG W 84 -31.04 -32.39 18.07
N MET W 85 -32.35 -32.56 18.28
CA MET W 85 -32.78 -33.56 19.24
C MET W 85 -32.41 -34.97 18.79
N ALA W 86 -32.56 -35.26 17.50
CA ALA W 86 -32.16 -36.58 17.01
C ALA W 86 -30.66 -36.81 17.20
N ALA W 87 -29.85 -35.78 16.95
CA ALA W 87 -28.41 -35.90 17.15
C ALA W 87 -28.08 -36.17 18.61
N TYR W 88 -28.78 -35.51 19.53
CA TYR W 88 -28.53 -35.77 20.94
C TYR W 88 -28.87 -37.21 21.30
N VAL W 89 -29.98 -37.73 20.79
CA VAL W 89 -30.33 -39.11 21.08
C VAL W 89 -29.25 -40.05 20.55
N LEU W 90 -28.76 -39.79 19.34
CA LEU W 90 -27.73 -40.66 18.78
C LEU W 90 -26.42 -40.57 19.55
N THR W 91 -26.09 -39.40 20.09
CA THR W 91 -24.84 -39.25 20.83
C THR W 91 -24.82 -40.11 22.09
N ARG W 92 -25.96 -40.24 22.76
CA ARG W 92 -26.02 -41.03 23.98
C ARG W 92 -26.09 -42.53 23.73
N GLY W 93 -26.17 -42.95 22.47
CA GLY W 93 -26.15 -44.36 22.13
C GLY W 93 -27.48 -45.00 21.82
N GLY W 94 -28.54 -44.20 21.61
CA GLY W 94 -29.84 -44.74 21.30
C GLY W 94 -30.12 -44.86 19.82
N HIS W 95 -31.35 -45.25 19.50
CA HIS W 95 -31.83 -45.37 18.13
C HIS W 95 -33.02 -44.44 17.94
N VAL W 96 -33.22 -44.00 16.69
CA VAL W 96 -34.34 -43.14 16.33
C VAL W 96 -35.18 -43.88 15.30
N ASP W 97 -36.47 -44.04 15.58
CA ASP W 97 -37.41 -44.67 14.67
C ASP W 97 -38.42 -43.63 14.21
N TYR W 98 -38.61 -43.52 12.90
CA TYR W 98 -39.46 -42.50 12.32
C TYR W 98 -40.80 -43.10 11.91
N LYS W 99 -41.85 -42.29 12.03
CA LYS W 99 -43.19 -42.73 11.69
C LYS W 99 -43.89 -41.63 10.90
N GLU W 100 -45.20 -41.77 10.76
CA GLU W 100 -46.00 -40.96 9.87
C GLU W 100 -46.18 -39.54 10.38
N ILE W 101 -46.21 -38.60 9.44
CA ILE W 101 -46.36 -37.17 9.74
C ILE W 101 -47.76 -36.74 9.29
N PRO W 102 -48.63 -36.31 10.19
CA PRO W 102 -50.00 -35.96 9.79
C PRO W 102 -50.08 -34.63 9.06
N ALA W 103 -51.15 -34.48 8.29
CA ALA W 103 -51.41 -33.26 7.54
C ALA W 103 -51.99 -32.18 8.45
N PRO W 104 -51.71 -30.91 8.15
CA PRO W 104 -52.33 -29.82 8.93
C PRO W 104 -53.83 -29.77 8.70
N LYS W 105 -54.55 -29.33 9.74
CA LYS W 105 -56.01 -29.37 9.70
C LYS W 105 -56.58 -28.19 8.92
N LYS W 106 -56.32 -26.97 9.38
CA LYS W 106 -56.81 -25.77 8.72
C LYS W 106 -55.71 -25.18 7.84
N GLN W 107 -56.09 -24.76 6.63
CA GLN W 107 -55.15 -24.21 5.67
C GLN W 107 -55.60 -22.84 5.17
N GLY W 108 -56.33 -22.11 6.01
CA GLY W 108 -56.75 -20.75 5.66
C GLY W 108 -56.94 -19.93 6.91
N TRP W 109 -56.70 -18.63 6.79
CA TRP W 109 -56.81 -17.72 7.93
C TRP W 109 -57.47 -16.43 7.48
N ASP W 110 -58.37 -15.91 8.31
CA ASP W 110 -59.12 -14.71 7.95
C ASP W 110 -58.25 -13.47 7.97
N ASN W 111 -57.38 -13.35 8.98
CA ASN W 111 -56.48 -12.20 9.08
C ASN W 111 -55.22 -12.64 9.81
N PHE W 112 -54.30 -11.70 9.98
CA PHE W 112 -53.01 -12.03 10.59
C PHE W 112 -53.15 -12.43 12.05
N GLU W 113 -54.16 -11.90 12.74
CA GLU W 113 -54.32 -12.20 14.16
C GLU W 113 -54.56 -13.68 14.40
N ASP W 114 -55.36 -14.32 13.55
CA ASP W 114 -55.61 -15.75 13.70
C ASP W 114 -54.33 -16.56 13.55
N ALA W 115 -53.51 -16.22 12.55
CA ALA W 115 -52.26 -16.94 12.35
C ALA W 115 -51.33 -16.78 13.54
N PHE W 116 -51.21 -15.55 14.06
CA PHE W 116 -50.33 -15.33 15.21
C PHE W 116 -50.84 -16.08 16.44
N SER W 117 -52.17 -16.11 16.64
CA SER W 117 -52.71 -16.86 17.76
C SER W 117 -52.42 -18.35 17.62
N HIS W 118 -52.55 -18.88 16.41
CA HIS W 118 -52.23 -20.29 16.17
C HIS W 118 -50.78 -20.59 16.53
N CYS W 119 -49.87 -19.72 16.10
CA CYS W 119 -48.46 -19.93 16.41
C CYS W 119 -48.20 -19.88 17.92
N VAL W 120 -48.84 -18.94 18.61
CA VAL W 120 -48.65 -18.82 20.06
C VAL W 120 -49.13 -20.10 20.77
N ALA W 121 -50.28 -20.61 20.37
CA ALA W 121 -50.79 -21.84 20.97
C ALA W 121 -49.84 -23.01 20.73
N ASN W 122 -49.29 -23.10 19.52
CA ASN W 122 -48.33 -24.17 19.23
C ASN W 122 -47.11 -24.06 20.13
N LYS W 123 -46.60 -22.84 20.33
CA LYS W 123 -45.45 -22.65 21.21
C LYS W 123 -45.76 -23.11 22.63
N LYS W 124 -46.96 -22.79 23.12
CA LYS W 124 -47.32 -23.23 24.47
C LYS W 124 -47.34 -24.75 24.57
N ARG W 125 -47.89 -25.43 23.55
CA ARG W 125 -47.90 -26.88 23.56
C ARG W 125 -46.48 -27.46 23.59
N ILE W 126 -45.59 -26.88 22.78
CA ILE W 126 -44.20 -27.35 22.75
C ILE W 126 -43.55 -27.19 24.12
N LEU W 127 -43.79 -26.05 24.78
CA LEU W 127 -43.20 -25.82 26.10
C LEU W 127 -43.71 -26.83 27.12
N THR W 128 -45.00 -27.14 27.08
CA THR W 128 -45.54 -28.13 28.01
C THR W 128 -44.88 -29.49 27.81
N SER W 129 -44.72 -29.91 26.55
CA SER W 129 -44.06 -31.18 26.28
C SER W 129 -42.62 -31.19 26.80
N LEU W 130 -41.89 -30.10 26.58
CA LEU W 130 -40.51 -30.05 27.05
C LEU W 130 -40.43 -30.11 28.57
N GLN W 131 -41.35 -29.44 29.25
CA GLN W 131 -41.37 -29.50 30.72
C GLN W 131 -41.62 -30.92 31.21
N SER W 132 -42.54 -31.64 30.55
CA SER W 132 -42.77 -33.03 30.91
C SER W 132 -41.50 -33.87 30.72
N LEU W 133 -40.78 -33.65 29.62
CA LEU W 133 -39.54 -34.37 29.39
C LEU W 133 -38.52 -34.09 30.51
N TYR W 134 -38.38 -32.82 30.88
CA TYR W 134 -37.44 -32.46 31.93
C TYR W 134 -37.81 -33.14 33.25
N GLN W 135 -39.10 -33.16 33.57
CA GLN W 135 -39.53 -33.83 34.79
C GLN W 135 -39.21 -35.32 34.75
N CYS W 136 -39.39 -35.94 33.58
CA CYS W 136 -39.11 -37.37 33.47
C CYS W 136 -37.64 -37.68 33.69
N CYS W 137 -36.74 -36.88 33.12
CA CYS W 137 -35.32 -37.23 33.13
C CYS W 137 -34.53 -36.57 34.27
N GLN W 138 -35.20 -35.85 35.16
CA GLN W 138 -34.48 -35.03 36.14
C GLN W 138 -33.81 -35.87 37.23
N SER W 139 -34.44 -36.96 37.64
CA SER W 139 -33.97 -37.68 38.82
C SER W 139 -32.62 -38.36 38.58
N LYS W 140 -32.44 -38.99 37.42
CA LYS W 140 -31.24 -39.78 37.17
C LYS W 140 -30.19 -39.05 36.35
N ASP W 141 -30.54 -38.57 35.17
CA ASP W 141 -29.55 -38.03 34.23
C ASP W 141 -29.48 -36.51 34.35
N ALA W 142 -28.37 -36.01 34.87
CA ALA W 142 -28.18 -34.57 35.00
C ALA W 142 -27.88 -33.90 33.67
N HIS W 143 -27.06 -34.55 32.84
CA HIS W 143 -26.69 -33.97 31.55
C HIS W 143 -27.92 -33.84 30.64
N CYS W 144 -28.79 -34.84 30.66
CA CYS W 144 -30.00 -34.78 29.83
C CYS W 144 -30.91 -33.64 30.25
N SER W 145 -31.10 -33.45 31.55
CA SER W 145 -31.94 -32.36 32.03
C SER W 145 -31.33 -31.00 31.69
N ASN W 146 -30.01 -30.88 31.82
CA ASN W 146 -29.35 -29.64 31.44
C ASN W 146 -29.53 -29.36 29.95
N PHE W 147 -29.40 -30.39 29.11
CA PHE W 147 -29.61 -30.22 27.68
C PHE W 147 -31.03 -29.75 27.40
N ILE W 148 -32.02 -30.34 28.08
CA ILE W 148 -33.41 -29.95 27.86
C ILE W 148 -33.61 -28.49 28.25
N GLN W 149 -33.10 -28.08 29.41
CA GLN W 149 -33.40 -26.73 29.88
C GLN W 149 -32.56 -25.66 29.22
N THR W 150 -31.45 -26.01 28.56
CA THR W 150 -30.65 -24.99 27.89
C THR W 150 -30.86 -24.97 26.37
N ASP W 151 -30.73 -26.11 25.70
CA ASP W 151 -30.68 -26.13 24.24
C ASP W 151 -32.05 -26.21 23.59
N MET W 152 -33.14 -26.35 24.35
CA MET W 152 -34.46 -26.49 23.76
C MET W 152 -35.48 -25.46 24.21
N MET W 153 -35.39 -24.95 25.44
CA MET W 153 -36.41 -24.07 25.98
C MET W 153 -36.19 -22.60 25.64
N ASP W 154 -34.93 -22.17 25.55
CA ASP W 154 -34.62 -20.76 25.35
C ASP W 154 -35.22 -20.21 24.07
N GLU W 155 -35.07 -20.97 22.98
CA GLU W 155 -35.63 -20.55 21.69
C GLU W 155 -37.14 -20.36 21.80
N VAL W 156 -37.82 -21.31 22.45
CA VAL W 156 -39.27 -21.23 22.57
C VAL W 156 -39.69 -20.01 23.35
N ILE W 157 -39.00 -19.71 24.45
CA ILE W 157 -39.35 -18.55 25.26
C ILE W 157 -39.19 -17.26 24.45
N ALA W 158 -38.06 -17.13 23.75
CA ALA W 158 -37.81 -15.92 22.97
C ALA W 158 -38.84 -15.76 21.85
N TRP W 159 -39.13 -16.84 21.13
CA TRP W 159 -40.09 -16.77 20.04
C TRP W 159 -41.49 -16.43 20.56
N ASN W 160 -41.86 -16.98 21.71
CA ASN W 160 -43.17 -16.66 22.29
C ASN W 160 -43.27 -15.18 22.62
N LYS W 161 -42.22 -14.59 23.20
CA LYS W 161 -42.26 -13.16 23.49
C LYS W 161 -42.40 -12.35 22.21
N PHE W 162 -41.63 -12.69 21.17
CA PHE W 162 -41.70 -11.94 19.92
C PHE W 162 -43.09 -12.01 19.30
N LEU W 163 -43.68 -13.22 19.26
CA LEU W 163 -45.00 -13.37 18.66
C LEU W 163 -46.07 -12.64 19.46
N SER W 164 -45.96 -12.65 20.79
CA SER W 164 -46.93 -11.93 21.61
C SER W 164 -46.85 -10.43 21.35
N ASP W 165 -45.63 -9.89 21.22
CA ASP W 165 -45.49 -8.47 20.91
C ASP W 165 -46.12 -8.13 19.57
N CYS W 166 -45.87 -8.97 18.55
CA CYS W 166 -46.47 -8.73 17.24
C CYS W 166 -48.00 -8.77 17.32
N LEU W 167 -48.55 -9.73 18.07
CA LEU W 167 -50.00 -9.84 18.20
C LEU W 167 -50.60 -8.62 18.87
N SER W 168 -49.95 -8.10 19.92
CA SER W 168 -50.45 -6.90 20.57
C SER W 168 -50.43 -5.71 19.63
N ASN W 169 -49.35 -5.56 18.87
CA ASN W 169 -49.28 -4.46 17.91
C ASN W 169 -50.39 -4.57 16.87
N LEU W 170 -50.62 -5.79 16.36
CA LEU W 170 -51.67 -5.97 15.35
C LEU W 170 -53.05 -5.65 15.92
N HIS W 171 -53.32 -6.09 17.14
CA HIS W 171 -54.61 -5.80 17.75
C HIS W 171 -54.81 -4.31 17.93
N CYS W 172 -53.75 -3.60 18.33
CA CYS W 172 -53.87 -2.15 18.47
C CYS W 172 -54.10 -1.47 17.12
N ILE W 173 -53.42 -1.93 16.06
CA ILE W 173 -53.48 -1.23 14.78
C ILE W 173 -54.87 -1.32 14.17
N GLY W 174 -55.47 -2.50 14.16
CA GLY W 174 -56.76 -2.73 13.56
C GLY W 174 -56.69 -3.78 12.49
N SER W 175 -57.78 -3.89 11.72
CA SER W 175 -57.86 -4.89 10.68
C SER W 175 -58.47 -4.38 9.37
N GLN W 176 -58.64 -3.07 9.22
CA GLN W 176 -59.23 -2.50 8.01
C GLN W 176 -58.37 -1.35 7.52
N GLY W 177 -58.45 -1.10 6.22
CA GLY W 177 -57.67 -0.04 5.61
C GLY W 177 -56.30 -0.51 5.19
N MET W 178 -55.31 0.38 5.26
CA MET W 178 -53.95 0.06 4.86
C MET W 178 -53.01 -0.19 6.03
N GLY W 179 -53.53 -0.30 7.25
CA GLY W 179 -52.72 -0.63 8.40
C GLY W 179 -52.00 -1.96 8.30
N PRO W 180 -52.73 -3.03 7.95
CA PRO W 180 -52.07 -4.32 7.75
C PRO W 180 -50.99 -4.30 6.68
N TRP W 181 -51.17 -3.52 5.61
CA TRP W 181 -50.17 -3.45 4.56
C TRP W 181 -48.86 -2.84 5.09
N VAL W 182 -48.98 -1.74 5.83
CA VAL W 182 -47.80 -1.11 6.42
C VAL W 182 -47.12 -2.04 7.41
N PHE W 183 -47.93 -2.74 8.23
CA PHE W 183 -47.37 -3.70 9.17
C PHE W 183 -46.61 -4.81 8.45
N ASP W 184 -47.18 -5.31 7.36
CA ASP W 184 -46.52 -6.37 6.60
C ASP W 184 -45.19 -5.91 6.02
N ARG W 185 -45.16 -4.69 5.47
CA ARG W 185 -43.89 -4.17 4.94
C ARG W 185 -42.84 -4.05 6.03
N TRP W 186 -43.22 -3.52 7.19
CA TRP W 186 -42.30 -3.42 8.32
C TRP W 186 -41.80 -4.79 8.76
N LEU W 187 -42.71 -5.77 8.82
CA LEU W 187 -42.32 -7.11 9.25
C LEU W 187 -41.33 -7.73 8.30
N ALA W 188 -41.55 -7.56 6.99
CA ALA W 188 -40.57 -8.05 6.02
C ALA W 188 -39.22 -7.39 6.22
N ARG W 189 -39.21 -6.08 6.46
CA ARG W 189 -37.94 -5.38 6.66
C ARG W 189 -37.19 -5.93 7.88
N ILE W 190 -37.89 -6.16 8.99
CA ILE W 190 -37.18 -6.58 10.19
C ILE W 190 -36.78 -8.05 10.12
N VAL W 191 -37.57 -8.90 9.45
CA VAL W 191 -37.21 -10.31 9.35
C VAL W 191 -36.01 -10.49 8.42
N MET W 192 -36.00 -9.77 7.29
CA MET W 192 -34.94 -9.96 6.30
C MET W 192 -33.57 -9.53 6.83
N SER W 193 -33.52 -8.72 7.88
CA SER W 193 -32.25 -8.29 8.44
C SER W 193 -31.55 -9.37 9.23
N LYS W 194 -32.20 -10.50 9.47
CA LYS W 194 -31.65 -11.56 10.30
C LYS W 194 -31.49 -12.88 9.56
N PHE W 195 -32.41 -13.23 8.67
CA PHE W 195 -32.42 -14.54 8.04
C PHE W 195 -32.40 -14.42 6.53
N LYS W 196 -31.63 -15.31 5.91
CA LYS W 196 -31.53 -15.41 4.45
C LYS W 196 -31.12 -16.83 4.10
N HIS W 197 -32.02 -17.60 3.52
CA HIS W 197 -31.71 -18.99 3.24
C HIS W 197 -30.83 -19.10 2.00
N PRO W 198 -29.63 -19.67 2.11
CA PRO W 198 -28.79 -19.83 0.92
C PRO W 198 -29.26 -20.99 0.06
N LYS W 199 -28.84 -20.97 -1.19
CA LYS W 199 -29.17 -22.03 -2.12
C LYS W 199 -28.38 -23.30 -1.78
N ILE W 200 -29.00 -24.44 -2.06
CA ILE W 200 -28.36 -25.74 -1.89
C ILE W 200 -27.71 -26.13 -3.21
N PRO W 201 -26.40 -26.35 -3.25
CA PRO W 201 -25.76 -26.79 -4.49
C PRO W 201 -26.16 -28.20 -4.87
N SER W 202 -26.08 -28.50 -6.16
CA SER W 202 -26.50 -29.78 -6.68
C SER W 202 -25.63 -30.15 -7.88
N LEU W 203 -26.07 -31.16 -8.63
CA LEU W 203 -25.37 -31.61 -9.83
C LEU W 203 -26.21 -31.31 -11.06
N SER W 204 -25.54 -31.17 -12.20
CA SER W 204 -26.22 -30.86 -13.46
C SER W 204 -25.40 -31.44 -14.61
N THR W 205 -25.93 -31.28 -15.83
CA THR W 205 -25.26 -31.75 -17.03
C THR W 205 -24.59 -30.62 -17.81
N SER W 206 -24.47 -29.43 -17.23
CA SER W 206 -23.74 -28.36 -17.87
C SER W 206 -22.26 -28.70 -17.98
N ASP W 207 -21.64 -28.32 -19.09
CA ASP W 207 -20.25 -28.64 -19.39
C ASP W 207 -20.01 -30.15 -19.31
N LEU W 208 -20.76 -30.87 -20.14
CA LEU W 208 -20.69 -32.33 -20.13
C LEU W 208 -19.31 -32.83 -20.51
N GLU W 209 -18.67 -32.19 -21.49
CA GLU W 209 -17.37 -32.63 -21.97
C GLU W 209 -16.26 -32.45 -20.95
N SER W 210 -16.49 -31.69 -19.88
CA SER W 210 -15.46 -31.46 -18.88
C SER W 210 -15.48 -32.45 -17.74
N ASN W 211 -16.65 -32.95 -17.36
CA ASN W 211 -16.81 -33.91 -16.27
C ASN W 211 -17.33 -35.21 -16.86
N ILE W 212 -16.43 -36.05 -17.37
CA ILE W 212 -16.85 -37.17 -18.20
C ILE W 212 -17.46 -38.29 -17.35
N PRO W 213 -16.75 -38.88 -16.36
CA PRO W 213 -17.43 -39.87 -15.52
C PRO W 213 -18.53 -39.21 -14.71
N ASN W 214 -18.15 -38.20 -13.94
CA ASN W 214 -19.07 -37.30 -13.23
C ASN W 214 -18.23 -36.19 -12.62
N GLU W 215 -18.90 -35.22 -12.03
CA GLU W 215 -18.21 -34.02 -11.55
C GLU W 215 -17.40 -34.28 -10.28
N LEU W 216 -17.93 -35.12 -9.37
CA LEU W 216 -17.31 -35.26 -8.06
C LEU W 216 -16.05 -36.10 -8.07
N PHE W 217 -15.96 -37.08 -8.98
CA PHE W 217 -14.93 -38.10 -8.88
C PHE W 217 -13.52 -37.54 -8.99
N ASP W 218 -13.34 -36.35 -9.54
CA ASP W 218 -12.00 -35.77 -9.69
C ASP W 218 -11.69 -34.71 -8.64
N ALA W 219 -12.52 -34.59 -7.60
CA ALA W 219 -12.34 -33.54 -6.61
C ALA W 219 -10.93 -33.51 -6.05
N GLU W 220 -10.42 -34.68 -5.63
CA GLU W 220 -9.07 -34.76 -5.09
C GLU W 220 -8.05 -34.17 -6.05
N GLY W 221 -8.15 -34.55 -7.33
CA GLY W 221 -7.23 -34.01 -8.31
C GLY W 221 -7.24 -32.49 -8.35
N ASP W 222 -8.45 -31.91 -8.30
CA ASP W 222 -8.56 -30.45 -8.30
C ASP W 222 -7.72 -29.85 -7.18
N MET W 223 -7.81 -30.45 -5.99
CA MET W 223 -7.06 -29.92 -4.85
C MET W 223 -5.58 -29.83 -5.18
N VAL W 224 -5.02 -30.88 -5.78
CA VAL W 224 -3.61 -30.86 -6.14
C VAL W 224 -3.32 -29.69 -7.06
N ARG W 225 -4.15 -29.53 -8.10
CA ARG W 225 -3.99 -28.41 -9.01
C ARG W 225 -3.93 -27.09 -8.25
N ALA W 226 -4.87 -26.91 -7.31
CA ALA W 226 -4.92 -25.64 -6.58
C ALA W 226 -3.62 -25.40 -5.84
N ILE W 227 -3.06 -26.44 -5.21
CA ILE W 227 -1.83 -26.26 -4.46
C ILE W 227 -0.71 -25.82 -5.38
N LYS W 228 -0.70 -26.32 -6.62
CA LYS W 228 0.35 -25.93 -7.54
C LYS W 228 0.21 -24.49 -8.01
N LYS W 229 -1.00 -23.91 -7.92
CA LYS W 229 -1.16 -22.53 -8.34
C LYS W 229 -0.62 -21.55 -7.31
N LEU W 230 -0.81 -21.84 -6.04
CA LEU W 230 -0.36 -20.94 -4.97
C LEU W 230 1.15 -20.98 -4.81
N CYS X 22 -0.50 57.09 23.24
CA CYS X 22 -1.79 56.58 22.76
C CYS X 22 -2.91 57.57 23.04
N PRO X 23 -3.55 58.07 21.99
CA PRO X 23 -4.64 59.03 22.18
C PRO X 23 -5.98 58.36 22.43
N SER X 24 -5.96 57.07 22.77
CA SER X 24 -7.20 56.31 22.96
C SER X 24 -7.04 55.40 24.17
N ARG X 25 -7.78 55.70 25.25
CA ARG X 25 -7.86 54.83 26.41
C ARG X 25 -9.28 54.79 26.97
N HIS X 26 -10.28 55.10 26.16
CA HIS X 26 -11.65 55.30 26.61
C HIS X 26 -12.39 53.97 26.71
N ASN X 27 -13.72 54.04 26.82
CA ASN X 27 -14.63 52.91 26.93
C ASN X 27 -14.48 52.16 28.26
N PHE X 28 -13.32 51.56 28.48
CA PHE X 28 -13.10 50.77 29.69
C PHE X 28 -13.12 51.66 30.93
N ASP X 29 -13.81 51.19 31.96
CA ASP X 29 -13.92 51.95 33.20
C ASP X 29 -12.57 52.04 33.90
N PRO X 30 -12.10 53.24 34.26
CA PRO X 30 -10.75 53.36 34.83
C PRO X 30 -10.53 52.59 36.12
N GLU X 31 -11.54 52.51 37.00
CA GLU X 31 -11.37 51.76 38.24
C GLU X 31 -11.17 50.28 37.96
N CYS X 32 -11.95 49.73 37.03
CA CYS X 32 -11.75 48.34 36.64
C CYS X 32 -10.37 48.12 36.06
N GLU X 33 -9.88 49.08 35.26
CA GLU X 33 -8.54 48.97 34.69
C GLU X 33 -7.49 48.92 35.80
N LYS X 34 -7.61 49.79 36.79
CA LYS X 34 -6.65 49.82 37.89
C LYS X 34 -6.66 48.49 38.65
N ALA X 35 -7.85 47.98 38.95
CA ALA X 35 -7.93 46.71 39.68
C ALA X 35 -7.36 45.56 38.85
N PHE X 36 -7.60 45.56 37.54
CA PHE X 36 -7.05 44.53 36.68
C PHE X 36 -5.52 44.57 36.68
N VAL X 37 -4.93 45.77 36.62
CA VAL X 37 -3.47 45.88 36.64
C VAL X 37 -2.93 45.37 37.98
N GLU X 38 -3.60 45.68 39.08
CA GLU X 38 -3.18 45.16 40.37
C GLU X 38 -3.18 43.63 40.39
N HIS X 39 -4.24 43.02 39.86
CA HIS X 39 -4.27 41.56 39.84
C HIS X 39 -3.20 40.98 38.92
N ILE X 40 -2.88 41.67 37.82
CA ILE X 40 -1.79 41.22 36.96
C ILE X 40 -0.49 41.15 37.74
N HIS X 41 -0.22 42.18 38.54
CA HIS X 41 1.01 42.17 39.33
C HIS X 41 0.99 41.05 40.37
N LEU X 42 -0.19 40.76 40.94
CA LEU X 42 -0.28 39.64 41.87
C LEU X 42 0.08 38.33 41.19
N GLU X 43 -0.43 38.10 39.98
CA GLU X 43 -0.11 36.86 39.26
C GLU X 43 1.38 36.78 38.93
N LEU X 44 1.98 37.90 38.54
CA LEU X 44 3.41 37.91 38.26
C LEU X 44 4.22 37.55 39.50
N ALA X 45 3.81 38.08 40.66
CA ALA X 45 4.52 37.76 41.90
C ALA X 45 4.42 36.27 42.21
N SER X 46 3.24 35.68 42.00
CA SER X 46 3.09 34.24 42.24
C SER X 46 4.01 33.43 41.32
N SER X 47 4.06 33.82 40.04
CA SER X 47 4.95 33.15 39.10
C SER X 47 6.40 33.24 39.54
N TYR X 48 6.82 34.42 40.01
CA TYR X 48 8.20 34.57 40.49
C TYR X 48 8.46 33.70 41.71
N HIS X 49 7.50 33.61 42.62
CA HIS X 49 7.74 32.83 43.84
C HIS X 49 7.84 31.35 43.56
N ALA X 50 7.17 30.85 42.51
CA ALA X 50 7.33 29.44 42.17
C ALA X 50 8.78 29.10 41.79
N TRP X 51 9.50 30.07 41.22
CA TRP X 51 10.89 29.85 40.80
C TRP X 51 11.78 29.51 41.99
N SER X 52 11.58 30.19 43.11
CA SER X 52 12.40 29.93 44.29
C SER X 52 12.22 28.51 44.80
N MET X 53 10.99 28.02 44.84
CA MET X 53 10.75 26.64 45.25
C MET X 53 11.41 25.66 44.27
N TRP X 54 11.29 25.94 42.97
CA TRP X 54 11.94 25.09 41.98
C TRP X 54 13.43 25.02 42.21
N ALA X 55 14.06 26.17 42.48
CA ALA X 55 15.51 26.19 42.70
C ALA X 55 15.88 25.49 44.00
N PHE X 56 15.03 25.62 45.03
CA PHE X 56 15.33 24.99 46.31
C PHE X 56 15.32 23.47 46.20
N TYR X 57 14.33 22.91 45.50
CA TYR X 57 14.22 21.46 45.49
C TYR X 57 15.14 20.78 44.48
N ALA X 58 15.89 21.55 43.70
CA ALA X 58 16.83 20.99 42.73
C ALA X 58 18.26 20.94 43.25
N ARG X 59 18.50 21.32 44.50
CA ARG X 59 19.84 21.27 45.06
C ARG X 59 20.32 19.82 45.14
N ASP X 60 21.64 19.64 45.07
CA ASP X 60 22.21 18.30 45.09
C ASP X 60 22.01 17.60 46.42
N CYS X 61 21.68 18.34 47.48
CA CYS X 61 21.39 17.75 48.77
C CYS X 61 19.90 17.54 49.00
N LYS X 62 19.05 17.91 48.04
CA LYS X 62 17.61 17.66 48.13
C LYS X 62 17.16 16.67 47.07
N ALA X 63 17.36 16.98 45.79
CA ALA X 63 17.13 16.08 44.67
C ALA X 63 15.74 15.44 44.72
N ALA X 64 14.71 16.27 44.66
CA ALA X 64 13.32 15.83 44.63
C ALA X 64 12.75 16.16 43.26
N VAL X 65 12.65 15.15 42.40
CA VAL X 65 12.29 15.38 41.01
C VAL X 65 10.83 15.80 40.88
N GLY X 66 9.93 15.17 41.65
CA GLY X 66 8.52 15.47 41.52
C GLY X 66 8.18 16.91 41.89
N MET X 67 8.74 17.39 43.00
CA MET X 67 8.50 18.77 43.40
C MET X 67 9.07 19.75 42.38
N THR X 68 10.23 19.42 41.81
CA THR X 68 10.82 20.25 40.77
C THR X 68 9.88 20.39 39.58
N ARG X 69 9.36 19.26 39.08
CA ARG X 69 8.45 19.31 37.95
C ARG X 69 7.19 20.11 38.28
N LEU X 70 6.63 19.87 39.47
CA LEU X 70 5.40 20.57 39.84
C LEU X 70 5.61 22.08 39.92
N CYS X 71 6.72 22.52 40.52
CA CYS X 71 6.97 23.94 40.66
C CYS X 71 7.21 24.60 39.30
N GLU X 72 7.94 23.92 38.41
CA GLU X 72 8.15 24.46 37.07
C GLU X 72 6.81 24.64 36.34
N TRP X 73 5.95 23.63 36.41
CA TRP X 73 4.64 23.72 35.78
C TRP X 73 3.83 24.87 36.36
N ALA X 74 3.85 25.03 37.68
CA ALA X 74 3.09 26.10 38.31
C ALA X 74 3.57 27.48 37.87
N SER X 75 4.88 27.66 37.78
CA SER X 75 5.40 28.96 37.36
C SER X 75 4.95 29.29 35.93
N HIS X 76 5.03 28.31 35.03
CA HIS X 76 4.59 28.57 33.66
C HIS X 76 3.09 28.90 33.60
N VAL X 77 2.28 28.18 34.39
CA VAL X 77 0.85 28.44 34.40
C VAL X 77 0.54 29.86 34.87
N SER X 78 1.21 30.30 35.94
CA SER X 78 0.98 31.65 36.44
C SER X 78 1.38 32.71 35.43
N ALA X 79 2.52 32.50 34.74
CA ALA X 79 2.94 33.47 33.72
C ALA X 79 1.89 33.56 32.61
N GLN X 80 1.36 32.41 32.17
CA GLN X 80 0.34 32.43 31.14
C GLN X 80 -0.91 33.17 31.60
N ARG X 81 -1.31 32.99 32.86
CA ARG X 81 -2.48 33.69 33.37
C ARG X 81 -2.28 35.20 33.35
N ALA X 82 -1.10 35.66 33.78
CA ALA X 82 -0.83 37.10 33.74
C ALA X 82 -0.89 37.63 32.32
N ARG X 83 -0.31 36.88 31.36
CA ARG X 83 -0.37 37.30 29.96
C ARG X 83 -1.81 37.40 29.47
N ARG X 84 -2.65 36.43 29.86
CA ARG X 84 -4.04 36.44 29.42
C ARG X 84 -4.79 37.66 29.96
N MET X 85 -4.60 37.99 31.24
CA MET X 85 -5.28 39.16 31.77
C MET X 85 -4.82 40.45 31.11
N ALA X 86 -3.52 40.57 30.85
CA ALA X 86 -3.02 41.76 30.15
C ALA X 86 -3.62 41.85 28.74
N ALA X 87 -3.72 40.72 28.05
CA ALA X 87 -4.32 40.71 26.72
C ALA X 87 -5.78 41.15 26.77
N TYR X 88 -6.52 40.70 27.78
CA TYR X 88 -7.91 41.13 27.88
C TYR X 88 -8.00 42.64 28.11
N VAL X 89 -7.13 43.19 28.96
CA VAL X 89 -7.16 44.63 29.18
C VAL X 89 -6.88 45.36 27.87
N LEU X 90 -5.89 44.89 27.10
CA LEU X 90 -5.57 45.56 25.84
C LEU X 90 -6.69 45.44 24.82
N THR X 91 -7.43 44.33 24.83
CA THR X 91 -8.51 44.15 23.86
C THR X 91 -9.62 45.18 24.07
N ARG X 92 -9.93 45.52 25.32
CA ARG X 92 -10.98 46.47 25.61
C ARG X 92 -10.56 47.92 25.39
N GLY X 93 -9.30 48.17 25.06
CA GLY X 93 -8.83 49.51 24.75
C GLY X 93 -8.08 50.23 25.84
N GLY X 94 -7.65 49.53 26.90
CA GLY X 94 -6.93 50.15 27.98
C GLY X 94 -5.42 50.08 27.82
N HIS X 95 -4.73 50.56 28.84
CA HIS X 95 -3.27 50.53 28.91
C HIS X 95 -2.84 49.72 30.12
N VAL X 96 -1.64 49.13 30.03
CA VAL X 96 -1.06 48.35 31.12
C VAL X 96 0.24 49.02 31.53
N ASP X 97 0.36 49.35 32.81
CA ASP X 97 1.57 49.94 33.37
C ASP X 97 2.19 48.96 34.35
N TYR X 98 3.48 48.69 34.18
CA TYR X 98 4.18 47.70 34.97
C TYR X 98 5.02 48.37 36.06
N LYS X 99 5.12 47.70 37.20
CA LYS X 99 5.88 48.22 38.32
C LYS X 99 6.72 47.10 38.92
N GLU X 100 7.24 47.35 40.10
CA GLU X 100 8.24 46.52 40.74
C GLU X 100 7.66 45.21 41.24
N ILE X 101 8.46 44.15 41.15
CA ILE X 101 8.07 42.81 41.58
C ILE X 101 8.87 42.46 42.84
N PRO X 102 8.21 42.26 43.98
CA PRO X 102 8.96 42.00 45.22
C PRO X 102 9.54 40.60 45.28
N ALA X 103 10.56 40.45 46.11
CA ALA X 103 11.22 39.17 46.32
C ALA X 103 10.41 38.29 47.27
N PRO X 104 10.48 36.97 47.11
CA PRO X 104 9.81 36.08 48.06
C PRO X 104 10.45 36.16 49.43
N LYS X 105 9.63 35.94 50.46
CA LYS X 105 10.10 36.12 51.84
C LYS X 105 10.88 34.91 52.33
N LYS X 106 10.24 33.75 52.37
CA LYS X 106 10.89 32.53 52.83
C LYS X 106 11.35 31.71 51.62
N GLN X 107 12.56 31.17 51.71
CA GLN X 107 13.14 30.39 50.63
C GLN X 107 13.59 29.02 51.12
N GLY X 108 12.95 28.49 52.14
CA GLY X 108 13.25 27.15 52.63
C GLY X 108 12.03 26.54 53.28
N TRP X 109 11.94 25.22 53.20
CA TRP X 109 10.80 24.50 53.74
C TRP X 109 11.29 23.22 54.43
N ASP X 110 10.70 22.93 55.59
CA ASP X 110 11.14 21.77 56.37
C ASP X 110 10.73 20.46 55.71
N ASN X 111 9.51 20.39 55.18
CA ASN X 111 9.04 19.18 54.52
C ASN X 111 8.02 19.59 53.45
N PHE X 112 7.49 18.59 52.75
CA PHE X 112 6.57 18.85 51.65
C PHE X 112 5.27 19.48 52.13
N GLU X 113 4.84 19.16 53.36
CA GLU X 113 3.57 19.66 53.86
C GLU X 113 3.57 21.19 53.94
N ASP X 114 4.68 21.78 54.38
CA ASP X 114 4.75 23.23 54.46
C ASP X 114 4.61 23.88 53.09
N ALA X 115 5.29 23.32 52.08
CA ALA X 115 5.19 23.87 50.73
C ALA X 115 3.77 23.78 50.20
N PHE X 116 3.11 22.63 50.40
CA PHE X 116 1.75 22.48 49.91
C PHE X 116 0.80 23.44 50.63
N SER X 117 0.99 23.63 51.93
CA SER X 117 0.17 24.59 52.66
C SER X 117 0.37 26.01 52.14
N HIS X 118 1.62 26.38 51.86
CA HIS X 118 1.90 27.69 51.29
C HIS X 118 1.17 27.89 49.97
N CYS X 119 1.22 26.88 49.10
CA CYS X 119 0.54 26.98 47.81
C CYS X 119 -0.98 27.11 47.99
N VAL X 120 -1.55 26.35 48.93
CA VAL X 120 -3.00 26.42 49.15
C VAL X 120 -3.40 27.81 49.63
N ALA X 121 -2.63 28.40 50.54
CA ALA X 121 -2.92 29.74 51.02
C ALA X 121 -2.85 30.76 49.89
N ASN X 122 -1.85 30.63 49.02
CA ASN X 122 -1.74 31.54 47.88
C ASN X 122 -2.96 31.43 46.97
N LYS X 123 -3.43 30.20 46.72
CA LYS X 123 -4.61 30.02 45.90
C LYS X 123 -5.83 30.70 46.52
N LYS X 124 -5.98 30.57 47.83
CA LYS X 124 -7.11 31.24 48.49
C LYS X 124 -7.04 32.75 48.32
N ARG X 125 -5.85 33.33 48.47
CA ARG X 125 -5.70 34.77 48.27
C ARG X 125 -6.08 35.18 46.86
N ILE X 126 -5.64 34.41 45.86
CA ILE X 126 -5.96 34.73 44.47
C ILE X 126 -7.48 34.70 44.26
N LEU X 127 -8.14 33.69 44.82
CA LEU X 127 -9.59 33.58 44.65
C LEU X 127 -10.31 34.77 45.28
N THR X 128 -9.86 35.21 46.45
CA THR X 128 -10.48 36.38 47.08
C THR X 128 -10.35 37.62 46.21
N SER X 129 -9.15 37.83 45.65
CA SER X 129 -8.95 38.98 44.77
C SER X 129 -9.86 38.92 43.54
N LEU X 130 -9.98 37.74 42.94
CA LEU X 130 -10.83 37.60 41.76
C LEU X 130 -12.30 37.86 42.10
N GLN X 131 -12.75 37.40 43.26
CA GLN X 131 -14.12 37.67 43.66
C GLN X 131 -14.38 39.16 43.84
N SER X 132 -13.41 39.87 44.43
CA SER X 132 -13.54 41.32 44.56
C SER X 132 -13.64 41.99 43.18
N LEU X 133 -12.82 41.54 42.23
CA LEU X 133 -12.89 42.08 40.88
C LEU X 133 -14.28 41.86 40.26
N TYR X 134 -14.81 40.65 40.40
CA TYR X 134 -16.12 40.34 39.84
C TYR X 134 -17.19 41.23 40.47
N GLN X 135 -17.12 41.43 41.78
CA GLN X 135 -18.08 42.31 42.43
C GLN X 135 -17.98 43.73 41.91
N CYS X 136 -16.76 44.21 41.66
CA CYS X 136 -16.58 45.56 41.17
C CYS X 136 -17.19 45.75 39.79
N CYS X 137 -16.99 44.79 38.88
CA CYS X 137 -17.38 44.98 37.49
C CYS X 137 -18.75 44.41 37.15
N GLN X 138 -19.49 43.89 38.13
CA GLN X 138 -20.71 43.15 37.83
C GLN X 138 -21.85 44.06 37.37
N SER X 139 -21.95 45.25 37.94
CA SER X 139 -23.13 46.08 37.71
C SER X 139 -23.23 46.57 36.27
N LYS X 140 -22.11 47.01 35.69
CA LYS X 140 -22.13 47.64 34.37
C LYS X 140 -21.74 46.69 33.24
N ASP X 141 -20.56 46.09 33.31
CA ASP X 141 -20.01 45.32 32.20
C ASP X 141 -20.32 43.84 32.38
N ALA X 142 -21.18 43.30 31.53
CA ALA X 142 -21.50 41.88 31.59
C ALA X 142 -20.39 41.00 31.03
N HIS X 143 -19.78 41.44 29.93
CA HIS X 143 -18.71 40.65 29.31
C HIS X 143 -17.51 40.53 30.24
N CYS X 144 -17.17 41.60 30.94
CA CYS X 144 -16.03 41.56 31.87
C CYS X 144 -16.29 40.58 33.01
N SER X 145 -17.50 40.60 33.57
CA SER X 145 -17.81 39.68 34.66
C SER X 145 -17.81 38.23 34.17
N ASN X 146 -18.33 38.00 32.97
CA ASN X 146 -18.29 36.65 32.41
C ASN X 146 -16.85 36.18 32.21
N PHE X 147 -15.99 37.07 31.71
CA PHE X 147 -14.57 36.72 31.55
C PHE X 147 -13.95 36.37 32.89
N ILE X 148 -14.25 37.14 33.93
CA ILE X 148 -13.68 36.87 35.25
C ILE X 148 -14.14 35.51 35.75
N GLN X 149 -15.43 35.22 35.64
CA GLN X 149 -15.94 33.99 36.25
C GLN X 149 -15.67 32.75 35.41
N THR X 150 -15.32 32.89 34.13
CA THR X 150 -15.02 31.71 33.32
C THR X 150 -13.52 31.50 33.11
N ASP X 151 -12.80 32.51 32.64
CA ASP X 151 -11.43 32.33 32.20
C ASP X 151 -10.40 32.46 33.31
N MET X 152 -10.79 32.82 34.53
CA MET X 152 -9.83 33.00 35.60
C MET X 152 -10.07 32.16 36.84
N MET X 153 -11.33 31.82 37.16
CA MET X 153 -11.63 31.14 38.41
C MET X 153 -11.53 29.62 38.31
N ASP X 154 -11.85 29.05 37.14
CA ASP X 154 -11.90 27.60 37.00
C ASP X 154 -10.56 26.94 37.29
N GLU X 155 -9.48 27.51 36.74
CA GLU X 155 -8.14 26.99 36.98
C GLU X 155 -7.82 26.98 38.47
N VAL X 156 -8.16 28.07 39.16
CA VAL X 156 -7.85 28.17 40.58
C VAL X 156 -8.60 27.11 41.37
N ILE X 157 -9.88 26.90 41.06
CA ILE X 157 -10.67 25.90 41.78
C ILE X 157 -10.08 24.51 41.58
N ALA X 158 -9.75 24.17 40.33
CA ALA X 158 -9.21 22.84 40.06
C ALA X 158 -7.87 22.63 40.75
N TRP X 159 -6.98 23.63 40.68
CA TRP X 159 -5.68 23.50 41.30
C TRP X 159 -5.80 23.39 42.81
N ASN X 160 -6.73 24.12 43.41
CA ASN X 160 -6.93 24.03 44.86
C ASN X 160 -7.37 22.62 45.25
N LYS X 161 -8.29 22.03 44.49
CA LYS X 161 -8.71 20.66 44.81
C LYS X 161 -7.53 19.68 44.70
N PHE X 162 -6.73 19.81 43.64
CA PHE X 162 -5.60 18.89 43.47
C PHE X 162 -4.60 19.03 44.62
N LEU X 163 -4.26 20.26 45.00
CA LEU X 163 -3.29 20.48 46.06
C LEU X 163 -3.82 19.98 47.40
N SER X 164 -5.11 20.17 47.67
CA SER X 164 -5.69 19.67 48.92
C SER X 164 -5.63 18.15 48.98
N ASP X 165 -5.91 17.47 47.85
CA ASP X 165 -5.80 16.02 47.84
C ASP X 165 -4.38 15.56 48.12
N CYS X 166 -3.40 16.22 47.48
CA CYS X 166 -2.01 15.86 47.73
C CYS X 166 -1.63 16.08 49.19
N LEU X 167 -2.09 17.18 49.79
CA LEU X 167 -1.78 17.46 51.18
C LEU X 167 -2.37 16.41 52.12
N SER X 168 -3.61 16.00 51.87
CA SER X 168 -4.21 14.95 52.69
C SER X 168 -3.44 13.64 52.58
N ASN X 169 -3.05 13.27 51.36
CA ASN X 169 -2.27 12.06 51.18
C ASN X 169 -0.94 12.12 51.93
N LEU X 170 -0.26 13.27 51.85
CA LEU X 170 1.01 13.43 52.53
C LEU X 170 0.85 13.33 54.04
N HIS X 171 -0.21 13.97 54.58
CA HIS X 171 -0.43 13.91 56.02
C HIS X 171 -0.69 12.49 56.48
N CYS X 172 -1.45 11.72 55.67
CA CYS X 172 -1.69 10.33 56.03
C CYS X 172 -0.40 9.50 55.97
N ILE X 173 0.44 9.74 54.96
CA ILE X 173 1.61 8.89 54.76
C ILE X 173 2.59 9.03 55.92
N GLY X 174 2.89 10.26 56.31
CA GLY X 174 3.86 10.52 57.36
C GLY X 174 4.96 11.42 56.87
N SER X 175 6.03 11.50 57.67
CA SER X 175 7.16 12.36 57.33
C SER X 175 8.52 11.73 57.60
N GLN X 176 8.58 10.43 57.89
CA GLN X 176 9.83 9.77 58.21
C GLN X 176 9.95 8.48 57.41
N GLY X 177 11.18 8.07 57.17
CA GLY X 177 11.43 6.87 56.40
C GLY X 177 11.48 7.13 54.90
N MET X 178 11.03 6.16 54.11
CA MET X 178 11.03 6.29 52.66
C MET X 178 9.66 6.61 52.08
N GLY X 179 8.68 6.95 52.90
CA GLY X 179 7.37 7.32 52.42
C GLY X 179 7.39 8.54 51.51
N PRO X 180 7.99 9.65 51.97
CA PRO X 180 8.07 10.84 51.11
C PRO X 180 8.78 10.60 49.79
N TRP X 181 9.81 9.75 49.79
CA TRP X 181 10.56 9.47 48.56
C TRP X 181 9.69 8.75 47.53
N VAL X 182 8.94 7.74 47.99
CA VAL X 182 8.03 7.03 47.09
C VAL X 182 6.95 7.97 46.58
N PHE X 183 6.42 8.81 47.47
CA PHE X 183 5.44 9.82 47.05
C PHE X 183 6.03 10.73 45.99
N ASP X 184 7.29 11.12 46.15
CA ASP X 184 7.94 12.00 45.17
C ASP X 184 8.04 11.32 43.81
N ARG X 185 8.42 10.03 43.77
CA ARG X 185 8.43 9.36 42.47
C ARG X 185 7.05 9.38 41.83
N TRP X 186 6.03 9.04 42.61
CA TRP X 186 4.68 9.00 42.06
C TRP X 186 4.25 10.36 41.53
N LEU X 187 4.56 11.42 42.27
CA LEU X 187 4.21 12.76 41.83
C LEU X 187 4.89 13.12 40.53
N ALA X 188 6.18 12.77 40.41
CA ALA X 188 6.89 13.03 39.15
C ALA X 188 6.22 12.29 37.99
N ARG X 189 5.86 11.03 38.21
CA ARG X 189 5.22 10.26 37.15
C ARG X 189 3.91 10.88 36.70
N ILE X 190 3.07 11.31 37.66
CA ILE X 190 1.77 11.82 37.25
C ILE X 190 1.89 13.22 36.65
N VAL X 191 2.85 14.04 37.10
CA VAL X 191 2.99 15.37 36.52
C VAL X 191 3.54 15.27 35.10
N MET X 192 4.53 14.41 34.87
CA MET X 192 5.18 14.34 33.57
C MET X 192 4.24 13.85 32.48
N SER X 193 3.13 13.19 32.83
CA SER X 193 2.19 12.71 31.84
C SER X 193 1.34 13.82 31.23
N LYS X 194 1.42 15.03 31.76
CA LYS X 194 0.59 16.13 31.31
C LYS X 194 1.39 17.31 30.77
N PHE X 195 2.54 17.62 31.35
CA PHE X 195 3.27 18.82 31.02
C PHE X 195 4.70 18.49 30.59
N LYS X 196 5.16 19.21 29.57
CA LYS X 196 6.53 19.08 29.05
C LYS X 196 6.88 20.39 28.36
N HIS X 197 7.78 21.17 28.96
CA HIS X 197 8.10 22.47 28.39
C HIS X 197 9.04 22.31 27.20
N PRO X 198 8.65 22.75 26.01
CA PRO X 198 9.55 22.66 24.86
C PRO X 198 10.63 23.73 24.91
N LYS X 199 11.69 23.49 24.17
CA LYS X 199 12.78 24.44 24.08
C LYS X 199 12.38 25.66 23.25
N ILE X 200 12.93 26.80 23.60
CA ILE X 200 12.72 28.04 22.85
C ILE X 200 13.82 28.18 21.82
N PRO X 201 13.50 28.25 20.53
CA PRO X 201 14.54 28.44 19.52
C PRO X 201 15.16 29.82 19.60
N SER X 202 16.40 29.92 19.12
CA SER X 202 17.15 31.16 19.20
C SER X 202 18.08 31.26 18.00
N LEU X 203 19.03 32.19 18.06
CA LEU X 203 20.01 32.40 17.01
C LEU X 203 21.40 32.02 17.51
N SER X 204 22.28 31.65 16.58
CA SER X 204 23.64 31.24 16.92
C SER X 204 24.56 31.56 15.75
N THR X 205 25.84 31.29 15.94
CA THR X 205 26.85 31.52 14.90
C THR X 205 27.28 30.22 14.21
N SER X 206 26.56 29.12 14.43
CA SER X 206 26.85 27.90 13.70
C SER X 206 26.56 28.07 12.22
N ASP X 207 27.40 27.47 11.38
CA ASP X 207 27.31 27.60 9.92
C ASP X 207 27.33 29.07 9.51
N LEU X 208 28.41 29.75 9.89
CA LEU X 208 28.53 31.18 9.62
C LEU X 208 28.54 31.47 8.13
N GLU X 209 29.22 30.63 7.35
CA GLU X 209 29.35 30.87 5.91
C GLU X 209 28.04 30.72 5.16
N SER X 210 27.00 30.15 5.78
CA SER X 210 25.73 29.94 5.11
C SER X 210 24.75 31.08 5.31
N ASN X 211 24.79 31.76 6.46
CA ASN X 211 23.89 32.87 6.77
C ASN X 211 24.75 34.12 6.93
N ILE X 212 25.06 34.78 5.81
CA ILE X 212 26.08 35.81 5.82
C ILE X 212 25.57 37.10 6.48
N PRO X 213 24.49 37.74 6.00
CA PRO X 213 23.98 38.91 6.73
C PRO X 213 23.47 38.48 8.09
N ASN X 214 22.51 37.56 8.09
CA ASN X 214 22.02 36.87 9.28
C ASN X 214 21.07 35.77 8.80
N GLU X 215 20.61 34.96 9.74
CA GLU X 215 19.82 33.78 9.38
C GLU X 215 18.41 34.14 8.94
N LEU X 216 17.79 35.14 9.56
CA LEU X 216 16.37 35.40 9.32
C LEU X 216 16.11 36.09 7.99
N PHE X 217 17.05 36.92 7.53
CA PHE X 217 16.76 37.84 6.42
C PHE X 217 16.40 37.12 5.13
N ASP X 218 16.74 35.85 4.98
CA ASP X 218 16.43 35.12 3.75
C ASP X 218 15.23 34.19 3.89
N ALA X 219 14.47 34.30 4.98
CA ALA X 219 13.37 33.38 5.23
C ALA X 219 12.42 33.29 4.03
N GLU X 220 12.00 34.45 3.51
CA GLU X 220 11.10 34.46 2.37
C GLU X 220 11.66 33.64 1.22
N GLY X 221 12.94 33.84 0.90
CA GLY X 221 13.55 33.08 -0.17
C GLY X 221 13.44 31.58 0.05
N ASP X 222 13.68 31.14 1.29
CA ASP X 222 13.56 29.72 1.60
C ASP X 222 12.19 29.19 1.20
N MET X 223 11.14 29.96 1.52
CA MET X 223 9.79 29.52 1.19
C MET X 223 9.67 29.22 -0.29
N VAL X 224 10.19 30.12 -1.14
CA VAL X 224 10.11 29.91 -2.58
C VAL X 224 10.78 28.60 -2.94
N ARG X 225 11.99 28.38 -2.41
CA ARG X 225 12.70 27.13 -2.66
C ARG X 225 11.82 25.93 -2.32
N ALA X 226 11.18 25.98 -1.15
CA ALA X 226 10.38 24.84 -0.72
C ALA X 226 9.26 24.56 -1.72
N ILE X 227 8.62 25.62 -2.22
CA ILE X 227 7.52 25.43 -3.16
C ILE X 227 8.02 24.74 -4.42
N LYS X 228 9.25 25.06 -4.84
CA LYS X 228 9.78 24.44 -6.04
C LYS X 228 10.12 22.97 -5.83
N LYS X 229 10.32 22.54 -4.58
CA LYS X 229 10.63 21.14 -4.34
C LYS X 229 9.38 20.26 -4.43
N LEU X 230 8.26 20.74 -3.95
CA LEU X 230 7.02 19.96 -3.95
C LEU X 230 6.43 19.87 -5.35
#